data_2O7E
#
_entry.id   2O7E
#
_cell.length_a   87.571
_cell.length_b   154.838
_cell.length_c   164.526
_cell.angle_alpha   90.00
_cell.angle_beta   94.16
_cell.angle_gamma   90.00
#
_symmetry.space_group_name_H-M   'P 1 21 1'
#
loop_
_entity.id
_entity.type
_entity.pdbx_description
1 polymer 'Putative histidine ammonia-lyase'
2 non-polymer '(2-AMINO-2,3-DIHYDRO-1H-INDEN-2-YL)PHOSPHONIC ACID'
3 water water
#
_entity_poly.entity_id   1
_entity_poly.type   'polypeptide(L)'
_entity_poly.pdbx_seq_one_letter_code
;MLAMSPPKPAVELDRHIDLDQAHAVASGGARIVLAPPARDRCRASEARLGAVIREARHVYGLTTGFGPLANRLISGENVR
TLQANLVHFLASGVGPVLDWTTARAMVLARLVSIAQGASGASEGTIARLIDLLNSELAPAVPSRGTVG(MDO)DLTPLAH
MVLCLQGRGDFLDRDGTRLDGAEGLRRGRLQPLDLSHRDALALVNGTSAMTGIALVNAHACRHLGNWAVALTALLAECLR
GRTEAWAAALSDLRPHPGQKDAAARLRARVDGSARVVRHVIAERRLDAGDIGTEPEAGQDAYSLRCAPQVLGAGFDTLAW
HDRVLTIELNAVTDNPVFPPDGSVPALHGGNFMGQHVALTSDALATAVTVLAGLAERQIARLTDERLNRGLPPFLHRGPA
GLNSGFMGAQVTATALLAEMRATGPASIHSISTNAANQDVVSLGTIAARLCREKIDRWAEILAILALCLAQAAELRCGSG
LDGVSPAGKKLVQALREQFPPLETDRPLGQEIAALATHLLQQSPV
;
_entity_poly.pdbx_strand_id   A,B,C,D,E,F,G,H
#
# COMPACT_ATOMS: atom_id res chain seq x y z
N PRO A 7 40.11 9.75 -55.75
CA PRO A 7 38.66 9.58 -56.00
C PRO A 7 37.99 8.82 -54.87
N LYS A 8 38.17 9.33 -53.65
CA LYS A 8 37.62 8.73 -52.42
C LYS A 8 36.60 7.61 -52.65
N PRO A 9 36.98 6.38 -52.29
CA PRO A 9 36.13 5.19 -52.43
C PRO A 9 34.76 5.39 -51.75
N ALA A 10 33.80 4.54 -52.11
CA ALA A 10 32.47 4.64 -51.54
C ALA A 10 31.92 3.29 -51.12
N VAL A 11 31.38 3.23 -49.91
CA VAL A 11 30.81 1.99 -49.40
C VAL A 11 29.30 2.13 -49.50
N GLU A 12 28.68 1.20 -50.20
CA GLU A 12 27.23 1.23 -50.35
C GLU A 12 26.60 0.30 -49.33
N LEU A 13 25.84 0.89 -48.43
CA LEU A 13 25.19 0.13 -47.38
C LEU A 13 23.80 -0.35 -47.76
N ASP A 14 23.60 -1.66 -47.68
CA ASP A 14 22.30 -2.25 -47.94
C ASP A 14 21.92 -2.94 -46.66
N ARG A 15 22.41 -4.17 -46.48
CA ARG A 15 22.13 -4.94 -45.26
C ARG A 15 23.40 -5.28 -44.48
N HIS A 16 24.38 -5.86 -45.17
CA HIS A 16 25.62 -6.29 -44.55
C HIS A 16 26.84 -5.47 -44.96
N ILE A 17 27.73 -5.24 -44.01
CA ILE A 17 28.97 -4.51 -44.24
C ILE A 17 30.01 -5.27 -43.43
N ASP A 18 31.20 -5.47 -44.00
CA ASP A 18 32.24 -6.20 -43.27
C ASP A 18 33.07 -5.24 -42.43
N LEU A 19 33.92 -5.79 -41.57
CA LEU A 19 34.74 -4.96 -40.71
C LEU A 19 35.69 -4.03 -41.44
N ASP A 20 36.26 -4.47 -42.56
CA ASP A 20 37.16 -3.61 -43.32
C ASP A 20 36.41 -2.42 -43.91
N GLN A 21 35.24 -2.67 -44.48
CA GLN A 21 34.45 -1.58 -45.04
C GLN A 21 34.06 -0.62 -43.92
N ALA A 22 33.68 -1.18 -42.77
CA ALA A 22 33.29 -0.34 -41.64
C ALA A 22 34.43 0.58 -41.23
N HIS A 23 35.63 0.02 -41.06
CA HIS A 23 36.76 0.83 -40.65
C HIS A 23 37.13 1.84 -41.74
N ALA A 24 36.90 1.47 -43.00
CA ALA A 24 37.22 2.37 -44.10
C ALA A 24 36.38 3.64 -43.98
N VAL A 25 35.10 3.47 -43.66
CA VAL A 25 34.21 4.61 -43.50
C VAL A 25 34.53 5.40 -42.22
N ALA A 26 34.71 4.68 -41.12
CA ALA A 26 35.01 5.31 -39.84
C ALA A 26 36.29 6.14 -39.87
N SER A 27 37.31 5.66 -40.58
CA SER A 27 38.57 6.36 -40.67
C SER A 27 38.58 7.42 -41.77
N GLY A 28 37.44 7.59 -42.43
CA GLY A 28 37.33 8.59 -43.48
C GLY A 28 38.02 8.18 -44.77
N GLY A 29 38.40 6.91 -44.87
CA GLY A 29 39.06 6.44 -46.07
C GLY A 29 38.04 6.16 -47.16
N ALA A 30 36.76 6.18 -46.80
CA ALA A 30 35.70 5.92 -47.75
C ALA A 30 34.43 6.65 -47.37
N ARG A 31 33.64 7.01 -48.38
CA ARG A 31 32.38 7.68 -48.15
C ARG A 31 31.36 6.57 -47.98
N ILE A 32 30.20 6.92 -47.45
CA ILE A 32 29.15 5.92 -47.26
C ILE A 32 27.89 6.38 -47.96
N VAL A 33 27.20 5.45 -48.59
CA VAL A 33 25.98 5.76 -49.31
C VAL A 33 24.95 4.68 -48.99
N LEU A 34 23.70 5.10 -48.80
CA LEU A 34 22.63 4.17 -48.49
C LEU A 34 22.01 3.64 -49.78
N ALA A 35 22.07 2.32 -49.96
CA ALA A 35 21.53 1.67 -51.14
C ALA A 35 20.01 1.87 -51.27
N PRO A 36 19.52 1.92 -52.52
CA PRO A 36 18.08 2.11 -52.79
C PRO A 36 17.19 1.20 -51.93
N PRO A 37 17.50 -0.11 -51.86
CA PRO A 37 16.66 -1.00 -51.05
C PRO A 37 16.69 -0.67 -49.55
N ALA A 38 17.83 -0.21 -49.05
CA ALA A 38 17.95 0.13 -47.63
C ALA A 38 17.10 1.38 -47.36
N ARG A 39 17.19 2.34 -48.26
CA ARG A 39 16.44 3.58 -48.15
C ARG A 39 14.95 3.23 -48.05
N ASP A 40 14.49 2.35 -48.93
CA ASP A 40 13.09 1.94 -48.94
C ASP A 40 12.68 1.21 -47.66
N ARG A 41 13.54 0.33 -47.16
CA ARG A 41 13.23 -0.39 -45.93
C ARG A 41 13.09 0.59 -44.76
N CYS A 42 13.91 1.62 -44.76
CA CYS A 42 13.86 2.63 -43.71
C CYS A 42 12.59 3.49 -43.83
N ARG A 43 12.23 3.86 -45.06
CA ARG A 43 11.03 4.66 -45.28
C ARG A 43 9.80 3.87 -44.81
N ALA A 44 9.83 2.56 -45.04
CA ALA A 44 8.74 1.69 -44.65
C ALA A 44 8.64 1.62 -43.14
N SER A 45 9.79 1.59 -42.47
CA SER A 45 9.83 1.54 -41.01
C SER A 45 9.34 2.87 -40.43
N GLU A 46 9.81 3.98 -41.02
CA GLU A 46 9.44 5.33 -40.59
C GLU A 46 7.91 5.44 -40.57
N ALA A 47 7.28 4.88 -41.60
CA ALA A 47 5.82 4.90 -41.71
C ALA A 47 5.18 4.01 -40.66
N ARG A 48 5.85 2.93 -40.31
CA ARG A 48 5.32 2.03 -39.29
C ARG A 48 5.35 2.71 -37.93
N LEU A 49 6.38 3.52 -37.69
CA LEU A 49 6.49 4.25 -36.43
C LEU A 49 5.36 5.27 -36.38
N GLY A 50 5.09 5.89 -37.52
CA GLY A 50 4.03 6.88 -37.60
C GLY A 50 2.68 6.27 -37.29
N ALA A 51 2.47 5.04 -37.73
CA ALA A 51 1.22 4.32 -37.51
C ALA A 51 1.05 3.86 -36.06
N VAL A 52 2.17 3.50 -35.43
CA VAL A 52 2.13 3.06 -34.03
C VAL A 52 1.68 4.21 -33.16
N ILE A 53 2.21 5.39 -33.44
CA ILE A 53 1.90 6.59 -32.71
C ILE A 53 0.45 7.00 -32.99
N ARG A 54 0.09 6.95 -34.26
CA ARG A 54 -1.26 7.30 -34.70
C ARG A 54 -2.30 6.43 -33.97
N GLU A 55 -2.01 5.14 -33.87
CA GLU A 55 -2.93 4.20 -33.23
C GLU A 55 -2.82 4.12 -31.70
N ALA A 56 -1.92 4.92 -31.13
CA ALA A 56 -1.72 4.95 -29.68
C ALA A 56 -1.42 3.58 -29.08
N ARG A 57 -0.48 2.87 -29.71
CA ARG A 57 -0.08 1.55 -29.24
C ARG A 57 0.70 1.73 -27.94
N HIS A 58 0.59 0.77 -27.01
CA HIS A 58 1.34 0.87 -25.76
C HIS A 58 2.76 0.46 -26.13
N VAL A 59 3.63 1.46 -26.28
CA VAL A 59 5.02 1.22 -26.65
C VAL A 59 5.99 2.03 -25.83
N TYR A 60 7.05 1.37 -25.35
CA TYR A 60 8.08 2.01 -24.54
C TYR A 60 8.69 3.24 -25.23
N GLY A 61 8.78 4.35 -24.50
CA GLY A 61 9.37 5.55 -25.07
C GLY A 61 8.46 6.43 -25.89
N LEU A 62 7.32 5.88 -26.28
CA LEU A 62 6.34 6.63 -27.08
C LEU A 62 5.09 6.93 -26.26
N THR A 63 4.76 6.04 -25.33
CA THR A 63 3.58 6.24 -24.48
C THR A 63 3.93 5.89 -23.03
N THR A 64 5.21 5.80 -22.71
CA THR A 64 5.62 5.43 -21.35
C THR A 64 6.87 6.16 -20.92
N GLY A 65 7.12 6.16 -19.61
CA GLY A 65 8.31 6.77 -19.08
C GLY A 65 9.45 5.79 -19.35
N PHE A 66 10.66 6.11 -18.92
CA PHE A 66 11.81 5.24 -19.16
C PHE A 66 12.22 4.41 -17.95
N GLY A 67 12.88 3.29 -18.21
CA GLY A 67 13.36 2.43 -17.14
C GLY A 67 12.26 2.00 -16.19
N PRO A 68 12.48 2.08 -14.86
CA PRO A 68 11.46 1.68 -13.88
C PRO A 68 10.27 2.64 -13.92
N LEU A 69 10.42 3.75 -14.62
CA LEU A 69 9.36 4.74 -14.73
C LEU A 69 8.39 4.46 -15.87
N ALA A 70 8.62 3.34 -16.56
CA ALA A 70 7.77 2.95 -17.68
C ALA A 70 6.33 2.67 -17.25
N ASN A 71 6.11 2.48 -15.95
CA ASN A 71 4.75 2.22 -15.46
C ASN A 71 3.91 3.49 -15.50
N ARG A 72 4.56 4.61 -15.80
CA ARG A 72 3.87 5.90 -15.92
C ARG A 72 3.56 6.10 -17.41
N LEU A 73 2.28 6.00 -17.79
CA LEU A 73 1.93 6.19 -19.19
C LEU A 73 1.89 7.66 -19.57
N ILE A 74 2.36 7.97 -20.78
CA ILE A 74 2.43 9.35 -21.27
C ILE A 74 1.47 9.62 -22.43
N SER A 75 0.85 10.80 -22.41
CA SER A 75 -0.09 11.18 -23.46
C SER A 75 0.67 11.71 -24.68
N GLY A 76 0.11 11.46 -25.87
CA GLY A 76 0.73 11.89 -27.11
C GLY A 76 1.25 13.32 -27.20
N GLU A 77 0.53 14.27 -26.63
CA GLU A 77 0.95 15.67 -26.70
C GLU A 77 2.22 15.97 -25.92
N ASN A 78 2.68 15.01 -25.12
CA ASN A 78 3.88 15.21 -24.32
C ASN A 78 5.08 14.38 -24.78
N VAL A 79 4.95 13.69 -25.91
CA VAL A 79 6.04 12.87 -26.42
C VAL A 79 7.29 13.64 -26.85
N ARG A 80 7.11 14.82 -27.46
CA ARG A 80 8.24 15.66 -27.87
C ARG A 80 9.09 15.92 -26.65
N THR A 81 8.43 16.37 -25.59
CA THR A 81 9.09 16.69 -24.33
C THR A 81 9.75 15.45 -23.74
N LEU A 82 8.99 14.36 -23.69
CA LEU A 82 9.48 13.10 -23.15
C LEU A 82 10.84 12.75 -23.73
N GLN A 83 10.93 12.76 -25.06
CA GLN A 83 12.17 12.40 -25.74
C GLN A 83 13.25 13.44 -25.65
N ALA A 84 12.86 14.69 -25.50
CA ALA A 84 13.83 15.76 -25.38
C ALA A 84 14.53 15.59 -24.03
N ASN A 85 13.75 15.28 -23.00
CA ASN A 85 14.32 15.09 -21.66
C ASN A 85 15.19 13.82 -21.63
N LEU A 86 14.76 12.78 -22.35
CA LEU A 86 15.47 11.52 -22.42
C LEU A 86 16.94 11.79 -22.80
N VAL A 87 17.16 12.59 -23.85
CA VAL A 87 18.50 12.95 -24.34
C VAL A 87 19.22 13.74 -23.25
N HIS A 88 18.48 14.58 -22.52
CA HIS A 88 19.07 15.40 -21.47
C HIS A 88 19.51 14.61 -20.25
N PHE A 89 18.61 13.84 -19.64
CA PHE A 89 19.02 13.12 -18.44
C PHE A 89 20.07 12.03 -18.65
N LEU A 90 20.23 11.58 -19.89
CA LEU A 90 21.21 10.54 -20.20
C LEU A 90 22.61 11.11 -20.42
N ALA A 91 22.69 12.41 -20.67
CA ALA A 91 23.98 13.05 -20.93
C ALA A 91 24.79 13.32 -19.67
N SER A 92 25.08 12.28 -18.91
CA SER A 92 25.85 12.39 -17.66
C SER A 92 27.23 11.77 -17.81
N GLY A 93 27.75 11.73 -19.02
CA GLY A 93 29.05 11.14 -19.25
C GLY A 93 30.21 11.99 -18.81
N VAL A 94 31.34 11.34 -18.51
CA VAL A 94 32.54 12.03 -18.09
C VAL A 94 33.77 11.32 -18.67
N GLY A 95 34.94 11.91 -18.49
CA GLY A 95 36.16 11.30 -18.99
C GLY A 95 36.60 11.78 -20.36
N PRO A 96 37.82 11.44 -20.79
CA PRO A 96 38.36 11.84 -22.09
C PRO A 96 37.43 11.39 -23.21
N VAL A 97 37.28 12.23 -24.23
CA VAL A 97 36.40 11.88 -25.34
C VAL A 97 36.98 10.75 -26.18
N LEU A 98 36.10 9.99 -26.82
CA LEU A 98 36.52 8.90 -27.69
C LEU A 98 37.30 9.56 -28.83
N ASP A 99 38.26 8.85 -29.39
CA ASP A 99 39.03 9.42 -30.49
C ASP A 99 38.21 9.50 -31.77
N TRP A 100 38.60 10.44 -32.63
CA TRP A 100 37.96 10.70 -33.90
C TRP A 100 37.45 9.47 -34.66
N THR A 101 38.32 8.50 -34.92
CA THR A 101 37.95 7.30 -35.64
C THR A 101 36.94 6.45 -34.87
N THR A 102 37.16 6.30 -33.58
CA THR A 102 36.26 5.51 -32.75
C THR A 102 34.87 6.13 -32.63
N ALA A 103 34.81 7.44 -32.43
CA ALA A 103 33.54 8.14 -32.31
C ALA A 103 32.73 7.97 -33.61
N ARG A 104 33.41 8.05 -34.75
CA ARG A 104 32.74 7.89 -36.04
C ARG A 104 32.30 6.43 -36.22
N ALA A 105 33.08 5.51 -35.68
CA ALA A 105 32.76 4.08 -35.76
C ALA A 105 31.46 3.83 -34.99
N MET A 106 31.23 4.62 -33.95
CA MET A 106 30.03 4.50 -33.14
C MET A 106 28.82 5.00 -33.95
N VAL A 107 29.01 6.13 -34.62
CA VAL A 107 27.97 6.72 -35.46
C VAL A 107 27.60 5.72 -36.57
N LEU A 108 28.61 5.08 -37.14
CA LEU A 108 28.40 4.10 -38.20
C LEU A 108 27.63 2.91 -37.68
N ALA A 109 28.03 2.38 -36.52
CA ALA A 109 27.34 1.23 -35.95
C ALA A 109 25.85 1.50 -35.75
N ARG A 110 25.51 2.70 -35.29
CA ARG A 110 24.11 3.03 -35.07
C ARG A 110 23.40 3.09 -36.41
N LEU A 111 24.08 3.64 -37.42
CA LEU A 111 23.50 3.73 -38.76
C LEU A 111 23.18 2.36 -39.31
N VAL A 112 24.13 1.44 -39.25
CA VAL A 112 23.91 0.10 -39.77
C VAL A 112 22.73 -0.60 -39.08
N SER A 113 22.56 -0.38 -37.77
CA SER A 113 21.46 -1.01 -37.04
C SER A 113 20.13 -0.46 -37.57
N ILE A 114 20.09 0.85 -37.83
CA ILE A 114 18.90 1.53 -38.35
C ILE A 114 18.59 1.11 -39.77
N ALA A 115 19.64 0.95 -40.57
CA ALA A 115 19.52 0.57 -41.97
C ALA A 115 18.80 -0.76 -42.15
N GLN A 116 18.70 -1.55 -41.09
CA GLN A 116 18.00 -2.83 -41.17
C GLN A 116 16.49 -2.62 -41.30
N GLY A 117 16.04 -1.40 -41.00
CA GLY A 117 14.63 -1.06 -41.13
C GLY A 117 13.65 -1.52 -40.07
N ALA A 118 14.09 -1.50 -38.81
CA ALA A 118 13.22 -1.91 -37.71
C ALA A 118 13.27 -0.92 -36.55
N SER A 119 13.83 0.26 -36.80
CA SER A 119 13.96 1.26 -35.73
C SER A 119 12.98 2.42 -35.86
N GLY A 120 12.47 2.64 -37.08
CA GLY A 120 11.52 3.72 -37.30
C GLY A 120 12.14 5.10 -37.44
N ALA A 121 13.46 5.16 -37.63
CA ALA A 121 14.14 6.45 -37.78
C ALA A 121 13.67 7.13 -39.05
N SER A 122 13.57 8.46 -39.00
CA SER A 122 13.14 9.24 -40.16
C SER A 122 14.31 9.46 -41.11
N GLU A 123 14.00 9.80 -42.37
CA GLU A 123 15.02 10.03 -43.38
C GLU A 123 16.01 11.09 -42.94
N GLY A 124 15.51 12.18 -42.35
CA GLY A 124 16.37 13.25 -41.90
C GLY A 124 17.40 12.77 -40.88
N THR A 125 16.94 12.01 -39.90
CA THR A 125 17.84 11.50 -38.89
C THR A 125 18.91 10.63 -39.53
N ILE A 126 18.51 9.76 -40.46
CA ILE A 126 19.46 8.91 -41.15
C ILE A 126 20.45 9.75 -41.95
N ALA A 127 19.93 10.79 -42.62
CA ALA A 127 20.77 11.68 -43.41
C ALA A 127 21.81 12.39 -42.55
N ARG A 128 21.44 12.72 -41.32
CA ARG A 128 22.37 13.40 -40.41
C ARG A 128 23.54 12.48 -40.07
N LEU A 129 23.25 11.19 -39.92
CA LEU A 129 24.30 10.23 -39.60
C LEU A 129 25.21 10.03 -40.82
N ILE A 130 24.61 10.02 -42.00
CA ILE A 130 25.37 9.86 -43.24
C ILE A 130 26.24 11.08 -43.49
N ASP A 131 25.66 12.27 -43.28
CA ASP A 131 26.39 13.53 -43.48
C ASP A 131 27.61 13.60 -42.57
N LEU A 132 27.44 13.19 -41.31
CA LEU A 132 28.54 13.21 -40.37
C LEU A 132 29.67 12.33 -40.86
N LEU A 133 29.32 11.10 -41.24
CA LEU A 133 30.33 10.15 -41.72
C LEU A 133 31.02 10.63 -43.01
N ASN A 134 30.31 11.34 -43.87
CA ASN A 134 30.91 11.81 -45.10
C ASN A 134 31.67 13.13 -44.91
N SER A 135 31.69 13.62 -43.67
CA SER A 135 32.41 14.86 -43.34
C SER A 135 33.77 14.48 -42.78
N GLU A 136 34.54 15.49 -42.35
CA GLU A 136 35.86 15.28 -41.77
C GLU A 136 35.77 15.35 -40.27
N LEU A 137 34.55 15.40 -39.75
CA LEU A 137 34.32 15.53 -38.32
C LEU A 137 33.85 14.27 -37.60
N ALA A 138 33.82 14.37 -36.27
CA ALA A 138 33.36 13.30 -35.42
C ALA A 138 32.76 13.99 -34.20
N PRO A 139 31.73 13.37 -33.58
CA PRO A 139 31.19 14.06 -32.42
C PRO A 139 32.15 13.86 -31.25
N ALA A 140 32.20 14.83 -30.34
CA ALA A 140 33.08 14.72 -29.17
C ALA A 140 32.23 14.19 -28.04
N VAL A 141 32.41 12.91 -27.70
CA VAL A 141 31.63 12.28 -26.65
C VAL A 141 32.49 11.68 -25.54
N PRO A 142 32.10 11.89 -24.27
CA PRO A 142 32.87 11.36 -23.14
C PRO A 142 32.91 9.84 -23.19
N SER A 143 34.03 9.27 -22.79
CA SER A 143 34.21 7.83 -22.82
C SER A 143 33.59 7.01 -21.69
N ARG A 144 33.29 7.63 -20.56
CA ARG A 144 32.73 6.90 -19.42
C ARG A 144 31.29 7.29 -19.10
N GLY A 145 30.58 6.40 -18.43
CA GLY A 145 29.20 6.70 -18.05
C GLY A 145 28.18 5.62 -18.31
N THR A 146 28.50 4.68 -19.20
CA THR A 146 27.55 3.63 -19.53
C THR A 146 27.94 2.26 -18.99
N VAL A 147 26.93 1.44 -18.70
CA VAL A 147 27.14 0.08 -18.20
C VAL A 147 26.97 -0.95 -19.30
N GLY A 148 26.86 -0.44 -20.53
CA GLY A 148 26.70 -1.32 -21.68
C GLY A 148 25.41 -2.12 -21.79
N ASP A 150 24.60 1.39 -24.77
CA ASP A 150 25.46 2.57 -24.63
C ASP A 150 24.72 3.89 -24.64
N LEU A 151 23.68 4.00 -23.81
CA LEU A 151 22.88 5.21 -23.75
C LEU A 151 23.65 6.53 -23.58
N THR A 152 24.56 6.59 -22.61
CA THR A 152 25.29 7.82 -22.32
C THR A 152 26.07 8.40 -23.51
N PRO A 153 27.05 7.64 -24.03
CA PRO A 153 27.81 8.19 -25.16
C PRO A 153 26.94 8.53 -26.37
N LEU A 154 25.86 7.77 -26.58
CA LEU A 154 24.99 8.03 -27.73
C LEU A 154 24.13 9.28 -27.50
N ALA A 155 23.79 9.55 -26.24
CA ALA A 155 23.00 10.74 -25.95
C ALA A 155 23.88 11.96 -26.22
N HIS A 156 25.15 11.88 -25.83
CA HIS A 156 26.08 12.98 -26.05
C HIS A 156 26.26 13.17 -27.56
N MET A 157 26.15 12.08 -28.30
CA MET A 157 26.27 12.10 -29.75
C MET A 157 25.11 12.92 -30.33
N VAL A 158 23.91 12.69 -29.81
CA VAL A 158 22.73 13.41 -30.27
C VAL A 158 22.87 14.91 -30.02
N LEU A 159 23.34 15.28 -28.82
CA LEU A 159 23.52 16.69 -28.51
C LEU A 159 24.51 17.30 -29.51
N CYS A 160 25.59 16.59 -29.79
CA CYS A 160 26.58 17.07 -30.74
C CYS A 160 25.93 17.35 -32.09
N LEU A 161 25.21 16.35 -32.61
CA LEU A 161 24.55 16.48 -33.90
C LEU A 161 23.48 17.57 -33.95
N GLN A 162 23.02 18.03 -32.79
CA GLN A 162 22.02 19.10 -32.75
C GLN A 162 22.76 20.43 -32.65
N GLY A 163 24.08 20.35 -32.57
CA GLY A 163 24.90 21.56 -32.45
C GLY A 163 24.97 22.03 -31.00
N ARG A 164 24.66 21.12 -30.07
CA ARG A 164 24.69 21.44 -28.65
C ARG A 164 25.81 20.65 -27.97
N GLY A 165 26.82 20.30 -28.74
CA GLY A 165 27.96 19.56 -28.22
C GLY A 165 29.15 19.76 -29.12
N ASP A 166 30.36 19.56 -28.59
CA ASP A 166 31.58 19.72 -29.38
C ASP A 166 31.77 18.69 -30.49
N PHE A 167 32.69 19.00 -31.39
CA PHE A 167 33.02 18.14 -32.50
C PHE A 167 34.54 17.99 -32.51
N LEU A 168 35.03 16.94 -33.16
CA LEU A 168 36.47 16.72 -33.25
C LEU A 168 36.90 16.67 -34.70
N ASP A 169 38.08 17.23 -34.98
CA ASP A 169 38.63 17.20 -36.33
C ASP A 169 39.57 16.00 -36.30
N ARG A 170 40.13 15.63 -37.43
CA ARG A 170 41.03 14.47 -37.48
C ARG A 170 42.16 14.50 -36.46
N ASP A 171 42.56 15.69 -36.02
CA ASP A 171 43.65 15.81 -35.07
C ASP A 171 43.24 15.83 -33.61
N GLY A 172 41.94 15.73 -33.36
CA GLY A 172 41.47 15.73 -31.99
C GLY A 172 41.19 17.12 -31.44
N THR A 173 41.40 18.15 -32.25
CA THR A 173 41.13 19.52 -31.80
C THR A 173 39.62 19.70 -31.76
N ARG A 174 39.12 20.22 -30.65
CA ARG A 174 37.68 20.39 -30.48
C ARG A 174 37.10 21.68 -31.05
N LEU A 175 35.89 21.55 -31.59
CA LEU A 175 35.16 22.67 -32.15
C LEU A 175 33.82 22.69 -31.41
N ASP A 176 33.25 23.87 -31.21
CA ASP A 176 31.97 23.94 -30.51
C ASP A 176 30.86 23.50 -31.48
N GLY A 177 29.66 23.30 -30.94
CA GLY A 177 28.55 22.86 -31.74
C GLY A 177 28.34 23.62 -33.03
N ALA A 178 28.22 24.94 -32.93
CA ALA A 178 28.01 25.80 -34.09
C ALA A 178 29.10 25.64 -35.13
N GLU A 179 30.35 25.73 -34.69
CA GLU A 179 31.50 25.61 -35.59
C GLU A 179 31.50 24.25 -36.28
N GLY A 180 31.11 23.22 -35.57
CA GLY A 180 31.09 21.88 -36.14
C GLY A 180 30.09 21.76 -37.27
N LEU A 181 28.88 22.27 -37.05
CA LEU A 181 27.84 22.20 -38.07
C LEU A 181 28.25 23.06 -39.27
N ARG A 182 28.89 24.19 -38.98
CA ARG A 182 29.34 25.09 -40.04
C ARG A 182 30.46 24.46 -40.87
N ARG A 183 31.59 24.18 -40.23
CA ARG A 183 32.74 23.59 -40.91
C ARG A 183 32.43 22.28 -41.63
N GLY A 184 31.55 21.47 -41.05
CA GLY A 184 31.20 20.21 -41.66
C GLY A 184 30.02 20.32 -42.60
N ARG A 185 29.47 21.53 -42.72
CA ARG A 185 28.32 21.76 -43.58
C ARG A 185 27.25 20.73 -43.23
N LEU A 186 26.88 20.72 -41.97
CA LEU A 186 25.89 19.78 -41.46
C LEU A 186 24.61 20.49 -41.04
N GLN A 187 23.49 19.77 -41.16
CA GLN A 187 22.21 20.31 -40.75
C GLN A 187 21.97 19.83 -39.32
N PRO A 188 21.40 20.69 -38.47
CA PRO A 188 21.14 20.28 -37.08
C PRO A 188 20.11 19.15 -37.05
N LEU A 189 20.36 18.19 -36.19
CA LEU A 189 19.48 17.05 -36.02
C LEU A 189 18.10 17.49 -35.57
N ASP A 190 17.05 17.04 -36.26
CA ASP A 190 15.68 17.42 -35.93
C ASP A 190 14.94 16.12 -35.61
N LEU A 191 14.88 15.76 -34.34
CA LEU A 191 14.27 14.51 -33.93
C LEU A 191 12.76 14.43 -34.00
N SER A 192 12.29 13.32 -34.57
CA SER A 192 10.87 13.09 -34.71
C SER A 192 10.47 11.73 -34.13
N HIS A 193 9.24 11.62 -33.67
CA HIS A 193 8.74 10.36 -33.10
C HIS A 193 9.72 9.73 -32.09
N ARG A 194 10.24 8.52 -32.31
CA ARG A 194 11.18 7.95 -31.34
C ARG A 194 12.65 7.98 -31.77
N ASP A 195 12.99 8.86 -32.71
CA ASP A 195 14.37 8.97 -33.19
C ASP A 195 15.33 9.05 -32.01
N ALA A 196 14.94 9.80 -30.99
CA ALA A 196 15.75 9.95 -29.80
C ALA A 196 16.14 8.58 -29.22
N LEU A 197 15.14 7.78 -28.88
CA LEU A 197 15.41 6.46 -28.31
C LEU A 197 16.14 5.54 -29.30
N ALA A 198 15.84 5.69 -30.58
CA ALA A 198 16.49 4.87 -31.60
C ALA A 198 18.01 5.10 -31.63
N LEU A 199 18.38 6.37 -31.61
CA LEU A 199 19.78 6.77 -31.66
C LEU A 199 20.52 6.45 -30.38
N VAL A 200 19.76 6.13 -29.34
CA VAL A 200 20.35 5.88 -28.03
C VAL A 200 20.32 4.47 -27.41
N ASN A 201 19.33 3.65 -27.75
CA ASN A 201 19.19 2.32 -27.14
C ASN A 201 19.86 1.13 -27.86
N GLY A 202 21.18 1.20 -28.05
CA GLY A 202 21.86 0.09 -28.71
C GLY A 202 23.28 -0.10 -28.18
N THR A 203 24.03 -0.98 -28.84
CA THR A 203 25.42 -1.29 -28.48
C THR A 203 26.42 -0.66 -29.44
N SER A 204 26.05 0.47 -30.01
CA SER A 204 26.90 1.16 -30.99
C SER A 204 28.26 1.69 -30.54
N ALA A 205 28.37 2.11 -29.29
CA ALA A 205 29.65 2.63 -28.80
C ALA A 205 30.67 1.50 -28.62
N MET A 206 30.26 0.42 -27.96
CA MET A 206 31.18 -0.70 -27.74
C MET A 206 31.51 -1.37 -29.07
N THR A 207 30.52 -1.39 -29.96
CA THR A 207 30.71 -1.99 -31.28
C THR A 207 31.70 -1.14 -32.08
N GLY A 208 31.56 0.17 -31.97
CA GLY A 208 32.47 1.06 -32.68
C GLY A 208 33.88 0.91 -32.14
N ILE A 209 34.00 0.91 -30.81
CA ILE A 209 35.30 0.75 -30.16
C ILE A 209 35.92 -0.58 -30.57
N ALA A 210 35.14 -1.66 -30.52
CA ALA A 210 35.65 -2.98 -30.86
C ALA A 210 36.05 -3.15 -32.33
N LEU A 211 35.36 -2.46 -33.25
CA LEU A 211 35.73 -2.60 -34.64
C LEU A 211 37.07 -1.92 -34.90
N VAL A 212 37.38 -0.88 -34.13
CA VAL A 212 38.66 -0.19 -34.26
C VAL A 212 39.74 -1.10 -33.64
N ASN A 213 39.39 -1.82 -32.57
CA ASN A 213 40.33 -2.75 -31.94
C ASN A 213 40.67 -3.87 -32.93
N ALA A 214 39.66 -4.34 -33.66
CA ALA A 214 39.84 -5.43 -34.61
C ALA A 214 40.86 -5.05 -35.68
N HIS A 215 40.69 -3.86 -36.23
CA HIS A 215 41.58 -3.36 -37.27
C HIS A 215 43.01 -3.26 -36.74
N ALA A 216 43.16 -2.59 -35.60
CA ALA A 216 44.48 -2.41 -34.99
C ALA A 216 45.16 -3.74 -34.74
N CYS A 217 44.43 -4.71 -34.22
CA CYS A 217 44.99 -6.02 -33.94
C CYS A 217 45.46 -6.75 -35.19
N ARG A 218 44.81 -6.51 -36.32
CA ARG A 218 45.22 -7.18 -37.55
C ARG A 218 46.62 -6.68 -37.92
N HIS A 219 46.82 -5.38 -37.82
CA HIS A 219 48.12 -4.79 -38.15
C HIS A 219 49.18 -5.18 -37.12
N LEU A 220 48.81 -5.18 -35.84
CA LEU A 220 49.79 -5.53 -34.81
C LEU A 220 50.16 -7.00 -34.95
N GLY A 221 49.20 -7.83 -35.31
CA GLY A 221 49.49 -9.23 -35.50
C GLY A 221 50.50 -9.42 -36.63
N ASN A 222 50.33 -8.68 -37.72
CA ASN A 222 51.26 -8.76 -38.83
C ASN A 222 52.66 -8.32 -38.41
N TRP A 223 52.73 -7.35 -37.52
CA TRP A 223 54.03 -6.89 -37.04
C TRP A 223 54.62 -7.95 -36.11
N ALA A 224 53.78 -8.57 -35.29
CA ALA A 224 54.26 -9.60 -34.37
C ALA A 224 54.90 -10.74 -35.17
N VAL A 225 54.29 -11.08 -36.31
CA VAL A 225 54.82 -12.14 -37.17
C VAL A 225 56.10 -11.67 -37.83
N ALA A 226 56.09 -10.47 -38.38
CA ALA A 226 57.24 -9.92 -39.07
C ALA A 226 58.48 -9.81 -38.18
N LEU A 227 58.28 -9.32 -36.96
CA LEU A 227 59.38 -9.15 -36.03
C LEU A 227 59.90 -10.48 -35.49
N THR A 228 59.01 -11.46 -35.32
CA THR A 228 59.43 -12.79 -34.85
C THR A 228 60.36 -13.38 -35.92
N ALA A 229 59.99 -13.16 -37.18
CA ALA A 229 60.78 -13.67 -38.31
C ALA A 229 62.13 -12.96 -38.36
N LEU A 230 62.14 -11.65 -38.19
CA LEU A 230 63.38 -10.89 -38.21
C LEU A 230 64.26 -11.28 -37.03
N LEU A 231 63.63 -11.65 -35.92
CA LEU A 231 64.37 -12.08 -34.74
C LEU A 231 65.12 -13.38 -35.06
N ALA A 232 64.48 -14.26 -35.82
CA ALA A 232 65.10 -15.52 -36.21
C ALA A 232 66.32 -15.25 -37.09
N GLU A 233 66.24 -14.22 -37.91
CA GLU A 233 67.36 -13.88 -38.80
C GLU A 233 68.52 -13.26 -38.02
N CYS A 234 68.21 -12.69 -36.86
CA CYS A 234 69.25 -12.08 -36.03
C CYS A 234 69.89 -13.03 -35.02
N LEU A 235 69.23 -14.16 -34.75
CA LEU A 235 69.74 -15.13 -33.77
C LEU A 235 69.94 -16.52 -34.36
N ARG A 236 70.05 -16.61 -35.69
CA ARG A 236 70.22 -17.90 -36.36
C ARG A 236 69.11 -18.87 -35.98
N GLY A 237 67.87 -18.39 -36.02
CA GLY A 237 66.74 -19.23 -35.66
C GLY A 237 66.54 -20.42 -36.57
N ARG A 238 66.01 -21.50 -36.00
CA ARG A 238 65.75 -22.73 -36.75
C ARG A 238 64.34 -22.69 -37.34
N THR A 239 64.26 -22.86 -38.66
CA THR A 239 62.96 -22.84 -39.32
C THR A 239 62.19 -24.16 -39.25
N GLU A 240 62.84 -25.25 -38.86
CA GLU A 240 62.11 -26.52 -38.82
C GLU A 240 60.93 -26.46 -37.84
N ALA A 241 61.04 -25.64 -36.80
CA ALA A 241 59.95 -25.53 -35.84
C ALA A 241 58.71 -24.90 -36.47
N TRP A 242 58.90 -24.18 -37.59
CA TRP A 242 57.80 -23.51 -38.27
C TRP A 242 57.27 -24.30 -39.46
N ALA A 243 57.72 -25.53 -39.61
CA ALA A 243 57.31 -26.38 -40.71
C ALA A 243 55.80 -26.64 -40.77
N ALA A 244 55.28 -26.74 -41.98
CA ALA A 244 53.86 -26.98 -42.20
C ALA A 244 53.40 -28.31 -41.62
N ALA A 245 54.28 -29.30 -41.60
CA ALA A 245 53.94 -30.62 -41.07
C ALA A 245 53.46 -30.54 -39.62
N LEU A 246 54.09 -29.68 -38.83
CA LEU A 246 53.71 -29.53 -37.42
C LEU A 246 52.31 -28.96 -37.31
N SER A 247 52.00 -28.00 -38.17
CA SER A 247 50.67 -27.37 -38.19
C SER A 247 49.61 -28.40 -38.54
N ASP A 248 49.93 -29.32 -39.44
CA ASP A 248 48.98 -30.33 -39.86
C ASP A 248 48.67 -31.30 -38.74
N LEU A 249 49.65 -31.53 -37.86
CA LEU A 249 49.47 -32.45 -36.73
C LEU A 249 48.64 -31.82 -35.61
N ARG A 250 48.58 -30.49 -35.60
CA ARG A 250 47.81 -29.75 -34.60
C ARG A 250 47.12 -28.65 -35.40
N PRO A 251 46.09 -29.01 -36.17
CA PRO A 251 45.28 -28.16 -37.05
C PRO A 251 44.49 -26.94 -36.58
N HIS A 252 45.05 -26.15 -35.66
CA HIS A 252 44.36 -24.93 -35.22
C HIS A 252 44.56 -23.94 -36.37
N PRO A 253 43.48 -23.39 -36.92
CA PRO A 253 43.57 -22.43 -38.03
C PRO A 253 44.59 -21.32 -37.79
N GLY A 254 44.51 -20.69 -36.63
CA GLY A 254 45.44 -19.61 -36.31
C GLY A 254 46.90 -20.04 -36.29
N GLN A 255 47.17 -21.25 -35.81
CA GLN A 255 48.55 -21.75 -35.76
C GLN A 255 49.06 -22.04 -37.17
N LYS A 256 48.22 -22.69 -37.97
CA LYS A 256 48.59 -23.03 -39.34
C LYS A 256 48.93 -21.75 -40.11
N ASP A 257 48.11 -20.72 -39.89
CA ASP A 257 48.30 -19.43 -40.53
C ASP A 257 49.57 -18.74 -40.03
N ALA A 258 49.79 -18.79 -38.71
CA ALA A 258 50.97 -18.16 -38.13
C ALA A 258 52.25 -18.77 -38.68
N ALA A 259 52.30 -20.10 -38.73
CA ALA A 259 53.48 -20.81 -39.22
C ALA A 259 53.74 -20.50 -40.70
N ALA A 260 52.67 -20.47 -41.48
CA ALA A 260 52.80 -20.18 -42.91
C ALA A 260 53.28 -18.76 -43.15
N ARG A 261 52.81 -17.82 -42.35
CA ARG A 261 53.22 -16.43 -42.50
C ARG A 261 54.67 -16.25 -42.06
N LEU A 262 55.07 -16.95 -41.01
CA LEU A 262 56.46 -16.87 -40.55
C LEU A 262 57.41 -17.39 -41.63
N ARG A 263 57.09 -18.56 -42.19
CA ARG A 263 57.92 -19.15 -43.25
C ARG A 263 58.05 -18.19 -44.42
N ALA A 264 56.94 -17.53 -44.76
CA ALA A 264 56.95 -16.58 -45.86
C ALA A 264 57.88 -15.41 -45.60
N ARG A 265 57.87 -14.91 -44.36
CA ARG A 265 58.73 -13.77 -44.01
C ARG A 265 60.21 -14.06 -44.16
N VAL A 266 60.64 -15.26 -43.78
CA VAL A 266 62.06 -15.60 -43.89
C VAL A 266 62.44 -16.26 -45.22
N ASP A 267 61.52 -16.28 -46.17
CA ASP A 267 61.82 -16.88 -47.46
C ASP A 267 62.97 -16.10 -48.10
N GLY A 268 63.97 -16.83 -48.58
CA GLY A 268 65.12 -16.19 -49.21
C GLY A 268 66.21 -15.79 -48.23
N SER A 269 65.98 -16.06 -46.95
CA SER A 269 66.96 -15.73 -45.92
C SER A 269 68.11 -16.73 -45.85
N ALA A 270 69.33 -16.23 -45.67
CA ALA A 270 70.50 -17.07 -45.55
C ALA A 270 71.03 -16.97 -44.12
N ARG A 271 70.27 -16.29 -43.27
CA ARG A 271 70.64 -16.07 -41.87
C ARG A 271 69.96 -17.04 -40.89
N VAL A 272 68.94 -17.76 -41.36
CA VAL A 272 68.24 -18.72 -40.51
C VAL A 272 68.79 -20.12 -40.78
N VAL A 273 68.60 -21.01 -39.81
CA VAL A 273 69.06 -22.38 -39.95
C VAL A 273 67.89 -23.19 -40.48
N ARG A 274 68.09 -23.85 -41.63
CA ARG A 274 67.02 -24.64 -42.23
C ARG A 274 67.20 -26.15 -42.13
N HIS A 275 68.34 -26.57 -41.60
CA HIS A 275 68.59 -28.01 -41.47
C HIS A 275 67.74 -28.68 -40.40
N VAL A 276 67.11 -29.78 -40.78
CA VAL A 276 66.32 -30.55 -39.82
C VAL A 276 67.39 -31.33 -39.06
N ILE A 277 67.42 -31.18 -37.74
CA ILE A 277 68.44 -31.86 -36.94
C ILE A 277 68.39 -33.38 -36.99
N ALA A 278 67.18 -33.94 -37.08
CA ALA A 278 66.99 -35.38 -37.12
C ALA A 278 67.64 -36.07 -38.33
N GLU A 279 68.00 -35.29 -39.33
CA GLU A 279 68.63 -35.84 -40.53
C GLU A 279 70.05 -36.29 -40.23
N ARG A 280 70.68 -35.63 -39.26
CA ARG A 280 72.04 -35.92 -38.86
C ARG A 280 72.20 -37.23 -38.09
N ARG A 281 73.13 -38.07 -38.52
CA ARG A 281 73.39 -39.34 -37.85
C ARG A 281 74.61 -39.12 -36.96
N LEU A 282 74.50 -39.49 -35.69
CA LEU A 282 75.58 -39.30 -34.74
C LEU A 282 76.50 -40.52 -34.62
N ASP A 283 77.78 -40.26 -34.37
CA ASP A 283 78.76 -41.33 -34.19
C ASP A 283 79.30 -41.26 -32.77
N ALA A 284 80.27 -42.10 -32.45
CA ALA A 284 80.86 -42.14 -31.11
C ALA A 284 81.56 -40.83 -30.73
N GLY A 285 82.23 -40.21 -31.69
CA GLY A 285 82.94 -38.98 -31.43
C GLY A 285 82.09 -37.74 -31.24
N ASP A 286 80.77 -37.88 -31.36
CA ASP A 286 79.88 -36.74 -31.19
C ASP A 286 79.40 -36.56 -29.75
N ILE A 287 79.28 -37.65 -29.02
CA ILE A 287 78.82 -37.61 -27.63
C ILE A 287 79.62 -36.61 -26.81
N GLY A 288 78.91 -35.68 -26.19
CA GLY A 288 79.56 -34.67 -25.38
C GLY A 288 78.67 -33.45 -25.26
N THR A 289 79.27 -32.30 -24.99
CA THR A 289 78.52 -31.08 -24.84
C THR A 289 78.73 -30.15 -26.04
N GLU A 290 77.66 -29.86 -26.75
CA GLU A 290 77.73 -28.99 -27.91
C GLU A 290 77.55 -27.54 -27.46
N PRO A 291 77.98 -26.58 -28.29
CA PRO A 291 77.87 -25.15 -27.97
C PRO A 291 76.42 -24.71 -27.76
N GLU A 292 75.51 -25.24 -28.56
CA GLU A 292 74.11 -24.87 -28.46
C GLU A 292 73.18 -26.08 -28.60
N ALA A 293 71.96 -25.94 -28.07
CA ALA A 293 70.98 -27.01 -28.14
C ALA A 293 70.43 -27.10 -29.56
N GLY A 294 69.85 -28.24 -29.91
CA GLY A 294 69.29 -28.43 -31.24
C GLY A 294 67.98 -27.72 -31.49
N GLN A 295 67.42 -27.09 -30.46
CA GLN A 295 66.16 -26.37 -30.59
C GLN A 295 66.29 -24.98 -29.96
N ASP A 296 65.53 -24.02 -30.49
CA ASP A 296 65.55 -22.66 -29.96
C ASP A 296 64.68 -22.57 -28.71
N ALA A 297 64.81 -21.45 -28.02
CA ALA A 297 63.99 -21.21 -26.83
C ALA A 297 62.56 -21.03 -27.34
N TYR A 298 61.60 -21.04 -26.43
CA TYR A 298 60.20 -20.91 -26.81
C TYR A 298 59.80 -19.64 -27.55
N SER A 299 60.41 -18.50 -27.22
CA SER A 299 60.03 -17.25 -27.88
C SER A 299 60.19 -17.31 -29.40
N LEU A 300 60.90 -18.33 -29.88
CA LEU A 300 61.07 -18.52 -31.32
C LEU A 300 60.38 -19.82 -31.76
N ARG A 301 60.72 -20.92 -31.08
CA ARG A 301 60.18 -22.24 -31.41
C ARG A 301 58.67 -22.39 -31.24
N CYS A 302 58.09 -21.72 -30.26
CA CYS A 302 56.66 -21.82 -30.03
C CYS A 302 55.87 -20.62 -30.55
N ALA A 303 56.50 -19.81 -31.41
CA ALA A 303 55.84 -18.64 -31.97
C ALA A 303 54.54 -19.00 -32.70
N PRO A 304 54.52 -20.13 -33.46
CA PRO A 304 53.29 -20.49 -34.16
C PRO A 304 52.13 -20.78 -33.21
N GLN A 305 52.44 -21.49 -32.13
CA GLN A 305 51.44 -21.86 -31.13
C GLN A 305 50.90 -20.68 -30.33
N VAL A 306 51.79 -19.79 -29.91
CA VAL A 306 51.38 -18.62 -29.12
C VAL A 306 50.66 -17.59 -30.00
N LEU A 307 51.25 -17.22 -31.12
CA LEU A 307 50.62 -16.26 -32.03
C LEU A 307 49.32 -16.86 -32.55
N GLY A 308 49.36 -18.16 -32.84
CA GLY A 308 48.21 -18.86 -33.36
C GLY A 308 47.00 -18.77 -32.46
N ALA A 309 47.21 -18.94 -31.15
CA ALA A 309 46.11 -18.86 -30.19
C ALA A 309 45.54 -17.46 -30.19
N GLY A 310 46.42 -16.47 -30.31
CA GLY A 310 45.98 -15.09 -30.34
C GLY A 310 45.15 -14.82 -31.57
N PHE A 311 45.60 -15.33 -32.72
CA PHE A 311 44.88 -15.13 -33.96
C PHE A 311 43.51 -15.79 -33.94
N ASP A 312 43.42 -16.95 -33.30
CA ASP A 312 42.15 -17.65 -33.21
C ASP A 312 41.20 -16.88 -32.31
N THR A 313 41.73 -16.21 -31.28
CA THR A 313 40.88 -15.42 -30.41
C THR A 313 40.33 -14.25 -31.21
N LEU A 314 41.21 -13.58 -31.95
CA LEU A 314 40.80 -12.44 -32.77
C LEU A 314 39.75 -12.89 -33.79
N ALA A 315 39.92 -14.10 -34.34
CA ALA A 315 38.97 -14.62 -35.33
C ALA A 315 37.59 -14.75 -34.70
N TRP A 316 37.53 -15.27 -33.49
CA TRP A 316 36.26 -15.42 -32.79
C TRP A 316 35.67 -14.05 -32.54
N HIS A 317 36.50 -13.14 -32.01
CA HIS A 317 36.09 -11.77 -31.74
C HIS A 317 35.48 -11.13 -32.99
N ASP A 318 36.12 -11.33 -34.14
CA ASP A 318 35.63 -10.76 -35.38
C ASP A 318 34.33 -11.38 -35.91
N ARG A 319 34.15 -12.69 -35.72
CA ARG A 319 32.92 -13.37 -36.17
C ARG A 319 31.76 -12.80 -35.37
N VAL A 320 31.94 -12.74 -34.05
CA VAL A 320 30.91 -12.22 -33.17
C VAL A 320 30.61 -10.74 -33.45
N LEU A 321 31.66 -9.94 -33.65
CA LEU A 321 31.50 -8.52 -33.91
C LEU A 321 30.79 -8.24 -35.24
N THR A 322 31.07 -9.06 -36.24
CA THR A 322 30.43 -8.90 -37.55
C THR A 322 28.92 -9.05 -37.42
N ILE A 323 28.49 -10.02 -36.60
CA ILE A 323 27.07 -10.24 -36.38
C ILE A 323 26.50 -9.02 -35.65
N GLU A 324 27.20 -8.57 -34.60
CA GLU A 324 26.74 -7.42 -33.81
C GLU A 324 26.62 -6.13 -34.62
N LEU A 325 27.59 -5.87 -35.48
CA LEU A 325 27.59 -4.67 -36.30
C LEU A 325 26.38 -4.62 -37.24
N ASN A 326 26.03 -5.77 -37.81
CA ASN A 326 24.92 -5.86 -38.75
C ASN A 326 23.60 -6.29 -38.16
N ALA A 327 23.51 -6.25 -36.84
CA ALA A 327 22.28 -6.61 -36.15
C ALA A 327 21.53 -5.38 -35.67
N VAL A 328 20.30 -5.61 -35.27
CA VAL A 328 19.48 -4.56 -34.74
C VAL A 328 19.59 -4.63 -33.22
N THR A 329 20.28 -3.66 -32.63
CA THR A 329 20.41 -3.60 -31.17
C THR A 329 19.65 -2.35 -30.83
N ASP A 330 18.37 -2.55 -30.52
CA ASP A 330 17.48 -1.47 -30.17
C ASP A 330 16.30 -2.06 -29.41
N ASN A 331 15.61 -1.19 -28.70
CA ASN A 331 14.42 -1.56 -27.98
C ASN A 331 13.57 -0.32 -27.76
N PRO A 332 12.30 -0.40 -28.13
CA PRO A 332 11.71 -1.59 -28.72
C PRO A 332 12.03 -1.66 -30.23
N VAL A 333 11.53 -2.68 -30.93
CA VAL A 333 11.77 -2.77 -32.35
C VAL A 333 10.43 -2.94 -33.10
N PHE A 334 10.39 -2.53 -34.37
CA PHE A 334 9.18 -2.60 -35.18
C PHE A 334 9.41 -3.57 -36.33
N PRO A 335 8.93 -4.81 -36.16
CA PRO A 335 9.03 -5.94 -37.11
C PRO A 335 8.64 -5.57 -38.53
N PRO A 336 9.62 -5.58 -39.46
CA PRO A 336 9.39 -5.25 -40.87
C PRO A 336 8.26 -6.04 -41.51
N ASP A 337 8.04 -7.27 -41.03
CA ASP A 337 6.98 -8.12 -41.58
C ASP A 337 5.57 -7.72 -41.15
N GLY A 338 5.48 -6.72 -40.26
CA GLY A 338 4.19 -6.25 -39.79
C GLY A 338 3.40 -7.21 -38.91
N SER A 339 4.07 -8.27 -38.43
CA SER A 339 3.43 -9.25 -37.57
C SER A 339 2.78 -8.60 -36.34
N VAL A 340 3.54 -7.76 -35.66
CA VAL A 340 3.06 -7.05 -34.47
C VAL A 340 3.50 -5.60 -34.61
N PRO A 341 2.79 -4.66 -33.95
CA PRO A 341 3.17 -3.26 -34.04
C PRO A 341 4.60 -3.05 -33.56
N ALA A 342 4.96 -3.77 -32.50
CA ALA A 342 6.30 -3.65 -31.90
C ALA A 342 6.61 -4.80 -30.94
N LEU A 343 7.91 -4.98 -30.67
CA LEU A 343 8.38 -6.02 -29.77
C LEU A 343 9.26 -5.41 -28.68
N HIS A 344 9.09 -5.87 -27.44
CA HIS A 344 9.88 -5.37 -26.32
C HIS A 344 10.80 -6.45 -25.77
N GLY A 345 12.10 -6.17 -25.77
CA GLY A 345 13.07 -7.15 -25.30
C GLY A 345 14.38 -6.54 -24.83
N GLY A 346 15.48 -7.28 -24.99
CA GLY A 346 16.76 -6.78 -24.55
C GLY A 346 17.93 -6.83 -25.52
N ASN A 347 17.68 -6.55 -26.80
CA ASN A 347 18.75 -6.58 -27.80
C ASN A 347 19.83 -5.51 -27.63
N PHE A 348 19.69 -4.68 -26.61
CA PHE A 348 20.66 -3.63 -26.33
C PHE A 348 21.71 -4.15 -25.36
N MET A 349 21.48 -5.36 -24.82
CA MET A 349 22.42 -5.94 -23.87
C MET A 349 23.69 -6.40 -24.59
N GLY A 350 24.79 -5.68 -24.37
CA GLY A 350 26.03 -6.01 -25.04
C GLY A 350 26.92 -7.06 -24.42
N GLN A 351 26.34 -8.19 -24.02
CA GLN A 351 27.13 -9.25 -23.41
C GLN A 351 28.12 -9.90 -24.39
N HIS A 352 27.74 -9.99 -25.66
CA HIS A 352 28.62 -10.60 -26.66
C HIS A 352 29.92 -9.82 -26.87
N VAL A 353 29.81 -8.51 -27.08
CA VAL A 353 30.98 -7.66 -27.26
C VAL A 353 31.80 -7.62 -25.97
N ALA A 354 31.12 -7.62 -24.82
CA ALA A 354 31.83 -7.59 -23.54
C ALA A 354 32.72 -8.81 -23.36
N LEU A 355 32.18 -10.00 -23.62
CA LEU A 355 32.95 -11.23 -23.46
C LEU A 355 34.05 -11.39 -24.52
N THR A 356 33.78 -10.98 -25.75
CA THR A 356 34.82 -11.10 -26.78
C THR A 356 35.90 -10.03 -26.57
N SER A 357 35.52 -8.88 -26.04
CA SER A 357 36.49 -7.82 -25.79
C SER A 357 37.43 -8.27 -24.68
N ASP A 358 36.87 -8.90 -23.65
CA ASP A 358 37.70 -9.38 -22.55
C ASP A 358 38.60 -10.52 -23.04
N ALA A 359 38.08 -11.40 -23.88
CA ALA A 359 38.88 -12.52 -24.39
C ALA A 359 40.04 -11.99 -25.24
N LEU A 360 39.76 -10.99 -26.08
CA LEU A 360 40.79 -10.41 -26.92
C LEU A 360 41.84 -9.68 -26.07
N ALA A 361 41.38 -9.03 -25.00
CA ALA A 361 42.31 -8.32 -24.12
C ALA A 361 43.34 -9.28 -23.54
N THR A 362 42.89 -10.46 -23.14
CA THR A 362 43.79 -11.47 -22.57
C THR A 362 44.80 -11.93 -23.64
N ALA A 363 44.31 -12.19 -24.84
CA ALA A 363 45.17 -12.63 -25.94
C ALA A 363 46.21 -11.56 -26.26
N VAL A 364 45.80 -10.30 -26.23
CA VAL A 364 46.73 -9.19 -26.51
C VAL A 364 47.83 -9.15 -25.46
N THR A 365 47.46 -9.36 -24.21
CA THR A 365 48.41 -9.33 -23.11
C THR A 365 49.39 -10.49 -23.27
N VAL A 366 48.90 -11.64 -23.70
CA VAL A 366 49.76 -12.81 -23.90
C VAL A 366 50.77 -12.55 -25.03
N LEU A 367 50.28 -12.00 -26.15
CA LEU A 367 51.16 -11.73 -27.29
C LEU A 367 52.14 -10.61 -26.97
N ALA A 368 51.73 -9.67 -26.13
CA ALA A 368 52.61 -8.57 -25.77
C ALA A 368 53.73 -9.14 -24.90
N GLY A 369 53.40 -10.18 -24.13
CA GLY A 369 54.38 -10.82 -23.28
C GLY A 369 55.43 -11.51 -24.13
N LEU A 370 54.98 -12.10 -25.23
CA LEU A 370 55.90 -12.78 -26.14
C LEU A 370 56.90 -11.76 -26.68
N ALA A 371 56.39 -10.63 -27.15
CA ALA A 371 57.23 -9.57 -27.69
C ALA A 371 58.21 -9.05 -26.63
N GLU A 372 57.74 -8.87 -25.41
CA GLU A 372 58.59 -8.37 -24.34
C GLU A 372 59.72 -9.35 -24.05
N ARG A 373 59.44 -10.65 -24.10
CA ARG A 373 60.46 -11.66 -23.85
C ARG A 373 61.43 -11.77 -25.04
N GLN A 374 60.94 -11.45 -26.24
CA GLN A 374 61.80 -11.49 -27.42
C GLN A 374 62.81 -10.34 -27.28
N ILE A 375 62.35 -9.19 -26.81
CA ILE A 375 63.21 -8.03 -26.60
C ILE A 375 64.23 -8.38 -25.51
N ALA A 376 63.76 -9.03 -24.46
CA ALA A 376 64.61 -9.41 -23.33
C ALA A 376 65.72 -10.37 -23.75
N ARG A 377 65.41 -11.27 -24.67
CA ARG A 377 66.39 -12.23 -25.15
C ARG A 377 67.38 -11.58 -26.13
N LEU A 378 66.87 -10.73 -27.01
CA LEU A 378 67.69 -10.05 -28.02
C LEU A 378 68.73 -9.10 -27.43
N THR A 379 68.38 -8.45 -26.32
CA THR A 379 69.27 -7.48 -25.69
C THR A 379 70.20 -8.06 -24.63
N ASP A 380 70.03 -9.33 -24.30
CA ASP A 380 70.86 -9.98 -23.28
C ASP A 380 72.11 -10.59 -23.91
N GLU A 381 73.27 -10.04 -23.57
CA GLU A 381 74.52 -10.53 -24.15
C GLU A 381 74.78 -12.00 -23.86
N ARG A 382 74.15 -12.53 -22.81
CA ARG A 382 74.33 -13.94 -22.48
C ARG A 382 73.40 -14.83 -23.29
N LEU A 383 72.42 -14.22 -23.96
CA LEU A 383 71.45 -14.99 -24.74
C LEU A 383 71.37 -14.64 -26.22
N ASN A 384 71.87 -13.47 -26.61
CA ASN A 384 71.77 -13.04 -28.01
C ASN A 384 72.87 -13.54 -28.96
N ARG A 385 73.56 -14.60 -28.56
CA ARG A 385 74.59 -15.21 -29.39
C ARG A 385 75.62 -14.31 -30.09
N GLY A 386 76.36 -13.53 -29.32
CA GLY A 386 77.39 -12.69 -29.92
C GLY A 386 77.10 -11.23 -30.19
N LEU A 387 75.84 -10.82 -30.04
CA LEU A 387 75.48 -9.42 -30.26
C LEU A 387 75.85 -8.58 -29.05
N PRO A 388 76.11 -7.28 -29.25
CA PRO A 388 76.48 -6.38 -28.15
C PRO A 388 75.40 -6.32 -27.09
N PRO A 389 75.80 -6.18 -25.82
CA PRO A 389 74.79 -6.09 -24.77
C PRO A 389 73.89 -4.89 -25.03
N PHE A 390 72.59 -5.12 -25.07
CA PHE A 390 71.61 -4.06 -25.34
C PHE A 390 71.82 -3.39 -26.70
N LEU A 391 72.45 -4.13 -27.60
CA LEU A 391 72.69 -3.69 -28.97
C LEU A 391 73.29 -2.29 -29.09
N HIS A 392 74.16 -1.92 -28.16
CA HIS A 392 74.76 -0.60 -28.22
C HIS A 392 75.85 -0.55 -29.29
N ARG A 393 76.17 0.66 -29.72
CA ARG A 393 77.24 0.89 -30.68
C ARG A 393 78.16 1.83 -29.90
N GLY A 394 79.39 1.99 -30.35
CA GLY A 394 80.31 2.85 -29.62
C GLY A 394 80.90 2.06 -28.48
N PRO A 395 81.71 2.68 -27.61
CA PRO A 395 82.32 1.97 -26.48
C PRO A 395 81.31 1.47 -25.45
N ALA A 396 81.44 0.20 -25.06
CA ALA A 396 80.54 -0.42 -24.09
C ALA A 396 80.73 0.23 -22.72
N GLY A 397 79.63 0.40 -21.98
CA GLY A 397 79.72 1.03 -20.68
C GLY A 397 79.39 2.50 -20.85
N LEU A 398 80.16 3.16 -21.71
CA LEU A 398 79.94 4.57 -22.00
C LEU A 398 78.58 4.66 -22.67
N ASN A 399 78.28 3.63 -23.47
CA ASN A 399 77.03 3.53 -24.21
C ASN A 399 76.28 2.30 -23.71
N SER A 400 74.97 2.45 -23.53
CA SER A 400 74.15 1.35 -23.05
C SER A 400 73.07 0.95 -24.05
N GLY A 401 73.08 1.60 -25.21
CA GLY A 401 72.12 1.28 -26.25
C GLY A 401 70.66 1.32 -25.83
N PHE A 402 69.97 0.20 -26.05
CA PHE A 402 68.57 0.11 -25.70
C PHE A 402 68.32 -0.39 -24.28
N MET A 403 69.29 -0.25 -23.38
CA MET A 403 69.07 -0.73 -22.02
C MET A 403 67.87 -0.10 -21.33
N GLY A 404 67.63 1.18 -21.63
CA GLY A 404 66.50 1.86 -21.02
C GLY A 404 65.18 1.46 -21.67
N ALA A 405 65.19 1.35 -22.99
CA ALA A 405 63.97 0.97 -23.72
C ALA A 405 63.53 -0.44 -23.36
N GLN A 406 64.48 -1.32 -23.05
CA GLN A 406 64.16 -2.69 -22.70
C GLN A 406 63.40 -2.73 -21.38
N VAL A 407 63.79 -1.88 -20.43
CA VAL A 407 63.09 -1.83 -19.15
C VAL A 407 61.72 -1.18 -19.35
N THR A 408 61.63 -0.24 -20.29
CA THR A 408 60.34 0.40 -20.56
C THR A 408 59.37 -0.64 -21.12
N ALA A 409 59.86 -1.55 -21.95
CA ALA A 409 59.01 -2.59 -22.52
C ALA A 409 58.41 -3.42 -21.40
N THR A 410 59.24 -3.77 -20.42
CA THR A 410 58.78 -4.56 -19.28
C THR A 410 57.75 -3.81 -18.46
N ALA A 411 57.96 -2.51 -18.27
CA ALA A 411 57.04 -1.69 -17.49
C ALA A 411 55.68 -1.61 -18.17
N LEU A 412 55.67 -1.48 -19.50
CA LEU A 412 54.41 -1.42 -20.24
C LEU A 412 53.65 -2.73 -20.09
N LEU A 413 54.36 -3.84 -20.17
CA LEU A 413 53.73 -5.15 -20.02
C LEU A 413 53.15 -5.35 -18.63
N ALA A 414 53.92 -4.98 -17.60
CA ALA A 414 53.47 -5.13 -16.22
C ALA A 414 52.18 -4.35 -16.00
N GLU A 415 52.07 -3.19 -16.63
CA GLU A 415 50.87 -2.37 -16.48
C GLU A 415 49.67 -3.02 -17.15
N MET A 416 49.88 -3.65 -18.30
CA MET A 416 48.79 -4.32 -19.01
C MET A 416 48.21 -5.41 -18.12
N ARG A 417 49.08 -6.15 -17.45
CA ARG A 417 48.66 -7.25 -16.59
C ARG A 417 47.83 -6.85 -15.37
N ALA A 418 47.94 -5.61 -14.91
CA ALA A 418 47.21 -5.17 -13.73
C ALA A 418 45.70 -5.02 -13.95
N THR A 419 45.28 -4.99 -15.21
CA THR A 419 43.85 -4.82 -15.51
C THR A 419 43.27 -6.11 -16.06
N GLY A 420 42.17 -6.56 -15.45
CA GLY A 420 41.53 -7.79 -15.89
C GLY A 420 40.25 -7.61 -16.68
N PRO A 421 39.44 -8.68 -16.83
CA PRO A 421 38.18 -8.64 -17.58
C PRO A 421 37.22 -7.64 -16.95
N ALA A 422 36.47 -6.94 -17.78
CA ALA A 422 35.51 -5.96 -17.27
C ALA A 422 34.14 -6.58 -17.02
N SER A 423 33.80 -7.62 -17.78
CA SER A 423 32.51 -8.30 -17.72
C SER A 423 32.06 -8.88 -16.38
N ILE A 424 33.01 -9.33 -15.57
CA ILE A 424 32.66 -9.95 -14.29
C ILE A 424 32.20 -8.99 -13.19
N HIS A 425 32.20 -7.69 -13.47
CA HIS A 425 31.83 -6.71 -12.44
C HIS A 425 30.43 -6.14 -12.52
N SER A 426 29.47 -6.93 -12.99
CA SER A 426 28.11 -6.43 -13.09
C SER A 426 27.60 -6.06 -11.70
N ILE A 427 26.87 -4.95 -11.62
CA ILE A 427 26.31 -4.44 -10.38
C ILE A 427 24.89 -4.00 -10.69
N SER A 428 23.92 -4.46 -9.90
CA SER A 428 22.51 -4.12 -10.10
C SER A 428 22.34 -2.61 -10.00
N THR A 429 21.70 -2.01 -11.00
CA THR A 429 21.53 -0.56 -10.99
C THR A 429 20.17 -0.15 -11.58
N ASN A 430 19.94 1.16 -11.67
CA ASN A 430 18.67 1.69 -12.20
C ASN A 430 17.51 1.16 -11.33
N ALA A 431 17.64 1.32 -10.02
CA ALA A 431 16.63 0.87 -9.06
C ALA A 431 16.33 -0.61 -9.23
N ALA A 432 17.38 -1.38 -9.49
CA ALA A 432 17.31 -2.82 -9.69
C ALA A 432 16.63 -3.26 -11.00
N ASN A 433 16.26 -2.29 -11.83
CA ASN A 433 15.64 -2.61 -13.10
C ASN A 433 16.71 -3.23 -14.01
N GLN A 434 17.91 -2.67 -13.92
CA GLN A 434 19.04 -3.16 -14.71
C GLN A 434 19.83 -4.00 -13.74
N ASP A 435 19.25 -5.14 -13.31
CA ASP A 435 19.93 -5.92 -12.31
C ASP A 435 21.14 -6.68 -12.78
N VAL A 436 21.34 -6.73 -14.09
CA VAL A 436 22.55 -7.35 -14.68
C VAL A 436 22.91 -6.45 -15.86
N VAL A 437 24.20 -6.13 -15.99
CA VAL A 437 24.68 -5.26 -17.07
C VAL A 437 25.95 -5.86 -17.68
N SER A 438 26.20 -5.57 -18.96
CA SER A 438 27.36 -6.16 -19.64
C SER A 438 28.72 -5.50 -19.44
N LEU A 439 28.73 -4.18 -19.27
CA LEU A 439 29.97 -3.42 -19.12
C LEU A 439 30.81 -3.61 -20.38
N GLY A 440 30.14 -3.86 -21.50
CA GLY A 440 30.84 -4.08 -22.77
C GLY A 440 31.64 -2.89 -23.28
N THR A 441 31.17 -1.68 -23.01
CA THR A 441 31.88 -0.49 -23.45
C THR A 441 33.20 -0.39 -22.70
N ILE A 442 33.16 -0.67 -21.40
CA ILE A 442 34.36 -0.64 -20.57
C ILE A 442 35.30 -1.73 -21.04
N ALA A 443 34.76 -2.93 -21.29
CA ALA A 443 35.57 -4.04 -21.75
C ALA A 443 36.29 -3.70 -23.05
N ALA A 444 35.60 -3.04 -23.98
CA ALA A 444 36.18 -2.66 -25.26
C ALA A 444 37.27 -1.58 -25.08
N ARG A 445 37.03 -0.65 -24.17
CA ARG A 445 37.98 0.42 -23.92
C ARG A 445 39.25 -0.13 -23.25
N LEU A 446 39.07 -1.06 -22.33
CA LEU A 446 40.21 -1.66 -21.64
C LEU A 446 41.06 -2.44 -22.65
N CYS A 447 40.38 -3.13 -23.56
CA CYS A 447 41.07 -3.90 -24.59
C CYS A 447 41.88 -2.95 -25.47
N ARG A 448 41.31 -1.79 -25.77
CA ARG A 448 41.97 -0.79 -26.59
C ARG A 448 43.26 -0.29 -25.93
N GLU A 449 43.21 -0.06 -24.61
CA GLU A 449 44.41 0.41 -23.92
C GLU A 449 45.52 -0.63 -23.99
N LYS A 450 45.14 -1.90 -23.92
CA LYS A 450 46.13 -2.97 -23.99
C LYS A 450 46.73 -3.02 -25.39
N ILE A 451 45.90 -2.80 -26.40
CA ILE A 451 46.37 -2.79 -27.77
C ILE A 451 47.38 -1.65 -27.95
N ASP A 452 47.13 -0.52 -27.30
CA ASP A 452 48.06 0.60 -27.40
C ASP A 452 49.40 0.26 -26.75
N ARG A 453 49.36 -0.50 -25.65
CA ARG A 453 50.59 -0.87 -24.96
C ARG A 453 51.37 -1.88 -25.82
N TRP A 454 50.63 -2.81 -26.43
CA TRP A 454 51.23 -3.82 -27.29
C TRP A 454 51.95 -3.16 -28.45
N ALA A 455 51.35 -2.10 -29.01
CA ALA A 455 51.96 -1.38 -30.13
C ALA A 455 53.28 -0.75 -29.72
N GLU A 456 53.36 -0.27 -28.48
CA GLU A 456 54.58 0.35 -27.98
C GLU A 456 55.67 -0.68 -27.72
N ILE A 457 55.29 -1.83 -27.20
CA ILE A 457 56.25 -2.90 -26.94
C ILE A 457 56.79 -3.39 -28.30
N LEU A 458 55.90 -3.56 -29.27
CA LEU A 458 56.33 -3.98 -30.60
C LEU A 458 57.25 -2.94 -31.25
N ALA A 459 56.99 -1.66 -31.01
CA ALA A 459 57.81 -0.60 -31.58
C ALA A 459 59.24 -0.72 -31.04
N ILE A 460 59.36 -0.99 -29.74
CA ILE A 460 60.67 -1.14 -29.13
C ILE A 460 61.38 -2.33 -29.76
N LEU A 461 60.68 -3.44 -29.90
CA LEU A 461 61.25 -4.63 -30.50
C LEU A 461 61.71 -4.30 -31.93
N ALA A 462 60.89 -3.56 -32.67
CA ALA A 462 61.22 -3.20 -34.05
C ALA A 462 62.50 -2.37 -34.12
N LEU A 463 62.62 -1.38 -33.25
CA LEU A 463 63.81 -0.55 -33.24
C LEU A 463 65.02 -1.42 -32.89
N CYS A 464 64.86 -2.30 -31.91
CA CYS A 464 65.94 -3.19 -31.50
C CYS A 464 66.39 -4.10 -32.65
N LEU A 465 65.41 -4.64 -33.38
CA LEU A 465 65.72 -5.54 -34.49
C LEU A 465 66.41 -4.85 -35.65
N ALA A 466 66.05 -3.60 -35.93
CA ALA A 466 66.69 -2.86 -37.02
C ALA A 466 68.18 -2.70 -36.66
N GLN A 467 68.44 -2.37 -35.40
CA GLN A 467 69.81 -2.21 -34.93
C GLN A 467 70.51 -3.58 -34.94
N ALA A 468 69.85 -4.59 -34.40
CA ALA A 468 70.42 -5.93 -34.35
C ALA A 468 70.77 -6.47 -35.74
N ALA A 469 69.87 -6.26 -36.69
CA ALA A 469 70.08 -6.75 -38.05
C ALA A 469 71.38 -6.16 -38.62
N GLU A 470 71.53 -4.84 -38.50
CA GLU A 470 72.72 -4.18 -39.01
C GLU A 470 73.99 -4.58 -38.26
N LEU A 471 73.85 -4.87 -36.97
CA LEU A 471 75.02 -5.29 -36.18
C LEU A 471 75.47 -6.69 -36.57
N ARG A 472 74.52 -7.56 -36.86
CA ARG A 472 74.80 -8.94 -37.24
C ARG A 472 75.22 -9.08 -38.70
N CYS A 473 74.45 -8.47 -39.59
CA CYS A 473 74.69 -8.57 -41.03
C CYS A 473 75.30 -7.37 -41.74
N GLY A 474 75.71 -6.34 -40.99
CA GLY A 474 76.27 -5.16 -41.60
C GLY A 474 75.18 -4.25 -42.12
N SER A 475 75.55 -3.01 -42.44
CA SER A 475 74.59 -2.04 -42.94
C SER A 475 73.94 -2.50 -44.25
N GLY A 476 74.61 -3.44 -44.93
CA GLY A 476 74.08 -3.95 -46.19
C GLY A 476 73.07 -5.05 -45.98
N LEU A 477 72.93 -5.52 -44.74
CA LEU A 477 71.99 -6.58 -44.40
C LEU A 477 72.22 -7.84 -45.22
N ASP A 478 73.47 -8.25 -45.33
CA ASP A 478 73.82 -9.44 -46.10
C ASP A 478 73.20 -10.71 -45.52
N GLY A 479 72.54 -11.47 -46.39
CA GLY A 479 71.93 -12.72 -45.96
C GLY A 479 70.50 -12.58 -45.47
N VAL A 480 70.08 -11.34 -45.26
CA VAL A 480 68.73 -11.05 -44.77
C VAL A 480 67.68 -11.22 -45.88
N SER A 481 66.59 -11.90 -45.54
CA SER A 481 65.51 -12.14 -46.49
C SER A 481 65.05 -10.84 -47.13
N PRO A 482 64.36 -10.93 -48.29
CA PRO A 482 63.88 -9.73 -48.97
C PRO A 482 62.89 -8.98 -48.08
N ALA A 483 62.01 -9.73 -47.42
CA ALA A 483 61.01 -9.15 -46.53
C ALA A 483 61.70 -8.45 -45.38
N GLY A 484 62.70 -9.11 -44.81
CA GLY A 484 63.45 -8.54 -43.71
C GLY A 484 64.14 -7.25 -44.09
N LYS A 485 64.74 -7.22 -45.28
CA LYS A 485 65.42 -6.02 -45.76
C LYS A 485 64.46 -4.87 -45.98
N LYS A 486 63.32 -5.17 -46.59
CA LYS A 486 62.33 -4.14 -46.88
C LYS A 486 61.89 -3.45 -45.58
N LEU A 487 61.58 -4.25 -44.57
CA LEU A 487 61.14 -3.72 -43.27
C LEU A 487 62.19 -2.80 -42.64
N VAL A 488 63.42 -3.29 -42.50
CA VAL A 488 64.48 -2.49 -41.90
C VAL A 488 64.75 -1.21 -42.67
N GLN A 489 64.76 -1.31 -44.00
CA GLN A 489 65.00 -0.14 -44.84
C GLN A 489 63.87 0.86 -44.67
N ALA A 490 62.64 0.35 -44.58
CA ALA A 490 61.47 1.22 -44.41
C ALA A 490 61.55 1.99 -43.09
N LEU A 491 61.98 1.32 -42.03
CA LEU A 491 62.11 1.94 -40.72
C LEU A 491 63.21 2.99 -40.72
N ARG A 492 64.34 2.65 -41.34
CA ARG A 492 65.48 3.55 -41.41
C ARG A 492 65.18 4.83 -42.17
N GLU A 493 64.09 4.84 -42.92
CA GLU A 493 63.72 6.02 -43.66
C GLU A 493 63.28 7.10 -42.67
N GLN A 494 62.79 6.67 -41.52
CA GLN A 494 62.32 7.62 -40.50
C GLN A 494 63.04 7.51 -39.15
N PHE A 495 63.65 6.35 -38.88
CA PHE A 495 64.34 6.13 -37.61
C PHE A 495 65.80 5.75 -37.83
N PRO A 496 66.72 6.70 -37.57
CA PRO A 496 68.17 6.52 -37.72
C PRO A 496 68.75 5.45 -36.81
N PRO A 497 69.91 4.89 -37.19
CA PRO A 497 70.55 3.86 -36.38
C PRO A 497 70.93 4.49 -35.04
N LEU A 498 71.15 3.67 -34.03
CA LEU A 498 71.55 4.18 -32.72
C LEU A 498 73.06 4.03 -32.61
N GLU A 499 73.79 4.98 -33.18
CA GLU A 499 75.25 4.95 -33.16
C GLU A 499 75.74 5.42 -31.80
N THR A 500 74.90 6.15 -31.08
CA THR A 500 75.22 6.64 -29.76
C THR A 500 73.92 6.85 -28.98
N ASP A 501 73.97 6.69 -27.67
CA ASP A 501 72.79 6.82 -26.83
C ASP A 501 72.01 8.14 -26.97
N ARG A 502 70.70 8.02 -27.19
CA ARG A 502 69.83 9.18 -27.32
C ARG A 502 68.44 8.87 -26.77
N PRO A 503 67.64 9.91 -26.48
CA PRO A 503 66.29 9.66 -25.96
C PRO A 503 65.47 8.95 -27.03
N LEU A 504 64.79 7.88 -26.65
CA LEU A 504 63.99 7.10 -27.60
C LEU A 504 62.48 7.19 -27.37
N GLY A 505 62.09 7.89 -26.31
CA GLY A 505 60.67 8.01 -25.99
C GLY A 505 59.80 8.48 -27.12
N GLN A 506 60.16 9.60 -27.75
CA GLN A 506 59.37 10.15 -28.83
C GLN A 506 59.35 9.21 -30.05
N GLU A 507 60.48 8.58 -30.35
CA GLU A 507 60.54 7.66 -31.48
C GLU A 507 59.67 6.43 -31.24
N ILE A 508 59.69 5.91 -30.03
CA ILE A 508 58.88 4.73 -29.68
C ILE A 508 57.40 5.06 -29.86
N ALA A 509 56.99 6.22 -29.37
CA ALA A 509 55.61 6.66 -29.47
C ALA A 509 55.21 6.85 -30.93
N ALA A 510 56.08 7.49 -31.71
CA ALA A 510 55.78 7.74 -33.11
C ALA A 510 55.62 6.46 -33.91
N LEU A 511 56.52 5.52 -33.73
CA LEU A 511 56.46 4.25 -34.45
C LEU A 511 55.21 3.48 -34.03
N ALA A 512 54.90 3.51 -32.74
CA ALA A 512 53.74 2.81 -32.22
C ALA A 512 52.48 3.24 -32.96
N THR A 513 52.35 4.54 -33.21
CA THR A 513 51.19 5.08 -33.92
C THR A 513 51.13 4.49 -35.33
N HIS A 514 52.28 4.36 -35.96
CA HIS A 514 52.35 3.80 -37.30
C HIS A 514 51.94 2.32 -37.31
N LEU A 515 52.47 1.56 -36.35
CA LEU A 515 52.18 0.13 -36.27
C LEU A 515 50.71 -0.22 -36.14
N LEU A 516 49.94 0.68 -35.52
CA LEU A 516 48.52 0.45 -35.31
C LEU A 516 47.68 0.67 -36.58
N GLN A 517 48.26 1.35 -37.57
CA GLN A 517 47.51 1.65 -38.79
C GLN A 517 48.03 1.04 -40.10
N GLN A 518 49.22 0.47 -40.07
CA GLN A 518 49.81 -0.12 -41.28
C GLN A 518 50.66 -1.34 -40.95
N SER A 519 50.64 -2.34 -41.84
CA SER A 519 51.41 -3.56 -41.65
C SER A 519 52.73 -3.52 -42.43
N PRO A 520 53.67 -4.41 -42.09
CA PRO A 520 54.96 -4.44 -42.80
C PRO A 520 54.84 -5.12 -44.17
N VAL A 521 54.74 -4.32 -45.21
CA VAL A 521 54.63 -4.85 -46.56
C VAL A 521 55.35 -3.96 -47.56
N PRO B 7 51.26 37.52 1.45
CA PRO B 7 52.35 36.97 0.62
C PRO B 7 52.16 35.46 0.38
N LYS B 8 53.23 34.70 0.60
CA LYS B 8 53.20 33.25 0.42
C LYS B 8 53.98 32.54 1.52
N PRO B 9 53.37 31.53 2.15
CA PRO B 9 54.00 30.74 3.23
C PRO B 9 55.32 30.15 2.76
N ALA B 10 56.24 29.92 3.71
CA ALA B 10 57.54 29.35 3.36
C ALA B 10 57.86 28.10 4.15
N VAL B 11 58.35 27.07 3.45
CA VAL B 11 58.71 25.82 4.08
C VAL B 11 60.23 25.73 4.10
N GLU B 12 60.80 25.70 5.30
CA GLU B 12 62.25 25.63 5.45
C GLU B 12 62.69 24.17 5.62
N LEU B 13 63.29 23.63 4.58
CA LEU B 13 63.75 22.25 4.59
C LEU B 13 65.09 22.04 5.27
N ASP B 14 65.11 21.18 6.28
CA ASP B 14 66.33 20.85 6.99
C ASP B 14 66.49 19.34 6.84
N ARG B 15 65.80 18.59 7.70
CA ARG B 15 65.86 17.13 7.65
C ARG B 15 64.51 16.52 7.36
N HIS B 16 63.51 16.90 8.15
CA HIS B 16 62.16 16.35 8.02
C HIS B 16 61.15 17.35 7.50
N ILE B 17 60.25 16.87 6.65
CA ILE B 17 59.17 17.67 6.10
C ILE B 17 57.98 16.73 6.19
N ASP B 18 56.82 17.23 6.63
CA ASP B 18 55.66 16.36 6.72
C ASP B 18 54.89 16.42 5.41
N LEU B 19 53.88 15.56 5.28
CA LEU B 19 53.10 15.51 4.04
C LEU B 19 52.36 16.79 3.67
N ASP B 20 51.85 17.52 4.66
CA ASP B 20 51.13 18.75 4.34
C ASP B 20 52.08 19.82 3.80
N GLN B 21 53.26 19.90 4.40
CA GLN B 21 54.27 20.87 3.95
C GLN B 21 54.70 20.51 2.54
N ALA B 22 54.92 19.23 2.30
CA ALA B 22 55.33 18.77 0.98
C ALA B 22 54.30 19.12 -0.07
N HIS B 23 53.04 18.81 0.19
CA HIS B 23 52.01 19.13 -0.79
C HIS B 23 51.83 20.63 -0.97
N ALA B 24 52.11 21.40 0.08
CA ALA B 24 51.97 22.86 -0.01
C ALA B 24 52.98 23.40 -1.03
N VAL B 25 54.20 22.86 -0.98
CA VAL B 25 55.24 23.28 -1.92
C VAL B 25 54.94 22.78 -3.33
N ALA B 26 54.56 21.51 -3.43
CA ALA B 26 54.26 20.92 -4.73
C ALA B 26 53.10 21.64 -5.43
N SER B 27 52.10 22.06 -4.68
CA SER B 27 50.95 22.75 -5.27
C SER B 27 51.20 24.25 -5.43
N GLY B 28 52.40 24.69 -5.05
CA GLY B 28 52.74 26.09 -5.19
C GLY B 28 52.15 26.99 -4.12
N GLY B 29 51.53 26.40 -3.10
CA GLY B 29 50.93 27.19 -2.04
C GLY B 29 51.98 27.78 -1.11
N ALA B 30 53.15 27.15 -1.08
CA ALA B 30 54.25 27.62 -0.24
C ALA B 30 55.57 27.59 -1.00
N ARG B 31 56.47 28.51 -0.65
CA ARG B 31 57.77 28.55 -1.29
C ARG B 31 58.68 27.69 -0.42
N ILE B 32 59.82 27.27 -0.97
CA ILE B 32 60.72 26.43 -0.22
C ILE B 32 62.12 27.02 -0.09
N VAL B 33 62.73 26.79 1.06
CA VAL B 33 64.06 27.29 1.35
C VAL B 33 64.87 26.21 2.04
N LEU B 34 66.14 26.10 1.69
CA LEU B 34 66.99 25.11 2.31
C LEU B 34 67.61 25.71 3.57
N ALA B 35 67.38 25.06 4.71
CA ALA B 35 67.90 25.55 5.98
C ALA B 35 69.43 25.53 5.96
N PRO B 36 70.06 26.48 6.67
CA PRO B 36 71.52 26.59 6.73
C PRO B 36 72.21 25.27 7.10
N PRO B 37 71.68 24.55 8.11
CA PRO B 37 72.30 23.28 8.49
C PRO B 37 72.29 22.28 7.33
N ALA B 38 71.21 22.28 6.55
CA ALA B 38 71.08 21.39 5.42
C ALA B 38 72.04 21.80 4.31
N ARG B 39 72.14 23.10 4.07
CA ARG B 39 73.03 23.64 3.06
C ARG B 39 74.45 23.18 3.36
N ASP B 40 74.82 23.22 4.63
CA ASP B 40 76.15 22.81 5.06
C ASP B 40 76.37 21.32 4.90
N ARG B 41 75.37 20.52 5.25
CA ARG B 41 75.51 19.07 5.12
C ARG B 41 75.73 18.69 3.66
N CYS B 42 75.05 19.39 2.76
CA CYS B 42 75.19 19.11 1.34
C CYS B 42 76.54 19.57 0.80
N ARG B 43 77.04 20.71 1.26
CA ARG B 43 78.33 21.20 0.81
C ARG B 43 79.38 20.16 1.21
N ALA B 44 79.22 19.62 2.42
CA ALA B 44 80.13 18.61 2.95
C ALA B 44 80.09 17.33 2.13
N SER B 45 78.91 16.98 1.62
CA SER B 45 78.77 15.77 0.82
C SER B 45 79.39 16.06 -0.56
N GLU B 46 79.16 17.27 -1.07
CA GLU B 46 79.68 17.70 -2.37
C GLU B 46 81.20 17.53 -2.34
N ALA B 47 81.80 17.85 -1.21
CA ALA B 47 83.25 17.74 -1.03
C ALA B 47 83.68 16.28 -1.00
N ARG B 48 82.82 15.41 -0.47
CA ARG B 48 83.13 13.99 -0.40
C ARG B 48 83.12 13.36 -1.78
N LEU B 49 82.13 13.73 -2.59
CA LEU B 49 82.03 13.22 -3.95
C LEU B 49 83.32 13.58 -4.66
N GLY B 50 83.70 14.86 -4.55
CA GLY B 50 84.92 15.33 -5.19
C GLY B 50 86.14 14.50 -4.83
N ALA B 51 86.31 14.20 -3.55
CA ALA B 51 87.44 13.40 -3.09
C ALA B 51 87.36 11.97 -3.63
N VAL B 52 86.15 11.41 -3.66
CA VAL B 52 85.95 10.07 -4.17
C VAL B 52 86.43 9.98 -5.61
N ILE B 53 86.05 10.97 -6.40
CA ILE B 53 86.40 11.04 -7.80
C ILE B 53 87.91 11.23 -7.98
N ARG B 54 88.48 12.16 -7.22
CA ARG B 54 89.92 12.43 -7.29
C ARG B 54 90.74 11.19 -6.94
N GLU B 55 90.23 10.39 -6.02
CA GLU B 55 90.93 9.18 -5.59
C GLU B 55 90.69 7.99 -6.50
N ALA B 56 89.84 8.18 -7.50
CA ALA B 56 89.52 7.13 -8.46
C ALA B 56 89.00 5.87 -7.78
N ARG B 57 88.11 6.04 -6.81
CA ARG B 57 87.51 4.93 -6.09
C ARG B 57 86.60 4.14 -7.03
N HIS B 58 86.46 2.84 -6.78
CA HIS B 58 85.58 2.02 -7.60
C HIS B 58 84.17 2.32 -7.12
N VAL B 59 83.48 3.20 -7.85
CA VAL B 59 82.12 3.59 -7.51
C VAL B 59 81.20 3.54 -8.72
N TYR B 60 80.03 2.93 -8.54
CA TYR B 60 79.04 2.80 -9.59
C TYR B 60 78.72 4.17 -10.18
N GLY B 61 78.65 4.26 -11.51
CA GLY B 61 78.31 5.52 -12.14
C GLY B 61 79.39 6.57 -12.23
N LEU B 62 80.49 6.35 -11.50
CA LEU B 62 81.61 7.28 -11.54
C LEU B 62 82.80 6.64 -12.24
N THR B 63 82.94 5.33 -12.09
CA THR B 63 84.03 4.60 -12.73
C THR B 63 83.57 3.26 -13.30
N THR B 64 82.27 3.10 -13.47
CA THR B 64 81.74 1.86 -14.03
C THR B 64 80.57 2.18 -14.94
N GLY B 65 80.17 1.17 -15.73
CA GLY B 65 79.03 1.33 -16.61
C GLY B 65 77.80 1.14 -15.74
N PHE B 66 76.63 1.11 -16.34
CA PHE B 66 75.38 0.96 -15.59
C PHE B 66 74.74 -0.41 -15.68
N GLY B 67 73.97 -0.76 -14.66
CA GLY B 67 73.31 -2.06 -14.63
C GLY B 67 74.27 -3.21 -14.81
N PRO B 68 73.97 -4.16 -15.71
CA PRO B 68 74.85 -5.31 -15.95
C PRO B 68 76.17 -4.91 -16.63
N LEU B 69 76.24 -3.67 -17.12
CA LEU B 69 77.45 -3.19 -17.77
C LEU B 69 78.41 -2.57 -16.76
N ALA B 70 78.11 -2.76 -15.48
CA ALA B 70 78.92 -2.20 -14.40
C ALA B 70 80.30 -2.87 -14.33
N ASN B 71 80.45 -4.01 -15.01
CA ASN B 71 81.73 -4.72 -15.01
C ASN B 71 82.67 -4.06 -16.00
N ARG B 72 82.16 -3.05 -16.71
CA ARG B 72 82.96 -2.29 -17.65
C ARG B 72 83.42 -1.04 -16.89
N LEU B 73 84.71 -0.97 -16.56
CA LEU B 73 85.22 0.18 -15.84
C LEU B 73 85.44 1.35 -16.80
N ILE B 74 85.23 2.56 -16.30
CA ILE B 74 85.36 3.77 -17.10
C ILE B 74 86.45 4.70 -16.57
N SER B 75 87.25 5.24 -17.50
CA SER B 75 88.34 6.15 -17.14
C SER B 75 87.78 7.50 -16.70
N GLY B 76 88.46 8.14 -15.76
CA GLY B 76 87.99 9.42 -15.26
C GLY B 76 87.72 10.45 -16.34
N GLU B 77 88.52 10.41 -17.39
CA GLU B 77 88.39 11.34 -18.51
C GLU B 77 87.05 11.22 -19.25
N ASN B 78 86.35 10.11 -19.07
CA ASN B 78 85.08 9.90 -19.78
C ASN B 78 83.82 9.95 -18.92
N VAL B 79 83.95 10.37 -17.67
CA VAL B 79 82.80 10.45 -16.77
C VAL B 79 81.72 11.42 -17.23
N ARG B 80 82.12 12.55 -17.82
CA ARG B 80 81.18 13.54 -18.33
C ARG B 80 80.27 12.86 -19.34
N THR B 81 80.90 12.20 -20.30
CA THR B 81 80.20 11.49 -21.35
C THR B 81 79.33 10.39 -20.80
N LEU B 82 79.90 9.60 -19.89
CA LEU B 82 79.19 8.49 -19.26
C LEU B 82 77.84 8.94 -18.71
N GLN B 83 77.87 10.03 -17.94
CA GLN B 83 76.66 10.54 -17.31
C GLN B 83 75.72 11.25 -18.26
N ALA B 84 76.26 11.79 -19.34
CA ALA B 84 75.44 12.46 -20.32
C ALA B 84 74.66 11.37 -21.07
N ASN B 85 75.33 10.25 -21.36
CA ASN B 85 74.67 9.16 -22.07
C ASN B 85 73.61 8.50 -21.15
N LEU B 86 73.88 8.48 -19.84
CA LEU B 86 72.99 7.89 -18.87
C LEU B 86 71.59 8.54 -19.03
N VAL B 87 71.54 9.88 -18.98
CA VAL B 87 70.31 10.65 -19.12
C VAL B 87 69.67 10.34 -20.48
N HIS B 88 70.49 10.17 -21.51
CA HIS B 88 69.98 9.90 -22.85
C HIS B 88 69.33 8.54 -22.98
N PHE B 89 70.06 7.47 -22.68
CA PHE B 89 69.47 6.15 -22.85
C PHE B 89 68.28 5.85 -21.95
N LEU B 90 68.18 6.55 -20.82
CA LEU B 90 67.06 6.36 -19.89
C LEU B 90 65.79 7.10 -20.31
N ALA B 91 65.93 8.08 -21.19
CA ALA B 91 64.78 8.85 -21.63
C ALA B 91 63.94 8.14 -22.67
N SER B 92 63.40 6.96 -22.31
CA SER B 92 62.58 6.15 -23.21
C SER B 92 61.12 6.10 -22.75
N GLY B 93 60.74 7.06 -21.93
CA GLY B 93 59.38 7.07 -21.41
C GLY B 93 58.33 7.47 -22.43
N VAL B 94 57.12 6.96 -22.23
CA VAL B 94 55.99 7.26 -23.11
C VAL B 94 54.74 7.47 -22.27
N GLY B 95 53.65 7.86 -22.93
CA GLY B 95 52.40 8.07 -22.24
C GLY B 95 52.14 9.52 -21.89
N PRO B 96 50.96 9.82 -21.34
CA PRO B 96 50.60 11.19 -20.96
C PRO B 96 51.52 11.70 -19.85
N VAL B 97 51.84 13.00 -19.88
CA VAL B 97 52.73 13.56 -18.87
C VAL B 97 52.06 13.62 -17.51
N LEU B 98 52.87 13.54 -16.46
CA LEU B 98 52.35 13.63 -15.10
C LEU B 98 51.76 15.03 -14.97
N ASP B 99 50.73 15.19 -14.14
CA ASP B 99 50.11 16.50 -13.98
C ASP B 99 51.06 17.47 -13.26
N TRP B 100 50.79 18.75 -13.41
CA TRP B 100 51.60 19.82 -12.82
C TRP B 100 52.00 19.59 -11.36
N THR B 101 51.01 19.39 -10.48
CA THR B 101 51.30 19.18 -9.07
C THR B 101 52.15 17.94 -8.80
N THR B 102 51.81 16.86 -9.49
CA THR B 102 52.54 15.60 -9.33
C THR B 102 53.99 15.66 -9.81
N ALA B 103 54.22 16.30 -10.95
CA ALA B 103 55.58 16.42 -11.49
C ALA B 103 56.43 17.19 -10.49
N ARG B 104 55.86 18.23 -9.92
CA ARG B 104 56.57 19.05 -8.93
C ARG B 104 56.80 18.24 -7.64
N ALA B 105 55.84 17.40 -7.28
CA ALA B 105 55.96 16.58 -6.08
C ALA B 105 57.15 15.63 -6.24
N MET B 106 57.39 15.22 -7.47
CA MET B 106 58.50 14.33 -7.81
C MET B 106 59.82 15.08 -7.64
N VAL B 107 59.86 16.32 -8.13
CA VAL B 107 61.06 17.14 -7.98
C VAL B 107 61.34 17.32 -6.50
N LEU B 108 60.29 17.63 -5.73
CA LEU B 108 60.42 17.84 -4.31
C LEU B 108 60.99 16.60 -3.62
N ALA B 109 60.46 15.44 -3.98
CA ALA B 109 60.92 14.20 -3.38
C ALA B 109 62.42 13.97 -3.62
N ARG B 110 62.90 14.25 -4.83
CA ARG B 110 64.32 14.07 -5.11
C ARG B 110 65.11 15.08 -4.28
N LEU B 111 64.60 16.31 -4.17
CA LEU B 111 65.29 17.34 -3.39
C LEU B 111 65.45 16.91 -1.93
N VAL B 112 64.38 16.42 -1.32
CA VAL B 112 64.46 15.99 0.08
C VAL B 112 65.49 14.88 0.30
N SER B 113 65.55 13.93 -0.62
CA SER B 113 66.51 12.83 -0.51
C SER B 113 67.93 13.40 -0.53
N ILE B 114 68.17 14.38 -1.40
CA ILE B 114 69.47 15.02 -1.53
C ILE B 114 69.84 15.86 -0.31
N ALA B 115 68.84 16.58 0.23
CA ALA B 115 69.06 17.45 1.38
C ALA B 115 69.55 16.72 2.62
N GLN B 116 69.49 15.39 2.60
CA GLN B 116 69.95 14.61 3.74
C GLN B 116 71.48 14.62 3.77
N GLY B 117 72.08 15.08 2.68
CA GLY B 117 73.53 15.16 2.60
C GLY B 117 74.33 13.89 2.39
N ALA B 118 73.80 12.97 1.59
CA ALA B 118 74.50 11.72 1.33
C ALA B 118 74.54 11.37 -0.17
N SER B 119 74.19 12.35 -1.01
CA SER B 119 74.16 12.12 -2.45
C SER B 119 75.33 12.72 -3.23
N GLY B 120 75.96 13.75 -2.67
CA GLY B 120 77.09 14.38 -3.34
C GLY B 120 76.69 15.44 -4.34
N ALA B 121 75.40 15.77 -4.39
CA ALA B 121 74.89 16.79 -5.31
C ALA B 121 75.57 18.14 -5.09
N SER B 122 75.83 18.86 -6.17
CA SER B 122 76.46 20.17 -6.07
C SER B 122 75.42 21.23 -5.72
N GLU B 123 75.89 22.37 -5.20
CA GLU B 123 75.00 23.47 -4.83
C GLU B 123 74.14 23.89 -6.02
N GLY B 124 74.75 23.97 -7.20
CA GLY B 124 74.04 24.38 -8.38
C GLY B 124 72.86 23.47 -8.70
N THR B 125 73.12 22.16 -8.63
CA THR B 125 72.11 21.16 -8.90
C THR B 125 70.96 21.30 -7.91
N ILE B 126 71.29 21.43 -6.63
CA ILE B 126 70.26 21.59 -5.60
C ILE B 126 69.46 22.87 -5.84
N ALA B 127 70.16 23.93 -6.22
CA ALA B 127 69.52 25.22 -6.50
C ALA B 127 68.53 25.13 -7.66
N ARG B 128 68.88 24.34 -8.68
CA ARG B 128 68.00 24.19 -9.84
C ARG B 128 66.68 23.55 -9.41
N LEU B 129 66.74 22.61 -8.47
CA LEU B 129 65.52 21.95 -8.01
C LEU B 129 64.66 22.91 -7.19
N ILE B 130 65.31 23.69 -6.34
CA ILE B 130 64.62 24.67 -5.52
C ILE B 130 63.97 25.74 -6.40
N ASP B 131 64.73 26.22 -7.38
CA ASP B 131 64.21 27.24 -8.29
C ASP B 131 62.94 26.77 -8.99
N LEU B 132 62.95 25.53 -9.46
CA LEU B 132 61.79 24.96 -10.12
C LEU B 132 60.60 25.01 -9.17
N LEU B 133 60.81 24.48 -7.96
CA LEU B 133 59.74 24.45 -6.95
C LEU B 133 59.21 25.82 -6.59
N ASN B 134 60.05 26.85 -6.64
CA ASN B 134 59.61 28.20 -6.31
C ASN B 134 58.98 28.92 -7.49
N SER B 135 59.15 28.36 -8.69
CA SER B 135 58.57 28.95 -9.88
C SER B 135 57.14 28.44 -10.01
N GLU B 136 56.46 28.82 -11.09
CA GLU B 136 55.09 28.40 -11.36
C GLU B 136 55.08 27.26 -12.36
N LEU B 137 56.25 26.70 -12.63
CA LEU B 137 56.36 25.64 -13.61
C LEU B 137 56.61 24.26 -13.06
N ALA B 138 56.45 23.29 -13.94
CA ALA B 138 56.68 21.90 -13.62
C ALA B 138 57.23 21.25 -14.88
N PRO B 139 58.12 20.27 -14.73
CA PRO B 139 58.67 19.63 -15.92
C PRO B 139 57.60 18.74 -16.55
N ALA B 140 57.63 18.59 -17.88
CA ALA B 140 56.68 17.75 -18.58
C ALA B 140 57.35 16.39 -18.77
N VAL B 141 56.96 15.43 -17.95
CA VAL B 141 57.55 14.11 -18.02
C VAL B 141 56.53 13.01 -18.30
N PRO B 142 56.86 12.08 -19.21
CA PRO B 142 55.95 10.97 -19.56
C PRO B 142 55.70 10.10 -18.33
N SER B 143 54.46 9.62 -18.19
CA SER B 143 54.09 8.82 -17.03
C SER B 143 54.49 7.34 -17.06
N ARG B 144 54.73 6.78 -18.23
CA ARG B 144 55.08 5.36 -18.32
C ARG B 144 56.53 5.09 -18.71
N GLY B 145 57.02 3.92 -18.35
CA GLY B 145 58.38 3.57 -18.71
C GLY B 145 59.26 2.99 -17.61
N THR B 146 58.93 3.26 -16.35
CA THR B 146 59.76 2.74 -15.26
C THR B 146 59.14 1.56 -14.49
N VAL B 147 60.01 0.71 -13.96
CA VAL B 147 59.58 -0.44 -13.17
C VAL B 147 59.65 -0.18 -11.68
N GLY B 148 59.94 1.08 -11.33
CA GLY B 148 60.03 1.46 -9.93
C GLY B 148 61.19 0.83 -9.17
N ASP B 150 62.83 5.07 -9.99
CA ASP B 150 62.16 5.81 -11.05
C ASP B 150 63.09 6.49 -12.06
N LEU B 151 63.98 5.70 -12.65
CA LEU B 151 64.93 6.23 -13.62
C LEU B 151 64.34 7.02 -14.79
N THR B 152 63.44 6.39 -15.54
CA THR B 152 62.86 7.03 -16.72
C THR B 152 62.25 8.41 -16.51
N PRO B 153 61.23 8.51 -15.65
CA PRO B 153 60.63 9.82 -15.42
C PRO B 153 61.63 10.86 -14.92
N LEU B 154 62.60 10.42 -14.11
CA LEU B 154 63.59 11.36 -13.58
C LEU B 154 64.58 11.81 -14.67
N ALA B 155 64.89 10.91 -15.59
CA ALA B 155 65.81 11.26 -16.68
C ALA B 155 65.14 12.32 -17.53
N HIS B 156 63.82 12.20 -17.72
CA HIS B 156 63.07 13.18 -18.51
C HIS B 156 63.04 14.52 -17.78
N MET B 157 62.97 14.45 -16.45
CA MET B 157 62.98 15.64 -15.62
C MET B 157 64.30 16.38 -15.83
N VAL B 158 65.40 15.64 -15.81
CA VAL B 158 66.72 16.25 -16.02
C VAL B 158 66.78 16.98 -17.37
N LEU B 159 66.30 16.33 -18.43
CA LEU B 159 66.30 16.95 -19.76
C LEU B 159 65.48 18.23 -19.75
N CYS B 160 64.38 18.21 -19.01
CA CYS B 160 63.53 19.39 -18.93
C CYS B 160 64.29 20.55 -18.27
N LEU B 161 64.96 20.23 -17.17
CA LEU B 161 65.73 21.21 -16.41
C LEU B 161 66.93 21.75 -17.17
N GLN B 162 67.34 21.05 -18.23
CA GLN B 162 68.46 21.50 -19.04
C GLN B 162 67.93 22.34 -20.20
N GLY B 163 66.61 22.41 -20.31
CA GLY B 163 66.01 23.18 -21.38
C GLY B 163 65.85 22.35 -22.63
N ARG B 164 66.04 21.04 -22.48
CA ARG B 164 65.93 20.09 -23.59
C ARG B 164 64.64 19.28 -23.48
N GLY B 165 63.70 19.79 -22.68
CA GLY B 165 62.42 19.13 -22.51
C GLY B 165 61.34 20.16 -22.20
N ASP B 166 60.08 19.79 -22.40
CA ASP B 166 58.97 20.72 -22.15
C ASP B 166 58.65 20.96 -20.69
N PHE B 167 57.98 22.07 -20.43
CA PHE B 167 57.55 22.47 -19.09
C PHE B 167 56.04 22.61 -19.11
N LEU B 168 55.41 22.54 -17.94
CA LEU B 168 53.97 22.69 -17.84
C LEU B 168 53.64 23.86 -16.95
N ASP B 169 52.62 24.62 -17.33
CA ASP B 169 52.18 25.74 -16.51
C ASP B 169 51.09 25.11 -15.66
N ARG B 170 50.53 25.85 -14.72
CA ARG B 170 49.48 25.31 -13.86
C ARG B 170 48.28 24.70 -14.58
N ASP B 171 48.04 25.14 -15.81
CA ASP B 171 46.90 24.65 -16.59
C ASP B 171 47.19 23.38 -17.40
N GLY B 172 48.45 23.01 -17.49
CA GLY B 172 48.81 21.81 -18.24
C GLY B 172 49.28 22.15 -19.65
N THR B 173 49.31 23.44 -19.98
CA THR B 173 49.77 23.86 -21.30
C THR B 173 51.29 23.74 -21.33
N ARG B 174 51.81 23.16 -22.40
CA ARG B 174 53.23 22.94 -22.54
C ARG B 174 54.02 24.10 -23.12
N LEU B 175 55.23 24.29 -22.59
CA LEU B 175 56.15 25.32 -23.03
C LEU B 175 57.42 24.57 -23.42
N ASP B 176 58.09 24.99 -24.49
CA ASP B 176 59.30 24.31 -24.88
C ASP B 176 60.37 24.61 -23.83
N GLY B 177 61.46 23.84 -23.84
CA GLY B 177 62.53 24.03 -22.89
C GLY B 177 63.02 25.46 -22.70
N ALA B 178 63.42 26.09 -23.80
CA ALA B 178 63.93 27.45 -23.75
C ALA B 178 62.93 28.41 -23.09
N GLU B 179 61.68 28.34 -23.54
CA GLU B 179 60.63 29.20 -23.02
C GLU B 179 60.41 28.97 -21.52
N GLY B 180 60.56 27.73 -21.08
CA GLY B 180 60.38 27.41 -19.68
C GLY B 180 61.44 28.05 -18.80
N LEU B 181 62.71 27.88 -19.18
CA LEU B 181 63.81 28.44 -18.42
C LEU B 181 63.67 29.96 -18.36
N ARG B 182 63.26 30.53 -19.49
CA ARG B 182 63.07 31.98 -19.61
C ARG B 182 61.96 32.47 -18.68
N ARG B 183 60.75 32.01 -18.93
CA ARG B 183 59.58 32.42 -18.15
C ARG B 183 59.73 32.24 -16.64
N GLY B 184 60.24 31.07 -16.23
CA GLY B 184 60.40 30.82 -14.81
C GLY B 184 61.71 31.31 -14.21
N ARG B 185 62.54 31.93 -15.03
CA ARG B 185 63.84 32.42 -14.57
C ARG B 185 64.64 31.27 -13.96
N LEU B 186 64.79 30.21 -14.74
CA LEU B 186 65.53 29.04 -14.31
C LEU B 186 66.82 28.97 -15.10
N GLN B 187 67.90 28.57 -14.44
CA GLN B 187 69.17 28.44 -15.12
C GLN B 187 69.28 27.01 -15.61
N PRO B 188 69.88 26.81 -16.80
CA PRO B 188 70.01 25.45 -17.30
C PRO B 188 70.81 24.60 -16.32
N LEU B 189 70.35 23.37 -16.11
CA LEU B 189 71.02 22.45 -15.21
C LEU B 189 72.42 22.17 -15.74
N ASP B 190 73.42 22.29 -14.88
CA ASP B 190 74.81 22.04 -15.27
C ASP B 190 75.31 20.88 -14.41
N LEU B 191 75.25 19.67 -14.95
CA LEU B 191 75.64 18.49 -14.19
C LEU B 191 77.11 18.27 -13.96
N SER B 192 77.45 18.05 -12.71
CA SER B 192 78.82 17.81 -12.31
C SER B 192 78.95 16.50 -11.54
N HIS B 193 80.11 15.87 -11.64
CA HIS B 193 80.35 14.62 -10.95
C HIS B 193 79.21 13.63 -11.14
N ARG B 194 78.53 13.19 -10.07
CA ARG B 194 77.45 12.22 -10.25
C ARG B 194 76.04 12.81 -10.17
N ASP B 195 75.93 14.12 -10.33
CA ASP B 195 74.63 14.78 -10.24
C ASP B 195 73.61 14.04 -11.10
N ALA B 196 74.05 13.55 -12.24
CA ALA B 196 73.18 12.82 -13.15
C ALA B 196 72.55 11.62 -12.45
N LEU B 197 73.38 10.74 -11.90
CA LEU B 197 72.87 9.55 -11.20
C LEU B 197 72.10 9.93 -9.93
N ALA B 198 72.58 10.96 -9.24
CA ALA B 198 71.93 11.41 -8.00
C ALA B 198 70.49 11.86 -8.28
N LEU B 199 70.28 12.55 -9.39
CA LEU B 199 68.97 13.07 -9.76
C LEU B 199 68.05 11.99 -10.31
N VAL B 200 68.61 10.84 -10.66
CA VAL B 200 67.84 9.77 -11.28
C VAL B 200 67.60 8.43 -10.56
N ASN B 201 68.51 8.04 -9.66
CA ASN B 201 68.41 6.74 -8.97
C ASN B 201 67.62 6.65 -7.66
N GLY B 202 66.36 7.07 -7.67
CA GLY B 202 65.57 6.99 -6.45
C GLY B 202 64.11 6.68 -6.70
N THR B 203 63.29 6.80 -5.66
CA THR B 203 61.86 6.50 -5.75
C THR B 203 61.03 7.78 -5.78
N SER B 204 61.61 8.87 -6.28
CA SER B 204 60.96 10.17 -6.32
C SER B 204 59.65 10.31 -7.10
N ALA B 205 59.51 9.59 -8.21
CA ALA B 205 58.29 9.69 -9.00
C ALA B 205 57.11 9.08 -8.23
N MET B 206 57.25 7.83 -7.84
CA MET B 206 56.18 7.15 -7.10
C MET B 206 55.89 7.88 -5.79
N THR B 207 56.93 8.36 -5.12
CA THR B 207 56.72 9.07 -3.86
C THR B 207 55.93 10.35 -4.13
N GLY B 208 56.27 11.04 -5.21
CA GLY B 208 55.56 12.26 -5.57
C GLY B 208 54.09 11.98 -5.88
N ILE B 209 53.84 10.94 -6.67
CA ILE B 209 52.49 10.56 -7.03
C ILE B 209 51.71 10.20 -5.76
N ALA B 210 52.34 9.44 -4.87
CA ALA B 210 51.70 9.01 -3.63
C ALA B 210 51.35 10.16 -2.67
N LEU B 211 52.17 11.21 -2.64
CA LEU B 211 51.86 12.29 -1.72
C LEU B 211 50.66 13.06 -2.22
N VAL B 212 50.51 13.15 -3.54
CA VAL B 212 49.35 13.82 -4.12
C VAL B 212 48.13 12.93 -3.83
N ASN B 213 48.31 11.62 -3.94
CA ASN B 213 47.21 10.69 -3.64
C ASN B 213 46.78 10.85 -2.19
N ALA B 214 47.75 10.95 -1.30
CA ALA B 214 47.46 11.09 0.13
C ALA B 214 46.62 12.32 0.44
N HIS B 215 46.98 13.43 -0.20
CA HIS B 215 46.28 14.69 0.01
C HIS B 215 44.85 14.63 -0.56
N ALA B 216 44.69 14.03 -1.74
CA ALA B 216 43.38 13.93 -2.36
C ALA B 216 42.46 13.06 -1.50
N CYS B 217 43.01 11.96 -1.02
CA CYS B 217 42.23 11.03 -0.19
C CYS B 217 41.73 11.66 1.09
N ARG B 218 42.52 12.55 1.69
CA ARG B 218 42.10 13.20 2.93
C ARG B 218 40.83 14.00 2.64
N HIS B 219 40.83 14.77 1.55
CA HIS B 219 39.66 15.56 1.19
C HIS B 219 38.46 14.70 0.82
N LEU B 220 38.70 13.67 0.01
CA LEU B 220 37.59 12.80 -0.39
C LEU B 220 37.00 12.09 0.82
N GLY B 221 37.85 11.74 1.78
CA GLY B 221 37.36 11.08 2.99
C GLY B 221 36.45 12.03 3.76
N ASN B 222 36.80 13.31 3.78
CA ASN B 222 35.98 14.31 4.47
C ASN B 222 34.63 14.42 3.78
N TRP B 223 34.63 14.31 2.46
CA TRP B 223 33.38 14.38 1.72
C TRP B 223 32.57 13.11 1.95
N ALA B 224 33.25 11.97 2.01
CA ALA B 224 32.58 10.68 2.22
C ALA B 224 31.81 10.74 3.54
N VAL B 225 32.40 11.39 4.53
CA VAL B 225 31.79 11.53 5.85
C VAL B 225 30.64 12.54 5.79
N ALA B 226 30.92 13.70 5.23
CA ALA B 226 29.91 14.77 5.14
C ALA B 226 28.71 14.31 4.33
N LEU B 227 28.95 13.53 3.29
CA LEU B 227 27.84 13.06 2.48
C LEU B 227 27.06 11.93 3.16
N THR B 228 27.75 11.08 3.92
CA THR B 228 27.06 10.01 4.64
C THR B 228 26.13 10.66 5.67
N ALA B 229 26.61 11.73 6.29
CA ALA B 229 25.83 12.44 7.30
C ALA B 229 24.61 13.10 6.68
N LEU B 230 24.77 13.70 5.50
CA LEU B 230 23.66 14.35 4.84
C LEU B 230 22.65 13.31 4.38
N LEU B 231 23.15 12.13 4.00
CA LEU B 231 22.28 11.04 3.56
C LEU B 231 21.36 10.65 4.72
N ALA B 232 21.91 10.64 5.92
CA ALA B 232 21.14 10.29 7.11
C ALA B 232 20.05 11.34 7.32
N GLU B 233 20.36 12.59 7.00
CA GLU B 233 19.38 13.66 7.16
C GLU B 233 18.29 13.58 6.09
N CYS B 234 18.55 12.84 5.02
CA CYS B 234 17.58 12.70 3.95
C CYS B 234 16.76 11.42 4.06
N LEU B 235 17.27 10.45 4.83
CA LEU B 235 16.57 9.18 4.97
C LEU B 235 16.24 8.81 6.42
N ARG B 236 16.08 9.81 7.27
CA ARG B 236 15.75 9.60 8.68
C ARG B 236 16.68 8.56 9.32
N GLY B 237 17.98 8.69 9.06
CA GLY B 237 18.95 7.78 9.60
C GLY B 237 19.05 7.81 11.10
N ARG B 238 19.43 6.67 11.70
CA ARG B 238 19.54 6.56 13.14
C ARG B 238 20.95 6.84 13.62
N THR B 239 21.10 7.85 14.47
CA THR B 239 22.40 8.22 14.99
C THR B 239 22.97 7.27 16.04
N GLU B 240 22.15 6.42 16.64
CA GLU B 240 22.68 5.55 17.68
C GLU B 240 23.76 4.60 17.15
N ALA B 241 23.72 4.28 15.85
CA ALA B 241 24.74 3.40 15.28
C ALA B 241 26.11 4.08 15.26
N TRP B 242 26.12 5.41 15.40
CA TRP B 242 27.35 6.18 15.38
C TRP B 242 27.79 6.61 16.78
N ALA B 243 27.20 6.00 17.81
CA ALA B 243 27.52 6.33 19.19
C ALA B 243 28.98 6.02 19.54
N ALA B 244 29.59 6.89 20.35
CA ALA B 244 30.97 6.70 20.76
C ALA B 244 31.16 5.39 21.53
N ALA B 245 30.15 4.99 22.29
CA ALA B 245 30.24 3.76 23.07
C ALA B 245 30.57 2.56 22.19
N LEU B 246 30.01 2.54 20.99
CA LEU B 246 30.26 1.43 20.05
C LEU B 246 31.70 1.42 19.58
N SER B 247 32.24 2.61 19.30
CA SER B 247 33.62 2.75 18.86
C SER B 247 34.55 2.23 19.94
N ASP B 248 34.23 2.55 21.19
CA ASP B 248 35.06 2.12 22.32
C ASP B 248 35.18 0.61 22.41
N LEU B 249 34.10 -0.09 22.07
CA LEU B 249 34.09 -1.55 22.11
C LEU B 249 34.90 -2.21 21.00
N ARG B 250 35.18 -1.46 19.94
CA ARG B 250 35.96 -1.95 18.80
C ARG B 250 36.88 -0.78 18.45
N PRO B 251 37.86 -0.50 19.31
CA PRO B 251 38.83 0.58 19.20
C PRO B 251 39.79 0.77 18.03
N HIS B 252 39.30 0.64 16.79
CA HIS B 252 40.16 0.88 15.63
C HIS B 252 40.17 2.40 15.54
N PRO B 253 41.37 3.01 15.53
CA PRO B 253 41.48 4.47 15.44
C PRO B 253 40.61 5.08 14.34
N GLY B 254 40.65 4.46 13.16
CA GLY B 254 39.87 4.99 12.05
C GLY B 254 38.38 4.96 12.27
N GLN B 255 37.89 3.93 12.93
CA GLN B 255 36.46 3.80 13.19
C GLN B 255 36.02 4.86 14.20
N LYS B 256 36.77 4.97 15.29
CA LYS B 256 36.44 5.94 16.31
C LYS B 256 36.39 7.33 15.69
N ASP B 257 37.36 7.63 14.83
CA ASP B 257 37.43 8.93 14.17
C ASP B 257 36.25 9.15 13.24
N ALA B 258 35.94 8.13 12.43
CA ALA B 258 34.84 8.23 11.48
C ALA B 258 33.52 8.47 12.19
N ALA B 259 33.28 7.75 13.28
CA ALA B 259 32.04 7.90 14.03
C ALA B 259 31.94 9.29 14.66
N ALA B 260 33.05 9.78 15.20
CA ALA B 260 33.08 11.09 15.83
C ALA B 260 32.81 12.19 14.80
N ARG B 261 33.38 12.03 13.61
CA ARG B 261 33.19 13.01 12.55
C ARG B 261 31.77 12.97 12.01
N LEU B 262 31.16 11.78 11.99
CA LEU B 262 29.80 11.65 11.51
C LEU B 262 28.86 12.34 12.52
N ARG B 263 29.05 12.08 13.81
CA ARG B 263 28.22 12.70 14.84
C ARG B 263 28.30 14.22 14.73
N ALA B 264 29.51 14.74 14.58
CA ALA B 264 29.71 16.18 14.47
C ALA B 264 28.95 16.79 13.30
N ARG B 265 28.92 16.07 12.18
CA ARG B 265 28.25 16.56 10.99
C ARG B 265 26.75 16.75 11.17
N VAL B 266 26.10 15.82 11.87
CA VAL B 266 24.65 15.92 12.08
C VAL B 266 24.24 16.61 13.36
N ASP B 267 25.20 17.18 14.07
CA ASP B 267 24.87 17.87 15.30
C ASP B 267 23.96 19.05 14.97
N GLY B 268 22.81 19.13 15.64
CA GLY B 268 21.87 20.21 15.39
C GLY B 268 20.76 19.82 14.42
N SER B 269 20.83 18.59 13.92
CA SER B 269 19.83 18.12 12.98
C SER B 269 18.54 17.66 13.63
N ALA B 270 17.41 17.99 13.00
CA ALA B 270 16.10 17.59 13.49
C ALA B 270 15.51 16.63 12.46
N ARG B 271 16.38 16.15 11.57
CA ARG B 271 15.97 15.23 10.51
C ARG B 271 16.39 13.78 10.76
N VAL B 272 17.37 13.58 11.64
CA VAL B 272 17.81 12.22 11.96
C VAL B 272 17.03 11.71 13.16
N VAL B 273 17.10 10.40 13.39
CA VAL B 273 16.44 9.76 14.51
C VAL B 273 17.50 9.61 15.60
N ARG B 274 17.27 10.22 16.75
CA ARG B 274 18.26 10.14 17.83
C ARG B 274 17.90 9.22 18.98
N HIS B 275 16.76 8.56 18.89
CA HIS B 275 16.35 7.69 19.99
C HIS B 275 17.01 6.33 19.95
N VAL B 276 17.53 5.90 21.10
CA VAL B 276 18.12 4.57 21.20
C VAL B 276 16.86 3.69 21.27
N ILE B 277 16.72 2.72 20.38
CA ILE B 277 15.51 1.92 20.40
C ILE B 277 15.29 1.07 21.64
N ALA B 278 16.37 0.58 22.24
CA ALA B 278 16.28 -0.28 23.43
C ALA B 278 15.64 0.39 24.64
N GLU B 279 15.43 1.70 24.57
CA GLU B 279 14.82 2.37 25.70
C GLU B 279 13.34 2.13 25.73
N ARG B 280 12.79 1.81 24.56
CA ARG B 280 11.37 1.54 24.42
C ARG B 280 11.00 0.17 25.02
N ARG B 281 10.01 0.18 25.91
CA ARG B 281 9.55 -1.05 26.53
C ARG B 281 8.32 -1.48 25.74
N LEU B 282 8.29 -2.74 25.33
CA LEU B 282 7.18 -3.27 24.54
C LEU B 282 6.17 -3.97 25.44
N ASP B 283 4.92 -4.03 24.97
CA ASP B 283 3.87 -4.73 25.69
C ASP B 283 3.13 -5.54 24.63
N ALA B 284 2.20 -6.41 25.04
CA ALA B 284 1.47 -7.25 24.11
C ALA B 284 0.93 -6.52 22.88
N GLY B 285 0.43 -5.32 23.07
CA GLY B 285 -0.13 -4.56 21.97
C GLY B 285 0.89 -4.14 20.92
N ASP B 286 2.18 -4.22 21.26
CA ASP B 286 3.22 -3.82 20.31
C ASP B 286 3.64 -4.95 19.38
N ILE B 287 3.28 -6.17 19.72
CA ILE B 287 3.66 -7.32 18.91
C ILE B 287 2.92 -7.34 17.58
N GLY B 288 3.67 -7.12 16.51
CA GLY B 288 3.10 -7.10 15.17
C GLY B 288 4.16 -6.62 14.19
N THR B 289 3.74 -6.25 12.99
CA THR B 289 4.70 -5.76 11.99
C THR B 289 4.71 -4.24 11.95
N GLU B 290 5.89 -3.66 12.13
CA GLU B 290 6.05 -2.21 12.08
C GLU B 290 6.47 -1.80 10.66
N PRO B 291 6.23 -0.54 10.29
CA PRO B 291 6.59 -0.02 8.97
C PRO B 291 8.07 -0.16 8.61
N GLU B 292 8.94 0.16 9.56
CA GLU B 292 10.39 0.09 9.34
C GLU B 292 11.11 -0.70 10.42
N ALA B 293 12.25 -1.28 10.09
CA ALA B 293 13.03 -2.04 11.07
C ALA B 293 13.67 -1.04 12.03
N GLY B 294 14.07 -1.53 13.20
CA GLY B 294 14.69 -0.67 14.20
C GLY B 294 16.11 -0.22 13.93
N GLN B 295 16.70 -0.69 12.84
CA GLN B 295 18.08 -0.32 12.48
C GLN B 295 18.14 -0.05 10.98
N ASP B 296 19.08 0.81 10.56
CA ASP B 296 19.24 1.15 9.15
C ASP B 296 19.99 0.09 8.37
N ALA B 297 19.93 0.19 7.06
CA ALA B 297 20.66 -0.72 6.19
C ALA B 297 22.15 -0.37 6.39
N TYR B 298 23.03 -1.28 5.97
CA TYR B 298 24.46 -1.08 6.16
C TYR B 298 25.10 0.19 5.63
N SER B 299 24.60 0.73 4.51
CA SER B 299 25.21 1.94 3.96
C SER B 299 25.18 3.15 4.91
N LEU B 300 24.40 3.03 5.98
CA LEU B 300 24.34 4.09 6.98
C LEU B 300 24.87 3.58 8.32
N ARG B 301 24.30 2.45 8.76
CA ARG B 301 24.67 1.86 10.03
C ARG B 301 26.13 1.41 10.15
N CYS B 302 26.70 0.91 9.06
CA CYS B 302 28.08 0.43 9.11
C CYS B 302 29.10 1.42 8.56
N ALA B 303 28.67 2.67 8.36
CA ALA B 303 29.57 3.69 7.83
C ALA B 303 30.85 3.85 8.66
N PRO B 304 30.74 3.89 9.99
CA PRO B 304 31.96 4.06 10.79
C PRO B 304 32.98 2.94 10.54
N GLN B 305 32.48 1.71 10.44
CA GLN B 305 33.35 0.55 10.23
C GLN B 305 33.97 0.52 8.82
N VAL B 306 33.20 0.87 7.81
CA VAL B 306 33.72 0.87 6.43
C VAL B 306 34.65 2.06 6.21
N LEU B 307 34.17 3.26 6.52
CA LEU B 307 34.99 4.45 6.37
C LEU B 307 36.24 4.33 7.24
N GLY B 308 36.06 3.79 8.44
CA GLY B 308 37.17 3.63 9.37
C GLY B 308 38.30 2.74 8.86
N ALA B 309 37.93 1.64 8.22
CA ALA B 309 38.92 0.72 7.68
C ALA B 309 39.73 1.46 6.61
N GLY B 310 39.04 2.26 5.83
CA GLY B 310 39.70 3.03 4.80
C GLY B 310 40.65 4.05 5.40
N PHE B 311 40.19 4.72 6.45
CA PHE B 311 41.03 5.72 7.10
C PHE B 311 42.25 5.06 7.74
N ASP B 312 42.09 3.85 8.25
CA ASP B 312 43.24 3.18 8.83
C ASP B 312 44.23 2.74 7.75
N THR B 313 43.73 2.46 6.55
CA THR B 313 44.62 2.07 5.45
C THR B 313 45.40 3.32 5.03
N LEU B 314 44.70 4.45 4.94
CA LEU B 314 45.34 5.70 4.56
C LEU B 314 46.39 6.11 5.60
N ALA B 315 46.07 5.88 6.88
CA ALA B 315 47.00 6.23 7.94
C ALA B 315 48.30 5.45 7.78
N TRP B 316 48.18 4.16 7.43
CA TRP B 316 49.36 3.31 7.24
C TRP B 316 50.14 3.81 6.03
N HIS B 317 49.42 4.08 4.96
CA HIS B 317 50.00 4.60 3.71
C HIS B 317 50.82 5.86 4.01
N ASP B 318 50.25 6.78 4.78
CA ASP B 318 50.94 8.03 5.11
C ASP B 318 52.15 7.85 6.04
N ARG B 319 52.07 6.89 6.97
CA ARG B 319 53.19 6.65 7.87
C ARG B 319 54.39 6.19 7.05
N VAL B 320 54.13 5.24 6.15
CA VAL B 320 55.17 4.71 5.29
C VAL B 320 55.68 5.79 4.33
N LEU B 321 54.77 6.54 3.73
CA LEU B 321 55.16 7.58 2.79
C LEU B 321 55.98 8.67 3.47
N THR B 322 55.66 8.98 4.73
CA THR B 322 56.42 10.00 5.45
C THR B 322 57.87 9.56 5.57
N ILE B 323 58.10 8.30 5.90
CA ILE B 323 59.46 7.78 6.03
C ILE B 323 60.18 7.80 4.68
N GLU B 324 59.48 7.35 3.64
CA GLU B 324 60.06 7.29 2.30
C GLU B 324 60.40 8.67 1.72
N LEU B 325 59.57 9.66 2.02
CA LEU B 325 59.78 11.02 1.52
C LEU B 325 61.05 11.63 2.11
N ASN B 326 61.29 11.35 3.39
CA ASN B 326 62.43 11.89 4.08
C ASN B 326 63.66 11.01 4.11
N ALA B 327 63.64 9.92 3.37
CA ALA B 327 64.76 9.00 3.33
C ALA B 327 65.66 9.25 2.13
N VAL B 328 66.84 8.64 2.17
CA VAL B 328 67.76 8.75 1.06
C VAL B 328 67.53 7.54 0.16
N THR B 329 66.87 7.75 -0.97
CA THR B 329 66.65 6.66 -1.91
C THR B 329 67.57 6.98 -3.07
N ASP B 330 68.76 6.41 -3.01
CA ASP B 330 69.78 6.64 -4.02
C ASP B 330 70.79 5.52 -3.89
N ASN B 331 71.54 5.31 -4.97
CA ASN B 331 72.60 4.32 -4.97
C ASN B 331 73.60 4.74 -6.04
N PRO B 332 74.88 4.82 -5.67
CA PRO B 332 75.39 4.55 -4.34
C PRO B 332 75.15 5.73 -3.39
N VAL B 333 75.56 5.59 -2.12
CA VAL B 333 75.40 6.69 -1.19
C VAL B 333 76.76 6.98 -0.54
N PHE B 334 76.93 8.21 -0.06
CA PHE B 334 78.18 8.61 0.55
C PHE B 334 77.89 8.99 1.99
N PRO B 335 78.24 8.09 2.92
CA PRO B 335 78.05 8.22 4.37
C PRO B 335 78.66 9.52 4.91
N PRO B 336 77.84 10.36 5.56
CA PRO B 336 78.27 11.63 6.13
C PRO B 336 79.39 11.49 7.16
N ASP B 337 79.38 10.40 7.91
CA ASP B 337 80.42 10.18 8.92
C ASP B 337 81.80 9.93 8.32
N GLY B 338 81.82 9.51 7.06
CA GLY B 338 83.09 9.25 6.39
C GLY B 338 83.69 7.89 6.72
N SER B 339 82.86 6.98 7.22
CA SER B 339 83.32 5.64 7.57
C SER B 339 83.90 4.93 6.34
N VAL B 340 83.22 5.06 5.21
CA VAL B 340 83.67 4.46 3.95
C VAL B 340 83.47 5.50 2.86
N PRO B 341 84.20 5.38 1.75
CA PRO B 341 84.04 6.37 0.68
C PRO B 341 82.62 6.33 0.11
N ALA B 342 82.02 5.15 0.11
CA ALA B 342 80.66 4.98 -0.41
C ALA B 342 80.09 3.61 -0.10
N LEU B 343 78.77 3.48 -0.23
CA LEU B 343 78.08 2.23 0.01
C LEU B 343 77.16 1.90 -1.16
N HIS B 344 77.20 0.64 -1.59
CA HIS B 344 76.37 0.18 -2.71
C HIS B 344 75.27 -0.76 -2.21
N GLY B 345 74.02 -0.40 -2.51
CA GLY B 345 72.90 -1.22 -2.09
C GLY B 345 71.68 -1.06 -2.98
N GLY B 346 70.50 -1.24 -2.40
CA GLY B 346 69.27 -1.13 -3.17
C GLY B 346 68.20 -0.20 -2.62
N ASN B 347 68.60 0.93 -2.04
CA ASN B 347 67.63 1.87 -1.49
C ASN B 347 66.73 2.53 -2.53
N PHE B 348 66.89 2.16 -3.80
CA PHE B 348 66.07 2.70 -4.87
C PHE B 348 64.87 1.77 -5.13
N MET B 349 64.84 0.63 -4.45
CA MET B 349 63.76 -0.34 -4.62
C MET B 349 62.49 0.18 -3.92
N GLY B 350 61.51 0.60 -4.72
CA GLY B 350 60.29 1.15 -4.15
C GLY B 350 59.19 0.18 -3.75
N GLN B 351 59.56 -0.93 -3.09
CA GLN B 351 58.57 -1.90 -2.68
C GLN B 351 57.58 -1.37 -1.63
N HIS B 352 58.05 -0.46 -0.77
CA HIS B 352 57.20 0.11 0.26
C HIS B 352 56.06 0.95 -0.30
N VAL B 353 56.35 1.86 -1.23
CA VAL B 353 55.29 2.66 -1.83
C VAL B 353 54.42 1.80 -2.74
N ALA B 354 55.02 0.76 -3.33
CA ALA B 354 54.26 -0.12 -4.21
C ALA B 354 53.17 -0.83 -3.42
N LEU B 355 53.54 -1.40 -2.28
CA LEU B 355 52.57 -2.13 -1.47
C LEU B 355 51.54 -1.23 -0.80
N THR B 356 51.95 -0.07 -0.33
CA THR B 356 50.99 0.83 0.30
C THR B 356 50.06 1.45 -0.74
N SER B 357 50.56 1.70 -1.96
CA SER B 357 49.69 2.27 -2.99
C SER B 357 48.62 1.24 -3.38
N ASP B 358 49.03 -0.02 -3.51
CA ASP B 358 48.08 -1.07 -3.86
C ASP B 358 47.02 -1.22 -2.77
N ALA B 359 47.46 -1.12 -1.51
CA ALA B 359 46.54 -1.25 -0.39
C ALA B 359 45.56 -0.09 -0.36
N LEU B 360 46.06 1.12 -0.57
CA LEU B 360 45.20 2.30 -0.59
C LEU B 360 44.23 2.22 -1.75
N ALA B 361 44.68 1.65 -2.87
CA ALA B 361 43.84 1.52 -4.06
C ALA B 361 42.62 0.66 -3.74
N THR B 362 42.86 -0.44 -3.03
CA THR B 362 41.77 -1.34 -2.66
C THR B 362 40.79 -0.62 -1.73
N ALA B 363 41.32 0.11 -0.75
CA ALA B 363 40.49 0.84 0.19
C ALA B 363 39.64 1.89 -0.53
N VAL B 364 40.22 2.55 -1.52
CA VAL B 364 39.50 3.58 -2.27
C VAL B 364 38.34 2.94 -3.03
N THR B 365 38.59 1.78 -3.61
CA THR B 365 37.57 1.06 -4.36
C THR B 365 36.43 0.65 -3.43
N VAL B 366 36.78 0.23 -2.21
CA VAL B 366 35.78 -0.18 -1.23
C VAL B 366 34.92 1.03 -0.83
N LEU B 367 35.56 2.17 -0.58
CA LEU B 367 34.81 3.36 -0.19
C LEU B 367 33.98 3.92 -1.34
N ALA B 368 34.49 3.81 -2.56
CA ALA B 368 33.73 4.28 -3.71
C ALA B 368 32.49 3.42 -3.85
N GLY B 369 32.63 2.14 -3.50
CA GLY B 369 31.51 1.22 -3.57
C GLY B 369 30.42 1.61 -2.57
N LEU B 370 30.85 2.13 -1.43
CA LEU B 370 29.90 2.59 -0.42
C LEU B 370 29.09 3.78 -0.96
N ALA B 371 29.78 4.76 -1.53
CA ALA B 371 29.08 5.93 -2.08
C ALA B 371 28.15 5.52 -3.22
N GLU B 372 28.58 4.54 -4.02
CA GLU B 372 27.77 4.08 -5.14
C GLU B 372 26.48 3.44 -4.62
N ARG B 373 26.56 2.66 -3.55
CA ARG B 373 25.37 2.04 -2.97
C ARG B 373 24.49 3.09 -2.27
N GLN B 374 25.12 4.14 -1.74
CA GLN B 374 24.37 5.20 -1.09
C GLN B 374 23.52 5.93 -2.14
N ILE B 375 24.10 6.13 -3.33
CA ILE B 375 23.38 6.78 -4.42
C ILE B 375 22.24 5.86 -4.85
N ALA B 376 22.54 4.56 -4.99
CA ALA B 376 21.55 3.59 -5.41
C ALA B 376 20.34 3.51 -4.48
N ARG B 377 20.58 3.67 -3.18
CA ARG B 377 19.49 3.62 -2.21
C ARG B 377 18.68 4.92 -2.21
N LEU B 378 19.38 6.04 -2.23
CA LEU B 378 18.74 7.35 -2.22
C LEU B 378 17.81 7.60 -3.42
N THR B 379 18.17 7.05 -4.58
CA THR B 379 17.39 7.26 -5.80
C THR B 379 16.32 6.19 -6.09
N ASP B 380 16.25 5.17 -5.26
CA ASP B 380 15.28 4.09 -5.47
C ASP B 380 13.99 4.40 -4.71
N GLU B 381 12.92 4.73 -5.44
CA GLU B 381 11.65 5.06 -4.82
C GLU B 381 11.13 4.00 -3.85
N ARG B 382 11.63 2.77 -3.98
CA ARG B 382 11.22 1.70 -3.09
C ARG B 382 12.07 1.65 -1.82
N LEU B 383 13.17 2.38 -1.81
CA LEU B 383 14.08 2.37 -0.66
C LEU B 383 14.33 3.75 -0.04
N ASN B 384 13.99 4.82 -0.76
CA ASN B 384 14.27 6.17 -0.26
C ASN B 384 13.22 6.80 0.65
N ARG B 385 12.36 5.96 1.21
CA ARG B 385 11.33 6.42 2.14
C ARG B 385 10.53 7.66 1.77
N GLY B 386 9.87 7.63 0.61
CA GLY B 386 9.03 8.75 0.24
C GLY B 386 9.54 9.77 -0.77
N LEU B 387 10.82 9.72 -1.10
CA LEU B 387 11.35 10.66 -2.07
C LEU B 387 10.97 10.25 -3.49
N PRO B 388 10.93 11.21 -4.42
CA PRO B 388 10.57 10.90 -5.82
C PRO B 388 11.59 9.95 -6.44
N PRO B 389 11.15 9.13 -7.40
CA PRO B 389 12.10 8.21 -8.03
C PRO B 389 13.18 9.02 -8.76
N PHE B 390 14.43 8.72 -8.43
CA PHE B 390 15.59 9.39 -9.01
C PHE B 390 15.58 10.89 -8.74
N LEU B 391 14.91 11.26 -7.65
CA LEU B 391 14.82 12.63 -7.18
C LEU B 391 14.44 13.65 -8.23
N HIS B 392 13.55 13.27 -9.15
CA HIS B 392 13.14 14.19 -10.19
C HIS B 392 12.18 15.24 -9.64
N ARG B 393 12.01 16.30 -10.41
CA ARG B 393 11.06 17.35 -10.09
C ARG B 393 10.24 17.43 -11.38
N GLY B 394 9.05 18.04 -11.31
CA GLY B 394 8.23 18.12 -12.50
C GLY B 394 7.42 16.84 -12.61
N PRO B 395 6.70 16.63 -13.74
CA PRO B 395 5.92 15.40 -13.88
C PRO B 395 6.79 14.15 -14.03
N ALA B 396 6.46 13.10 -13.28
CA ALA B 396 7.20 11.84 -13.33
C ALA B 396 6.94 11.15 -14.65
N GLY B 397 7.98 10.56 -15.23
CA GLY B 397 7.84 9.91 -16.52
C GLY B 397 8.44 10.85 -17.55
N LEU B 398 7.89 12.06 -17.63
CA LEU B 398 8.41 13.06 -18.56
C LEU B 398 9.78 13.45 -18.06
N ASN B 399 9.93 13.43 -16.73
CA ASN B 399 11.18 13.76 -16.08
C ASN B 399 11.71 12.53 -15.37
N SER B 400 13.01 12.30 -15.50
CA SER B 400 13.65 11.15 -14.89
C SER B 400 14.71 11.55 -13.88
N GLY B 401 14.92 12.85 -13.73
CA GLY B 401 15.90 13.36 -12.76
C GLY B 401 17.33 12.86 -12.88
N PHE B 402 17.81 12.22 -11.83
CA PHE B 402 19.18 11.70 -11.81
C PHE B 402 19.29 10.26 -12.29
N MET B 403 18.28 9.74 -12.99
CA MET B 403 18.36 8.35 -13.44
C MET B 403 19.57 8.03 -14.28
N GLY B 404 19.98 8.96 -15.13
CA GLY B 404 21.14 8.73 -15.96
C GLY B 404 22.40 8.79 -15.13
N ALA B 405 22.48 9.76 -14.24
CA ALA B 405 23.64 9.93 -13.37
C ALA B 405 23.85 8.75 -12.43
N GLN B 406 22.76 8.13 -11.98
CA GLN B 406 22.86 7.00 -11.07
C GLN B 406 23.57 5.85 -11.76
N VAL B 407 23.24 5.63 -13.04
CA VAL B 407 23.86 4.56 -13.82
C VAL B 407 25.33 4.89 -14.08
N THR B 408 25.62 6.16 -14.28
CA THR B 408 27.00 6.60 -14.52
C THR B 408 27.86 6.29 -13.30
N ALA B 409 27.30 6.46 -12.11
CA ALA B 409 28.05 6.17 -10.89
C ALA B 409 28.43 4.68 -10.86
N THR B 410 27.48 3.82 -11.22
CA THR B 410 27.72 2.39 -11.23
C THR B 410 28.82 2.03 -12.27
N ALA B 411 28.75 2.67 -13.43
CA ALA B 411 29.73 2.44 -14.49
C ALA B 411 31.14 2.81 -14.04
N LEU B 412 31.25 3.94 -13.33
CA LEU B 412 32.56 4.38 -12.84
C LEU B 412 33.13 3.37 -11.82
N LEU B 413 32.28 2.86 -10.95
CA LEU B 413 32.73 1.88 -9.96
C LEU B 413 33.15 0.57 -10.63
N ALA B 414 32.35 0.11 -11.58
CA ALA B 414 32.64 -1.13 -12.29
C ALA B 414 34.03 -1.07 -12.92
N GLU B 415 34.35 0.08 -13.51
CA GLU B 415 35.66 0.25 -14.16
C GLU B 415 36.78 0.21 -13.13
N MET B 416 36.56 0.84 -11.97
CA MET B 416 37.55 0.84 -10.90
C MET B 416 37.92 -0.59 -10.52
N ARG B 417 36.92 -1.45 -10.39
CA ARG B 417 37.14 -2.83 -9.99
C ARG B 417 37.91 -3.69 -11.00
N ALA B 418 37.95 -3.27 -12.25
CA ALA B 418 38.62 -4.04 -13.30
C ALA B 418 40.14 -4.07 -13.17
N THR B 419 40.69 -3.15 -12.40
CA THR B 419 42.13 -3.06 -12.22
C THR B 419 42.56 -3.47 -10.81
N GLY B 420 43.55 -4.36 -10.72
CA GLY B 420 44.02 -4.81 -9.43
C GLY B 420 45.39 -4.29 -9.04
N PRO B 421 46.03 -4.87 -8.00
CA PRO B 421 47.36 -4.45 -7.54
C PRO B 421 48.40 -4.53 -8.64
N ALA B 422 49.33 -3.58 -8.65
CA ALA B 422 50.39 -3.57 -9.66
C ALA B 422 51.59 -4.38 -9.21
N SER B 423 51.83 -4.38 -7.90
CA SER B 423 52.98 -5.05 -7.27
C SER B 423 53.21 -6.53 -7.55
N ILE B 424 52.15 -7.27 -7.82
CA ILE B 424 52.31 -8.70 -8.05
C ILE B 424 52.85 -9.08 -9.42
N HIS B 425 53.07 -8.10 -10.28
CA HIS B 425 53.52 -8.38 -11.64
C HIS B 425 54.99 -8.20 -11.94
N SER B 426 55.85 -8.40 -10.95
CA SER B 426 57.27 -8.25 -11.16
C SER B 426 57.74 -9.22 -12.23
N ILE B 427 58.59 -8.73 -13.13
CA ILE B 427 59.14 -9.51 -14.22
C ILE B 427 60.63 -9.19 -14.29
N SER B 428 61.45 -10.23 -14.31
CA SER B 428 62.90 -10.08 -14.38
C SER B 428 63.27 -9.34 -15.66
N THR B 429 64.05 -8.28 -15.52
CA THR B 429 64.43 -7.49 -16.70
C THR B 429 65.88 -6.99 -16.58
N ASN B 430 66.31 -6.17 -17.53
CA ASN B 430 67.68 -5.63 -17.51
C ASN B 430 68.67 -6.79 -17.54
N ALA B 431 68.42 -7.75 -18.44
CA ALA B 431 69.27 -8.93 -18.58
C ALA B 431 69.40 -9.67 -17.25
N ALA B 432 68.26 -9.80 -16.58
CA ALA B 432 68.16 -10.48 -15.28
C ALA B 432 68.87 -9.78 -14.11
N ASN B 433 69.47 -8.61 -14.35
CA ASN B 433 70.13 -7.89 -13.26
C ASN B 433 69.04 -7.37 -12.30
N GLN B 434 67.94 -6.93 -12.89
CA GLN B 434 66.83 -6.43 -12.10
C GLN B 434 65.84 -7.59 -12.06
N ASP B 435 66.23 -8.70 -11.43
CA ASP B 435 65.35 -9.85 -11.46
C ASP B 435 64.06 -9.69 -10.67
N VAL B 436 64.00 -8.69 -9.80
CA VAL B 436 62.77 -8.39 -9.06
C VAL B 436 62.61 -6.87 -9.11
N VAL B 437 61.40 -6.40 -9.40
CA VAL B 437 61.14 -4.96 -9.46
C VAL B 437 59.85 -4.64 -8.70
N SER B 438 59.72 -3.40 -8.24
CA SER B 438 58.56 -3.03 -7.42
C SER B 438 57.30 -2.54 -8.14
N LEU B 439 57.47 -1.94 -9.32
CA LEU B 439 56.34 -1.40 -10.08
C LEU B 439 55.57 -0.39 -9.21
N GLY B 440 56.29 0.24 -8.28
CA GLY B 440 55.66 1.21 -7.39
C GLY B 440 55.06 2.43 -8.08
N THR B 441 55.71 2.87 -9.15
CA THR B 441 55.22 4.02 -9.89
C THR B 441 53.88 3.68 -10.55
N ILE B 442 53.79 2.46 -11.08
CA ILE B 442 52.57 1.99 -11.73
C ILE B 442 51.49 1.87 -10.65
N ALA B 443 51.86 1.31 -9.51
CA ALA B 443 50.93 1.15 -8.40
C ALA B 443 50.36 2.50 -7.95
N ALA B 444 51.21 3.50 -7.82
CA ALA B 444 50.77 4.81 -7.39
C ALA B 444 49.85 5.45 -8.41
N ARG B 445 50.18 5.28 -9.69
CA ARG B 445 49.38 5.83 -10.78
C ARG B 445 48.00 5.16 -10.85
N LEU B 446 47.96 3.84 -10.65
CA LEU B 446 46.69 3.13 -10.69
C LEU B 446 45.82 3.59 -9.53
N CYS B 447 46.45 3.85 -8.39
CA CYS B 447 45.73 4.33 -7.22
C CYS B 447 45.16 5.72 -7.50
N ARG B 448 45.94 6.55 -8.20
CA ARG B 448 45.47 7.89 -8.54
C ARG B 448 44.22 7.83 -9.41
N GLU B 449 44.22 6.93 -10.38
CA GLU B 449 43.05 6.78 -11.26
C GLU B 449 41.81 6.42 -10.47
N LYS B 450 41.96 5.54 -9.49
CA LYS B 450 40.82 5.12 -8.67
C LYS B 450 40.34 6.28 -7.80
N ILE B 451 41.27 7.11 -7.35
CA ILE B 451 40.91 8.26 -6.54
C ILE B 451 40.08 9.21 -7.41
N ASP B 452 40.45 9.35 -8.69
CA ASP B 452 39.71 10.22 -9.58
C ASP B 452 38.28 9.73 -9.83
N ARG B 453 38.12 8.42 -9.94
CA ARG B 453 36.79 7.85 -10.16
C ARG B 453 35.95 8.04 -8.90
N TRP B 454 36.58 7.89 -7.75
CA TRP B 454 35.89 8.05 -6.46
C TRP B 454 35.37 9.49 -6.32
N ALA B 455 36.15 10.46 -6.78
CA ALA B 455 35.73 11.85 -6.70
C ALA B 455 34.50 12.09 -7.56
N GLU B 456 34.43 11.42 -8.71
CA GLU B 456 33.29 11.57 -9.60
C GLU B 456 32.05 10.93 -8.99
N ILE B 457 32.20 9.78 -8.34
CA ILE B 457 31.08 9.10 -7.72
C ILE B 457 30.55 9.96 -6.56
N LEU B 458 31.47 10.51 -5.77
CA LEU B 458 31.09 11.38 -4.64
C LEU B 458 30.41 12.64 -5.17
N ALA B 459 30.87 13.11 -6.33
CA ALA B 459 30.28 14.31 -6.94
C ALA B 459 28.82 14.04 -7.28
N ILE B 460 28.55 12.86 -7.84
CA ILE B 460 27.17 12.50 -8.18
C ILE B 460 26.34 12.39 -6.90
N LEU B 461 26.92 11.80 -5.87
CA LEU B 461 26.21 11.65 -4.60
C LEU B 461 25.88 13.05 -4.05
N ALA B 462 26.85 13.95 -4.10
CA ALA B 462 26.66 15.29 -3.59
C ALA B 462 25.52 16.03 -4.30
N LEU B 463 25.48 15.92 -5.63
CA LEU B 463 24.42 16.59 -6.38
C LEU B 463 23.08 15.96 -6.05
N CYS B 464 23.06 14.64 -5.89
CA CYS B 464 21.83 13.95 -5.54
C CYS B 464 21.33 14.40 -4.18
N LEU B 465 22.23 14.49 -3.21
CA LEU B 465 21.83 14.89 -1.86
C LEU B 465 21.34 16.34 -1.77
N ALA B 466 21.93 17.23 -2.55
CA ALA B 466 21.50 18.62 -2.53
C ALA B 466 20.03 18.64 -2.96
N GLN B 467 19.71 17.88 -4.00
CA GLN B 467 18.35 17.82 -4.50
C GLN B 467 17.44 17.13 -3.48
N ALA B 468 17.93 16.02 -2.92
CA ALA B 468 17.17 15.25 -1.95
C ALA B 468 16.81 16.09 -0.72
N ALA B 469 17.78 16.84 -0.21
CA ALA B 469 17.56 17.68 0.96
C ALA B 469 16.46 18.70 0.73
N GLU B 470 16.42 19.27 -0.47
CA GLU B 470 15.40 20.26 -0.80
C GLU B 470 14.03 19.61 -0.99
N LEU B 471 14.02 18.40 -1.56
CA LEU B 471 12.76 17.69 -1.76
C LEU B 471 12.18 17.28 -0.41
N ARG B 472 13.06 16.81 0.47
CA ARG B 472 12.64 16.36 1.80
C ARG B 472 12.29 17.49 2.76
N CYS B 473 13.13 18.53 2.79
CA CYS B 473 12.93 19.62 3.75
C CYS B 473 12.56 21.00 3.20
N GLY B 474 12.29 21.08 1.90
CA GLY B 474 11.93 22.35 1.30
C GLY B 474 13.19 23.15 0.99
N SER B 475 13.06 24.17 0.14
CA SER B 475 14.20 24.99 -0.22
C SER B 475 14.86 25.63 1.00
N GLY B 476 14.08 25.79 2.07
CA GLY B 476 14.61 26.38 3.28
C GLY B 476 15.42 25.40 4.12
N LEU B 477 15.43 24.14 3.71
CA LEU B 477 16.17 23.10 4.41
C LEU B 477 15.83 23.06 5.89
N ASP B 478 14.52 23.10 6.19
CA ASP B 478 14.05 23.08 7.56
C ASP B 478 14.41 21.79 8.29
N GLY B 479 15.09 21.93 9.43
CA GLY B 479 15.48 20.76 10.20
C GLY B 479 16.85 20.23 9.87
N VAL B 480 17.43 20.67 8.76
CA VAL B 480 18.76 20.20 8.39
C VAL B 480 19.79 20.83 9.32
N SER B 481 20.81 20.04 9.68
CA SER B 481 21.87 20.50 10.57
C SER B 481 22.61 21.71 9.99
N PRO B 482 23.29 22.49 10.85
CA PRO B 482 24.03 23.66 10.37
C PRO B 482 25.06 23.26 9.32
N ALA B 483 25.83 22.22 9.61
CA ALA B 483 26.85 21.74 8.70
C ALA B 483 26.21 21.33 7.37
N GLY B 484 25.10 20.61 7.45
CA GLY B 484 24.41 20.18 6.24
C GLY B 484 23.90 21.35 5.42
N LYS B 485 23.35 22.35 6.11
CA LYS B 485 22.84 23.54 5.43
C LYS B 485 23.95 24.25 4.68
N LYS B 486 25.09 24.41 5.34
CA LYS B 486 26.24 25.09 4.76
C LYS B 486 26.76 24.37 3.51
N LEU B 487 26.78 23.04 3.58
CA LEU B 487 27.26 22.24 2.45
C LEU B 487 26.33 22.38 1.24
N VAL B 488 25.03 22.23 1.45
CA VAL B 488 24.08 22.35 0.34
C VAL B 488 24.11 23.78 -0.22
N GLN B 489 24.14 24.76 0.67
CA GLN B 489 24.16 26.17 0.26
C GLN B 489 25.39 26.44 -0.62
N ALA B 490 26.55 25.94 -0.20
CA ALA B 490 27.77 26.14 -0.94
C ALA B 490 27.68 25.49 -2.34
N LEU B 491 27.10 24.30 -2.40
CA LEU B 491 26.95 23.62 -3.69
C LEU B 491 26.05 24.42 -4.62
N ARG B 492 24.95 24.92 -4.07
CA ARG B 492 23.97 25.68 -4.84
C ARG B 492 24.52 27.01 -5.35
N GLU B 493 25.66 27.43 -4.83
CA GLU B 493 26.27 28.68 -5.29
C GLU B 493 26.77 28.51 -6.72
N GLN B 494 27.10 27.27 -7.07
CA GLN B 494 27.61 26.97 -8.42
C GLN B 494 26.78 25.96 -9.20
N PHE B 495 26.05 25.10 -8.48
CA PHE B 495 25.22 24.06 -9.11
C PHE B 495 23.75 24.22 -8.77
N PRO B 496 22.94 24.65 -9.75
CA PRO B 496 21.50 24.88 -9.61
C PRO B 496 20.67 23.61 -9.38
N PRO B 497 19.48 23.76 -8.78
CA PRO B 497 18.59 22.63 -8.51
C PRO B 497 18.18 22.02 -9.85
N LEU B 498 17.82 20.75 -9.85
CA LEU B 498 17.39 20.07 -11.06
C LEU B 498 15.88 20.17 -11.14
N GLU B 499 15.40 21.32 -11.62
CA GLU B 499 13.96 21.56 -11.74
C GLU B 499 13.41 20.80 -12.94
N THR B 500 14.28 20.57 -13.93
CA THR B 500 13.91 19.82 -15.12
C THR B 500 15.16 19.08 -15.59
N ASP B 501 14.97 18.00 -16.34
CA ASP B 501 16.09 17.20 -16.82
C ASP B 501 17.08 17.99 -17.67
N ARG B 502 18.38 17.81 -17.39
CA ARG B 502 19.44 18.49 -18.15
C ARG B 502 20.73 17.68 -18.10
N PRO B 503 21.67 17.94 -19.04
CA PRO B 503 22.95 17.23 -19.09
C PRO B 503 23.73 17.53 -17.81
N LEU B 504 24.16 16.49 -17.12
CA LEU B 504 24.90 16.67 -15.86
C LEU B 504 26.38 16.35 -15.97
N GLY B 505 26.79 15.75 -17.09
CA GLY B 505 28.17 15.38 -17.28
C GLY B 505 29.22 16.42 -16.93
N GLN B 506 29.08 17.63 -17.46
CA GLN B 506 30.05 18.68 -17.20
C GLN B 506 30.06 19.12 -15.73
N GLU B 507 28.88 19.17 -15.12
CA GLU B 507 28.78 19.55 -13.72
C GLU B 507 29.44 18.51 -12.83
N ILE B 508 29.19 17.23 -13.10
CA ILE B 508 29.81 16.15 -12.33
C ILE B 508 31.32 16.29 -12.40
N ALA B 509 31.86 16.49 -13.60
CA ALA B 509 33.29 16.63 -13.78
C ALA B 509 33.82 17.85 -13.04
N ALA B 510 33.09 18.95 -13.10
CA ALA B 510 33.52 20.17 -12.42
C ALA B 510 33.54 19.97 -10.91
N LEU B 511 32.47 19.40 -10.37
CA LEU B 511 32.40 19.18 -8.94
C LEU B 511 33.50 18.23 -8.48
N ALA B 512 33.75 17.18 -9.25
CA ALA B 512 34.78 16.21 -8.87
C ALA B 512 36.14 16.90 -8.71
N THR B 513 36.46 17.82 -9.61
CA THR B 513 37.72 18.54 -9.53
C THR B 513 37.83 19.28 -8.21
N HIS B 514 36.72 19.87 -7.77
CA HIS B 514 36.68 20.62 -6.52
C HIS B 514 36.86 19.69 -5.31
N LEU B 515 36.14 18.58 -5.31
CA LEU B 515 36.21 17.63 -4.20
C LEU B 515 37.63 17.17 -3.88
N LEU B 516 38.44 16.98 -4.92
CA LEU B 516 39.82 16.53 -4.77
C LEU B 516 40.75 17.54 -4.11
N GLN B 517 40.35 18.82 -4.14
CA GLN B 517 41.19 19.88 -3.59
C GLN B 517 40.72 20.58 -2.33
N GLN B 518 39.44 20.46 -1.99
CA GLN B 518 38.91 21.11 -0.81
C GLN B 518 37.88 20.27 -0.09
N SER B 519 37.81 20.43 1.22
CA SER B 519 36.87 19.70 2.03
C SER B 519 35.67 20.58 2.40
N PRO B 520 34.56 19.95 2.79
CA PRO B 520 33.35 20.70 3.16
C PRO B 520 33.49 21.23 4.58
N VAL B 521 33.61 22.54 4.72
CA VAL B 521 33.73 23.15 6.04
C VAL B 521 33.00 24.49 6.03
N LYS C 8 51.46 -28.78 30.11
CA LYS C 8 50.96 -27.85 29.06
C LYS C 8 50.73 -26.46 29.63
N PRO C 9 51.36 -25.43 29.04
CA PRO C 9 51.23 -24.04 29.49
C PRO C 9 49.77 -23.61 29.52
N ALA C 10 49.48 -22.53 30.24
CA ALA C 10 48.12 -22.03 30.34
C ALA C 10 48.03 -20.54 30.04
N VAL C 11 47.05 -20.15 29.23
CA VAL C 11 46.86 -18.74 28.90
C VAL C 11 45.66 -18.27 29.68
N GLU C 12 45.88 -17.27 30.54
CA GLU C 12 44.80 -16.73 31.35
C GLU C 12 44.19 -15.54 30.62
N LEU C 13 42.93 -15.69 30.25
CA LEU C 13 42.22 -14.66 29.51
C LEU C 13 41.44 -13.70 30.40
N ASP C 14 41.86 -12.45 30.41
CA ASP C 14 41.15 -11.44 31.17
C ASP C 14 40.53 -10.48 30.15
N ARG C 15 41.31 -9.50 29.70
CA ARG C 15 40.83 -8.53 28.72
C ARG C 15 41.56 -8.59 27.39
N HIS C 16 42.89 -8.70 27.47
CA HIS C 16 43.74 -8.72 26.29
C HIS C 16 44.58 -9.97 26.14
N ILE C 17 44.71 -10.43 24.90
CA ILE C 17 45.51 -11.60 24.59
C ILE C 17 46.27 -11.22 23.32
N ASP C 18 47.57 -11.52 23.26
CA ASP C 18 48.34 -11.16 22.06
C ASP C 18 48.22 -12.27 21.03
N LEU C 19 48.71 -12.02 19.82
CA LEU C 19 48.60 -13.02 18.75
C LEU C 19 49.32 -14.34 19.04
N ASP C 20 50.42 -14.31 19.77
CA ASP C 20 51.13 -15.55 20.07
C ASP C 20 50.35 -16.39 21.06
N GLN C 21 49.79 -15.75 22.09
CA GLN C 21 49.00 -16.48 23.06
C GLN C 21 47.79 -17.09 22.35
N ALA C 22 47.20 -16.32 21.43
CA ALA C 22 46.03 -16.80 20.69
C ALA C 22 46.34 -18.06 19.92
N HIS C 23 47.40 -18.03 19.11
CA HIS C 23 47.76 -19.19 18.33
C HIS C 23 48.16 -20.38 19.19
N ALA C 24 48.78 -20.10 20.34
CA ALA C 24 49.20 -21.16 21.26
C ALA C 24 47.97 -21.95 21.73
N VAL C 25 46.87 -21.24 21.98
CA VAL C 25 45.64 -21.91 22.41
C VAL C 25 44.98 -22.60 21.22
N ALA C 26 44.89 -21.89 20.09
CA ALA C 26 44.28 -22.47 18.90
C ALA C 26 44.99 -23.74 18.42
N SER C 27 46.32 -23.77 18.54
CA SER C 27 47.10 -24.92 18.09
C SER C 27 47.20 -26.01 19.16
N GLY C 28 46.56 -25.78 20.31
CA GLY C 28 46.59 -26.77 21.37
C GLY C 28 47.87 -26.77 22.19
N GLY C 29 48.75 -25.82 21.92
CA GLY C 29 50.02 -25.75 22.65
C GLY C 29 49.85 -25.25 24.08
N ALA C 30 48.70 -24.65 24.37
CA ALA C 30 48.43 -24.15 25.70
C ALA C 30 46.96 -24.28 26.03
N ARG C 31 46.66 -24.46 27.32
CA ARG C 31 45.28 -24.56 27.78
C ARG C 31 44.80 -23.13 27.96
N ILE C 32 43.49 -22.95 28.13
CA ILE C 32 42.96 -21.61 28.32
C ILE C 32 42.12 -21.56 29.57
N VAL C 33 42.25 -20.46 30.31
CA VAL C 33 41.51 -20.26 31.55
C VAL C 33 40.96 -18.84 31.57
N LEU C 34 39.72 -18.69 32.01
CA LEU C 34 39.11 -17.37 32.08
C LEU C 34 39.43 -16.76 33.45
N ALA C 35 40.17 -15.67 33.45
CA ALA C 35 40.56 -14.99 34.68
C ALA C 35 39.33 -14.54 35.46
N PRO C 36 39.42 -14.56 36.81
CA PRO C 36 38.32 -14.14 37.69
C PRO C 36 37.66 -12.83 37.27
N PRO C 37 38.46 -11.79 36.95
CA PRO C 37 37.86 -10.51 36.55
C PRO C 37 36.95 -10.65 35.33
N ALA C 38 37.35 -11.50 34.39
CA ALA C 38 36.56 -11.72 33.19
C ALA C 38 35.26 -12.45 33.51
N ARG C 39 35.35 -13.47 34.35
CA ARG C 39 34.16 -14.22 34.75
C ARG C 39 33.18 -13.26 35.41
N ASP C 40 33.70 -12.37 36.25
CA ASP C 40 32.85 -11.39 36.94
C ASP C 40 32.16 -10.46 35.96
N ARG C 41 32.90 -9.92 35.00
CA ARG C 41 32.33 -9.02 34.01
C ARG C 41 31.27 -9.72 33.17
N CYS C 42 31.51 -11.00 32.88
CA CYS C 42 30.57 -11.75 32.07
C CYS C 42 29.29 -12.06 32.84
N ARG C 43 29.44 -12.39 34.13
CA ARG C 43 28.27 -12.66 34.97
C ARG C 43 27.44 -11.38 35.05
N ALA C 44 28.11 -10.24 35.17
CA ALA C 44 27.42 -8.96 35.26
C ALA C 44 26.63 -8.66 33.98
N SER C 45 27.21 -9.04 32.84
CA SER C 45 26.56 -8.82 31.54
C SER C 45 25.35 -9.74 31.41
N GLU C 46 25.50 -10.96 31.91
CA GLU C 46 24.43 -11.97 31.87
C GLU C 46 23.25 -11.43 32.68
N ALA C 47 23.55 -10.80 33.81
CA ALA C 47 22.53 -10.22 34.68
C ALA C 47 21.84 -9.09 33.93
N ARG C 48 22.61 -8.32 33.17
CA ARG C 48 22.08 -7.22 32.39
C ARG C 48 21.13 -7.69 31.30
N LEU C 49 21.53 -8.73 30.56
CA LEU C 49 20.68 -9.27 29.49
C LEU C 49 19.36 -9.72 30.14
N GLY C 50 19.47 -10.42 31.27
CA GLY C 50 18.28 -10.88 31.96
C GLY C 50 17.32 -9.75 32.26
N ALA C 51 17.86 -8.62 32.68
CA ALA C 51 17.07 -7.44 32.99
C ALA C 51 16.41 -6.86 31.75
N VAL C 52 17.18 -6.80 30.66
CA VAL C 52 16.67 -6.28 29.38
C VAL C 52 15.49 -7.10 28.90
N ILE C 53 15.58 -8.41 29.04
CA ILE C 53 14.53 -9.31 28.62
C ILE C 53 13.31 -9.11 29.51
N ARG C 54 13.50 -9.12 30.82
CA ARG C 54 12.39 -8.93 31.76
C ARG C 54 11.66 -7.61 31.50
N GLU C 55 12.42 -6.57 31.14
CA GLU C 55 11.85 -5.26 30.87
C GLU C 55 11.20 -5.12 29.48
N ALA C 56 11.34 -6.16 28.66
CA ALA C 56 10.77 -6.16 27.31
C ALA C 56 11.24 -4.99 26.45
N ARG C 57 12.53 -4.70 26.55
CA ARG C 57 13.14 -3.62 25.77
C ARG C 57 13.13 -4.02 24.31
N HIS C 58 12.97 -3.05 23.41
CA HIS C 58 12.97 -3.35 21.99
C HIS C 58 14.43 -3.57 21.62
N VAL C 59 14.81 -4.84 21.49
CA VAL C 59 16.18 -5.21 21.15
C VAL C 59 16.22 -6.28 20.07
N TYR C 60 17.06 -6.04 19.06
CA TYR C 60 17.20 -6.95 17.93
C TYR C 60 17.51 -8.37 18.39
N GLY C 61 16.80 -9.34 17.84
CA GLY C 61 17.06 -10.73 18.21
C GLY C 61 16.40 -11.21 19.49
N LEU C 62 15.95 -10.29 20.32
CA LEU C 62 15.27 -10.64 21.56
C LEU C 62 13.78 -10.32 21.46
N THR C 63 13.43 -9.36 20.60
CA THR C 63 12.04 -8.97 20.41
C THR C 63 11.72 -8.67 18.95
N THR C 64 12.61 -9.09 18.05
CA THR C 64 12.42 -8.84 16.63
C THR C 64 12.92 -10.00 15.76
N GLY C 65 12.53 -9.99 14.50
CA GLY C 65 13.00 -11.00 13.57
C GLY C 65 14.39 -10.55 13.14
N PHE C 66 14.98 -11.19 12.14
CA PHE C 66 16.34 -10.84 11.72
C PHE C 66 16.45 -10.12 10.39
N GLY C 67 17.55 -9.38 10.21
CA GLY C 67 17.77 -8.66 8.98
C GLY C 67 16.59 -7.78 8.63
N PRO C 68 16.15 -7.76 7.37
CA PRO C 68 15.01 -6.93 6.95
C PRO C 68 13.72 -7.34 7.65
N LEU C 69 13.72 -8.51 8.28
CA LEU C 69 12.53 -8.98 8.97
C LEU C 69 12.45 -8.46 10.41
N ALA C 70 13.36 -7.57 10.77
CA ALA C 70 13.40 -7.01 12.11
C ALA C 70 12.18 -6.13 12.40
N ASN C 71 11.39 -5.83 11.37
CA ASN C 71 10.21 -4.99 11.56
C ASN C 71 9.05 -5.85 12.08
N ARG C 72 9.29 -7.16 12.16
CA ARG C 72 8.32 -8.09 12.70
C ARG C 72 8.71 -8.30 14.16
N LEU C 73 7.93 -7.73 15.08
CA LEU C 73 8.24 -7.90 16.49
C LEU C 73 7.79 -9.28 16.97
N ILE C 74 8.56 -9.84 17.90
CA ILE C 74 8.32 -11.17 18.44
C ILE C 74 7.99 -11.15 19.94
N SER C 75 7.01 -11.96 20.33
CA SER C 75 6.61 -12.04 21.72
C SER C 75 7.60 -12.91 22.50
N GLY C 76 7.78 -12.60 23.78
CA GLY C 76 8.73 -13.32 24.61
C GLY C 76 8.63 -14.83 24.65
N GLU C 77 7.42 -15.38 24.59
CA GLU C 77 7.22 -16.82 24.63
C GLU C 77 7.81 -17.54 23.41
N ASN C 78 8.06 -16.78 22.35
CA ASN C 78 8.59 -17.35 21.11
C ASN C 78 10.08 -17.11 20.84
N VAL C 79 10.79 -16.49 21.77
CA VAL C 79 12.21 -16.19 21.59
C VAL C 79 13.09 -17.42 21.45
N ARG C 80 12.77 -18.49 22.18
CA ARG C 80 13.55 -19.73 22.10
C ARG C 80 13.52 -20.24 20.68
N THR C 81 12.31 -20.33 20.14
CA THR C 81 12.09 -20.79 18.78
C THR C 81 12.81 -19.89 17.81
N LEU C 82 12.65 -18.59 18.00
CA LEU C 82 13.30 -17.59 17.17
C LEU C 82 14.79 -17.88 17.03
N GLN C 83 15.48 -18.02 18.16
CA GLN C 83 16.91 -18.25 18.17
C GLN C 83 17.33 -19.63 17.70
N ALA C 84 16.44 -20.60 17.83
CA ALA C 84 16.74 -21.94 17.36
C ALA C 84 16.69 -21.88 15.83
N ASN C 85 15.68 -21.19 15.30
CA ASN C 85 15.53 -21.06 13.84
C ASN C 85 16.69 -20.25 13.25
N LEU C 86 17.19 -19.25 14.00
CA LEU C 86 18.27 -18.41 13.54
C LEU C 86 19.46 -19.32 13.14
N VAL C 87 19.89 -20.20 14.06
CA VAL C 87 20.99 -21.14 13.86
C VAL C 87 20.68 -22.02 12.63
N HIS C 88 19.41 -22.43 12.50
CA HIS C 88 19.00 -23.28 11.40
C HIS C 88 19.10 -22.61 10.05
N PHE C 89 18.43 -21.47 9.84
CA PHE C 89 18.48 -20.87 8.51
C PHE C 89 19.85 -20.35 8.07
N LEU C 90 20.71 -20.06 9.06
CA LEU C 90 22.05 -19.56 8.76
C LEU C 90 23.04 -20.67 8.39
N ALA C 91 22.66 -21.93 8.64
CA ALA C 91 23.53 -23.06 8.37
C ALA C 91 23.46 -23.53 6.92
N SER C 92 23.75 -22.61 6.00
CA SER C 92 23.72 -22.87 4.56
C SER C 92 25.12 -22.84 3.94
N GLY C 93 26.14 -23.04 4.76
CA GLY C 93 27.50 -23.04 4.25
C GLY C 93 27.86 -24.29 3.46
N VAL C 94 28.84 -24.14 2.56
CA VAL C 94 29.30 -25.25 1.72
C VAL C 94 30.82 -25.14 1.59
N GLY C 95 31.44 -26.14 0.97
CA GLY C 95 32.87 -26.13 0.77
C GLY C 95 33.68 -26.94 1.77
N PRO C 96 34.99 -27.08 1.54
CA PRO C 96 35.85 -27.85 2.45
C PRO C 96 35.81 -27.21 3.84
N VAL C 97 35.90 -28.02 4.89
CA VAL C 97 35.86 -27.48 6.24
C VAL C 97 37.15 -26.71 6.56
N LEU C 98 37.08 -25.80 7.52
CA LEU C 98 38.27 -25.07 7.93
C LEU C 98 39.16 -26.08 8.63
N ASP C 99 40.47 -25.90 8.56
CA ASP C 99 41.36 -26.85 9.22
C ASP C 99 41.25 -26.71 10.73
N TRP C 100 41.67 -27.77 11.42
CA TRP C 100 41.62 -27.87 12.88
C TRP C 100 42.08 -26.62 13.63
N THR C 101 43.27 -26.13 13.34
CA THR C 101 43.80 -24.95 14.02
C THR C 101 42.96 -23.70 13.76
N THR C 102 42.59 -23.48 12.51
CA THR C 102 41.81 -22.32 12.14
C THR C 102 40.41 -22.33 12.76
N ALA C 103 39.76 -23.49 12.73
CA ALA C 103 38.42 -23.59 13.31
C ALA C 103 38.48 -23.29 14.81
N ARG C 104 39.53 -23.78 15.47
CA ARG C 104 39.68 -23.53 16.90
C ARG C 104 39.98 -22.06 17.13
N ALA C 105 40.75 -21.44 16.24
CA ALA C 105 41.08 -20.02 16.36
C ALA C 105 39.80 -19.20 16.26
N MET C 106 38.85 -19.70 15.47
CA MET C 106 37.56 -19.04 15.29
C MET C 106 36.78 -19.10 16.60
N VAL C 107 36.79 -20.27 17.25
CA VAL C 107 36.12 -20.46 18.52
C VAL C 107 36.76 -19.51 19.56
N LEU C 108 38.08 -19.46 19.58
CA LEU C 108 38.80 -18.59 20.51
C LEU C 108 38.44 -17.12 20.27
N ALA C 109 38.38 -16.71 19.01
CA ALA C 109 38.03 -15.33 18.70
C ALA C 109 36.65 -14.94 19.25
N ARG C 110 35.67 -15.83 19.14
CA ARG C 110 34.35 -15.50 19.64
C ARG C 110 34.39 -15.40 21.17
N LEU C 111 35.17 -16.29 21.80
CA LEU C 111 35.29 -16.27 23.26
C LEU C 111 35.88 -14.94 23.75
N VAL C 112 36.94 -14.49 23.10
CA VAL C 112 37.58 -13.24 23.49
C VAL C 112 36.60 -12.06 23.35
N SER C 113 35.80 -12.05 22.29
CA SER C 113 34.82 -10.99 22.11
C SER C 113 33.81 -11.03 23.26
N ILE C 114 33.39 -12.24 23.64
CA ILE C 114 32.42 -12.40 24.72
C ILE C 114 32.98 -12.03 26.10
N ALA C 115 34.23 -12.40 26.33
CA ALA C 115 34.89 -12.12 27.60
C ALA C 115 34.97 -10.64 27.95
N GLN C 116 34.77 -9.76 26.99
CA GLN C 116 34.83 -8.33 27.25
C GLN C 116 33.63 -7.92 28.10
N GLY C 117 32.65 -8.82 28.21
CA GLY C 117 31.48 -8.55 29.03
C GLY C 117 30.42 -7.60 28.50
N ALA C 118 30.14 -7.63 27.20
CA ALA C 118 29.15 -6.76 26.61
C ALA C 118 28.20 -7.53 25.68
N SER C 119 28.21 -8.86 25.76
CA SER C 119 27.37 -9.69 24.91
C SER C 119 26.20 -10.36 25.61
N GLY C 120 26.31 -10.51 26.93
CA GLY C 120 25.24 -11.14 27.69
C GLY C 120 25.24 -12.65 27.67
N ALA C 121 26.31 -13.26 27.17
CA ALA C 121 26.39 -14.73 27.11
C ALA C 121 26.34 -15.37 28.49
N SER C 122 25.64 -16.50 28.59
CA SER C 122 25.53 -17.19 29.87
C SER C 122 26.84 -17.92 30.23
N GLU C 123 27.02 -18.22 31.52
CA GLU C 123 28.23 -18.91 31.98
C GLU C 123 28.37 -20.25 31.26
N GLY C 124 27.24 -20.93 31.07
CA GLY C 124 27.24 -22.21 30.39
C GLY C 124 27.77 -22.11 28.97
N THR C 125 27.32 -21.12 28.21
CA THR C 125 27.78 -20.95 26.84
C THR C 125 29.27 -20.63 26.79
N ILE C 126 29.74 -19.79 27.71
CA ILE C 126 31.15 -19.46 27.76
C ILE C 126 31.98 -20.70 28.05
N ALA C 127 31.50 -21.51 28.98
CA ALA C 127 32.19 -22.74 29.37
C ALA C 127 32.34 -23.73 28.21
N ARG C 128 31.33 -23.79 27.35
CA ARG C 128 31.36 -24.70 26.22
C ARG C 128 32.49 -24.29 25.27
N LEU C 129 32.73 -22.99 25.14
CA LEU C 129 33.79 -22.51 24.26
C LEU C 129 35.15 -22.86 24.85
N ILE C 130 35.29 -22.67 26.16
CA ILE C 130 36.53 -22.97 26.86
C ILE C 130 36.82 -24.47 26.80
N ASP C 131 35.81 -25.29 27.06
CA ASP C 131 35.98 -26.73 27.01
C ASP C 131 36.50 -27.16 25.64
N LEU C 132 35.87 -26.65 24.58
CA LEU C 132 36.29 -27.01 23.23
C LEU C 132 37.78 -26.70 23.04
N LEU C 133 38.21 -25.51 23.44
CA LEU C 133 39.60 -25.11 23.29
C LEU C 133 40.57 -25.92 24.15
N ASN C 134 40.09 -26.47 25.26
CA ASN C 134 40.95 -27.29 26.12
C ASN C 134 40.96 -28.76 25.68
N SER C 135 40.07 -29.11 24.77
CA SER C 135 40.00 -30.47 24.23
C SER C 135 40.93 -30.54 23.03
N GLU C 136 41.02 -31.72 22.41
CA GLU C 136 41.88 -31.89 21.25
C GLU C 136 41.05 -31.87 19.97
N LEU C 137 39.82 -31.37 20.07
CA LEU C 137 38.95 -31.32 18.92
C LEU C 137 38.69 -29.91 18.40
N ALA C 138 38.10 -29.85 17.21
CA ALA C 138 37.74 -28.60 16.58
C ALA C 138 36.42 -28.86 15.88
N PRO C 139 35.54 -27.84 15.83
CA PRO C 139 34.27 -28.08 15.14
C PRO C 139 34.54 -28.19 13.63
N ALA C 140 33.74 -29.01 12.95
CA ALA C 140 33.88 -29.16 11.49
C ALA C 140 32.92 -28.17 10.84
N VAL C 141 33.46 -27.07 10.34
CA VAL C 141 32.64 -26.03 9.73
C VAL C 141 32.99 -25.74 8.28
N PRO C 142 31.98 -25.61 7.41
CA PRO C 142 32.25 -25.33 6.00
C PRO C 142 32.91 -23.96 5.84
N SER C 143 33.83 -23.85 4.88
CA SER C 143 34.56 -22.61 4.69
C SER C 143 33.87 -21.51 3.87
N ARG C 144 32.87 -21.86 3.07
CA ARG C 144 32.18 -20.87 2.24
C ARG C 144 30.73 -20.59 2.65
N GLY C 145 30.26 -19.39 2.35
CA GLY C 145 28.88 -19.05 2.67
C GLY C 145 28.65 -17.67 3.24
N THR C 146 29.68 -17.09 3.87
CA THR C 146 29.53 -15.78 4.48
C THR C 146 30.14 -14.62 3.70
N VAL C 147 29.52 -13.44 3.86
CA VAL C 147 29.98 -12.22 3.20
C VAL C 147 30.77 -11.35 4.16
N GLY C 148 31.09 -11.91 5.32
CA GLY C 148 31.86 -11.20 6.33
C GLY C 148 31.21 -9.95 6.91
N ASP C 150 30.50 -13.07 10.29
CA ASP C 150 30.63 -14.47 9.88
C ASP C 150 29.53 -15.39 10.38
N LEU C 151 28.29 -15.03 10.08
CA LEU C 151 27.12 -15.80 10.49
C LEU C 151 27.14 -17.28 10.13
N THR C 152 27.36 -17.59 8.86
CA THR C 152 27.34 -18.97 8.39
C THR C 152 28.27 -19.93 9.13
N PRO C 153 29.60 -19.68 9.07
CA PRO C 153 30.50 -20.59 9.76
C PRO C 153 30.22 -20.68 11.25
N LEU C 154 29.84 -19.55 11.86
CA LEU C 154 29.57 -19.57 13.30
C LEU C 154 28.30 -20.37 13.61
N ALA C 155 27.32 -20.31 12.71
CA ALA C 155 26.08 -21.07 12.92
C ALA C 155 26.41 -22.57 12.90
N HIS C 156 27.32 -22.94 12.00
CA HIS C 156 27.74 -24.34 11.88
C HIS C 156 28.49 -24.73 13.14
N MET C 157 29.28 -23.78 13.68
CA MET C 157 30.02 -24.03 14.91
C MET C 157 29.04 -24.33 16.03
N VAL C 158 27.95 -23.57 16.08
CA VAL C 158 26.96 -23.81 17.12
C VAL C 158 26.34 -25.21 17.00
N LEU C 159 25.95 -25.58 15.79
CA LEU C 159 25.37 -26.91 15.59
C LEU C 159 26.34 -28.00 16.06
N CYS C 160 27.61 -27.82 15.73
CA CYS C 160 28.62 -28.78 16.12
C CYS C 160 28.66 -28.90 17.63
N LEU C 161 28.68 -27.75 18.30
CA LEU C 161 28.73 -27.69 19.75
C LEU C 161 27.47 -28.22 20.43
N GLN C 162 26.41 -28.42 19.67
CA GLN C 162 25.18 -28.97 20.23
C GLN C 162 25.20 -30.46 19.95
N GLY C 163 26.22 -30.90 19.23
CA GLY C 163 26.33 -32.32 18.90
C GLY C 163 25.53 -32.63 17.63
N ARG C 164 25.18 -31.59 16.89
CA ARG C 164 24.41 -31.75 15.65
C ARG C 164 25.29 -31.45 14.45
N GLY C 165 26.60 -31.58 14.64
CA GLY C 165 27.54 -31.33 13.57
C GLY C 165 28.81 -32.10 13.83
N ASP C 166 29.62 -32.31 12.78
CA ASP C 166 30.87 -33.06 12.91
C ASP C 166 31.98 -32.29 13.63
N PHE C 167 32.97 -33.05 14.10
CA PHE C 167 34.14 -32.48 14.78
C PHE C 167 35.35 -32.96 14.01
N LEU C 168 36.50 -32.32 14.26
CA LEU C 168 37.74 -32.72 13.61
C LEU C 168 38.74 -33.05 14.71
N ASP C 169 39.49 -34.13 14.53
CA ASP C 169 40.52 -34.47 15.51
C ASP C 169 41.74 -33.76 14.94
N ARG C 170 42.82 -33.66 15.70
CA ARG C 170 44.02 -32.97 15.22
C ARG C 170 44.44 -33.33 13.80
N ASP C 171 44.20 -34.58 13.41
CA ASP C 171 44.57 -35.07 12.08
C ASP C 171 43.60 -34.67 10.98
N GLY C 172 42.44 -34.15 11.34
CA GLY C 172 41.47 -33.76 10.34
C GLY C 172 40.42 -34.84 10.12
N THR C 173 40.60 -35.99 10.77
CA THR C 173 39.64 -37.07 10.65
C THR C 173 38.35 -36.59 11.29
N ARG C 174 37.23 -36.79 10.59
CA ARG C 174 35.95 -36.34 11.10
C ARG C 174 35.27 -37.32 12.01
N LEU C 175 34.58 -36.78 13.01
CA LEU C 175 33.82 -37.55 13.98
C LEU C 175 32.43 -36.96 13.94
N ASP C 176 31.40 -37.78 14.17
CA ASP C 176 30.06 -37.22 14.16
C ASP C 176 29.85 -36.45 15.46
N GLY C 177 28.79 -35.65 15.50
CA GLY C 177 28.51 -34.85 16.69
C GLY C 177 28.52 -35.60 18.00
N ALA C 178 27.74 -36.67 18.08
CA ALA C 178 27.66 -37.45 19.31
C ALA C 178 29.04 -37.96 19.75
N GLU C 179 29.82 -38.45 18.79
CA GLU C 179 31.15 -38.97 19.08
C GLU C 179 32.09 -37.85 19.50
N GLY C 180 31.89 -36.68 18.93
CA GLY C 180 32.70 -35.54 19.28
C GLY C 180 32.49 -35.13 20.72
N LEU C 181 31.22 -35.04 21.13
CA LEU C 181 30.90 -34.65 22.50
C LEU C 181 31.48 -35.69 23.47
N ARG C 182 31.31 -36.97 23.13
CA ARG C 182 31.81 -38.05 23.98
C ARG C 182 33.34 -38.02 24.09
N ARG C 183 34.02 -38.11 22.95
CA ARG C 183 35.48 -38.12 22.95
C ARG C 183 36.14 -36.88 23.55
N GLY C 184 35.61 -35.69 23.25
CA GLY C 184 36.21 -34.49 23.78
C GLY C 184 35.74 -34.15 25.19
N ARG C 185 34.79 -34.92 25.69
CA ARG C 185 34.22 -34.70 27.01
C ARG C 185 33.63 -33.30 27.05
N LEU C 186 32.70 -33.05 26.12
CA LEU C 186 32.04 -31.76 25.99
C LEU C 186 30.56 -31.91 26.26
N GLN C 187 30.00 -30.94 26.97
CA GLN C 187 28.57 -30.99 27.24
C GLN C 187 27.89 -30.26 26.10
N PRO C 188 26.69 -30.72 25.71
CA PRO C 188 25.98 -30.05 24.59
C PRO C 188 25.67 -28.60 24.92
N LEU C 189 25.76 -27.75 23.90
CA LEU C 189 25.50 -26.33 24.07
C LEU C 189 24.03 -26.15 24.43
N ASP C 190 23.76 -25.40 25.49
CA ASP C 190 22.38 -25.14 25.93
C ASP C 190 22.16 -23.64 25.88
N LEU C 191 21.70 -23.16 24.73
CA LEU C 191 21.50 -21.74 24.50
C LEU C 191 20.37 -21.07 25.28
N SER C 192 20.70 -19.94 25.88
CA SER C 192 19.73 -19.18 26.65
C SER C 192 19.72 -17.73 26.18
N HIS C 193 18.57 -17.08 26.33
CA HIS C 193 18.45 -15.69 25.92
C HIS C 193 19.03 -15.46 24.53
N ARG C 194 20.00 -14.57 24.37
CA ARG C 194 20.56 -14.31 23.03
C ARG C 194 21.88 -15.01 22.71
N ASP C 195 22.22 -16.07 23.44
CA ASP C 195 23.46 -16.75 23.19
C ASP C 195 23.61 -17.07 21.71
N ALA C 196 22.52 -17.48 21.08
CA ALA C 196 22.55 -17.80 19.67
C ALA C 196 23.10 -16.65 18.85
N LEU C 197 22.55 -15.45 19.05
CA LEU C 197 23.01 -14.30 18.29
C LEU C 197 24.43 -13.90 18.69
N ALA C 198 24.73 -13.95 19.98
CA ALA C 198 26.06 -13.63 20.48
C ALA C 198 27.13 -14.50 19.82
N LEU C 199 26.88 -15.81 19.77
CA LEU C 199 27.81 -16.76 19.18
C LEU C 199 27.95 -16.62 17.67
N VAL C 200 26.99 -15.94 17.05
CA VAL C 200 26.98 -15.81 15.60
C VAL C 200 27.25 -14.44 14.92
N ASN C 201 26.99 -13.33 15.61
CA ASN C 201 27.13 -11.99 15.01
C ASN C 201 28.47 -11.27 15.12
N GLY C 202 29.57 -11.93 14.79
CA GLY C 202 30.86 -11.26 14.88
C GLY C 202 31.75 -11.54 13.70
N THR C 203 33.02 -11.14 13.82
CA THR C 203 34.01 -11.35 12.76
C THR C 203 34.97 -12.48 13.18
N SER C 204 34.51 -13.34 14.06
CA SER C 204 35.34 -14.43 14.57
C SER C 204 35.97 -15.44 13.58
N ALA C 205 35.30 -15.71 12.47
CA ALA C 205 35.87 -16.64 11.50
C ALA C 205 37.04 -15.99 10.77
N MET C 206 36.83 -14.78 10.25
CA MET C 206 37.92 -14.12 9.52
C MET C 206 39.08 -13.77 10.45
N THR C 207 38.77 -13.47 11.70
CA THR C 207 39.80 -13.15 12.68
C THR C 207 40.60 -14.41 12.98
N GLY C 208 39.91 -15.54 13.13
CA GLY C 208 40.58 -16.80 13.39
C GLY C 208 41.49 -17.20 12.24
N ILE C 209 41.01 -17.04 11.01
CA ILE C 209 41.81 -17.39 9.84
C ILE C 209 43.03 -16.46 9.77
N ALA C 210 42.78 -15.17 9.98
CA ALA C 210 43.85 -14.18 9.91
C ALA C 210 44.94 -14.38 10.98
N LEU C 211 44.58 -14.82 12.18
CA LEU C 211 45.62 -14.99 13.18
C LEU C 211 46.48 -16.21 12.81
N VAL C 212 45.90 -17.18 12.13
CA VAL C 212 46.70 -18.33 11.72
C VAL C 212 47.59 -17.87 10.58
N ASN C 213 47.09 -16.98 9.73
CA ASN C 213 47.91 -16.45 8.63
C ASN C 213 49.08 -15.67 9.24
N ALA C 214 48.81 -14.89 10.28
CA ALA C 214 49.84 -14.09 10.93
C ALA C 214 51.00 -14.94 11.43
N HIS C 215 50.68 -16.02 12.12
CA HIS C 215 51.67 -16.93 12.69
C HIS C 215 52.50 -17.60 11.59
N ALA C 216 51.81 -18.09 10.55
CA ALA C 216 52.49 -18.75 9.45
C ALA C 216 53.46 -17.78 8.75
N CYS C 217 53.03 -16.55 8.54
CA CYS C 217 53.86 -15.56 7.87
C CYS C 217 55.14 -15.23 8.65
N ARG C 218 55.06 -15.27 9.97
CA ARG C 218 56.23 -14.98 10.78
C ARG C 218 57.29 -16.06 10.52
N HIS C 219 56.86 -17.32 10.48
CA HIS C 219 57.79 -18.41 10.23
C HIS C 219 58.33 -18.35 8.81
N LEU C 220 57.44 -18.17 7.83
CA LEU C 220 57.89 -18.10 6.45
C LEU C 220 58.84 -16.92 6.26
N GLY C 221 58.58 -15.83 6.96
CA GLY C 221 59.44 -14.66 6.86
C GLY C 221 60.83 -15.02 7.35
N ASN C 222 60.91 -15.77 8.44
CA ASN C 222 62.21 -16.17 8.96
C ASN C 222 62.93 -17.07 7.96
N TRP C 223 62.16 -17.91 7.26
CA TRP C 223 62.75 -18.78 6.26
C TRP C 223 63.22 -17.95 5.08
N ALA C 224 62.41 -16.98 4.65
CA ALA C 224 62.78 -16.13 3.53
C ALA C 224 64.13 -15.47 3.79
N VAL C 225 64.34 -15.05 5.03
CA VAL C 225 65.59 -14.40 5.44
C VAL C 225 66.73 -15.41 5.49
N ALA C 226 66.48 -16.55 6.14
CA ALA C 226 67.50 -17.59 6.26
C ALA C 226 67.95 -18.14 4.91
N LEU C 227 67.02 -18.25 3.96
CA LEU C 227 67.37 -18.77 2.65
C LEU C 227 68.07 -17.72 1.80
N THR C 228 67.69 -16.45 1.97
CA THR C 228 68.34 -15.38 1.23
C THR C 228 69.80 -15.34 1.69
N ALA C 229 69.99 -15.55 2.99
CA ALA C 229 71.34 -15.55 3.58
C ALA C 229 72.16 -16.71 3.03
N LEU C 230 71.57 -17.89 2.99
CA LEU C 230 72.27 -19.06 2.49
C LEU C 230 72.55 -18.90 1.00
N LEU C 231 71.63 -18.25 0.29
CA LEU C 231 71.81 -18.02 -1.15
C LEU C 231 73.10 -17.21 -1.34
N ALA C 232 73.28 -16.20 -0.49
CA ALA C 232 74.47 -15.36 -0.57
C ALA C 232 75.72 -16.20 -0.34
N GLU C 233 75.62 -17.17 0.56
CA GLU C 233 76.75 -18.04 0.84
C GLU C 233 77.06 -18.98 -0.31
N CYS C 234 76.04 -19.30 -1.11
CA CYS C 234 76.24 -20.20 -2.25
C CYS C 234 76.64 -19.47 -3.51
N LEU C 235 76.40 -18.15 -3.57
CA LEU C 235 76.71 -17.37 -4.76
C LEU C 235 77.72 -16.24 -4.53
N ARG C 236 78.48 -16.32 -3.43
CA ARG C 236 79.46 -15.28 -3.10
C ARG C 236 78.82 -13.90 -3.05
N GLY C 237 77.68 -13.81 -2.37
CA GLY C 237 76.97 -12.54 -2.26
C GLY C 237 77.74 -11.48 -1.49
N ARG C 238 77.50 -10.22 -1.81
CA ARG C 238 78.17 -9.09 -1.18
C ARG C 238 77.37 -8.58 0.02
N THR C 239 77.96 -8.63 1.21
CA THR C 239 77.26 -8.18 2.42
C THR C 239 77.16 -6.66 2.58
N GLU C 240 77.93 -5.87 1.83
CA GLU C 240 77.83 -4.42 2.01
C GLU C 240 76.42 -3.88 1.70
N ALA C 241 75.70 -4.56 0.83
CA ALA C 241 74.34 -4.15 0.49
C ALA C 241 73.41 -4.31 1.70
N TRP C 242 73.85 -5.08 2.70
CA TRP C 242 73.03 -5.32 3.87
C TRP C 242 73.52 -4.52 5.09
N ALA C 243 74.47 -3.61 4.86
CA ALA C 243 75.02 -2.79 5.93
C ALA C 243 73.94 -2.01 6.68
N ALA C 244 74.17 -1.80 7.97
CA ALA C 244 73.22 -1.06 8.79
C ALA C 244 73.15 0.41 8.39
N ALA C 245 74.24 0.95 7.87
CA ALA C 245 74.27 2.34 7.46
C ALA C 245 73.23 2.65 6.38
N LEU C 246 72.98 1.69 5.49
CA LEU C 246 71.98 1.89 4.44
C LEU C 246 70.59 1.93 5.02
N SER C 247 70.34 1.07 6.00
CA SER C 247 69.05 1.00 6.67
C SER C 247 68.76 2.33 7.33
N ASP C 248 69.76 2.90 8.00
CA ASP C 248 69.59 4.18 8.67
C ASP C 248 69.21 5.29 7.72
N LEU C 249 69.72 5.23 6.49
CA LEU C 249 69.42 6.24 5.48
C LEU C 249 67.99 6.18 4.97
N ARG C 250 67.39 5.00 5.07
CA ARG C 250 66.00 4.79 4.63
C ARG C 250 65.40 3.94 5.75
N PRO C 251 65.16 4.55 6.91
CA PRO C 251 64.62 3.96 8.14
C PRO C 251 63.26 3.26 8.22
N HIS C 252 62.90 2.45 7.23
CA HIS C 252 61.64 1.71 7.35
C HIS C 252 61.95 0.61 8.37
N PRO C 253 61.11 0.46 9.41
CA PRO C 253 61.34 -0.57 10.43
C PRO C 253 61.56 -1.97 9.87
N GLY C 254 60.75 -2.36 8.90
CA GLY C 254 60.88 -3.68 8.30
C GLY C 254 62.20 -3.86 7.58
N GLN C 255 62.66 -2.81 6.91
CA GLN C 255 63.92 -2.87 6.19
C GLN C 255 65.09 -2.99 7.15
N LYS C 256 65.10 -2.18 8.20
CA LYS C 256 66.18 -2.23 9.18
C LYS C 256 66.26 -3.63 9.78
N ASP C 257 65.10 -4.16 10.16
CA ASP C 257 65.03 -5.50 10.76
C ASP C 257 65.51 -6.59 9.80
N ALA C 258 65.06 -6.54 8.55
CA ALA C 258 65.47 -7.54 7.56
C ALA C 258 66.99 -7.51 7.37
N ALA C 259 67.55 -6.32 7.20
CA ALA C 259 68.98 -6.17 7.01
C ALA C 259 69.72 -6.75 8.22
N ALA C 260 69.28 -6.38 9.41
CA ALA C 260 69.91 -6.86 10.64
C ALA C 260 69.86 -8.38 10.75
N ARG C 261 68.71 -8.97 10.40
CA ARG C 261 68.56 -10.41 10.47
C ARG C 261 69.40 -11.11 9.40
N LEU C 262 69.53 -10.48 8.24
CA LEU C 262 70.34 -11.06 7.16
C LEU C 262 71.81 -11.08 7.61
N ARG C 263 72.27 -9.97 8.17
CA ARG C 263 73.66 -9.89 8.63
C ARG C 263 73.93 -10.97 9.69
N ALA C 264 72.98 -11.14 10.61
CA ALA C 264 73.12 -12.14 11.66
C ALA C 264 73.24 -13.55 11.09
N ARG C 265 72.45 -13.85 10.05
CA ARG C 265 72.48 -15.16 9.44
C ARG C 265 73.84 -15.53 8.85
N VAL C 266 74.51 -14.56 8.22
CA VAL C 266 75.80 -14.84 7.61
C VAL C 266 77.00 -14.53 8.48
N ASP C 267 76.77 -14.20 9.74
CA ASP C 267 77.87 -13.91 10.64
C ASP C 267 78.74 -15.18 10.75
N GLY C 268 80.06 -15.00 10.63
CA GLY C 268 80.96 -16.14 10.72
C GLY C 268 81.19 -16.84 9.39
N SER C 269 80.51 -16.38 8.35
CA SER C 269 80.67 -16.99 7.03
C SER C 269 81.93 -16.52 6.32
N ALA C 270 82.58 -17.44 5.61
CA ALA C 270 83.78 -17.12 4.84
C ALA C 270 83.45 -17.25 3.36
N ARG C 271 82.17 -17.50 3.07
CA ARG C 271 81.71 -17.68 1.70
C ARG C 271 81.11 -16.43 1.07
N VAL C 272 80.83 -15.41 1.88
CA VAL C 272 80.28 -14.16 1.38
C VAL C 272 81.41 -13.17 1.15
N VAL C 273 81.13 -12.13 0.37
CA VAL C 273 82.11 -11.08 0.10
C VAL C 273 81.82 -9.92 1.04
N ARG C 274 82.79 -9.55 1.87
CA ARG C 274 82.57 -8.47 2.84
C ARG C 274 83.25 -7.16 2.50
N HIS C 275 84.06 -7.17 1.45
CA HIS C 275 84.77 -5.95 1.06
C HIS C 275 83.84 -4.89 0.52
N VAL C 276 84.08 -3.64 0.93
CA VAL C 276 83.30 -2.52 0.42
C VAL C 276 84.06 -2.15 -0.86
N ILE C 277 83.38 -2.19 -2.01
CA ILE C 277 84.06 -1.90 -3.27
C ILE C 277 84.67 -0.51 -3.41
N ALA C 278 84.03 0.50 -2.83
CA ALA C 278 84.52 1.87 -2.91
C ALA C 278 85.90 2.08 -2.26
N GLU C 279 86.37 1.08 -1.55
CA GLU C 279 87.67 1.16 -0.89
C GLU C 279 88.78 1.02 -1.93
N ARG C 280 88.49 0.29 -2.99
CA ARG C 280 89.44 0.05 -4.08
C ARG C 280 89.71 1.29 -4.92
N ARG C 281 90.98 1.63 -5.07
CA ARG C 281 91.39 2.77 -5.89
C ARG C 281 91.80 2.17 -7.24
N LEU C 282 91.25 2.71 -8.32
CA LEU C 282 91.55 2.19 -9.66
C LEU C 282 92.75 2.84 -10.33
N ASP C 283 93.40 2.09 -11.21
CA ASP C 283 94.55 2.57 -11.98
C ASP C 283 94.18 2.50 -13.45
N ALA C 284 94.91 3.21 -14.30
CA ALA C 284 94.63 3.20 -15.72
C ALA C 284 94.66 1.78 -16.26
N GLY C 285 95.56 0.97 -15.73
CA GLY C 285 95.69 -0.40 -16.18
C GLY C 285 94.48 -1.26 -15.91
N ASP C 286 93.68 -0.87 -14.93
CA ASP C 286 92.49 -1.64 -14.57
C ASP C 286 91.31 -1.41 -15.50
N ILE C 287 91.31 -0.28 -16.21
CA ILE C 287 90.22 0.05 -17.12
C ILE C 287 90.03 -1.01 -18.19
N GLY C 288 88.82 -1.56 -18.24
CA GLY C 288 88.49 -2.59 -19.20
C GLY C 288 87.30 -3.34 -18.65
N THR C 289 87.08 -4.55 -19.14
CA THR C 289 85.96 -5.34 -18.68
C THR C 289 86.41 -6.37 -17.65
N GLU C 290 85.83 -6.32 -16.46
CA GLU C 290 86.18 -7.27 -15.41
C GLU C 290 85.23 -8.45 -15.46
N PRO C 291 85.62 -9.58 -14.86
CA PRO C 291 84.78 -10.79 -14.84
C PRO C 291 83.38 -10.60 -14.27
N GLU C 292 83.27 -9.89 -13.15
CA GLU C 292 81.96 -9.68 -12.52
C GLU C 292 81.75 -8.21 -12.12
N ALA C 293 80.49 -7.80 -12.06
CA ALA C 293 80.16 -6.43 -11.66
C ALA C 293 80.41 -6.26 -10.17
N GLY C 294 80.53 -5.01 -9.74
CA GLY C 294 80.78 -4.72 -8.34
C GLY C 294 79.58 -4.87 -7.41
N GLN C 295 78.41 -5.10 -7.98
CA GLN C 295 77.17 -5.27 -7.19
C GLN C 295 76.42 -6.52 -7.63
N ASP C 296 75.63 -7.08 -6.72
CA ASP C 296 74.84 -8.27 -7.00
C ASP C 296 73.51 -7.91 -7.67
N ALA C 297 72.88 -8.91 -8.25
CA ALA C 297 71.57 -8.72 -8.87
C ALA C 297 70.61 -8.39 -7.73
N TYR C 298 69.44 -7.90 -8.06
CA TYR C 298 68.45 -7.50 -7.06
C TYR C 298 67.98 -8.55 -6.08
N SER C 299 67.87 -9.81 -6.52
CA SER C 299 67.39 -10.87 -5.64
C SER C 299 68.25 -11.06 -4.39
N LEU C 300 69.42 -10.42 -4.38
CA LEU C 300 70.31 -10.48 -3.23
C LEU C 300 70.48 -9.07 -2.67
N ARG C 301 70.92 -8.16 -3.53
CA ARG C 301 71.16 -6.77 -3.14
C ARG C 301 69.95 -6.01 -2.57
N CYS C 302 68.76 -6.26 -3.10
CA CYS C 302 67.58 -5.56 -2.63
C CYS C 302 66.69 -6.37 -1.67
N ALA C 303 67.23 -7.44 -1.10
CA ALA C 303 66.47 -8.27 -0.18
C ALA C 303 65.99 -7.48 1.04
N PRO C 304 66.82 -6.57 1.58
CA PRO C 304 66.34 -5.82 2.75
C PRO C 304 65.09 -5.00 2.41
N GLN C 305 65.10 -4.37 1.24
CA GLN C 305 64.00 -3.53 0.81
C GLN C 305 62.73 -4.31 0.45
N VAL C 306 62.89 -5.44 -0.25
CA VAL C 306 61.72 -6.24 -0.62
C VAL C 306 61.16 -6.95 0.61
N LEU C 307 62.01 -7.68 1.33
CA LEU C 307 61.58 -8.38 2.54
C LEU C 307 61.02 -7.38 3.55
N GLY C 308 61.70 -6.25 3.69
CA GLY C 308 61.26 -5.23 4.64
C GLY C 308 59.87 -4.70 4.38
N ALA C 309 59.53 -4.48 3.12
CA ALA C 309 58.19 -3.98 2.78
C ALA C 309 57.16 -5.02 3.18
N GLY C 310 57.51 -6.29 2.96
CA GLY C 310 56.61 -7.36 3.33
C GLY C 310 56.46 -7.40 4.84
N PHE C 311 57.56 -7.20 5.56
CA PHE C 311 57.54 -7.21 7.01
C PHE C 311 56.72 -6.05 7.59
N ASP C 312 56.76 -4.90 6.93
CA ASP C 312 55.99 -3.76 7.41
C ASP C 312 54.50 -3.96 7.13
N THR C 313 54.18 -4.69 6.05
CA THR C 313 52.78 -4.97 5.74
C THR C 313 52.25 -5.93 6.81
N LEU C 314 53.04 -6.95 7.15
CA LEU C 314 52.64 -7.90 8.18
C LEU C 314 52.49 -7.20 9.53
N ALA C 315 53.35 -6.23 9.81
CA ALA C 315 53.28 -5.49 11.07
C ALA C 315 51.94 -4.73 11.15
N TRP C 316 51.53 -4.14 10.03
CA TRP C 316 50.26 -3.40 10.01
C TRP C 316 49.11 -4.37 10.20
N HIS C 317 49.15 -5.46 9.44
CA HIS C 317 48.14 -6.51 9.51
C HIS C 317 47.98 -6.97 10.96
N ASP C 318 49.10 -7.22 11.64
CA ASP C 318 49.08 -7.67 13.02
C ASP C 318 48.57 -6.61 14.01
N ARG C 319 48.88 -5.34 13.79
CA ARG C 319 48.40 -4.29 14.68
C ARG C 319 46.87 -4.27 14.60
N VAL C 320 46.36 -4.30 13.38
CA VAL C 320 44.92 -4.26 13.17
C VAL C 320 44.23 -5.51 13.71
N LEU C 321 44.83 -6.68 13.49
CA LEU C 321 44.25 -7.93 13.96
C LEU C 321 44.20 -7.98 15.49
N THR C 322 45.25 -7.49 16.14
CA THR C 322 45.29 -7.49 17.59
C THR C 322 44.11 -6.71 18.16
N ILE C 323 43.78 -5.59 17.53
CA ILE C 323 42.64 -4.79 18.00
C ILE C 323 41.33 -5.55 17.76
N GLU C 324 41.21 -6.11 16.55
CA GLU C 324 40.01 -6.86 16.19
C GLU C 324 39.79 -8.07 17.10
N LEU C 325 40.85 -8.83 17.35
CA LEU C 325 40.76 -10.03 18.19
C LEU C 325 40.24 -9.69 19.59
N ASN C 326 40.68 -8.55 20.12
CA ASN C 326 40.29 -8.13 21.44
C ASN C 326 39.12 -7.15 21.52
N ALA C 327 38.41 -6.98 20.42
CA ALA C 327 37.26 -6.09 20.40
C ALA C 327 35.96 -6.88 20.51
N VAL C 328 34.87 -6.14 20.76
CA VAL C 328 33.57 -6.76 20.82
C VAL C 328 32.95 -6.58 19.44
N THR C 329 32.92 -7.65 18.65
CA THR C 329 32.32 -7.60 17.33
C THR C 329 31.03 -8.38 17.53
N ASP C 330 29.97 -7.65 17.79
CA ASP C 330 28.66 -8.22 18.04
C ASP C 330 27.64 -7.12 17.86
N ASN C 331 26.40 -7.53 17.66
CA ASN C 331 25.29 -6.61 17.54
C ASN C 331 24.04 -7.39 17.91
N PRO C 332 23.22 -6.86 18.82
CA PRO C 332 23.50 -5.58 19.49
C PRO C 332 24.54 -5.79 20.60
N VAL C 333 24.87 -4.73 21.34
CA VAL C 333 25.80 -4.88 22.42
C VAL C 333 25.20 -4.22 23.67
N PHE C 334 25.59 -4.73 24.83
CA PHE C 334 25.07 -4.22 26.09
C PHE C 334 26.16 -3.56 26.90
N PRO C 335 26.14 -2.23 26.95
CA PRO C 335 27.07 -1.35 27.66
C PRO C 335 27.22 -1.73 29.12
N PRO C 336 28.44 -2.12 29.54
CA PRO C 336 28.71 -2.51 30.93
C PRO C 336 28.35 -1.42 31.93
N ASP C 337 28.54 -0.15 31.54
CA ASP C 337 28.24 0.98 32.43
C ASP C 337 26.74 1.18 32.66
N GLY C 338 25.91 0.48 31.90
CA GLY C 338 24.48 0.61 32.05
C GLY C 338 23.86 1.92 31.56
N SER C 339 24.62 2.69 30.79
CA SER C 339 24.13 3.96 30.25
C SER C 339 22.81 3.78 29.51
N VAL C 340 22.78 2.82 28.59
CA VAL C 340 21.58 2.49 27.83
C VAL C 340 21.46 0.98 27.96
N PRO C 341 20.25 0.44 27.83
CA PRO C 341 20.04 -1.00 27.94
C PRO C 341 20.82 -1.74 26.85
N ALA C 342 20.85 -1.14 25.66
CA ALA C 342 21.53 -1.74 24.52
C ALA C 342 21.82 -0.75 23.41
N LEU C 343 22.80 -1.11 22.57
CA LEU C 343 23.23 -0.30 21.45
C LEU C 343 23.15 -1.12 20.16
N HIS C 344 22.59 -0.55 19.10
CA HIS C 344 22.48 -1.22 17.80
C HIS C 344 23.38 -0.54 16.77
N GLY C 345 24.34 -1.28 16.25
CA GLY C 345 25.25 -0.72 15.27
C GLY C 345 25.81 -1.76 14.31
N GLY C 346 27.03 -1.56 13.85
CA GLY C 346 27.61 -2.50 12.92
C GLY C 346 29.02 -3.00 13.19
N ASN C 347 29.32 -3.34 14.44
CA ASN C 347 30.65 -3.83 14.79
C ASN C 347 30.97 -5.24 14.25
N PHE C 348 30.02 -5.82 13.51
CA PHE C 348 30.20 -7.14 12.92
C PHE C 348 30.77 -6.97 11.50
N MET C 349 30.88 -5.71 11.05
CA MET C 349 31.39 -5.42 9.71
C MET C 349 32.91 -5.58 9.70
N GLY C 350 33.37 -6.68 9.09
CA GLY C 350 34.79 -6.97 9.08
C GLY C 350 35.64 -6.31 8.00
N GLN C 351 35.41 -5.03 7.76
CA GLN C 351 36.17 -4.34 6.73
C GLN C 351 37.66 -4.23 7.08
N HIS C 352 38.01 -4.12 8.35
CA HIS C 352 39.42 -4.01 8.75
C HIS C 352 40.23 -5.26 8.40
N VAL C 353 39.71 -6.44 8.75
CA VAL C 353 40.41 -7.68 8.44
C VAL C 353 40.42 -7.91 6.94
N ALA C 354 39.36 -7.49 6.26
CA ALA C 354 39.28 -7.67 4.83
C ALA C 354 40.44 -6.91 4.16
N LEU C 355 40.58 -5.63 4.50
CA LEU C 355 41.63 -4.83 3.90
C LEU C 355 43.03 -5.27 4.25
N THR C 356 43.27 -5.63 5.50
CA THR C 356 44.61 -6.07 5.89
C THR C 356 44.92 -7.44 5.28
N SER C 357 43.92 -8.29 5.15
CA SER C 357 44.15 -9.60 4.57
C SER C 357 44.52 -9.44 3.10
N ASP C 358 43.82 -8.53 2.42
CA ASP C 358 44.11 -8.29 1.01
C ASP C 358 45.50 -7.72 0.84
N ALA C 359 45.89 -6.79 1.70
CA ALA C 359 47.22 -6.20 1.62
C ALA C 359 48.30 -7.23 1.92
N LEU C 360 48.05 -8.08 2.91
CA LEU C 360 49.03 -9.11 3.24
C LEU C 360 49.17 -10.12 2.10
N ALA C 361 48.06 -10.44 1.45
CA ALA C 361 48.09 -11.40 0.35
C ALA C 361 49.00 -10.87 -0.77
N THR C 362 48.92 -9.57 -1.03
CA THR C 362 49.75 -8.97 -2.06
C THR C 362 51.22 -9.09 -1.67
N ALA C 363 51.53 -8.76 -0.42
CA ALA C 363 52.90 -8.83 0.08
C ALA C 363 53.43 -10.25 -0.01
N VAL C 364 52.60 -11.23 0.35
CA VAL C 364 52.98 -12.63 0.27
C VAL C 364 53.35 -12.99 -1.16
N THR C 365 52.53 -12.54 -2.10
CA THR C 365 52.76 -12.83 -3.52
C THR C 365 54.09 -12.20 -3.98
N VAL C 366 54.35 -10.99 -3.51
CA VAL C 366 55.61 -10.31 -3.86
C VAL C 366 56.81 -11.07 -3.30
N LEU C 367 56.74 -11.48 -2.03
CA LEU C 367 57.86 -12.22 -1.44
C LEU C 367 58.02 -13.61 -2.06
N ALA C 368 56.92 -14.24 -2.47
CA ALA C 368 57.00 -15.55 -3.11
C ALA C 368 57.72 -15.32 -4.44
N GLY C 369 57.46 -14.15 -5.04
CA GLY C 369 58.11 -13.81 -6.31
C GLY C 369 59.62 -13.72 -6.13
N LEU C 370 60.05 -13.16 -5.01
CA LEU C 370 61.48 -13.04 -4.74
C LEU C 370 62.10 -14.44 -4.63
N ALA C 371 61.51 -15.30 -3.81
CA ALA C 371 62.04 -16.65 -3.66
C ALA C 371 62.04 -17.41 -4.99
N GLU C 372 61.02 -17.18 -5.83
CA GLU C 372 60.94 -17.88 -7.11
C GLU C 372 62.11 -17.45 -8.00
N ARG C 373 62.41 -16.15 -8.00
CA ARG C 373 63.53 -15.64 -8.80
C ARG C 373 64.86 -16.07 -8.21
N GLN C 374 64.91 -16.33 -6.90
CA GLN C 374 66.14 -16.79 -6.27
C GLN C 374 66.42 -18.22 -6.73
N ILE C 375 65.37 -19.01 -6.87
CA ILE C 375 65.53 -20.38 -7.35
C ILE C 375 65.99 -20.33 -8.81
N ALA C 376 65.35 -19.47 -9.59
CA ALA C 376 65.67 -19.34 -11.01
C ALA C 376 67.13 -18.96 -11.24
N ARG C 377 67.68 -18.11 -10.38
CA ARG C 377 69.07 -17.69 -10.50
C ARG C 377 70.04 -18.78 -10.06
N LEU C 378 69.77 -19.38 -8.90
CA LEU C 378 70.61 -20.44 -8.35
C LEU C 378 70.75 -21.65 -9.27
N THR C 379 69.69 -21.98 -10.00
CA THR C 379 69.69 -23.15 -10.87
C THR C 379 70.12 -22.93 -12.32
N ASP C 380 70.36 -21.66 -12.69
CA ASP C 380 70.77 -21.30 -14.05
C ASP C 380 72.30 -21.31 -14.13
N GLU C 381 72.87 -22.26 -14.88
CA GLU C 381 74.32 -22.35 -15.00
C GLU C 381 74.96 -21.08 -15.54
N ARG C 382 74.18 -20.25 -16.23
CA ARG C 382 74.70 -19.00 -16.77
C ARG C 382 74.72 -17.90 -15.70
N LEU C 383 74.03 -18.14 -14.59
CA LEU C 383 73.94 -17.15 -13.53
C LEU C 383 74.40 -17.58 -12.15
N ASN C 384 74.57 -18.88 -11.92
CA ASN C 384 74.95 -19.36 -10.60
C ASN C 384 76.46 -19.44 -10.34
N ARG C 385 77.23 -18.68 -11.10
CA ARG C 385 78.67 -18.63 -10.92
C ARG C 385 79.44 -19.94 -10.74
N GLY C 386 79.29 -20.85 -11.68
CA GLY C 386 80.03 -22.11 -11.60
C GLY C 386 79.37 -23.34 -11.02
N LEU C 387 78.14 -23.23 -10.55
CA LEU C 387 77.45 -24.39 -10.01
C LEU C 387 76.85 -25.18 -11.15
N PRO C 388 76.65 -26.50 -10.96
CA PRO C 388 76.08 -27.32 -12.04
C PRO C 388 74.70 -26.83 -12.47
N PRO C 389 74.32 -27.07 -13.73
CA PRO C 389 72.99 -26.64 -14.19
C PRO C 389 71.93 -27.37 -13.37
N PHE C 390 71.02 -26.61 -12.77
CA PHE C 390 69.94 -27.18 -11.95
C PHE C 390 70.47 -27.98 -10.77
N LEU C 391 71.69 -27.67 -10.36
CA LEU C 391 72.33 -28.30 -9.21
C LEU C 391 72.31 -29.83 -9.23
N HIS C 392 72.51 -30.41 -10.39
CA HIS C 392 72.50 -31.87 -10.50
C HIS C 392 73.82 -32.49 -10.06
N ARG C 393 73.75 -33.79 -9.78
CA ARG C 393 74.92 -34.57 -9.42
C ARG C 393 74.91 -35.72 -10.42
N GLY C 394 76.00 -36.48 -10.50
CA GLY C 394 76.03 -37.56 -11.47
C GLY C 394 76.28 -36.98 -12.85
N PRO C 395 76.19 -37.78 -13.92
CA PRO C 395 76.42 -37.30 -15.28
C PRO C 395 75.35 -36.29 -15.76
N ALA C 396 75.81 -35.19 -16.36
CA ALA C 396 74.91 -34.16 -16.88
C ALA C 396 74.17 -34.69 -18.09
N GLY C 397 72.92 -34.27 -18.27
CA GLY C 397 72.13 -34.74 -19.39
C GLY C 397 71.36 -35.94 -18.88
N LEU C 398 72.08 -36.96 -18.41
CA LEU C 398 71.45 -38.14 -17.86
C LEU C 398 70.70 -37.72 -16.61
N ASN C 399 71.25 -36.72 -15.92
CA ASN C 399 70.67 -36.18 -14.71
C ASN C 399 70.33 -34.71 -14.91
N SER C 400 69.15 -34.31 -14.45
CA SER C 400 68.68 -32.94 -14.59
C SER C 400 68.46 -32.24 -13.26
N GLY C 401 68.75 -32.95 -12.17
CA GLY C 401 68.61 -32.38 -10.84
C GLY C 401 67.26 -31.75 -10.50
N PHE C 402 67.28 -30.48 -10.15
CA PHE C 402 66.08 -29.74 -9.78
C PHE C 402 65.40 -29.03 -10.96
N MET C 403 65.65 -29.48 -12.18
CA MET C 403 65.04 -28.82 -13.33
C MET C 403 63.51 -28.86 -13.29
N GLY C 404 62.95 -29.96 -12.81
CA GLY C 404 61.51 -30.07 -12.73
C GLY C 404 60.97 -29.22 -11.60
N ALA C 405 61.63 -29.31 -10.45
CA ALA C 405 61.20 -28.55 -9.26
C ALA C 405 61.22 -27.05 -9.53
N GLN C 406 62.19 -26.60 -10.32
CA GLN C 406 62.30 -25.17 -10.64
C GLN C 406 61.08 -24.69 -11.42
N VAL C 407 60.62 -25.49 -12.37
CA VAL C 407 59.44 -25.14 -13.16
C VAL C 407 58.20 -25.16 -12.25
N THR C 408 58.17 -26.11 -11.32
CA THR C 408 57.06 -26.23 -10.38
C THR C 408 56.95 -24.96 -9.54
N ALA C 409 58.08 -24.41 -9.14
CA ALA C 409 58.06 -23.19 -8.33
C ALA C 409 57.45 -22.05 -9.15
N THR C 410 57.81 -21.96 -10.43
CA THR C 410 57.26 -20.91 -11.28
C THR C 410 55.75 -21.12 -11.44
N ALA C 411 55.33 -22.37 -11.55
CA ALA C 411 53.91 -22.68 -11.69
C ALA C 411 53.12 -22.24 -10.46
N LEU C 412 53.66 -22.53 -9.27
CA LEU C 412 53.00 -22.15 -8.02
C LEU C 412 52.82 -20.63 -7.93
N LEU C 413 53.86 -19.89 -8.29
CA LEU C 413 53.79 -18.43 -8.26
C LEU C 413 52.75 -17.89 -9.23
N ALA C 414 52.79 -18.37 -10.47
CA ALA C 414 51.83 -17.90 -11.47
C ALA C 414 50.40 -18.12 -10.98
N GLU C 415 50.16 -19.23 -10.30
CA GLU C 415 48.82 -19.49 -9.79
C GLU C 415 48.44 -18.45 -8.74
N MET C 416 49.36 -18.13 -7.83
CA MET C 416 49.07 -17.13 -6.79
C MET C 416 48.64 -15.80 -7.40
N ARG C 417 49.32 -15.42 -8.48
CA ARG C 417 49.05 -14.15 -9.15
C ARG C 417 47.69 -14.03 -9.80
N ALA C 418 47.05 -15.16 -10.10
CA ALA C 418 45.74 -15.13 -10.75
C ALA C 418 44.61 -14.66 -9.85
N THR C 419 44.83 -14.72 -8.54
CA THR C 419 43.82 -14.29 -7.58
C THR C 419 44.17 -12.95 -6.95
N GLY C 420 43.23 -12.01 -7.03
CA GLY C 420 43.46 -10.69 -6.47
C GLY C 420 42.70 -10.44 -5.18
N PRO C 421 42.56 -9.17 -4.77
CA PRO C 421 41.85 -8.79 -3.55
C PRO C 421 40.38 -9.21 -3.56
N ALA C 422 39.90 -9.65 -2.41
CA ALA C 422 38.51 -10.07 -2.28
C ALA C 422 37.59 -8.89 -1.95
N SER C 423 38.12 -7.93 -1.18
CA SER C 423 37.36 -6.77 -0.72
C SER C 423 36.64 -5.90 -1.74
N ILE C 424 37.19 -5.80 -2.94
CA ILE C 424 36.59 -4.95 -3.96
C ILE C 424 35.31 -5.51 -4.58
N HIS C 425 34.92 -6.72 -4.21
CA HIS C 425 33.74 -7.32 -4.82
C HIS C 425 32.44 -7.31 -4.03
N SER C 426 32.21 -6.27 -3.22
CA SER C 426 30.98 -6.18 -2.45
C SER C 426 29.78 -6.15 -3.38
N ILE C 427 28.73 -6.87 -2.99
CA ILE C 427 27.48 -6.96 -3.74
C ILE C 427 26.34 -6.81 -2.73
N SER C 428 25.38 -5.96 -3.05
CA SER C 428 24.22 -5.72 -2.18
C SER C 428 23.43 -7.01 -2.08
N THR C 429 23.08 -7.40 -0.86
CA THR C 429 22.34 -8.65 -0.65
C THR C 429 21.42 -8.52 0.57
N ASN C 430 20.76 -9.63 0.93
CA ASN C 430 19.82 -9.65 2.07
C ASN C 430 18.72 -8.62 1.83
N ALA C 431 18.15 -8.67 0.63
CA ALA C 431 17.09 -7.75 0.22
C ALA C 431 17.54 -6.31 0.34
N ALA C 432 18.80 -6.06 -0.01
CA ALA C 432 19.43 -4.74 0.02
C ALA C 432 19.73 -4.19 1.41
N ASN C 433 19.37 -4.96 2.45
CA ASN C 433 19.64 -4.56 3.83
C ASN C 433 21.16 -4.55 4.03
N GLN C 434 21.83 -5.54 3.48
CA GLN C 434 23.29 -5.60 3.59
C GLN C 434 23.77 -5.09 2.25
N ASP C 435 23.59 -3.79 2.05
CA ASP C 435 23.94 -3.24 0.76
C ASP C 435 25.42 -3.07 0.48
N VAL C 436 26.24 -3.24 1.52
CA VAL C 436 27.70 -3.24 1.40
C VAL C 436 28.16 -4.34 2.36
N VAL C 437 29.10 -5.18 1.91
CA VAL C 437 29.61 -6.25 2.76
C VAL C 437 31.14 -6.29 2.64
N SER C 438 31.83 -6.78 3.67
CA SER C 438 33.29 -6.77 3.65
C SER C 438 34.02 -7.89 2.92
N LEU C 439 33.44 -9.09 2.90
CA LEU C 439 34.05 -10.25 2.26
C LEU C 439 35.38 -10.59 2.96
N GLY C 440 35.49 -10.21 4.23
CA GLY C 440 36.70 -10.46 5.00
C GLY C 440 37.11 -11.92 5.15
N THR C 441 36.14 -12.80 5.28
CA THR C 441 36.43 -14.22 5.43
C THR C 441 37.09 -14.76 4.16
N ILE C 442 36.56 -14.33 3.02
CA ILE C 442 37.07 -14.74 1.72
C ILE C 442 38.48 -14.18 1.58
N ALA C 443 38.64 -12.92 1.95
CA ALA C 443 39.94 -12.25 1.87
C ALA C 443 41.00 -13.02 2.67
N ALA C 444 40.66 -13.38 3.91
CA ALA C 444 41.60 -14.11 4.75
C ALA C 444 41.89 -15.51 4.19
N ARG C 445 40.87 -16.16 3.65
CA ARG C 445 41.04 -17.49 3.08
C ARG C 445 41.94 -17.45 1.85
N LEU C 446 41.77 -16.44 1.01
CA LEU C 446 42.59 -16.29 -0.19
C LEU C 446 44.03 -16.01 0.21
N CYS C 447 44.20 -15.24 1.28
CA CYS C 447 45.54 -14.93 1.76
C CYS C 447 46.19 -16.24 2.25
N ARG C 448 45.39 -17.09 2.90
CA ARG C 448 45.90 -18.36 3.39
C ARG C 448 46.39 -19.23 2.24
N GLU C 449 45.66 -19.25 1.14
CA GLU C 449 46.08 -20.06 -0.01
C GLU C 449 47.42 -19.58 -0.57
N LYS C 450 47.61 -18.26 -0.58
CA LYS C 450 48.87 -17.71 -1.08
C LYS C 450 49.99 -18.06 -0.12
N ILE C 451 49.69 -18.03 1.17
CA ILE C 451 50.69 -18.38 2.17
C ILE C 451 51.10 -19.83 1.96
N ASP C 452 50.15 -20.72 1.69
CA ASP C 452 50.48 -22.12 1.45
C ASP C 452 51.39 -22.27 0.23
N ARG C 453 51.09 -21.54 -0.84
CA ARG C 453 51.92 -21.63 -2.05
C ARG C 453 53.34 -21.10 -1.75
N TRP C 454 53.40 -20.02 -0.97
CA TRP C 454 54.69 -19.42 -0.62
C TRP C 454 55.56 -20.43 0.14
N ALA C 455 54.94 -21.22 1.01
CA ALA C 455 55.68 -22.24 1.78
C ALA C 455 56.26 -23.30 0.85
N GLU C 456 55.52 -23.64 -0.19
CA GLU C 456 55.97 -24.65 -1.14
C GLU C 456 57.13 -24.12 -2.00
N ILE C 457 57.09 -22.84 -2.34
CA ILE C 457 58.16 -22.24 -3.13
C ILE C 457 59.42 -22.16 -2.25
N LEU C 458 59.24 -21.78 -0.98
CA LEU C 458 60.38 -21.71 -0.07
C LEU C 458 60.96 -23.10 0.18
N ALA C 459 60.10 -24.11 0.23
CA ALA C 459 60.57 -25.47 0.44
C ALA C 459 61.46 -25.87 -0.74
N ILE C 460 61.07 -25.49 -1.95
CA ILE C 460 61.86 -25.82 -3.13
C ILE C 460 63.20 -25.09 -3.05
N LEU C 461 63.18 -23.83 -2.65
CA LEU C 461 64.40 -23.04 -2.54
C LEU C 461 65.32 -23.66 -1.49
N ALA C 462 64.73 -24.08 -0.37
CA ALA C 462 65.51 -24.69 0.71
C ALA C 462 66.21 -25.97 0.26
N LEU C 463 65.51 -26.83 -0.46
CA LEU C 463 66.10 -28.08 -0.93
C LEU C 463 67.18 -27.80 -1.97
N CYS C 464 66.98 -26.76 -2.78
CA CYS C 464 67.97 -26.41 -3.79
C CYS C 464 69.24 -25.91 -3.09
N LEU C 465 69.05 -25.09 -2.06
CA LEU C 465 70.18 -24.53 -1.33
C LEU C 465 71.00 -25.56 -0.57
N ALA C 466 70.35 -26.56 0.01
CA ALA C 466 71.08 -27.59 0.74
C ALA C 466 72.01 -28.31 -0.24
N GLN C 467 71.54 -28.51 -1.47
CA GLN C 467 72.33 -29.18 -2.49
C GLN C 467 73.44 -28.26 -2.98
N ALA C 468 73.10 -26.99 -3.18
CA ALA C 468 74.05 -25.99 -3.66
C ALA C 468 75.20 -25.79 -2.68
N ALA C 469 74.86 -25.70 -1.40
CA ALA C 469 75.87 -25.49 -0.37
C ALA C 469 76.90 -26.63 -0.37
N GLU C 470 76.43 -27.86 -0.56
CA GLU C 470 77.31 -29.01 -0.57
C GLU C 470 78.13 -29.06 -1.87
N LEU C 471 77.52 -28.62 -2.96
CA LEU C 471 78.22 -28.59 -4.25
C LEU C 471 79.30 -27.51 -4.26
N ARG C 472 79.04 -26.41 -3.57
CA ARG C 472 79.97 -25.30 -3.51
C ARG C 472 81.03 -25.46 -2.44
N CYS C 473 80.61 -25.94 -1.27
CA CYS C 473 81.54 -26.06 -0.14
C CYS C 473 81.88 -27.47 0.30
N GLY C 474 81.41 -28.47 -0.43
CA GLY C 474 81.68 -29.84 -0.04
C GLY C 474 80.74 -30.26 1.07
N SER C 475 80.62 -31.57 1.30
CA SER C 475 79.73 -32.08 2.34
C SER C 475 80.01 -31.53 3.73
N GLY C 476 81.25 -31.08 3.96
CA GLY C 476 81.62 -30.53 5.25
C GLY C 476 81.19 -29.07 5.40
N LEU C 477 80.68 -28.50 4.32
CA LEU C 477 80.21 -27.11 4.30
C LEU C 477 81.29 -26.15 4.78
N ASP C 478 82.51 -26.32 4.25
CA ASP C 478 83.62 -25.46 4.64
C ASP C 478 83.38 -23.99 4.31
N GLY C 479 83.60 -23.13 5.29
CA GLY C 479 83.42 -21.71 5.09
C GLY C 479 81.99 -21.23 5.33
N VAL C 480 81.05 -22.17 5.50
CA VAL C 480 79.66 -21.79 5.74
C VAL C 480 79.46 -21.31 7.17
N SER C 481 78.60 -20.31 7.33
CA SER C 481 78.31 -19.75 8.65
C SER C 481 77.69 -20.81 9.57
N PRO C 482 77.81 -20.61 10.88
CA PRO C 482 77.25 -21.56 11.86
C PRO C 482 75.75 -21.73 11.64
N ALA C 483 75.06 -20.61 11.39
CA ALA C 483 73.63 -20.64 11.16
C ALA C 483 73.32 -21.40 9.88
N GLY C 484 74.11 -21.15 8.84
CA GLY C 484 73.92 -21.83 7.58
C GLY C 484 74.16 -23.32 7.74
N LYS C 485 75.22 -23.69 8.45
CA LYS C 485 75.53 -25.11 8.65
C LYS C 485 74.41 -25.81 9.41
N LYS C 486 73.93 -25.17 10.47
CA LYS C 486 72.87 -25.72 11.30
C LYS C 486 71.59 -25.95 10.49
N LEU C 487 71.26 -25.01 9.61
CA LEU C 487 70.06 -25.13 8.79
C LEU C 487 70.17 -26.32 7.83
N VAL C 488 71.30 -26.42 7.13
CA VAL C 488 71.50 -27.52 6.19
C VAL C 488 71.51 -28.87 6.89
N GLN C 489 72.27 -28.96 7.99
CA GLN C 489 72.35 -30.20 8.74
C GLN C 489 70.97 -30.64 9.20
N ALA C 490 70.17 -29.67 9.64
CA ALA C 490 68.81 -29.96 10.10
C ALA C 490 67.98 -30.51 8.96
N LEU C 491 68.06 -29.89 7.78
CA LEU C 491 67.31 -30.38 6.62
C LEU C 491 67.76 -31.79 6.24
N ARG C 492 69.06 -32.00 6.23
CA ARG C 492 69.62 -33.30 5.87
C ARG C 492 69.23 -34.45 6.80
N GLU C 493 68.70 -34.14 7.97
CA GLU C 493 68.27 -35.19 8.89
C GLU C 493 67.04 -35.90 8.33
N GLN C 494 66.29 -35.21 7.47
CA GLN C 494 65.07 -35.78 6.90
C GLN C 494 65.02 -35.76 5.37
N PHE C 495 65.87 -34.96 4.75
CA PHE C 495 65.91 -34.83 3.30
C PHE C 495 67.31 -35.08 2.77
N PRO C 496 67.55 -36.28 2.22
CA PRO C 496 68.82 -36.71 1.65
C PRO C 496 69.27 -35.88 0.45
N PRO C 497 70.59 -35.82 0.21
CA PRO C 497 71.07 -35.05 -0.93
C PRO C 497 70.55 -35.67 -2.22
N LEU C 498 70.60 -34.91 -3.31
CA LEU C 498 70.13 -35.41 -4.60
C LEU C 498 71.33 -35.89 -5.40
N GLU C 499 71.73 -37.14 -5.17
CA GLU C 499 72.89 -37.72 -5.85
C GLU C 499 72.48 -38.26 -7.21
N THR C 500 71.17 -38.47 -7.39
CA THR C 500 70.62 -38.95 -8.65
C THR C 500 69.16 -38.51 -8.69
N ASP C 501 68.63 -38.28 -9.89
CA ASP C 501 67.24 -37.82 -10.04
C ASP C 501 66.19 -38.70 -9.36
N ARG C 502 65.27 -38.05 -8.64
CA ARG C 502 64.18 -38.74 -7.95
C ARG C 502 62.96 -37.83 -7.81
N PRO C 503 61.77 -38.41 -7.55
CA PRO C 503 60.54 -37.62 -7.39
C PRO C 503 60.70 -36.75 -6.15
N LEU C 504 60.44 -35.46 -6.29
CA LEU C 504 60.57 -34.52 -5.19
C LEU C 504 59.24 -33.97 -4.68
N GLY C 505 58.16 -34.30 -5.39
CA GLY C 505 56.85 -33.83 -5.01
C GLY C 505 56.49 -34.01 -3.54
N GLN C 506 56.61 -35.24 -3.06
CA GLN C 506 56.26 -35.53 -1.67
C GLN C 506 57.16 -34.83 -0.67
N GLU C 507 58.45 -34.72 -0.98
CA GLU C 507 59.39 -34.03 -0.09
C GLU C 507 59.08 -32.54 -0.03
N ILE C 508 58.74 -31.94 -1.16
CA ILE C 508 58.40 -30.53 -1.20
C ILE C 508 57.19 -30.26 -0.32
N ALA C 509 56.20 -31.15 -0.40
CA ALA C 509 54.98 -31.00 0.38
C ALA C 509 55.25 -31.17 1.88
N ALA C 510 56.08 -32.15 2.23
CA ALA C 510 56.40 -32.40 3.64
C ALA C 510 57.17 -31.25 4.26
N LEU C 511 58.13 -30.71 3.53
CA LEU C 511 58.93 -29.60 4.05
C LEU C 511 58.09 -28.34 4.19
N ALA C 512 57.23 -28.08 3.21
CA ALA C 512 56.37 -26.90 3.24
C ALA C 512 55.55 -26.89 4.52
N THR C 513 55.03 -28.06 4.90
CA THR C 513 54.23 -28.17 6.12
C THR C 513 55.07 -27.77 7.35
N HIS C 514 56.35 -28.12 7.33
CA HIS C 514 57.26 -27.79 8.43
C HIS C 514 57.56 -26.29 8.48
N LEU C 515 57.81 -25.69 7.31
CA LEU C 515 58.14 -24.27 7.23
C LEU C 515 57.04 -23.38 7.79
N LEU C 516 55.79 -23.81 7.65
CA LEU C 516 54.65 -23.04 8.13
C LEU C 516 54.52 -23.02 9.65
N GLN C 517 55.13 -23.99 10.32
CA GLN C 517 55.02 -24.10 11.79
C GLN C 517 56.29 -23.86 12.60
N GLN C 518 57.45 -23.85 11.94
CA GLN C 518 58.71 -23.66 12.66
C GLN C 518 59.72 -22.85 11.86
N SER C 519 60.52 -22.06 12.57
CA SER C 519 61.55 -21.22 11.96
C SER C 519 62.93 -21.87 12.07
N PRO C 520 63.90 -21.37 11.29
CA PRO C 520 65.26 -21.92 11.34
C PRO C 520 66.03 -21.31 12.51
N VAL C 521 66.10 -22.02 13.63
CA VAL C 521 66.81 -21.50 14.79
C VAL C 521 67.76 -22.57 15.34
N LYS D 8 29.24 -52.76 -21.35
CA LYS D 8 28.80 -51.35 -21.52
C LYS D 8 29.13 -50.84 -22.93
N PRO D 9 28.59 -49.68 -23.31
CA PRO D 9 28.84 -49.11 -24.64
C PRO D 9 30.36 -49.06 -24.93
N ALA D 10 30.71 -49.03 -26.21
CA ALA D 10 32.12 -48.99 -26.59
C ALA D 10 32.44 -47.92 -27.62
N VAL D 11 33.45 -47.10 -27.32
CA VAL D 11 33.88 -46.05 -28.24
C VAL D 11 35.10 -46.57 -29.00
N GLU D 12 34.96 -46.69 -30.31
CA GLU D 12 36.06 -47.18 -31.13
C GLU D 12 36.87 -46.01 -31.64
N LEU D 13 38.13 -45.97 -31.23
CA LEU D 13 39.03 -44.90 -31.61
C LEU D 13 39.80 -45.16 -32.90
N ASP D 14 39.59 -44.30 -33.89
CA ASP D 14 40.28 -44.41 -35.15
C ASP D 14 41.13 -43.15 -35.32
N ARG D 15 40.48 -42.04 -35.67
CA ARG D 15 41.18 -40.76 -35.84
C ARG D 15 40.54 -39.64 -35.04
N HIS D 16 39.22 -39.50 -35.18
CA HIS D 16 38.47 -38.46 -34.49
C HIS D 16 37.51 -38.97 -33.42
N ILE D 17 37.46 -38.26 -32.30
CA ILE D 17 36.56 -38.59 -31.19
C ILE D 17 35.96 -37.25 -30.78
N ASP D 18 34.64 -37.20 -30.58
CA ASP D 18 34.02 -35.94 -30.17
C ASP D 18 34.02 -35.82 -28.65
N LEU D 19 33.67 -34.65 -28.15
CA LEU D 19 33.65 -34.40 -26.71
C LEU D 19 32.73 -35.31 -25.90
N ASP D 20 31.57 -35.67 -26.44
CA ASP D 20 30.66 -36.55 -25.70
C ASP D 20 31.25 -37.95 -25.61
N GLN D 21 31.88 -38.39 -26.69
CA GLN D 21 32.49 -39.72 -26.70
C GLN D 21 33.66 -39.74 -25.72
N ALA D 22 34.39 -38.64 -25.65
CA ALA D 22 35.52 -38.52 -24.76
C ALA D 22 35.09 -38.58 -23.29
N HIS D 23 34.04 -37.84 -22.94
CA HIS D 23 33.58 -37.83 -21.56
C HIS D 23 32.92 -39.14 -21.17
N ALA D 24 32.35 -39.85 -22.14
CA ALA D 24 31.70 -41.13 -21.86
C ALA D 24 32.77 -42.13 -21.41
N VAL D 25 33.92 -42.08 -22.07
CA VAL D 25 35.02 -42.97 -21.73
C VAL D 25 35.63 -42.54 -20.39
N ALA D 26 35.95 -41.25 -20.26
CA ALA D 26 36.54 -40.73 -19.04
C ALA D 26 35.68 -40.99 -17.81
N SER D 27 34.37 -40.86 -17.96
CA SER D 27 33.45 -41.08 -16.85
C SER D 27 33.10 -42.55 -16.64
N GLY D 28 33.75 -43.44 -17.38
CA GLY D 28 33.50 -44.86 -17.24
C GLY D 28 32.17 -45.34 -17.77
N GLY D 29 31.47 -44.49 -18.52
CA GLY D 29 30.19 -44.88 -19.08
C GLY D 29 30.36 -45.73 -20.33
N ALA D 30 31.52 -45.60 -20.96
CA ALA D 30 31.81 -46.38 -22.17
C ALA D 30 33.22 -46.93 -22.15
N ARG D 31 33.41 -48.07 -22.80
CA ARG D 31 34.74 -48.67 -22.90
C ARG D 31 35.41 -48.07 -24.12
N ILE D 32 36.70 -48.28 -24.27
CA ILE D 32 37.40 -47.74 -25.43
C ILE D 32 38.16 -48.85 -26.14
N VAL D 33 38.09 -48.82 -27.46
CA VAL D 33 38.77 -49.81 -28.27
C VAL D 33 39.50 -49.13 -29.42
N LEU D 34 40.72 -49.58 -29.67
CA LEU D 34 41.52 -49.02 -30.73
C LEU D 34 41.16 -49.70 -32.05
N ALA D 35 40.62 -48.92 -32.99
CA ALA D 35 40.22 -49.46 -34.28
C ALA D 35 41.42 -49.99 -35.04
N PRO D 36 41.21 -51.04 -35.86
CA PRO D 36 42.30 -51.63 -36.64
C PRO D 36 43.20 -50.59 -37.34
N PRO D 37 42.59 -49.57 -37.99
CA PRO D 37 43.36 -48.53 -38.69
C PRO D 37 44.29 -47.75 -37.74
N ALA D 38 43.85 -47.59 -36.50
CA ALA D 38 44.63 -46.87 -35.50
C ALA D 38 45.77 -47.75 -35.01
N ARG D 39 45.47 -49.02 -34.76
CA ARG D 39 46.48 -49.97 -34.30
C ARG D 39 47.60 -50.01 -35.35
N ASP D 40 47.21 -50.07 -36.62
CA ASP D 40 48.19 -50.15 -37.70
C ASP D 40 49.02 -48.89 -37.94
N ARG D 41 48.43 -47.71 -37.79
CA ARG D 41 49.22 -46.51 -38.00
C ARG D 41 50.15 -46.30 -36.79
N CYS D 42 49.76 -46.86 -35.65
CA CYS D 42 50.59 -46.76 -34.45
C CYS D 42 51.76 -47.73 -34.55
N ARG D 43 51.49 -48.94 -35.04
CA ARG D 43 52.54 -49.94 -35.21
C ARG D 43 53.57 -49.40 -36.21
N ALA D 44 53.09 -48.65 -37.21
CA ALA D 44 53.96 -48.07 -38.21
C ALA D 44 54.86 -47.00 -37.60
N SER D 45 54.30 -46.24 -36.66
CA SER D 45 55.07 -45.19 -35.99
C SER D 45 56.12 -45.85 -35.11
N GLU D 46 55.71 -46.92 -34.41
CA GLU D 46 56.61 -47.66 -33.52
C GLU D 46 57.81 -48.13 -34.34
N ALA D 47 57.55 -48.53 -35.58
CA ALA D 47 58.60 -49.00 -36.47
C ALA D 47 59.54 -47.84 -36.82
N ARG D 48 58.97 -46.66 -37.02
CA ARG D 48 59.78 -45.50 -37.35
C ARG D 48 60.68 -45.09 -36.19
N LEU D 49 60.16 -45.21 -34.97
CA LEU D 49 60.95 -44.85 -33.79
C LEU D 49 62.16 -45.78 -33.74
N GLY D 50 61.90 -47.07 -33.91
CA GLY D 50 62.97 -48.04 -33.90
C GLY D 50 64.05 -47.74 -34.92
N ALA D 51 63.62 -47.26 -36.10
CA ALA D 51 64.55 -46.94 -37.18
C ALA D 51 65.37 -45.70 -36.84
N VAL D 52 64.73 -44.72 -36.22
CA VAL D 52 65.41 -43.50 -35.82
C VAL D 52 66.51 -43.83 -34.84
N ILE D 53 66.21 -44.72 -33.90
CA ILE D 53 67.17 -45.12 -32.89
C ILE D 53 68.31 -45.95 -33.50
N ARG D 54 67.98 -46.86 -34.41
CA ARG D 54 68.99 -47.68 -35.06
C ARG D 54 69.96 -46.83 -35.87
N GLU D 55 69.45 -45.78 -36.49
CA GLU D 55 70.28 -44.90 -37.32
C GLU D 55 71.01 -43.83 -36.51
N ALA D 56 70.77 -43.79 -35.20
CA ALA D 56 71.42 -42.82 -34.33
C ALA D 56 71.13 -41.38 -34.74
N ARG D 57 69.90 -41.13 -35.17
CA ARG D 57 69.48 -39.78 -35.57
C ARG D 57 69.56 -38.85 -34.37
N HIS D 58 69.92 -37.59 -34.60
CA HIS D 58 69.99 -36.60 -33.53
C HIS D 58 68.56 -36.20 -33.19
N VAL D 59 68.03 -36.82 -32.14
CA VAL D 59 66.66 -36.55 -31.70
C VAL D 59 66.56 -36.28 -30.21
N TYR D 60 65.76 -35.27 -29.86
CA TYR D 60 65.54 -34.86 -28.47
C TYR D 60 64.98 -36.02 -27.65
N GLY D 61 65.58 -36.27 -26.50
CA GLY D 61 65.10 -37.33 -25.63
C GLY D 61 65.61 -38.73 -25.96
N LEU D 62 66.20 -38.88 -27.15
CA LEU D 62 66.74 -40.17 -27.56
C LEU D 62 68.25 -40.13 -27.62
N THR D 63 68.80 -38.96 -27.92
CA THR D 63 70.24 -38.80 -28.00
C THR D 63 70.69 -37.45 -27.43
N THR D 64 69.81 -36.82 -26.64
CA THR D 64 70.13 -35.52 -26.04
C THR D 64 69.54 -35.39 -24.65
N GLY D 65 70.00 -34.38 -23.92
CA GLY D 65 69.48 -34.13 -22.59
C GLY D 65 68.17 -33.39 -22.75
N PHE D 66 67.54 -33.02 -21.65
CA PHE D 66 66.25 -32.32 -21.71
C PHE D 66 66.36 -30.82 -21.45
N GLY D 67 65.41 -30.06 -22.00
CA GLY D 67 65.41 -28.62 -21.82
C GLY D 67 66.71 -27.98 -22.24
N PRO D 68 67.25 -27.05 -21.45
CA PRO D 68 68.52 -26.41 -21.83
C PRO D 68 69.73 -27.35 -21.78
N LEU D 69 69.52 -28.57 -21.29
CA LEU D 69 70.61 -29.54 -21.22
C LEU D 69 70.65 -30.39 -22.49
N ALA D 70 69.79 -30.05 -23.44
CA ALA D 70 69.70 -30.76 -24.72
C ALA D 70 71.00 -30.66 -25.52
N ASN D 71 71.84 -29.69 -25.15
CA ASN D 71 73.11 -29.51 -25.85
C ASN D 71 74.10 -30.60 -25.42
N ARG D 72 73.67 -31.44 -24.49
CA ARG D 72 74.48 -32.56 -24.01
C ARG D 72 74.02 -33.82 -24.75
N LEU D 73 74.80 -34.26 -25.73
CA LEU D 73 74.43 -35.44 -26.49
C LEU D 73 74.65 -36.69 -25.64
N ILE D 74 73.78 -37.68 -25.83
CA ILE D 74 73.84 -38.91 -25.06
C ILE D 74 74.04 -40.17 -25.92
N SER D 75 74.77 -41.14 -25.36
CA SER D 75 75.03 -42.39 -26.06
C SER D 75 73.84 -43.34 -25.92
N GLY D 76 73.59 -44.11 -26.97
CA GLY D 76 72.47 -45.05 -26.94
C GLY D 76 72.50 -46.03 -25.79
N GLU D 77 73.68 -46.23 -25.21
CA GLU D 77 73.84 -47.15 -24.10
C GLU D 77 73.27 -46.60 -22.79
N ASN D 78 72.82 -45.35 -22.82
CA ASN D 78 72.27 -44.71 -21.62
C ASN D 78 70.89 -44.09 -21.81
N VAL D 79 70.20 -44.46 -22.89
CA VAL D 79 68.88 -43.90 -23.17
C VAL D 79 67.81 -44.32 -22.18
N ARG D 80 67.85 -45.58 -21.73
CA ARG D 80 66.87 -46.05 -20.77
C ARG D 80 67.02 -45.31 -19.45
N THR D 81 68.26 -45.06 -19.07
CA THR D 81 68.55 -44.34 -17.84
C THR D 81 68.03 -42.91 -18.02
N LEU D 82 68.34 -42.34 -19.17
CA LEU D 82 67.92 -40.99 -19.52
C LEU D 82 66.41 -40.81 -19.33
N GLN D 83 65.63 -41.72 -19.90
CA GLN D 83 64.17 -41.63 -19.81
C GLN D 83 63.63 -42.02 -18.45
N ALA D 84 64.37 -42.85 -17.74
CA ALA D 84 63.96 -43.26 -16.41
C ALA D 84 64.12 -42.07 -15.50
N ASN D 85 65.18 -41.29 -15.72
CA ASN D 85 65.43 -40.12 -14.88
C ASN D 85 64.47 -38.97 -15.28
N LEU D 86 64.05 -38.94 -16.54
CA LEU D 86 63.14 -37.93 -17.03
C LEU D 86 61.86 -37.98 -16.16
N VAL D 87 61.25 -39.16 -16.04
CA VAL D 87 60.04 -39.37 -15.27
C VAL D 87 60.29 -38.98 -13.80
N HIS D 88 61.51 -39.25 -13.30
CA HIS D 88 61.83 -38.96 -11.92
C HIS D 88 61.94 -37.47 -11.63
N PHE D 89 62.80 -36.75 -12.35
CA PHE D 89 62.95 -35.33 -12.03
C PHE D 89 61.72 -34.47 -12.30
N LEU D 90 60.83 -34.94 -13.18
CA LEU D 90 59.62 -34.21 -13.50
C LEU D 90 58.52 -34.38 -12.45
N ALA D 91 58.63 -35.44 -11.66
CA ALA D 91 57.61 -35.73 -10.65
C ALA D 91 57.74 -34.86 -9.39
N SER D 92 57.64 -33.55 -9.58
CA SER D 92 57.75 -32.59 -8.47
C SER D 92 56.40 -31.93 -8.21
N GLY D 93 55.32 -32.61 -8.61
CA GLY D 93 53.99 -32.08 -8.41
C GLY D 93 53.53 -32.06 -6.96
N VAL D 94 52.63 -31.12 -6.67
CA VAL D 94 52.08 -30.96 -5.33
C VAL D 94 50.61 -30.57 -5.44
N GLY D 95 49.90 -30.59 -4.31
CA GLY D 95 48.51 -30.21 -4.31
C GLY D 95 47.52 -31.37 -4.37
N PRO D 96 46.22 -31.09 -4.19
CA PRO D 96 45.17 -32.10 -4.23
C PRO D 96 45.22 -32.83 -5.56
N VAL D 97 44.95 -34.13 -5.55
CA VAL D 97 44.98 -34.91 -6.78
C VAL D 97 43.80 -34.55 -7.68
N LEU D 98 43.97 -34.74 -8.99
CA LEU D 98 42.89 -34.46 -9.93
C LEU D 98 41.80 -35.49 -9.62
N ASP D 99 40.54 -35.11 -9.80
CA ASP D 99 39.45 -36.03 -9.53
C ASP D 99 39.46 -37.20 -10.53
N TRP D 100 38.84 -38.29 -10.13
CA TRP D 100 38.76 -39.52 -10.91
C TRP D 100 38.44 -39.33 -12.40
N THR D 101 37.36 -38.61 -12.70
CA THR D 101 36.96 -38.38 -14.08
C THR D 101 37.96 -37.52 -14.86
N THR D 102 38.52 -36.51 -14.19
CA THR D 102 39.48 -35.64 -14.85
C THR D 102 40.81 -36.34 -15.12
N ALA D 103 41.28 -37.11 -14.15
CA ALA D 103 42.53 -37.83 -14.31
C ALA D 103 42.41 -38.82 -15.47
N ARG D 104 41.24 -39.44 -15.60
CA ARG D 104 41.01 -40.40 -16.68
C ARG D 104 40.90 -39.68 -18.02
N ALA D 105 40.35 -38.46 -18.01
CA ALA D 105 40.21 -37.66 -19.23
C ALA D 105 41.61 -37.33 -19.74
N MET D 106 42.53 -37.14 -18.80
CA MET D 106 43.93 -36.82 -19.10
C MET D 106 44.59 -38.02 -19.81
N VAL D 107 44.38 -39.22 -19.28
CA VAL D 107 44.94 -40.44 -19.85
C VAL D 107 44.39 -40.61 -21.27
N LEU D 108 43.10 -40.35 -21.43
CA LEU D 108 42.43 -40.44 -22.72
C LEU D 108 43.00 -39.45 -23.74
N ALA D 109 43.22 -38.21 -23.31
CA ALA D 109 43.76 -37.20 -24.20
C ALA D 109 45.14 -37.61 -24.71
N ARG D 110 45.95 -38.22 -23.86
CA ARG D 110 47.29 -38.63 -24.27
C ARG D 110 47.16 -39.79 -25.26
N LEU D 111 46.22 -40.68 -25.02
CA LEU D 111 45.97 -41.83 -25.89
C LEU D 111 45.54 -41.37 -27.29
N VAL D 112 44.63 -40.41 -27.34
CA VAL D 112 44.16 -39.91 -28.63
C VAL D 112 45.31 -39.27 -29.40
N SER D 113 46.15 -38.50 -28.71
CA SER D 113 47.30 -37.86 -29.35
C SER D 113 48.20 -38.95 -29.96
N ILE D 114 48.41 -40.02 -29.19
CA ILE D 114 49.24 -41.13 -29.64
C ILE D 114 48.62 -41.88 -30.82
N ALA D 115 47.30 -42.03 -30.80
CA ALA D 115 46.59 -42.75 -31.86
C ALA D 115 46.77 -42.13 -33.24
N GLN D 116 47.24 -40.89 -33.29
CA GLN D 116 47.45 -40.22 -34.56
C GLN D 116 48.66 -40.82 -35.29
N GLY D 117 49.39 -41.68 -34.59
CA GLY D 117 50.54 -42.36 -35.18
C GLY D 117 51.78 -41.52 -35.48
N ALA D 118 52.11 -40.59 -34.61
CA ALA D 118 53.29 -39.76 -34.82
C ALA D 118 54.17 -39.68 -33.56
N SER D 119 53.91 -40.55 -32.58
CA SER D 119 54.67 -40.54 -31.33
C SER D 119 55.66 -41.68 -31.15
N GLY D 120 55.47 -42.77 -31.91
CA GLY D 120 56.36 -43.91 -31.80
C GLY D 120 56.14 -44.76 -30.56
N ALA D 121 54.99 -44.61 -29.92
CA ALA D 121 54.67 -45.39 -28.73
C ALA D 121 54.50 -46.86 -29.07
N SER D 122 55.02 -47.73 -28.22
CA SER D 122 54.91 -49.18 -28.45
C SER D 122 53.50 -49.68 -28.17
N GLU D 123 53.18 -50.88 -28.64
CA GLU D 123 51.85 -51.46 -28.43
C GLU D 123 51.58 -51.66 -26.95
N GLY D 124 52.62 -52.04 -26.22
CA GLY D 124 52.48 -52.27 -24.79
C GLY D 124 52.05 -51.02 -24.05
N THR D 125 52.71 -49.91 -24.36
CA THR D 125 52.39 -48.65 -23.70
C THR D 125 50.95 -48.23 -24.03
N ILE D 126 50.54 -48.40 -25.28
CA ILE D 126 49.19 -48.06 -25.69
C ILE D 126 48.19 -48.93 -24.96
N ALA D 127 48.53 -50.21 -24.78
CA ALA D 127 47.67 -51.17 -24.09
C ALA D 127 47.45 -50.80 -22.63
N ARG D 128 48.48 -50.24 -22.00
CA ARG D 128 48.40 -49.84 -20.58
C ARG D 128 47.39 -48.69 -20.42
N LEU D 129 47.37 -47.78 -21.38
CA LEU D 129 46.46 -46.63 -21.33
C LEU D 129 45.02 -47.08 -21.58
N ILE D 130 44.85 -48.03 -22.50
CA ILE D 130 43.52 -48.54 -22.81
C ILE D 130 42.98 -49.35 -21.64
N ASP D 131 43.84 -50.16 -21.02
CA ASP D 131 43.44 -50.97 -19.88
C ASP D 131 42.99 -50.10 -18.73
N LEU D 132 43.71 -49.00 -18.51
CA LEU D 132 43.38 -48.08 -17.43
C LEU D 132 41.98 -47.54 -17.68
N LEU D 133 41.75 -47.05 -18.90
CA LEU D 133 40.46 -46.50 -19.25
C LEU D 133 39.32 -47.51 -19.15
N ASN D 134 39.60 -48.78 -19.41
CA ASN D 134 38.56 -49.79 -19.31
C ASN D 134 38.39 -50.32 -17.89
N SER D 135 39.27 -49.90 -16.99
CA SER D 135 39.18 -50.30 -15.60
C SER D 135 38.26 -49.31 -14.89
N GLU D 136 38.13 -49.46 -13.59
CA GLU D 136 37.30 -48.59 -12.76
C GLU D 136 38.19 -47.62 -12.00
N LEU D 137 39.47 -47.61 -12.35
CA LEU D 137 40.44 -46.78 -11.66
C LEU D 137 40.92 -45.58 -12.44
N ALA D 138 41.64 -44.72 -11.74
CA ALA D 138 42.23 -43.52 -12.32
C ALA D 138 43.53 -43.28 -11.57
N PRO D 139 44.54 -42.73 -12.26
CA PRO D 139 45.80 -42.49 -11.53
C PRO D 139 45.61 -41.32 -10.57
N ALA D 140 46.33 -41.34 -9.45
CA ALA D 140 46.25 -40.26 -8.47
C ALA D 140 47.40 -39.33 -8.78
N VAL D 141 47.09 -38.21 -9.40
CA VAL D 141 48.11 -37.24 -9.81
C VAL D 141 47.93 -35.87 -9.17
N PRO D 142 49.03 -35.24 -8.71
CA PRO D 142 48.95 -33.91 -8.10
C PRO D 142 48.47 -32.90 -9.13
N SER D 143 47.66 -31.94 -8.71
CA SER D 143 47.12 -30.94 -9.61
C SER D 143 48.03 -29.77 -9.95
N ARG D 144 48.99 -29.47 -9.08
CA ARG D 144 49.89 -28.34 -9.31
C ARG D 144 51.32 -28.72 -9.65
N GLY D 145 52.00 -27.84 -10.41
CA GLY D 145 53.37 -28.11 -10.76
C GLY D 145 53.78 -27.79 -12.19
N THR D 146 52.82 -27.78 -13.11
CA THR D 146 53.14 -27.51 -14.50
C THR D 146 52.79 -26.10 -14.98
N VAL D 147 53.57 -25.59 -15.94
CA VAL D 147 53.32 -24.29 -16.54
C VAL D 147 52.57 -24.41 -17.84
N GLY D 148 52.14 -25.65 -18.11
CA GLY D 148 51.39 -25.92 -19.34
C GLY D 148 52.17 -25.73 -20.63
N ASP D 150 52.14 -30.34 -20.17
CA ASP D 150 51.81 -30.81 -18.82
C ASP D 150 52.74 -31.92 -18.35
N LEU D 151 54.03 -31.60 -18.33
CA LEU D 151 55.04 -32.57 -17.92
C LEU D 151 54.85 -33.16 -16.54
N THR D 152 54.65 -32.31 -15.55
CA THR D 152 54.51 -32.78 -14.17
C THR D 152 53.39 -33.78 -13.90
N PRO D 153 52.13 -33.39 -14.18
CA PRO D 153 51.05 -34.34 -13.92
C PRO D 153 51.17 -35.64 -14.70
N LEU D 154 51.68 -35.55 -15.93
CA LEU D 154 51.82 -36.76 -16.75
C LEU D 154 52.93 -37.67 -16.21
N ALA D 155 54.00 -37.07 -15.70
CA ALA D 155 55.08 -37.86 -15.14
C ALA D 155 54.55 -38.64 -13.93
N HIS D 156 53.67 -38.01 -13.16
CA HIS D 156 53.09 -38.67 -12.00
C HIS D 156 52.19 -39.79 -12.50
N MET D 157 51.58 -39.57 -13.66
CA MET D 157 50.71 -40.57 -14.28
C MET D 157 51.53 -41.81 -14.62
N VAL D 158 52.70 -41.60 -15.20
CA VAL D 158 53.58 -42.72 -15.56
C VAL D 158 53.95 -43.53 -14.31
N LEU D 159 54.34 -42.83 -13.25
CA LEU D 159 54.72 -43.52 -12.02
C LEU D 159 53.56 -44.36 -11.50
N CYS D 160 52.34 -43.82 -11.59
CA CYS D 160 51.18 -44.55 -11.13
C CYS D 160 50.99 -45.84 -11.94
N LEU D 161 51.15 -45.73 -13.26
CA LEU D 161 50.98 -46.86 -14.16
C LEU D 161 52.07 -47.94 -14.01
N GLN D 162 53.22 -47.55 -13.46
CA GLN D 162 54.31 -48.51 -13.25
C GLN D 162 54.10 -49.15 -11.88
N GLY D 163 53.05 -48.71 -11.18
CA GLY D 163 52.74 -49.23 -9.87
C GLY D 163 53.54 -48.55 -8.78
N ARG D 164 54.17 -47.43 -9.15
CA ARG D 164 54.99 -46.65 -8.21
C ARG D 164 54.24 -45.37 -7.83
N GLY D 165 52.91 -45.44 -7.88
CA GLY D 165 52.09 -44.30 -7.55
C GLY D 165 50.69 -44.74 -7.15
N ASP D 166 49.95 -43.87 -6.48
CA ASP D 166 48.61 -44.19 -6.04
C ASP D 166 47.56 -44.16 -7.15
N PHE D 167 46.46 -44.85 -6.90
CA PHE D 167 45.34 -44.93 -7.82
C PHE D 167 44.11 -44.45 -7.07
N LEU D 168 43.07 -44.08 -7.80
CA LEU D 168 41.84 -43.64 -7.19
C LEU D 168 40.70 -44.49 -7.71
N ASP D 169 39.75 -44.78 -6.84
CA ASP D 169 38.58 -45.55 -7.24
C ASP D 169 37.56 -44.44 -7.55
N ARG D 170 36.38 -44.82 -8.02
CA ARG D 170 35.35 -43.83 -8.35
C ARG D 170 35.02 -42.86 -7.21
N ASP D 171 35.23 -43.30 -5.97
CA ASP D 171 34.93 -42.48 -4.81
C ASP D 171 36.03 -41.50 -4.40
N GLY D 172 37.20 -41.64 -5.00
CA GLY D 172 38.29 -40.75 -4.65
C GLY D 172 39.18 -41.32 -3.56
N THR D 173 38.86 -42.53 -3.10
CA THR D 173 39.67 -43.16 -2.07
C THR D 173 40.93 -43.69 -2.73
N ARG D 174 42.08 -43.46 -2.09
CA ARG D 174 43.36 -43.87 -2.64
C ARG D 174 43.76 -45.32 -2.38
N LEU D 175 44.45 -45.89 -3.36
CA LEU D 175 44.97 -47.25 -3.31
C LEU D 175 46.44 -47.11 -3.65
N ASP D 176 47.30 -47.90 -3.02
CA ASP D 176 48.72 -47.81 -3.33
C ASP D 176 48.93 -48.39 -4.72
N GLY D 177 50.11 -48.17 -5.29
CA GLY D 177 50.39 -48.67 -6.62
C GLY D 177 50.16 -50.15 -6.82
N ALA D 178 50.73 -50.96 -5.93
CA ALA D 178 50.59 -52.41 -6.02
C ALA D 178 49.13 -52.83 -6.02
N GLU D 179 48.35 -52.23 -5.13
CA GLU D 179 46.93 -52.54 -5.04
C GLU D 179 46.16 -52.09 -6.28
N GLY D 180 46.57 -50.96 -6.85
CA GLY D 180 45.91 -50.46 -8.04
C GLY D 180 46.06 -51.42 -9.20
N LEU D 181 47.30 -51.87 -9.43
CA LEU D 181 47.57 -52.81 -10.50
C LEU D 181 46.80 -54.11 -10.28
N ARG D 182 46.79 -54.57 -9.03
CA ARG D 182 46.10 -55.81 -8.66
C ARG D 182 44.59 -55.71 -8.82
N ARG D 183 43.98 -54.74 -8.15
CA ARG D 183 42.54 -54.54 -8.20
C ARG D 183 42.05 -54.26 -9.61
N GLY D 184 42.81 -53.47 -10.36
CA GLY D 184 42.42 -53.14 -11.72
C GLY D 184 42.84 -54.19 -12.73
N ARG D 185 43.56 -55.21 -12.26
CA ARG D 185 44.04 -56.27 -13.15
C ARG D 185 44.84 -55.63 -14.27
N LEU D 186 45.73 -54.74 -13.90
CA LEU D 186 46.56 -54.03 -14.88
C LEU D 186 47.99 -54.57 -14.87
N GLN D 187 48.68 -54.38 -15.98
CA GLN D 187 50.07 -54.82 -16.09
C GLN D 187 50.92 -53.57 -15.84
N PRO D 188 52.08 -53.72 -15.19
CA PRO D 188 52.92 -52.54 -14.95
C PRO D 188 53.45 -52.01 -16.27
N LEU D 189 53.45 -50.70 -16.40
CA LEU D 189 53.94 -50.02 -17.59
C LEU D 189 55.42 -50.33 -17.79
N ASP D 190 55.78 -50.79 -18.98
CA ASP D 190 57.16 -51.15 -19.31
C ASP D 190 57.62 -50.26 -20.45
N LEU D 191 58.25 -49.13 -20.12
CA LEU D 191 58.67 -48.17 -21.12
C LEU D 191 59.83 -48.55 -22.02
N SER D 192 59.66 -48.27 -23.31
CA SER D 192 60.68 -48.55 -24.31
C SER D 192 60.94 -47.34 -25.19
N HIS D 193 62.14 -47.28 -25.75
CA HIS D 193 62.51 -46.17 -26.61
C HIS D 193 62.09 -44.84 -26.01
N ARG D 194 61.26 -44.04 -26.67
CA ARG D 194 60.87 -42.74 -26.11
C ARG D 194 59.47 -42.69 -25.47
N ASP D 195 58.91 -43.84 -25.14
CA ASP D 195 57.58 -43.87 -24.53
C ASP D 195 57.50 -42.85 -23.39
N ALA D 196 58.57 -42.76 -22.61
CA ALA D 196 58.61 -41.82 -21.49
C ALA D 196 58.26 -40.41 -21.95
N LEU D 197 59.06 -39.87 -22.87
CA LEU D 197 58.81 -38.51 -23.36
C LEU D 197 57.46 -38.39 -24.08
N ALA D 198 57.06 -39.43 -24.80
CA ALA D 198 55.80 -39.44 -25.53
C ALA D 198 54.60 -39.32 -24.57
N LEU D 199 54.66 -40.00 -23.44
CA LEU D 199 53.59 -39.98 -22.46
C LEU D 199 53.59 -38.70 -21.64
N VAL D 200 54.69 -37.96 -21.72
CA VAL D 200 54.85 -36.74 -20.93
C VAL D 200 54.86 -35.34 -21.61
N ASN D 201 55.25 -35.28 -22.88
CA ASN D 201 55.36 -34.00 -23.58
C ASN D 201 54.17 -33.49 -24.40
N GLY D 202 53.02 -33.30 -23.74
CA GLY D 202 51.85 -32.82 -24.46
C GLY D 202 50.94 -31.95 -23.58
N THR D 203 49.75 -31.65 -24.07
CA THR D 203 48.78 -30.82 -23.36
C THR D 203 47.62 -31.63 -22.79
N SER D 204 47.86 -32.92 -22.59
CA SER D 204 46.83 -33.83 -22.09
C SER D 204 46.14 -33.52 -20.77
N ALA D 205 46.86 -33.00 -19.79
CA ALA D 205 46.21 -32.70 -18.52
C ALA D 205 45.19 -31.55 -18.68
N MET D 206 45.61 -30.44 -19.30
CA MET D 206 44.70 -29.31 -19.47
C MET D 206 43.54 -29.67 -20.39
N THR D 207 43.81 -30.54 -21.36
CA THR D 207 42.77 -30.98 -22.30
C THR D 207 41.75 -31.82 -21.54
N GLY D 208 42.23 -32.68 -20.67
CA GLY D 208 41.37 -33.52 -19.88
C GLY D 208 40.49 -32.70 -18.95
N ILE D 209 41.08 -31.71 -18.29
CA ILE D 209 40.35 -30.84 -17.39
C ILE D 209 39.31 -30.06 -18.18
N ALA D 210 39.73 -29.49 -19.31
CA ALA D 210 38.82 -28.72 -20.16
C ALA D 210 37.65 -29.53 -20.71
N LEU D 211 37.86 -30.81 -21.04
CA LEU D 211 36.76 -31.59 -21.57
C LEU D 211 35.74 -31.90 -20.46
N VAL D 212 36.20 -31.97 -19.23
CA VAL D 212 35.29 -32.21 -18.11
C VAL D 212 34.54 -30.89 -17.87
N ASN D 213 35.22 -29.77 -18.05
CA ASN D 213 34.60 -28.47 -17.88
C ASN D 213 33.50 -28.28 -18.93
N ALA D 214 33.80 -28.66 -20.17
CA ALA D 214 32.85 -28.52 -21.27
C ALA D 214 31.54 -29.25 -20.98
N HIS D 215 31.66 -30.50 -20.55
CA HIS D 215 30.51 -31.33 -20.23
C HIS D 215 29.67 -30.71 -19.11
N ALA D 216 30.34 -30.35 -18.02
CA ALA D 216 29.68 -29.74 -16.87
C ALA D 216 28.95 -28.46 -17.27
N CYS D 217 29.57 -27.64 -18.11
CA CYS D 217 28.94 -26.40 -18.53
C CYS D 217 27.68 -26.64 -19.33
N ARG D 218 27.68 -27.68 -20.15
CA ARG D 218 26.49 -27.98 -20.93
C ARG D 218 25.31 -28.22 -20.00
N HIS D 219 25.52 -29.05 -18.97
CA HIS D 219 24.44 -29.33 -18.02
C HIS D 219 24.03 -28.08 -17.24
N LEU D 220 25.00 -27.32 -16.73
CA LEU D 220 24.65 -26.11 -15.98
C LEU D 220 23.94 -25.11 -16.87
N GLY D 221 24.31 -25.07 -18.14
CA GLY D 221 23.66 -24.18 -19.08
C GLY D 221 22.19 -24.54 -19.21
N ASN D 222 21.92 -25.84 -19.27
CA ASN D 222 20.53 -26.32 -19.36
C ASN D 222 19.77 -25.96 -18.10
N TRP D 223 20.45 -26.04 -16.95
CA TRP D 223 19.79 -25.68 -15.70
C TRP D 223 19.56 -24.18 -15.64
N ALA D 224 20.49 -23.42 -16.19
CA ALA D 224 20.36 -21.97 -16.19
C ALA D 224 19.12 -21.58 -16.99
N VAL D 225 18.89 -22.27 -18.11
CA VAL D 225 17.71 -22.00 -18.94
C VAL D 225 16.43 -22.47 -18.24
N ALA D 226 16.45 -23.67 -17.70
CA ALA D 226 15.27 -24.22 -17.03
C ALA D 226 14.85 -23.39 -15.81
N LEU D 227 15.82 -22.87 -15.06
CA LEU D 227 15.51 -22.09 -13.88
C LEU D 227 15.04 -20.68 -14.23
N THR D 228 15.59 -20.10 -15.30
CA THR D 228 15.16 -18.78 -15.73
C THR D 228 13.70 -18.86 -16.18
N ALA D 229 13.35 -19.97 -16.83
CA ALA D 229 11.99 -20.17 -17.30
C ALA D 229 11.03 -20.34 -16.11
N LEU D 230 11.46 -21.11 -15.11
CA LEU D 230 10.64 -21.34 -13.93
C LEU D 230 10.49 -20.01 -13.17
N LEU D 231 11.56 -19.21 -13.18
CA LEU D 231 11.51 -17.91 -12.50
C LEU D 231 10.39 -17.09 -13.13
N ALA D 232 10.29 -17.13 -14.45
CA ALA D 232 9.24 -16.40 -15.17
C ALA D 232 7.86 -16.88 -14.73
N GLU D 233 7.72 -18.17 -14.46
CA GLU D 233 6.44 -18.72 -14.04
C GLU D 233 6.12 -18.32 -12.59
N CYS D 234 7.14 -17.95 -11.84
CA CYS D 234 6.95 -17.56 -10.45
C CYS D 234 6.73 -16.05 -10.29
N LEU D 235 7.17 -15.27 -11.27
CA LEU D 235 7.05 -13.82 -11.22
C LEU D 235 6.21 -13.19 -12.33
N ARG D 236 5.30 -13.96 -12.94
CA ARG D 236 4.47 -13.47 -14.03
C ARG D 236 5.36 -12.85 -15.12
N GLY D 237 6.41 -13.58 -15.50
CA GLY D 237 7.32 -13.10 -16.52
C GLY D 237 6.70 -12.98 -17.91
N ARG D 238 7.17 -12.01 -18.69
CA ARG D 238 6.66 -11.78 -20.04
C ARG D 238 7.44 -12.55 -21.11
N THR D 239 6.75 -13.42 -21.85
CA THR D 239 7.40 -14.21 -22.87
C THR D 239 7.73 -13.47 -24.16
N GLU D 240 7.16 -12.29 -24.37
CA GLU D 240 7.43 -11.58 -25.61
C GLU D 240 8.89 -11.16 -25.74
N ALA D 241 9.61 -11.10 -24.61
CA ALA D 241 11.02 -10.75 -24.66
C ALA D 241 11.83 -11.92 -25.23
N TRP D 242 11.25 -13.10 -25.21
CA TRP D 242 11.92 -14.29 -25.70
C TRP D 242 11.45 -14.71 -27.09
N ALA D 243 10.75 -13.81 -27.77
CA ALA D 243 10.24 -14.09 -29.12
C ALA D 243 11.33 -14.36 -30.14
N ALA D 244 11.06 -15.31 -31.04
CA ALA D 244 12.01 -15.66 -32.09
C ALA D 244 12.35 -14.47 -32.98
N ALA D 245 11.38 -13.58 -33.20
CA ALA D 245 11.60 -12.42 -34.04
C ALA D 245 12.75 -11.54 -33.55
N LEU D 246 12.90 -11.44 -32.24
CA LEU D 246 13.98 -10.65 -31.66
C LEU D 246 15.31 -11.30 -31.95
N SER D 247 15.35 -12.63 -31.85
CA SER D 247 16.58 -13.37 -32.11
C SER D 247 17.04 -13.12 -33.54
N ASP D 248 16.09 -13.17 -34.48
CA ASP D 248 16.41 -12.96 -35.89
C ASP D 248 17.02 -11.59 -36.18
N LEU D 249 16.62 -10.58 -35.44
CA LEU D 249 17.14 -9.23 -35.62
C LEU D 249 18.57 -9.08 -35.12
N ARG D 250 18.97 -9.97 -34.22
CA ARG D 250 20.32 -9.98 -33.65
C ARG D 250 20.69 -11.47 -33.63
N PRO D 251 20.99 -12.03 -34.81
CA PRO D 251 21.33 -13.43 -35.04
C PRO D 251 22.54 -14.13 -34.43
N HIS D 252 22.89 -13.83 -33.18
CA HIS D 252 23.98 -14.57 -32.55
C HIS D 252 23.41 -15.97 -32.33
N PRO D 253 24.11 -17.01 -32.77
CA PRO D 253 23.63 -18.39 -32.60
C PRO D 253 23.22 -18.74 -31.17
N GLY D 254 24.07 -18.39 -30.21
CA GLY D 254 23.76 -18.68 -28.82
C GLY D 254 22.49 -18.02 -28.34
N GLN D 255 22.26 -16.77 -28.75
CA GLN D 255 21.06 -16.04 -28.35
C GLN D 255 19.81 -16.70 -28.93
N LYS D 256 19.87 -17.03 -30.21
CA LYS D 256 18.75 -17.67 -30.87
C LYS D 256 18.42 -18.97 -30.16
N ASP D 257 19.46 -19.72 -29.80
CA ASP D 257 19.29 -20.98 -29.11
C ASP D 257 18.71 -20.79 -27.69
N ALA D 258 19.26 -19.84 -26.94
CA ALA D 258 18.78 -19.58 -25.58
C ALA D 258 17.30 -19.21 -25.58
N ALA D 259 16.92 -18.29 -26.45
CA ALA D 259 15.53 -17.85 -26.53
C ALA D 259 14.62 -19.03 -26.91
N ALA D 260 15.03 -19.84 -27.86
CA ALA D 260 14.22 -20.98 -28.28
C ALA D 260 14.04 -21.99 -27.15
N ARG D 261 15.10 -22.24 -26.38
CA ARG D 261 15.02 -23.19 -25.27
C ARG D 261 14.17 -22.62 -24.15
N LEU D 262 14.24 -21.31 -23.96
CA LEU D 262 13.44 -20.66 -22.92
C LEU D 262 11.95 -20.75 -23.29
N ARG D 263 11.62 -20.53 -24.57
CA ARG D 263 10.23 -20.61 -25.00
C ARG D 263 9.72 -22.05 -24.84
N ALA D 264 10.58 -23.01 -25.14
CA ALA D 264 10.21 -24.41 -25.01
C ALA D 264 9.91 -24.77 -23.56
N ARG D 265 10.72 -24.27 -22.63
CA ARG D 265 10.52 -24.57 -21.21
C ARG D 265 9.18 -24.09 -20.65
N VAL D 266 8.69 -22.93 -21.10
CA VAL D 266 7.42 -22.41 -20.59
C VAL D 266 6.20 -22.73 -21.45
N ASP D 267 6.39 -23.58 -22.44
CA ASP D 267 5.27 -23.97 -23.30
C ASP D 267 4.21 -24.64 -22.43
N GLY D 268 2.97 -24.20 -22.55
CA GLY D 268 1.90 -24.78 -21.76
C GLY D 268 1.64 -24.08 -20.44
N SER D 269 2.51 -23.14 -20.08
CA SER D 269 2.35 -22.40 -18.84
C SER D 269 1.20 -21.42 -18.93
N ALA D 270 0.49 -21.25 -17.82
CA ALA D 270 -0.61 -20.30 -17.72
C ALA D 270 -0.19 -19.24 -16.70
N ARG D 271 1.04 -19.35 -16.23
CA ARG D 271 1.58 -18.43 -15.22
C ARG D 271 2.41 -17.27 -15.79
N VAL D 272 2.84 -17.39 -17.04
CA VAL D 272 3.60 -16.32 -17.68
C VAL D 272 2.63 -15.41 -18.45
N VAL D 273 3.08 -14.21 -18.77
CA VAL D 273 2.28 -13.26 -19.53
C VAL D 273 2.69 -13.41 -21.00
N ARG D 274 1.73 -13.66 -21.88
CA ARG D 274 2.05 -13.86 -23.29
C ARG D 274 1.62 -12.75 -24.22
N HIS D 275 0.93 -11.75 -23.69
CA HIS D 275 0.46 -10.65 -24.54
C HIS D 275 1.54 -9.67 -24.94
N VAL D 276 1.63 -9.38 -26.24
CA VAL D 276 2.58 -8.41 -26.73
C VAL D 276 1.88 -7.12 -26.30
N ILE D 277 2.59 -6.25 -25.58
CA ILE D 277 1.95 -5.02 -25.10
C ILE D 277 1.57 -4.02 -26.18
N ALA D 278 2.39 -3.94 -27.24
CA ALA D 278 2.16 -3.00 -28.33
C ALA D 278 0.83 -3.20 -29.06
N GLU D 279 0.18 -4.33 -28.80
CA GLU D 279 -1.10 -4.63 -29.42
C GLU D 279 -2.18 -3.77 -28.80
N ARG D 280 -2.03 -3.48 -27.51
CA ARG D 280 -2.99 -2.66 -26.77
C ARG D 280 -3.01 -1.22 -27.26
N ARG D 281 -4.21 -0.74 -27.59
CA ARG D 281 -4.34 0.65 -28.04
C ARG D 281 -4.80 1.42 -26.81
N LEU D 282 -4.12 2.52 -26.53
CA LEU D 282 -4.44 3.33 -25.38
C LEU D 282 -5.38 4.47 -25.75
N ASP D 283 -6.13 4.96 -24.76
CA ASP D 283 -7.04 6.08 -24.95
C ASP D 283 -6.90 6.95 -23.72
N ALA D 284 -7.51 8.13 -23.74
CA ALA D 284 -7.42 9.05 -22.63
C ALA D 284 -7.59 8.39 -21.26
N GLY D 285 -8.51 7.43 -21.17
CA GLY D 285 -8.75 6.75 -19.91
C GLY D 285 -7.61 5.92 -19.36
N ASP D 286 -6.62 5.61 -20.21
CA ASP D 286 -5.49 4.78 -19.79
C ASP D 286 -4.28 5.56 -19.27
N ILE D 287 -4.17 6.83 -19.65
CA ILE D 287 -3.04 7.63 -19.20
C ILE D 287 -3.02 7.74 -17.68
N GLY D 288 -1.92 7.29 -17.09
CA GLY D 288 -1.77 7.33 -15.64
C GLY D 288 -0.70 6.35 -15.23
N THR D 289 -0.59 6.10 -13.92
CA THR D 289 0.42 5.18 -13.41
C THR D 289 -0.15 3.78 -13.26
N GLU D 290 0.48 2.80 -13.91
CA GLU D 290 0.04 1.43 -13.83
C GLU D 290 0.83 0.73 -12.71
N PRO D 291 0.28 -0.38 -12.19
CA PRO D 291 0.91 -1.15 -11.12
C PRO D 291 2.34 -1.59 -11.47
N GLU D 292 2.51 -2.10 -12.68
CA GLU D 292 3.82 -2.58 -13.13
C GLU D 292 4.19 -2.04 -14.49
N ALA D 293 5.49 -2.06 -14.79
CA ALA D 293 5.98 -1.59 -16.08
C ALA D 293 5.61 -2.64 -17.12
N GLY D 294 5.57 -2.23 -18.39
CA GLY D 294 5.22 -3.15 -19.46
C GLY D 294 6.30 -4.16 -19.83
N GLN D 295 7.49 -4.01 -19.24
CA GLN D 295 8.61 -4.93 -19.53
C GLN D 295 9.21 -5.41 -18.21
N ASP D 296 9.81 -6.59 -18.22
CA ASP D 296 10.43 -7.14 -17.01
C ASP D 296 11.82 -6.54 -16.78
N ALA D 297 12.39 -6.84 -15.61
CA ALA D 297 13.72 -6.39 -15.28
C ALA D 297 14.66 -7.26 -16.12
N TYR D 298 15.92 -6.84 -16.24
CA TYR D 298 16.90 -7.54 -17.05
C TYR D 298 17.15 -9.03 -16.75
N SER D 299 17.05 -9.44 -15.49
CA SER D 299 17.29 -10.84 -15.16
C SER D 299 16.31 -11.80 -15.84
N LEU D 300 15.24 -11.25 -16.42
CA LEU D 300 14.29 -12.06 -17.17
C LEU D 300 14.29 -11.66 -18.65
N ARG D 301 14.12 -10.36 -18.89
CA ARG D 301 14.07 -9.82 -20.25
C ARG D 301 15.34 -10.01 -21.08
N CYS D 302 16.50 -9.87 -20.44
CA CYS D 302 17.77 -9.99 -21.14
C CYS D 302 18.43 -11.36 -21.00
N ALA D 303 17.68 -12.37 -20.59
CA ALA D 303 18.25 -13.70 -20.45
C ALA D 303 18.74 -14.29 -21.77
N PRO D 304 17.96 -14.13 -22.86
CA PRO D 304 18.44 -14.70 -24.14
C PRO D 304 19.81 -14.16 -24.51
N GLN D 305 20.01 -12.87 -24.26
CA GLN D 305 21.26 -12.19 -24.58
C GLN D 305 22.41 -12.59 -23.66
N VAL D 306 22.16 -12.59 -22.36
CA VAL D 306 23.22 -12.96 -21.42
C VAL D 306 23.59 -14.44 -21.57
N LEU D 307 22.60 -15.32 -21.46
CA LEU D 307 22.83 -16.75 -21.60
C LEU D 307 23.44 -17.07 -22.97
N GLY D 308 22.95 -16.38 -24.01
CA GLY D 308 23.45 -16.59 -25.36
C GLY D 308 24.92 -16.25 -25.55
N ALA D 309 25.39 -15.20 -24.88
CA ALA D 309 26.80 -14.80 -24.99
C ALA D 309 27.63 -15.88 -24.31
N GLY D 310 27.10 -16.44 -23.23
CA GLY D 310 27.80 -17.49 -22.52
C GLY D 310 27.84 -18.75 -23.38
N PHE D 311 26.73 -19.04 -24.06
CA PHE D 311 26.66 -20.21 -24.92
C PHE D 311 27.59 -20.10 -26.11
N ASP D 312 27.78 -18.89 -26.62
CA ASP D 312 28.68 -18.70 -27.75
C ASP D 312 30.14 -18.82 -27.34
N THR D 313 30.45 -18.52 -26.09
CA THR D 313 31.82 -18.65 -25.59
C THR D 313 32.10 -20.15 -25.45
N LEU D 314 31.14 -20.88 -24.87
CA LEU D 314 31.30 -22.31 -24.69
C LEU D 314 31.45 -22.97 -26.06
N ALA D 315 30.68 -22.50 -27.03
CA ALA D 315 30.74 -23.04 -28.39
C ALA D 315 32.16 -22.87 -28.95
N TRP D 316 32.75 -21.70 -28.73
CA TRP D 316 34.10 -21.43 -29.22
C TRP D 316 35.09 -22.35 -28.48
N HIS D 317 34.91 -22.44 -27.18
CA HIS D 317 35.74 -23.28 -26.31
C HIS D 317 35.75 -24.74 -26.79
N ASP D 318 34.56 -25.26 -27.11
CA ASP D 318 34.43 -26.63 -27.56
C ASP D 318 35.01 -26.85 -28.96
N ARG D 319 34.94 -25.84 -29.82
CA ARG D 319 35.50 -25.96 -31.17
C ARG D 319 37.01 -26.10 -31.09
N VAL D 320 37.62 -25.24 -30.29
CA VAL D 320 39.06 -25.27 -30.11
C VAL D 320 39.49 -26.54 -29.38
N LEU D 321 38.74 -26.91 -28.34
CA LEU D 321 39.05 -28.11 -27.56
C LEU D 321 38.97 -29.38 -28.43
N THR D 322 38.00 -29.42 -29.33
CA THR D 322 37.85 -30.59 -30.19
C THR D 322 39.10 -30.78 -31.05
N ILE D 323 39.65 -29.68 -31.55
CA ILE D 323 40.86 -29.74 -32.37
C ILE D 323 42.03 -30.17 -31.50
N GLU D 324 42.15 -29.58 -30.33
CA GLU D 324 43.25 -29.91 -29.42
C GLU D 324 43.25 -31.38 -29.00
N LEU D 325 42.07 -31.90 -28.65
CA LEU D 325 41.92 -33.27 -28.22
C LEU D 325 42.39 -34.27 -29.31
N ASN D 326 42.04 -33.98 -30.56
CA ASN D 326 42.40 -34.87 -31.65
C ASN D 326 43.72 -34.54 -32.33
N ALA D 327 44.46 -33.59 -31.79
CA ALA D 327 45.75 -33.20 -32.35
C ALA D 327 46.91 -33.95 -31.71
N VAL D 328 48.07 -33.80 -32.31
CA VAL D 328 49.27 -34.41 -31.79
C VAL D 328 49.98 -33.28 -31.07
N THR D 329 50.05 -33.38 -29.74
CA THR D 329 50.73 -32.38 -28.93
C THR D 329 51.90 -33.15 -28.33
N ASP D 330 53.02 -33.11 -29.02
CA ASP D 330 54.19 -33.83 -28.58
C ASP D 330 55.40 -33.22 -29.27
N ASN D 331 56.58 -33.54 -28.74
CA ASN D 331 57.82 -33.08 -29.31
C ASN D 331 58.94 -34.00 -28.83
N PRO D 332 59.74 -34.53 -29.74
CA PRO D 332 59.56 -34.27 -31.17
C PRO D 332 58.41 -35.12 -31.74
N VAL D 333 58.20 -35.08 -33.05
CA VAL D 333 57.17 -35.88 -33.65
C VAL D 333 57.78 -36.62 -34.85
N PHE D 334 57.22 -37.77 -35.20
CA PHE D 334 57.72 -38.59 -36.29
C PHE D 334 56.63 -38.65 -37.35
N PRO D 335 56.76 -37.80 -38.37
CA PRO D 335 55.84 -37.66 -39.51
C PRO D 335 55.45 -39.02 -40.11
N PRO D 336 54.15 -39.31 -40.16
CA PRO D 336 53.64 -40.57 -40.72
C PRO D 336 54.00 -40.80 -42.19
N ASP D 337 54.24 -39.73 -42.93
CA ASP D 337 54.60 -39.85 -44.34
C ASP D 337 56.06 -40.22 -44.57
N GLY D 338 56.90 -40.01 -43.55
CA GLY D 338 58.30 -40.33 -43.67
C GLY D 338 59.12 -39.27 -44.38
N SER D 339 58.56 -38.07 -44.51
CA SER D 339 59.26 -36.97 -45.16
C SER D 339 60.61 -36.70 -44.50
N VAL D 340 60.64 -36.76 -43.18
CA VAL D 340 61.86 -36.56 -42.40
C VAL D 340 61.78 -37.54 -41.24
N PRO D 341 62.93 -37.88 -40.63
CA PRO D 341 62.96 -38.82 -39.51
C PRO D 341 62.16 -38.31 -38.32
N ALA D 342 62.29 -37.01 -38.05
CA ALA D 342 61.60 -36.38 -36.94
C ALA D 342 61.58 -34.86 -37.09
N LEU D 343 60.64 -34.22 -36.41
CA LEU D 343 60.50 -32.78 -36.42
C LEU D 343 60.55 -32.27 -34.99
N HIS D 344 61.22 -31.13 -34.79
CA HIS D 344 61.33 -30.53 -33.47
C HIS D 344 60.62 -29.18 -33.49
N GLY D 345 59.64 -29.02 -32.61
CA GLY D 345 58.90 -27.78 -32.54
C GLY D 345 58.26 -27.56 -31.18
N GLY D 346 57.11 -26.89 -31.16
CA GLY D 346 56.44 -26.62 -29.90
C GLY D 346 54.96 -26.92 -29.80
N ASN D 347 54.52 -28.06 -30.34
CA ASN D 347 53.09 -28.40 -30.29
C ASN D 347 52.59 -28.73 -28.89
N PHE D 348 53.47 -28.63 -27.90
CA PHE D 348 53.12 -28.89 -26.51
C PHE D 348 52.66 -27.61 -25.83
N MET D 349 52.80 -26.48 -26.54
CA MET D 349 52.42 -25.17 -26.00
C MET D 349 50.89 -25.05 -25.96
N GLY D 350 50.34 -25.14 -24.76
CA GLY D 350 48.90 -25.09 -24.61
C GLY D 350 48.25 -23.73 -24.57
N GLN D 351 48.68 -22.83 -25.45
CA GLN D 351 48.12 -21.49 -25.45
C GLN D 351 46.63 -21.49 -25.86
N HIS D 352 46.22 -22.44 -26.70
CA HIS D 352 44.81 -22.48 -27.11
C HIS D 352 43.85 -22.82 -25.98
N VAL D 353 44.14 -23.87 -25.23
CA VAL D 353 43.29 -24.26 -24.10
C VAL D 353 43.40 -23.18 -23.02
N ALA D 354 44.57 -22.59 -22.89
CA ALA D 354 44.74 -21.55 -21.88
C ALA D 354 43.79 -20.38 -22.14
N LEU D 355 43.77 -19.89 -23.38
CA LEU D 355 42.92 -18.75 -23.71
C LEU D 355 41.43 -19.05 -23.71
N THR D 356 41.04 -20.24 -24.17
CA THR D 356 39.62 -20.57 -24.17
C THR D 356 39.14 -20.88 -22.77
N SER D 357 40.02 -21.45 -21.94
CA SER D 357 39.65 -21.75 -20.56
C SER D 357 39.40 -20.44 -19.82
N ASP D 358 40.27 -19.46 -20.06
CA ASP D 358 40.10 -18.15 -19.42
C ASP D 358 38.83 -17.47 -19.91
N ALA D 359 38.55 -17.56 -21.20
CA ALA D 359 37.35 -16.93 -21.75
C ALA D 359 36.11 -17.60 -21.18
N LEU D 360 36.16 -18.94 -21.07
CA LEU D 360 35.01 -19.66 -20.54
C LEU D 360 34.80 -19.31 -19.07
N ALA D 361 35.90 -19.16 -18.32
CA ALA D 361 35.82 -18.81 -16.91
C ALA D 361 35.08 -17.48 -16.73
N THR D 362 35.39 -16.51 -17.59
CA THR D 362 34.73 -15.21 -17.50
C THR D 362 33.24 -15.37 -17.78
N ALA D 363 32.91 -16.14 -18.81
CA ALA D 363 31.50 -16.37 -19.15
C ALA D 363 30.75 -17.05 -18.01
N VAL D 364 31.38 -18.03 -17.37
CA VAL D 364 30.77 -18.73 -16.24
C VAL D 364 30.50 -17.76 -15.08
N THR D 365 31.44 -16.87 -14.81
CA THR D 365 31.26 -15.91 -13.74
C THR D 365 30.08 -14.98 -14.06
N VAL D 366 29.95 -14.61 -15.34
CA VAL D 366 28.86 -13.74 -15.78
C VAL D 366 27.50 -14.42 -15.59
N LEU D 367 27.39 -15.68 -16.03
CA LEU D 367 26.14 -16.42 -15.88
C LEU D 367 25.82 -16.74 -14.42
N ALA D 368 26.85 -16.94 -13.60
CA ALA D 368 26.62 -17.21 -12.19
C ALA D 368 26.06 -15.92 -11.58
N GLY D 369 26.51 -14.78 -12.11
CA GLY D 369 26.05 -13.50 -11.63
C GLY D 369 24.56 -13.31 -11.93
N LEU D 370 24.12 -13.80 -13.08
CA LEU D 370 22.73 -13.71 -13.48
C LEU D 370 21.89 -14.53 -12.50
N ALA D 371 22.32 -15.75 -12.24
CA ALA D 371 21.62 -16.64 -11.33
C ALA D 371 21.55 -16.02 -9.94
N GLU D 372 22.64 -15.38 -9.52
CA GLU D 372 22.68 -14.76 -8.19
C GLU D 372 21.67 -13.61 -8.10
N ARG D 373 21.55 -12.81 -9.16
CA ARG D 373 20.60 -11.70 -9.16
C ARG D 373 19.17 -12.23 -9.25
N GLN D 374 18.99 -13.36 -9.92
CA GLN D 374 17.66 -13.94 -10.01
C GLN D 374 17.23 -14.37 -8.60
N ILE D 375 18.16 -14.91 -7.83
CA ILE D 375 17.84 -15.31 -6.45
C ILE D 375 17.52 -14.05 -5.64
N ALA D 376 18.33 -13.01 -5.82
CA ALA D 376 18.13 -11.77 -5.08
C ALA D 376 16.75 -11.17 -5.34
N ARG D 377 16.29 -11.26 -6.57
CA ARG D 377 14.99 -10.72 -6.95
C ARG D 377 13.85 -11.57 -6.41
N LEU D 378 13.98 -12.88 -6.59
CA LEU D 378 12.95 -13.80 -6.14
C LEU D 378 12.69 -13.78 -4.64
N THR D 379 13.74 -13.57 -3.85
CA THR D 379 13.61 -13.58 -2.40
C THR D 379 13.31 -12.24 -1.75
N ASP D 380 13.31 -11.17 -2.54
CA ASP D 380 13.07 -9.81 -2.02
C ASP D 380 11.57 -9.50 -2.04
N GLU D 381 10.95 -9.37 -0.87
CA GLU D 381 9.52 -9.10 -0.81
C GLU D 381 9.10 -7.82 -1.52
N ARG D 382 10.04 -6.91 -1.74
CA ARG D 382 9.72 -5.67 -2.44
C ARG D 382 9.78 -5.85 -3.95
N LEU D 383 10.38 -6.95 -4.40
CA LEU D 383 10.52 -7.20 -5.82
C LEU D 383 9.86 -8.49 -6.35
N ASN D 384 9.52 -9.40 -5.46
CA ASN D 384 8.96 -10.68 -5.89
C ASN D 384 7.46 -10.76 -6.12
N ARG D 385 6.82 -9.60 -6.26
CA ARG D 385 5.39 -9.55 -6.54
C ARG D 385 4.44 -10.37 -5.67
N GLY D 386 4.47 -10.15 -4.37
CA GLY D 386 3.54 -10.88 -3.51
C GLY D 386 4.01 -12.13 -2.80
N LEU D 387 5.19 -12.62 -3.14
CA LEU D 387 5.70 -13.82 -2.48
C LEU D 387 6.25 -13.44 -1.11
N PRO D 388 6.27 -14.40 -0.18
CA PRO D 388 6.80 -14.15 1.18
C PRO D 388 8.26 -13.75 1.15
N PRO D 389 8.67 -12.89 2.08
CA PRO D 389 10.08 -12.47 2.11
C PRO D 389 10.95 -13.72 2.31
N PHE D 390 11.92 -13.89 1.43
CA PHE D 390 12.84 -15.03 1.46
C PHE D 390 12.11 -16.37 1.36
N LEU D 391 10.91 -16.33 0.77
CA LEU D 391 10.09 -17.51 0.54
C LEU D 391 9.87 -18.39 1.76
N HIS D 392 9.72 -17.79 2.93
CA HIS D 392 9.53 -18.56 4.14
C HIS D 392 8.09 -19.07 4.25
N ARG D 393 7.92 -20.04 5.13
CA ARG D 393 6.59 -20.57 5.42
C ARG D 393 6.50 -20.39 6.94
N GLY D 394 5.34 -20.65 7.53
CA GLY D 394 5.20 -20.46 8.96
C GLY D 394 5.14 -18.97 9.25
N PRO D 395 5.17 -18.56 10.54
CA PRO D 395 5.10 -17.14 10.90
C PRO D 395 6.36 -16.36 10.50
N ALA D 396 6.17 -15.20 9.89
CA ALA D 396 7.29 -14.35 9.45
C ALA D 396 8.02 -13.70 10.64
N GLY D 397 9.34 -13.74 10.61
CA GLY D 397 10.12 -13.19 11.70
C GLY D 397 10.64 -14.37 12.46
N LEU D 398 9.72 -15.21 12.95
CA LEU D 398 10.10 -16.42 13.64
C LEU D 398 10.82 -17.27 12.60
N ASN D 399 10.30 -17.23 11.37
CA ASN D 399 10.87 -17.99 10.26
C ASN D 399 11.49 -17.05 9.23
N SER D 400 12.69 -17.40 8.78
CA SER D 400 13.41 -16.58 7.82
C SER D 400 13.62 -17.29 6.49
N GLY D 401 13.17 -18.53 6.38
CA GLY D 401 13.31 -19.28 5.14
C GLY D 401 14.69 -19.38 4.51
N PHE D 402 14.80 -18.87 3.29
CA PHE D 402 16.06 -18.91 2.53
C PHE D 402 16.94 -17.68 2.73
N MET D 403 16.72 -16.90 3.78
CA MET D 403 17.55 -15.71 3.97
C MET D 403 19.05 -16.03 4.09
N GLY D 404 19.38 -17.13 4.73
CA GLY D 404 20.79 -17.48 4.86
C GLY D 404 21.36 -17.92 3.53
N ALA D 405 20.60 -18.76 2.83
CA ALA D 405 21.02 -19.27 1.53
C ALA D 405 21.23 -18.19 0.47
N GLN D 406 20.43 -17.13 0.55
CA GLN D 406 20.55 -16.04 -0.42
C GLN D 406 21.90 -15.35 -0.26
N VAL D 407 22.33 -15.14 0.99
CA VAL D 407 23.60 -14.48 1.26
C VAL D 407 24.75 -15.41 0.84
N THR D 408 24.57 -16.70 1.08
CA THR D 408 25.58 -17.68 0.69
C THR D 408 25.82 -17.60 -0.82
N ALA D 409 24.74 -17.45 -1.59
CA ALA D 409 24.87 -17.36 -3.04
C ALA D 409 25.74 -16.14 -3.40
N THR D 410 25.50 -15.03 -2.72
CA THR D 410 26.25 -13.82 -2.97
C THR D 410 27.71 -14.03 -2.62
N ALA D 411 27.95 -14.72 -1.50
CA ALA D 411 29.32 -14.99 -1.06
C ALA D 411 30.06 -15.85 -2.08
N LEU D 412 29.36 -16.83 -2.64
CA LEU D 412 29.96 -17.70 -3.64
C LEU D 412 30.35 -16.93 -4.90
N LEU D 413 29.50 -16.01 -5.34
CA LEU D 413 29.78 -15.22 -6.54
C LEU D 413 30.96 -14.28 -6.31
N ALA D 414 30.96 -13.62 -5.15
CA ALA D 414 32.04 -12.69 -4.83
C ALA D 414 33.38 -13.39 -4.91
N GLU D 415 33.43 -14.62 -4.40
CA GLU D 415 34.67 -15.39 -4.41
C GLU D 415 35.11 -15.72 -5.84
N MET D 416 34.15 -16.04 -6.71
CA MET D 416 34.46 -16.35 -8.11
C MET D 416 35.15 -15.16 -8.76
N ARG D 417 34.64 -13.97 -8.48
CA ARG D 417 35.17 -12.74 -9.06
C ARG D 417 36.60 -12.37 -8.63
N ALA D 418 37.06 -12.89 -7.51
CA ALA D 418 38.40 -12.56 -7.03
C ALA D 418 39.51 -13.16 -7.90
N THR D 419 39.18 -14.22 -8.64
CA THR D 419 40.16 -14.88 -9.49
C THR D 419 40.00 -14.52 -10.95
N GLY D 420 41.09 -14.07 -11.57
CA GLY D 420 41.05 -13.69 -12.97
C GLY D 420 41.74 -14.69 -13.88
N PRO D 421 41.99 -14.33 -15.15
CA PRO D 421 42.64 -15.19 -16.13
C PRO D 421 44.01 -15.66 -15.65
N ALA D 422 44.39 -16.88 -16.01
CA ALA D 422 45.68 -17.42 -15.61
C ALA D 422 46.74 -17.14 -16.67
N SER D 423 46.30 -17.06 -17.93
CA SER D 423 47.19 -16.85 -19.07
C SER D 423 48.09 -15.63 -19.07
N ILE D 424 47.66 -14.53 -18.46
CA ILE D 424 48.45 -13.30 -18.46
C ILE D 424 49.68 -13.32 -17.56
N HIS D 425 49.89 -14.40 -16.83
CA HIS D 425 51.01 -14.46 -15.89
C HIS D 425 52.21 -15.27 -16.32
N SER D 426 52.50 -15.30 -17.61
CA SER D 426 53.66 -16.06 -18.08
C SER D 426 54.91 -15.50 -17.42
N ILE D 427 55.79 -16.41 -17.00
CA ILE D 427 57.05 -16.03 -16.36
C ILE D 427 58.14 -16.90 -17.00
N SER D 428 59.24 -16.26 -17.40
CA SER D 428 60.35 -16.98 -18.01
C SER D 428 60.93 -17.97 -17.00
N THR D 429 61.09 -19.23 -17.40
CA THR D 429 61.60 -20.24 -16.48
C THR D 429 62.47 -21.27 -17.22
N ASN D 430 62.91 -22.30 -16.50
CA ASN D 430 63.76 -23.35 -17.10
C ASN D 430 65.04 -22.73 -17.67
N ALA D 431 65.67 -21.85 -16.89
CA ALA D 431 66.89 -21.17 -17.31
C ALA D 431 66.66 -20.38 -18.58
N ALA D 432 65.50 -19.71 -18.63
CA ALA D 432 65.08 -18.88 -19.76
C ALA D 432 64.79 -19.65 -21.06
N ASN D 433 64.94 -20.97 -21.02
CA ASN D 433 64.66 -21.78 -22.21
C ASN D 433 63.15 -21.71 -22.49
N GLN D 434 62.35 -21.72 -21.43
CA GLN D 434 60.91 -21.65 -21.55
C GLN D 434 60.56 -20.22 -21.17
N ASP D 435 60.98 -19.27 -21.99
CA ASP D 435 60.77 -17.88 -21.68
C ASP D 435 59.33 -17.38 -21.78
N VAL D 436 58.45 -18.20 -22.34
CA VAL D 436 57.02 -17.91 -22.43
C VAL D 436 56.32 -19.26 -22.19
N VAL D 437 55.32 -19.27 -21.32
CA VAL D 437 54.57 -20.49 -21.00
C VAL D 437 53.07 -20.18 -21.05
N SER D 438 52.25 -21.19 -21.31
CA SER D 438 50.82 -20.96 -21.42
C SER D 438 49.98 -20.91 -20.14
N LEU D 439 50.39 -21.69 -19.15
CA LEU D 439 49.66 -21.77 -17.88
C LEU D 439 48.24 -22.30 -18.16
N GLY D 440 48.13 -23.11 -19.21
CA GLY D 440 46.84 -23.67 -19.60
C GLY D 440 46.19 -24.59 -18.58
N THR D 441 47.01 -25.35 -17.86
CA THR D 441 46.52 -26.28 -16.84
C THR D 441 45.92 -25.48 -15.68
N ILE D 442 46.57 -24.38 -15.32
CA ILE D 442 46.07 -23.52 -14.25
C ILE D 442 44.77 -22.85 -14.72
N ALA D 443 44.77 -22.40 -15.97
CA ALA D 443 43.57 -21.76 -16.53
C ALA D 443 42.38 -22.71 -16.48
N ALA D 444 42.59 -23.96 -16.88
CA ALA D 444 41.50 -24.95 -16.89
C ALA D 444 41.02 -25.29 -15.48
N ARG D 445 41.97 -25.41 -14.55
CA ARG D 445 41.62 -25.71 -13.16
C ARG D 445 40.85 -24.57 -12.51
N LEU D 446 41.24 -23.33 -12.81
CA LEU D 446 40.53 -22.18 -12.25
C LEU D 446 39.12 -22.11 -12.82
N CYS D 447 38.98 -22.53 -14.08
CA CYS D 447 37.67 -22.53 -14.72
C CYS D 447 36.79 -23.54 -14.02
N ARG D 448 37.36 -24.70 -13.72
CA ARG D 448 36.65 -25.76 -13.04
C ARG D 448 36.13 -25.29 -11.68
N GLU D 449 36.96 -24.52 -10.97
CA GLU D 449 36.55 -24.02 -9.66
C GLU D 449 35.34 -23.10 -9.81
N LYS D 450 35.35 -22.26 -10.83
CA LYS D 450 34.23 -21.36 -11.06
C LYS D 450 32.96 -22.13 -11.45
N ILE D 451 33.13 -23.20 -12.22
CA ILE D 451 32.01 -24.02 -12.63
C ILE D 451 31.37 -24.65 -11.38
N ASP D 452 32.20 -25.08 -10.42
CA ASP D 452 31.68 -25.67 -9.19
C ASP D 452 30.89 -24.64 -8.40
N ARG D 453 31.37 -23.40 -8.37
CA ARG D 453 30.66 -22.33 -7.65
C ARG D 453 29.34 -22.02 -8.33
N TRP D 454 29.35 -22.02 -9.67
CA TRP D 454 28.14 -21.74 -10.44
C TRP D 454 27.09 -22.80 -10.12
N ALA D 455 27.52 -24.06 -10.03
CA ALA D 455 26.59 -25.14 -9.73
C ALA D 455 25.94 -24.97 -8.36
N GLU D 456 26.70 -24.45 -7.41
CA GLU D 456 26.18 -24.24 -6.07
C GLU D 456 25.17 -23.10 -6.05
N ILE D 457 25.46 -22.06 -6.82
CA ILE D 457 24.55 -20.91 -6.91
C ILE D 457 23.26 -21.36 -7.60
N LEU D 458 23.38 -22.15 -8.67
CA LEU D 458 22.20 -22.66 -9.38
C LEU D 458 21.38 -23.56 -8.47
N ALA D 459 22.07 -24.34 -7.63
CA ALA D 459 21.39 -25.24 -6.70
C ALA D 459 20.53 -24.43 -5.74
N ILE D 460 21.06 -23.30 -5.27
CA ILE D 460 20.31 -22.45 -4.36
C ILE D 460 19.08 -21.89 -5.09
N LEU D 461 19.26 -21.44 -6.33
CA LEU D 461 18.15 -20.90 -7.10
C LEU D 461 17.08 -21.97 -7.33
N ALA D 462 17.52 -23.21 -7.59
CA ALA D 462 16.57 -24.30 -7.83
C ALA D 462 15.72 -24.60 -6.59
N LEU D 463 16.33 -24.60 -5.42
CA LEU D 463 15.59 -24.87 -4.19
C LEU D 463 14.65 -23.70 -3.89
N CYS D 464 15.07 -22.48 -4.23
CA CYS D 464 14.23 -21.30 -4.01
C CYS D 464 13.02 -21.35 -4.94
N LEU D 465 13.25 -21.74 -6.20
CA LEU D 465 12.19 -21.82 -7.18
C LEU D 465 11.18 -22.92 -6.88
N ALA D 466 11.64 -24.03 -6.31
CA ALA D 466 10.73 -25.12 -5.97
C ALA D 466 9.77 -24.60 -4.90
N GLN D 467 10.30 -23.87 -3.93
CA GLN D 467 9.48 -23.31 -2.86
C GLN D 467 8.55 -22.22 -3.41
N ALA D 468 9.11 -21.32 -4.20
CA ALA D 468 8.34 -20.22 -4.79
C ALA D 468 7.18 -20.74 -5.64
N ALA D 469 7.44 -21.77 -6.43
CA ALA D 469 6.41 -22.34 -7.29
C ALA D 469 5.21 -22.80 -6.46
N GLU D 470 5.50 -23.53 -5.40
CA GLU D 470 4.45 -24.05 -4.52
C GLU D 470 3.73 -22.93 -3.78
N LEU D 471 4.47 -21.90 -3.39
CA LEU D 471 3.88 -20.78 -2.69
C LEU D 471 2.96 -19.98 -3.60
N ARG D 472 3.36 -19.87 -4.87
CA ARG D 472 2.58 -19.12 -5.85
C ARG D 472 1.42 -19.91 -6.45
N CYS D 473 1.66 -21.18 -6.75
CA CYS D 473 0.66 -22.01 -7.41
C CYS D 473 0.05 -23.13 -6.58
N GLY D 474 0.47 -23.25 -5.32
CA GLY D 474 -0.06 -24.30 -4.47
C GLY D 474 0.72 -25.58 -4.67
N SER D 475 0.50 -26.55 -3.79
CA SER D 475 1.20 -27.83 -3.88
C SER D 475 0.95 -28.56 -5.19
N GLY D 476 -0.15 -28.23 -5.85
CA GLY D 476 -0.48 -28.87 -7.12
C GLY D 476 0.12 -28.17 -8.34
N LEU D 477 0.86 -27.09 -8.09
CA LEU D 477 1.49 -26.35 -9.18
C LEU D 477 0.52 -26.00 -10.30
N ASP D 478 -0.65 -25.49 -9.93
CA ASP D 478 -1.68 -25.13 -10.90
C ASP D 478 -1.21 -24.03 -11.85
N GLY D 479 -1.31 -24.29 -13.15
CA GLY D 479 -0.91 -23.31 -14.14
C GLY D 479 0.54 -23.40 -14.57
N VAL D 480 1.33 -24.17 -13.84
CA VAL D 480 2.74 -24.34 -14.18
C VAL D 480 2.91 -25.23 -15.41
N SER D 481 3.84 -24.86 -16.27
CA SER D 481 4.12 -25.61 -17.49
C SER D 481 4.48 -27.05 -17.18
N PRO D 482 4.29 -27.96 -18.15
CA PRO D 482 4.62 -29.38 -17.96
C PRO D 482 6.08 -29.57 -17.60
N ALA D 483 6.96 -28.79 -18.23
CA ALA D 483 8.40 -28.89 -17.96
C ALA D 483 8.71 -28.39 -16.55
N GLY D 484 8.09 -27.27 -16.16
CA GLY D 484 8.29 -26.73 -14.82
C GLY D 484 7.81 -27.71 -13.76
N LYS D 485 6.65 -28.32 -13.98
CA LYS D 485 6.10 -29.28 -13.03
C LYS D 485 7.05 -30.47 -12.87
N LYS D 486 7.51 -30.99 -14.00
CA LYS D 486 8.41 -32.14 -14.00
C LYS D 486 9.69 -31.84 -13.21
N LEU D 487 10.21 -30.64 -13.38
CA LEU D 487 11.44 -30.23 -12.68
C LEU D 487 11.22 -30.16 -11.18
N VAL D 488 10.15 -29.48 -10.76
CA VAL D 488 9.84 -29.36 -9.33
C VAL D 488 9.58 -30.73 -8.71
N GLN D 489 8.80 -31.56 -9.41
CA GLN D 489 8.49 -32.90 -8.92
C GLN D 489 9.76 -33.72 -8.72
N ALA D 490 10.70 -33.57 -9.67
CA ALA D 490 11.96 -34.29 -9.60
C ALA D 490 12.79 -33.83 -8.40
N LEU D 491 12.80 -32.53 -8.15
CA LEU D 491 13.55 -31.99 -7.01
C LEU D 491 12.95 -32.45 -5.70
N ARG D 492 11.62 -32.44 -5.62
CA ARG D 492 10.92 -32.84 -4.41
C ARG D 492 11.10 -34.30 -4.06
N GLU D 493 11.59 -35.10 -5.02
CA GLU D 493 11.83 -36.50 -4.77
C GLU D 493 12.93 -36.64 -3.71
N GLN D 494 13.87 -35.70 -3.70
CA GLN D 494 14.98 -35.73 -2.76
C GLN D 494 15.10 -34.53 -1.83
N PHE D 495 14.48 -33.41 -2.20
CA PHE D 495 14.56 -32.20 -1.39
C PHE D 495 13.19 -31.70 -0.98
N PRO D 496 12.81 -31.93 0.28
CA PRO D 496 11.51 -31.52 0.84
C PRO D 496 11.30 -30.02 0.88
N PRO D 497 10.03 -29.59 0.86
CA PRO D 497 9.72 -28.16 0.91
C PRO D 497 10.26 -27.60 2.23
N LEU D 498 10.43 -26.28 2.30
CA LEU D 498 10.93 -25.66 3.53
C LEU D 498 9.74 -25.19 4.37
N GLU D 499 9.13 -26.12 5.10
CA GLU D 499 7.99 -25.79 5.93
C GLU D 499 8.43 -25.00 7.15
N THR D 500 9.64 -25.26 7.60
CA THR D 500 10.21 -24.54 8.73
C THR D 500 11.72 -24.44 8.53
N ASP D 501 12.35 -23.45 9.13
CA ASP D 501 13.79 -23.23 8.98
C ASP D 501 14.68 -24.44 9.33
N ARG D 502 15.59 -24.78 8.44
CA ARG D 502 16.51 -25.89 8.66
C ARG D 502 17.84 -25.64 7.93
N PRO D 503 18.90 -26.34 8.33
CA PRO D 503 20.22 -26.19 7.68
C PRO D 503 20.09 -26.68 6.25
N LEU D 504 20.57 -25.88 5.30
CA LEU D 504 20.48 -26.20 3.89
C LEU D 504 21.83 -26.47 3.23
N GLY D 505 22.90 -26.25 3.99
CA GLY D 505 24.23 -26.45 3.43
C GLY D 505 24.45 -27.80 2.78
N GLN D 506 24.06 -28.87 3.47
CA GLN D 506 24.24 -30.21 2.93
C GLN D 506 23.42 -30.45 1.66
N GLU D 507 22.18 -29.95 1.66
CA GLU D 507 21.30 -30.11 0.49
C GLU D 507 21.82 -29.32 -0.71
N ILE D 508 22.32 -28.12 -0.47
CA ILE D 508 22.86 -27.31 -1.57
C ILE D 508 24.03 -28.05 -2.22
N ALA D 509 24.92 -28.59 -1.40
CA ALA D 509 26.08 -29.33 -1.90
C ALA D 509 25.65 -30.54 -2.71
N ALA D 510 24.70 -31.30 -2.16
CA ALA D 510 24.21 -32.50 -2.83
C ALA D 510 23.58 -32.16 -4.18
N LEU D 511 22.74 -31.15 -4.21
CA LEU D 511 22.09 -30.77 -5.45
C LEU D 511 23.12 -30.29 -6.46
N ALA D 512 24.09 -29.50 -6.01
CA ALA D 512 25.13 -28.98 -6.92
C ALA D 512 25.82 -30.13 -7.66
N THR D 513 26.10 -31.21 -6.92
CA THR D 513 26.76 -32.38 -7.50
C THR D 513 25.92 -32.97 -8.62
N HIS D 514 24.60 -33.00 -8.41
CA HIS D 514 23.67 -33.53 -9.39
C HIS D 514 23.61 -32.66 -10.65
N LEU D 515 23.51 -31.35 -10.45
CA LEU D 515 23.40 -30.39 -11.55
C LEU D 515 24.58 -30.46 -12.52
N LEU D 516 25.76 -30.75 -12.00
CA LEU D 516 26.96 -30.82 -12.83
C LEU D 516 26.97 -32.04 -13.74
N GLN D 517 26.17 -33.05 -13.38
CA GLN D 517 26.14 -34.30 -14.13
C GLN D 517 24.91 -34.63 -14.96
N GLN D 518 23.77 -34.01 -14.64
CA GLN D 518 22.53 -34.28 -15.37
C GLN D 518 21.78 -32.99 -15.64
N SER D 519 20.96 -33.00 -16.70
CA SER D 519 20.16 -31.83 -17.06
C SER D 519 18.70 -32.08 -16.72
N PRO D 520 17.90 -31.00 -16.65
CA PRO D 520 16.47 -31.13 -16.35
C PRO D 520 15.69 -31.46 -17.62
N VAL D 521 15.60 -32.73 -17.96
CA VAL D 521 14.88 -33.13 -19.17
C VAL D 521 13.65 -33.98 -18.82
N LYS E 8 -58.05 -30.93 -7.73
CA LYS E 8 -57.61 -29.53 -7.44
C LYS E 8 -57.21 -28.82 -8.73
N PRO E 9 -57.74 -27.60 -8.95
CA PRO E 9 -57.43 -26.82 -10.15
C PRO E 9 -55.93 -26.59 -10.31
N ALA E 10 -55.48 -26.40 -11.55
CA ALA E 10 -54.05 -26.21 -11.79
C ALA E 10 -53.70 -24.95 -12.57
N VAL E 11 -52.66 -24.26 -12.11
CA VAL E 11 -52.18 -23.05 -12.77
C VAL E 11 -51.00 -23.47 -13.63
N GLU E 12 -51.05 -23.12 -14.91
CA GLU E 12 -49.97 -23.49 -15.82
C GLU E 12 -49.04 -22.31 -16.07
N LEU E 13 -47.81 -22.46 -15.58
CA LEU E 13 -46.81 -21.41 -15.71
C LEU E 13 -45.92 -21.54 -16.92
N ASP E 14 -46.02 -20.57 -17.82
CA ASP E 14 -45.16 -20.53 -18.98
C ASP E 14 -44.27 -19.29 -18.77
N ARG E 15 -44.79 -18.12 -19.12
CA ARG E 15 -44.04 -16.88 -18.96
C ARG E 15 -44.68 -15.91 -17.97
N HIS E 16 -46.00 -15.81 -18.04
CA HIS E 16 -46.74 -14.88 -17.21
C HIS E 16 -47.82 -15.52 -16.34
N ILE E 17 -47.94 -15.00 -15.12
CA ILE E 17 -48.94 -15.44 -14.17
C ILE E 17 -49.50 -14.14 -13.58
N ASP E 18 -50.81 -14.05 -13.42
CA ASP E 18 -51.37 -12.83 -12.84
C ASP E 18 -51.42 -13.00 -11.33
N LEU E 19 -51.73 -11.92 -10.61
CA LEU E 19 -51.75 -11.97 -9.16
C LEU E 19 -52.72 -12.97 -8.54
N ASP E 20 -53.91 -13.12 -9.10
CA ASP E 20 -54.88 -14.07 -8.56
C ASP E 20 -54.39 -15.51 -8.69
N GLN E 21 -53.84 -15.85 -9.84
CA GLN E 21 -53.32 -17.20 -10.06
C GLN E 21 -52.18 -17.43 -9.07
N ALA E 22 -51.35 -16.42 -8.87
CA ALA E 22 -50.22 -16.52 -7.95
C ALA E 22 -50.71 -16.84 -6.53
N HIS E 23 -51.73 -16.11 -6.08
CA HIS E 23 -52.23 -16.34 -4.75
C HIS E 23 -52.91 -17.70 -4.65
N ALA E 24 -53.55 -18.13 -5.73
CA ALA E 24 -54.24 -19.42 -5.75
C ALA E 24 -53.24 -20.54 -5.43
N VAL E 25 -52.08 -20.45 -6.06
CA VAL E 25 -51.01 -21.42 -5.85
C VAL E 25 -50.42 -21.27 -4.45
N ALA E 26 -50.07 -20.05 -4.09
CA ALA E 26 -49.49 -19.77 -2.77
C ALA E 26 -50.40 -20.25 -1.63
N SER E 27 -51.71 -20.03 -1.77
CA SER E 27 -52.66 -20.43 -0.73
C SER E 27 -53.08 -21.90 -0.82
N GLY E 28 -52.45 -22.66 -1.71
CA GLY E 28 -52.78 -24.06 -1.85
C GLY E 28 -54.12 -24.33 -2.51
N GLY E 29 -54.73 -23.29 -3.08
CA GLY E 29 -56.01 -23.45 -3.73
C GLY E 29 -55.87 -24.06 -5.12
N ALA E 30 -54.66 -24.00 -5.66
CA ALA E 30 -54.39 -24.53 -6.99
C ALA E 30 -53.00 -25.14 -7.08
N ARG E 31 -52.87 -26.17 -7.91
CA ARG E 31 -51.59 -26.82 -8.13
C ARG E 31 -50.88 -26.00 -9.19
N ILE E 32 -49.58 -26.16 -9.29
CA ILE E 32 -48.82 -25.44 -10.30
C ILE E 32 -48.14 -26.43 -11.23
N VAL E 33 -48.10 -26.10 -12.50
CA VAL E 33 -47.47 -26.97 -13.49
C VAL E 33 -46.61 -26.10 -14.39
N LEU E 34 -45.40 -26.57 -14.67
CA LEU E 34 -44.51 -25.81 -15.54
C LEU E 34 -44.77 -26.26 -16.98
N ALA E 35 -45.25 -25.33 -17.80
CA ALA E 35 -45.55 -25.62 -19.19
C ALA E 35 -44.31 -26.02 -19.97
N PRO E 36 -44.47 -26.89 -20.99
CA PRO E 36 -43.37 -27.37 -21.82
C PRO E 36 -42.45 -26.26 -22.34
N PRO E 37 -43.02 -25.12 -22.77
CA PRO E 37 -42.17 -24.03 -23.27
C PRO E 37 -41.19 -23.54 -22.20
N ALA E 38 -41.67 -23.40 -20.98
CA ALA E 38 -40.84 -22.93 -19.87
C ALA E 38 -39.76 -23.94 -19.52
N ARG E 39 -40.13 -25.22 -19.47
CA ARG E 39 -39.16 -26.27 -19.17
C ARG E 39 -38.07 -26.27 -20.24
N ASP E 40 -38.47 -26.08 -21.49
CA ASP E 40 -37.50 -26.03 -22.58
C ASP E 40 -36.54 -24.86 -22.41
N ARG E 41 -37.08 -23.68 -22.13
CA ARG E 41 -36.23 -22.49 -21.95
C ARG E 41 -35.27 -22.66 -20.78
N CYS E 42 -35.72 -23.33 -19.72
CA CYS E 42 -34.85 -23.53 -18.57
C CYS E 42 -33.75 -24.55 -18.87
N ARG E 43 -34.09 -25.60 -19.62
CA ARG E 43 -33.08 -26.59 -19.98
C ARG E 43 -32.02 -25.91 -20.84
N ALA E 44 -32.46 -25.00 -21.71
CA ALA E 44 -31.55 -24.27 -22.59
C ALA E 44 -30.64 -23.36 -21.77
N SER E 45 -31.18 -22.74 -20.72
CA SER E 45 -30.38 -21.87 -19.87
C SER E 45 -29.36 -22.73 -19.10
N GLU E 46 -29.82 -23.88 -18.63
CA GLU E 46 -28.99 -24.83 -17.88
C GLU E 46 -27.81 -25.25 -18.74
N ALA E 47 -28.05 -25.39 -20.04
CA ALA E 47 -27.00 -25.78 -20.98
C ALA E 47 -26.03 -24.62 -21.13
N ARG E 48 -26.57 -23.41 -21.05
CA ARG E 48 -25.74 -22.19 -21.13
C ARG E 48 -24.85 -22.00 -19.92
N LEU E 49 -25.42 -22.16 -18.73
CA LEU E 49 -24.66 -22.02 -17.49
C LEU E 49 -23.49 -23.01 -17.56
N GLY E 50 -23.80 -24.24 -17.94
CA GLY E 50 -22.79 -25.28 -18.05
C GLY E 50 -21.65 -24.92 -18.98
N ALA E 51 -21.96 -24.24 -20.08
CA ALA E 51 -20.94 -23.82 -21.03
C ALA E 51 -20.10 -22.69 -20.41
N VAL E 52 -20.77 -21.80 -19.68
CA VAL E 52 -20.08 -20.69 -19.04
C VAL E 52 -19.03 -21.21 -18.06
N ILE E 53 -19.41 -22.19 -17.24
CA ILE E 53 -18.51 -22.77 -16.25
C ILE E 53 -17.36 -23.50 -16.95
N ARG E 54 -17.73 -24.28 -17.96
CA ARG E 54 -16.78 -25.05 -18.75
C ARG E 54 -15.72 -24.15 -19.39
N GLU E 55 -16.13 -22.96 -19.81
CA GLU E 55 -15.22 -22.02 -20.45
C GLU E 55 -14.47 -21.10 -19.50
N ALA E 56 -14.73 -21.26 -18.20
CA ALA E 56 -14.08 -20.47 -17.16
C ALA E 56 -14.25 -18.96 -17.36
N ARG E 57 -15.46 -18.55 -17.69
CA ARG E 57 -15.77 -17.13 -17.88
C ARG E 57 -15.74 -16.42 -16.54
N HIS E 58 -15.29 -15.16 -16.54
CA HIS E 58 -15.28 -14.40 -15.30
C HIS E 58 -16.72 -14.04 -14.99
N VAL E 59 -17.30 -14.75 -14.04
CA VAL E 59 -18.69 -14.55 -13.65
C VAL E 59 -18.85 -14.57 -12.13
N TYR E 60 -19.59 -13.60 -11.60
CA TYR E 60 -19.83 -13.49 -10.17
C TYR E 60 -20.46 -14.78 -9.63
N GLY E 61 -19.94 -15.28 -8.52
CA GLY E 61 -20.51 -16.49 -7.93
C GLY E 61 -20.06 -17.81 -8.54
N LEU E 62 -19.39 -17.74 -9.70
CA LEU E 62 -18.90 -18.94 -10.36
C LEU E 62 -17.37 -18.96 -10.35
N THR E 63 -16.76 -17.77 -10.32
CA THR E 63 -15.31 -17.66 -10.30
C THR E 63 -14.86 -16.51 -9.40
N THR E 64 -15.75 -16.06 -8.53
CA THR E 64 -15.41 -14.96 -7.65
C THR E 64 -16.07 -15.10 -6.30
N GLY E 65 -15.55 -14.37 -5.32
CA GLY E 65 -16.13 -14.36 -4.00
C GLY E 65 -17.37 -13.48 -4.10
N PHE E 66 -18.06 -13.27 -2.98
CA PHE E 66 -19.27 -12.46 -2.98
C PHE E 66 -19.11 -11.04 -2.45
N GLY E 67 -20.05 -10.17 -2.81
CA GLY E 67 -20.00 -8.79 -2.36
C GLY E 67 -18.64 -8.16 -2.62
N PRO E 68 -18.06 -7.45 -1.63
CA PRO E 68 -16.76 -6.79 -1.79
C PRO E 68 -15.62 -7.80 -1.94
N LEU E 69 -15.91 -9.07 -1.71
CA LEU E 69 -14.88 -10.11 -1.83
C LEU E 69 -14.79 -10.67 -3.24
N ALA E 70 -15.61 -10.11 -4.15
CA ALA E 70 -15.62 -10.55 -5.54
C ALA E 70 -14.29 -10.32 -6.24
N ASN E 71 -13.39 -9.56 -5.63
CA ASN E 71 -12.09 -9.32 -6.23
C ASN E 71 -11.18 -10.54 -6.00
N ARG E 72 -11.65 -11.46 -5.16
CA ARG E 72 -10.92 -12.70 -4.90
C ARG E 72 -11.45 -13.72 -5.90
N LEU E 73 -10.65 -14.07 -6.90
CA LEU E 73 -11.11 -15.05 -7.88
C LEU E 73 -11.00 -16.46 -7.31
N ILE E 74 -11.94 -17.32 -7.70
CA ILE E 74 -12.00 -18.69 -7.22
C ILE E 74 -11.81 -19.73 -8.32
N SER E 75 -11.06 -20.79 -8.00
CA SER E 75 -10.79 -21.85 -8.95
C SER E 75 -12.01 -22.78 -9.10
N GLY E 76 -12.16 -23.35 -10.29
CA GLY E 76 -13.28 -24.23 -10.56
C GLY E 76 -13.58 -25.33 -9.54
N GLU E 77 -12.54 -26.00 -9.04
CA GLU E 77 -12.75 -27.08 -8.09
C GLU E 77 -13.35 -26.65 -6.75
N ASN E 78 -13.30 -25.36 -6.44
CA ASN E 78 -13.84 -24.87 -5.18
C ASN E 78 -15.21 -24.21 -5.27
N VAL E 79 -15.84 -24.30 -6.44
CA VAL E 79 -17.15 -23.69 -6.63
C VAL E 79 -18.24 -24.32 -5.74
N ARG E 80 -18.17 -25.63 -5.51
CA ARG E 80 -19.14 -26.31 -4.65
C ARG E 80 -19.12 -25.72 -3.26
N THR E 81 -17.91 -25.68 -2.70
CA THR E 81 -17.67 -25.15 -1.37
C THR E 81 -18.12 -23.70 -1.30
N LEU E 82 -17.75 -22.93 -2.31
CA LEU E 82 -18.11 -21.52 -2.40
C LEU E 82 -19.62 -21.33 -2.20
N GLN E 83 -20.40 -22.05 -3.00
CA GLN E 83 -21.86 -21.95 -2.94
C GLN E 83 -22.47 -22.60 -1.72
N ALA E 84 -21.75 -23.53 -1.11
CA ALA E 84 -22.24 -24.17 0.10
C ALA E 84 -22.08 -23.14 1.21
N ASN E 85 -20.93 -22.44 1.22
CA ASN E 85 -20.67 -21.43 2.24
C ASN E 85 -21.64 -20.23 2.06
N LEU E 86 -21.96 -19.90 0.80
CA LEU E 86 -22.85 -18.80 0.49
C LEU E 86 -24.16 -18.96 1.30
N VAL E 87 -24.82 -20.11 1.18
CA VAL E 87 -26.06 -20.39 1.90
C VAL E 87 -25.84 -20.29 3.42
N HIS E 88 -24.69 -20.78 3.91
CA HIS E 88 -24.42 -20.73 5.33
C HIS E 88 -24.24 -19.33 5.89
N PHE E 89 -23.35 -18.52 5.30
CA PHE E 89 -23.14 -17.20 5.88
C PHE E 89 -24.32 -16.25 5.74
N LEU E 90 -25.21 -16.52 4.78
CA LEU E 90 -26.40 -15.70 4.59
C LEU E 90 -27.55 -16.03 5.52
N ALA E 91 -27.48 -17.19 6.16
CA ALA E 91 -28.55 -17.64 7.06
C ALA E 91 -28.45 -17.02 8.45
N SER E 92 -28.52 -15.70 8.50
CA SER E 92 -28.41 -14.97 9.76
C SER E 92 -29.73 -14.30 10.15
N GLY E 93 -30.82 -14.76 9.55
CA GLY E 93 -32.12 -14.18 9.84
C GLY E 93 -32.66 -14.47 11.23
N VAL E 94 -33.48 -13.55 11.73
CA VAL E 94 -34.08 -13.70 13.05
C VAL E 94 -35.51 -13.20 12.97
N GLY E 95 -36.27 -13.38 14.06
CA GLY E 95 -37.63 -12.91 14.09
C GLY E 95 -38.64 -14.00 13.78
N PRO E 96 -39.93 -13.74 14.00
CA PRO E 96 -40.98 -14.73 13.73
C PRO E 96 -40.95 -15.17 12.28
N VAL E 97 -41.30 -16.42 12.01
CA VAL E 97 -41.28 -16.92 10.64
C VAL E 97 -42.42 -16.33 9.82
N LEU E 98 -42.23 -16.29 8.51
CA LEU E 98 -43.28 -15.78 7.62
C LEU E 98 -44.40 -16.79 7.71
N ASP E 99 -45.64 -16.33 7.59
CA ASP E 99 -46.78 -17.24 7.65
C ASP E 99 -46.76 -18.18 6.43
N TRP E 100 -47.43 -19.31 6.59
CA TRP E 100 -47.53 -20.35 5.57
C TRP E 100 -47.79 -19.84 4.14
N THR E 101 -48.83 -19.03 3.96
CA THR E 101 -49.15 -18.53 2.63
C THR E 101 -48.05 -17.63 2.07
N THR E 102 -47.54 -16.73 2.90
CA THR E 102 -46.48 -15.82 2.47
C THR E 102 -45.18 -16.52 2.09
N ALA E 103 -44.76 -17.48 2.90
CA ALA E 103 -43.55 -18.24 2.62
C ALA E 103 -43.66 -18.95 1.26
N ARG E 104 -44.82 -19.52 0.99
CA ARG E 104 -45.05 -20.22 -0.28
C ARG E 104 -45.08 -19.20 -1.43
N ALA E 105 -45.58 -18.00 -1.16
CA ALA E 105 -45.66 -16.94 -2.16
C ALA E 105 -44.23 -16.61 -2.59
N MET E 106 -43.32 -16.66 -1.62
CA MET E 106 -41.91 -16.37 -1.85
C MET E 106 -41.29 -17.45 -2.76
N VAL E 107 -41.55 -18.72 -2.43
CA VAL E 107 -41.05 -19.83 -3.23
C VAL E 107 -41.55 -19.66 -4.67
N LEU E 108 -42.83 -19.34 -4.80
CA LEU E 108 -43.43 -19.16 -6.11
C LEU E 108 -42.76 -18.02 -6.88
N ALA E 109 -42.54 -16.89 -6.21
CA ALA E 109 -41.91 -15.75 -6.86
C ALA E 109 -40.54 -16.13 -7.41
N ARG E 110 -39.76 -16.91 -6.65
CA ARG E 110 -38.45 -17.30 -7.14
C ARG E 110 -38.61 -18.25 -8.32
N LEU E 111 -39.61 -19.13 -8.26
CA LEU E 111 -39.86 -20.07 -9.35
C LEU E 111 -40.21 -19.31 -10.64
N VAL E 112 -41.06 -18.29 -10.52
CA VAL E 112 -41.44 -17.53 -11.71
C VAL E 112 -40.23 -16.83 -12.32
N SER E 113 -39.36 -16.28 -11.47
CA SER E 113 -38.17 -15.60 -11.96
C SER E 113 -37.30 -16.61 -12.72
N ILE E 114 -37.16 -17.81 -12.18
CA ILE E 114 -36.36 -18.87 -12.81
C ILE E 114 -36.95 -19.36 -14.13
N ALA E 115 -38.27 -19.49 -14.16
CA ALA E 115 -38.99 -19.97 -15.33
C ALA E 115 -38.74 -19.13 -16.58
N GLN E 116 -38.30 -17.89 -16.40
CA GLN E 116 -38.03 -17.03 -17.55
C GLN E 116 -36.85 -17.55 -18.36
N GLY E 117 -36.09 -18.47 -17.78
CA GLY E 117 -34.95 -19.05 -18.48
C GLY E 117 -33.67 -18.23 -18.66
N ALA E 118 -33.30 -17.45 -17.65
CA ALA E 118 -32.08 -16.63 -17.73
C ALA E 118 -31.24 -16.78 -16.46
N SER E 119 -31.57 -17.78 -15.63
CA SER E 119 -30.87 -18.01 -14.38
C SER E 119 -29.93 -19.21 -14.38
N GLY E 120 -30.17 -20.15 -15.29
CA GLY E 120 -29.32 -21.33 -15.37
C GLY E 120 -29.62 -22.40 -14.33
N ALA E 121 -30.77 -22.32 -13.69
CA ALA E 121 -31.16 -23.29 -12.67
C ALA E 121 -31.38 -24.68 -13.28
N SER E 122 -30.93 -25.71 -12.55
CA SER E 122 -31.07 -27.09 -13.03
C SER E 122 -32.51 -27.59 -12.90
N GLU E 123 -32.87 -28.59 -13.68
CA GLU E 123 -34.22 -29.17 -13.65
C GLU E 123 -34.58 -29.63 -12.24
N GLY E 124 -33.60 -30.26 -11.58
CA GLY E 124 -33.81 -30.76 -10.23
C GLY E 124 -34.21 -29.65 -9.26
N THR E 125 -33.47 -28.55 -9.28
CA THR E 125 -33.76 -27.44 -8.40
C THR E 125 -35.16 -26.89 -8.69
N ILE E 126 -35.51 -26.78 -9.97
CA ILE E 126 -36.84 -26.29 -10.34
C ILE E 126 -37.90 -27.25 -9.82
N ALA E 127 -37.63 -28.55 -9.95
CA ALA E 127 -38.57 -29.57 -9.49
C ALA E 127 -38.86 -29.45 -7.99
N ARG E 128 -37.83 -29.11 -7.22
CA ARG E 128 -37.98 -28.96 -5.77
C ARG E 128 -38.95 -27.83 -5.43
N LEU E 129 -38.85 -26.72 -6.16
CA LEU E 129 -39.72 -25.57 -5.91
C LEU E 129 -41.16 -25.95 -6.23
N ILE E 130 -41.34 -26.60 -7.37
CA ILE E 130 -42.67 -27.04 -7.80
C ILE E 130 -43.28 -28.02 -6.81
N ASP E 131 -42.48 -28.99 -6.37
CA ASP E 131 -42.96 -29.97 -5.40
C ASP E 131 -43.45 -29.31 -4.12
N LEU E 132 -42.65 -28.37 -3.60
CA LEU E 132 -43.03 -27.67 -2.39
C LEU E 132 -44.39 -27.01 -2.58
N LEU E 133 -44.56 -26.32 -3.70
CA LEU E 133 -45.80 -25.63 -3.98
C LEU E 133 -47.00 -26.58 -4.14
N ASN E 134 -46.75 -27.81 -4.57
CA ASN E 134 -47.85 -28.75 -4.72
C ASN E 134 -48.11 -29.56 -3.45
N SER E 135 -47.30 -29.32 -2.43
CA SER E 135 -47.44 -29.99 -1.14
C SER E 135 -48.30 -29.10 -0.26
N GLU E 136 -48.52 -29.52 0.97
CA GLU E 136 -49.32 -28.77 1.94
C GLU E 136 -48.39 -28.02 2.87
N LEU E 137 -47.11 -28.02 2.56
CA LEU E 137 -46.12 -27.37 3.41
C LEU E 137 -45.56 -26.06 2.89
N ALA E 138 -44.83 -25.38 3.77
CA ALA E 138 -44.16 -24.13 3.46
C ALA E 138 -42.89 -24.12 4.30
N PRO E 139 -41.80 -23.52 3.77
CA PRO E 139 -40.56 -23.48 4.54
C PRO E 139 -40.74 -22.50 5.69
N ALA E 140 -40.07 -22.76 6.82
CA ALA E 140 -40.16 -21.88 7.98
C ALA E 140 -38.95 -20.97 7.93
N VAL E 141 -39.17 -19.74 7.50
CA VAL E 141 -38.06 -18.80 7.40
C VAL E 141 -38.28 -17.54 8.22
N PRO E 142 -37.22 -17.07 8.90
CA PRO E 142 -37.29 -15.86 9.73
C PRO E 142 -37.66 -14.65 8.88
N SER E 143 -38.47 -13.76 9.45
CA SER E 143 -38.93 -12.59 8.72
C SER E 143 -37.95 -11.44 8.62
N ARG E 144 -36.99 -11.37 9.55
CA ARG E 144 -36.03 -10.27 9.55
C ARG E 144 -34.61 -10.65 9.19
N GLY E 145 -33.85 -9.70 8.66
CA GLY E 145 -32.49 -9.97 8.30
C GLY E 145 -32.04 -9.43 6.96
N THR E 146 -32.98 -9.06 6.09
CA THR E 146 -32.59 -8.56 4.78
C THR E 146 -32.85 -7.06 4.55
N VAL E 147 -31.99 -6.46 3.72
CA VAL E 147 -32.12 -5.04 3.37
C VAL E 147 -32.84 -4.84 2.05
N GLY E 148 -33.33 -5.96 1.50
CA GLY E 148 -34.03 -5.92 0.23
C GLY E 148 -33.19 -5.56 -0.98
N ASP E 150 -33.48 -10.17 -1.43
CA ASP E 150 -33.85 -10.88 -0.21
C ASP E 150 -32.98 -12.09 0.10
N LEU E 151 -31.67 -11.87 0.12
CA LEU E 151 -30.73 -12.94 0.39
C LEU E 151 -31.01 -13.80 1.62
N THR E 152 -31.18 -13.16 2.77
CA THR E 152 -31.41 -13.87 4.03
C THR E 152 -32.57 -14.85 4.07
N PRO E 153 -33.81 -14.37 3.90
CA PRO E 153 -34.92 -15.32 3.95
C PRO E 153 -34.82 -16.41 2.90
N LEU E 154 -34.24 -16.09 1.73
CA LEU E 154 -34.11 -17.11 0.68
C LEU E 154 -33.05 -18.15 1.04
N ALA E 155 -32.01 -17.73 1.77
CA ALA E 155 -30.99 -18.68 2.18
C ALA E 155 -31.63 -19.68 3.15
N HIS E 156 -32.48 -19.17 4.04
CA HIS E 156 -33.16 -20.01 5.01
C HIS E 156 -34.10 -20.96 4.28
N MET E 157 -34.66 -20.49 3.17
CA MET E 157 -35.56 -21.28 2.35
C MET E 157 -34.77 -22.47 1.82
N VAL E 158 -33.57 -22.18 1.29
CA VAL E 158 -32.72 -23.22 0.76
C VAL E 158 -32.38 -24.28 1.81
N LEU E 159 -32.06 -23.84 3.02
CA LEU E 159 -31.75 -24.80 4.09
C LEU E 159 -32.96 -25.67 4.38
N CYS E 160 -34.14 -25.07 4.37
CA CYS E 160 -35.36 -25.82 4.64
C CYS E 160 -35.54 -26.92 3.59
N LEU E 161 -35.37 -26.54 2.33
CA LEU E 161 -35.52 -27.45 1.21
C LEU E 161 -34.47 -28.57 1.17
N GLN E 162 -33.35 -28.38 1.86
CA GLN E 162 -32.32 -29.41 1.92
C GLN E 162 -32.62 -30.32 3.09
N GLY E 163 -33.65 -29.95 3.86
CA GLY E 163 -34.03 -30.74 5.02
C GLY E 163 -33.23 -30.33 6.24
N ARG E 164 -32.57 -29.19 6.14
CA ARG E 164 -31.75 -28.66 7.22
C ARG E 164 -32.44 -27.46 7.87
N GLY E 165 -33.76 -27.40 7.72
CA GLY E 165 -34.53 -26.31 8.29
C GLY E 165 -35.97 -26.74 8.50
N ASP E 166 -36.69 -26.04 9.36
CA ASP E 166 -38.09 -26.35 9.67
C ASP E 166 -39.09 -26.05 8.53
N PHE E 167 -40.24 -26.71 8.63
CA PHE E 167 -41.32 -26.55 7.68
C PHE E 167 -42.55 -26.16 8.49
N LEU E 168 -43.55 -25.60 7.81
CA LEU E 168 -44.79 -25.21 8.48
C LEU E 168 -45.95 -25.91 7.80
N ASP E 169 -46.91 -26.40 8.56
CA ASP E 169 -48.09 -27.01 7.96
C ASP E 169 -49.05 -25.83 7.84
N ARG E 170 -50.17 -26.00 7.17
CA ARG E 170 -51.13 -24.91 7.00
C ARG E 170 -51.50 -24.16 8.29
N ASP E 171 -51.38 -24.83 9.43
CA ASP E 171 -51.72 -24.23 10.71
C ASP E 171 -50.61 -23.46 11.40
N GLY E 172 -49.41 -23.49 10.84
CA GLY E 172 -48.29 -22.78 11.46
C GLY E 172 -47.50 -23.70 12.38
N THR E 173 -47.91 -24.96 12.46
CA THR E 173 -47.22 -25.93 13.30
C THR E 173 -45.87 -26.22 12.66
N ARG E 174 -44.81 -26.20 13.46
CA ARG E 174 -43.47 -26.45 12.93
C ARG E 174 -43.08 -27.92 12.93
N LEU E 175 -42.37 -28.31 11.87
CA LEU E 175 -41.89 -29.67 11.68
C LEU E 175 -40.40 -29.55 11.39
N ASP E 176 -39.60 -30.50 11.84
CA ASP E 176 -38.18 -30.39 11.53
C ASP E 176 -37.94 -30.75 10.07
N GLY E 177 -36.74 -30.45 9.58
CA GLY E 177 -36.42 -30.71 8.18
C GLY E 177 -36.78 -32.10 7.68
N ALA E 178 -36.30 -33.13 8.39
CA ALA E 178 -36.56 -34.51 7.99
C ALA E 178 -38.05 -34.83 7.95
N GLU E 179 -38.77 -34.40 8.98
CA GLU E 179 -40.21 -34.65 9.07
C GLU E 179 -40.91 -33.95 7.91
N GLY E 180 -40.43 -32.76 7.57
CA GLY E 180 -41.02 -32.02 6.47
C GLY E 180 -40.85 -32.71 5.13
N LEU E 181 -39.62 -33.13 4.83
CA LEU E 181 -39.36 -33.81 3.56
C LEU E 181 -40.19 -35.09 3.47
N ARG E 182 -40.34 -35.75 4.62
CA ARG E 182 -41.09 -36.99 4.71
C ARG E 182 -42.58 -36.72 4.45
N ARG E 183 -43.18 -35.92 5.33
CA ARG E 183 -44.60 -35.60 5.22
C ARG E 183 -45.00 -35.07 3.84
N GLY E 184 -44.22 -34.13 3.32
CA GLY E 184 -44.56 -33.56 2.02
C GLY E 184 -44.14 -34.42 0.85
N ARG E 185 -43.42 -35.51 1.12
CA ARG E 185 -42.94 -36.40 0.08
C ARG E 185 -42.05 -35.61 -0.87
N LEU E 186 -41.11 -34.88 -0.27
CA LEU E 186 -40.18 -34.05 -1.01
C LEU E 186 -38.80 -34.70 -1.04
N GLN E 187 -38.04 -34.36 -2.06
CA GLN E 187 -36.67 -34.86 -2.20
C GLN E 187 -35.81 -33.71 -1.72
N PRO E 188 -34.69 -34.02 -1.04
CA PRO E 188 -33.83 -32.92 -0.57
C PRO E 188 -33.23 -32.18 -1.77
N LEU E 189 -33.12 -30.87 -1.62
CA LEU E 189 -32.56 -30.02 -2.66
C LEU E 189 -31.10 -30.42 -2.90
N ASP E 190 -30.71 -30.59 -4.17
CA ASP E 190 -29.34 -30.95 -4.53
C ASP E 190 -28.81 -29.87 -5.43
N LEU E 191 -28.08 -28.92 -4.86
CA LEU E 191 -27.58 -27.77 -5.62
C LEU E 191 -26.41 -28.01 -6.52
N SER E 192 -26.55 -27.55 -7.76
CA SER E 192 -25.51 -27.69 -8.76
C SER E 192 -25.18 -26.34 -9.39
N HIS E 193 -23.96 -26.19 -9.85
CA HIS E 193 -23.52 -24.96 -10.48
C HIS E 193 -23.90 -23.71 -9.67
N ARG E 194 -24.70 -22.79 -10.20
CA ARG E 194 -25.04 -21.59 -9.42
C ARG E 194 -26.43 -21.60 -8.80
N ASP E 195 -27.05 -22.78 -8.72
CA ASP E 195 -28.39 -22.87 -8.17
C ASP E 195 -28.51 -22.11 -6.86
N ALA E 196 -27.45 -22.17 -6.04
CA ALA E 196 -27.47 -21.48 -4.77
C ALA E 196 -27.70 -19.99 -4.91
N LEU E 197 -26.93 -19.33 -5.78
CA LEU E 197 -27.09 -17.89 -5.98
C LEU E 197 -28.41 -17.59 -6.70
N ALA E 198 -28.77 -18.43 -7.66
CA ALA E 198 -30.02 -18.27 -8.40
C ALA E 198 -31.21 -18.24 -7.43
N LEU E 199 -31.21 -19.17 -6.47
CA LEU E 199 -32.29 -19.28 -5.51
C LEU E 199 -32.29 -18.19 -4.45
N VAL E 200 -31.18 -17.46 -4.34
CA VAL E 200 -31.05 -16.44 -3.31
C VAL E 200 -30.94 -14.94 -3.71
N ASN E 201 -30.51 -14.67 -4.95
CA ASN E 201 -30.29 -13.30 -5.39
C ASN E 201 -31.40 -12.54 -6.12
N GLY E 202 -32.59 -12.47 -5.52
CA GLY E 202 -33.69 -11.76 -6.16
C GLY E 202 -34.58 -11.06 -5.12
N THR E 203 -35.76 -10.61 -5.56
CA THR E 203 -36.69 -9.91 -4.68
C THR E 203 -37.91 -10.77 -4.34
N SER E 204 -37.71 -12.08 -4.33
CA SER E 204 -38.81 -13.02 -4.06
C SER E 204 -39.55 -12.94 -2.72
N ALA E 205 -38.85 -12.57 -1.66
CA ALA E 205 -39.53 -12.48 -0.37
C ALA E 205 -40.48 -11.29 -0.32
N MET E 206 -40.00 -10.10 -0.71
CA MET E 206 -40.85 -8.91 -0.69
C MET E 206 -41.98 -9.04 -1.71
N THR E 207 -41.69 -9.71 -2.82
CA THR E 207 -42.70 -9.92 -3.86
C THR E 207 -43.78 -10.86 -3.36
N GLY E 208 -43.36 -11.90 -2.64
CA GLY E 208 -44.32 -12.85 -2.07
C GLY E 208 -45.18 -12.18 -1.02
N ILE E 209 -44.56 -11.40 -0.15
CA ILE E 209 -45.30 -10.70 0.89
C ILE E 209 -46.28 -9.72 0.23
N ALA E 210 -45.81 -9.00 -0.78
CA ALA E 210 -46.65 -8.03 -1.48
C ALA E 210 -47.84 -8.64 -2.22
N LEU E 211 -47.68 -9.82 -2.80
CA LEU E 211 -48.81 -10.43 -3.50
C LEU E 211 -49.88 -10.89 -2.52
N VAL E 212 -49.47 -11.21 -1.29
CA VAL E 212 -50.42 -11.61 -0.26
C VAL E 212 -51.14 -10.35 0.22
N ASN E 213 -50.41 -9.23 0.29
CA ASN E 213 -51.03 -7.95 0.69
C ASN E 213 -52.06 -7.53 -0.36
N ALA E 214 -51.70 -7.70 -1.63
CA ALA E 214 -52.58 -7.31 -2.72
C ALA E 214 -53.91 -8.06 -2.65
N HIS E 215 -53.84 -9.35 -2.38
CA HIS E 215 -55.05 -10.18 -2.28
C HIS E 215 -55.91 -9.75 -1.09
N ALA E 216 -55.27 -9.59 0.06
CA ALA E 216 -55.95 -9.18 1.27
C ALA E 216 -56.61 -7.84 1.10
N CYS E 217 -55.92 -6.89 0.46
CA CYS E 217 -56.48 -5.56 0.25
C CYS E 217 -57.71 -5.55 -0.64
N ARG E 218 -57.76 -6.44 -1.61
CA ARG E 218 -58.93 -6.50 -2.49
C ARG E 218 -60.17 -6.89 -1.69
N HIS E 219 -60.02 -7.89 -0.81
CA HIS E 219 -61.14 -8.32 0.03
C HIS E 219 -61.53 -7.24 1.01
N LEU E 220 -60.54 -6.65 1.69
CA LEU E 220 -60.85 -5.60 2.65
C LEU E 220 -61.52 -4.41 1.96
N GLY E 221 -61.11 -4.13 0.73
CA GLY E 221 -61.71 -3.05 -0.01
C GLY E 221 -63.17 -3.35 -0.27
N ASN E 222 -63.50 -4.61 -0.53
CA ASN E 222 -64.87 -5.00 -0.77
C ASN E 222 -65.69 -4.85 0.51
N TRP E 223 -65.03 -5.09 1.64
CA TRP E 223 -65.72 -4.95 2.92
C TRP E 223 -65.91 -3.47 3.23
N ALA E 224 -64.92 -2.66 2.91
CA ALA E 224 -65.00 -1.23 3.16
C ALA E 224 -66.22 -0.64 2.45
N VAL E 225 -66.43 -1.09 1.22
CA VAL E 225 -67.55 -0.62 0.40
C VAL E 225 -68.87 -1.14 0.95
N ALA E 226 -68.91 -2.43 1.25
CA ALA E 226 -70.11 -3.07 1.76
C ALA E 226 -70.56 -2.48 3.10
N LEU E 227 -69.60 -2.21 3.98
CA LEU E 227 -69.94 -1.64 5.28
C LEU E 227 -70.32 -0.18 5.17
N THR E 228 -69.71 0.54 4.24
CA THR E 228 -70.07 1.96 4.08
C THR E 228 -71.54 2.02 3.60
N ALA E 229 -71.91 1.07 2.75
CA ALA E 229 -73.27 1.00 2.21
C ALA E 229 -74.26 0.67 3.31
N LEU E 230 -73.94 -0.34 4.12
CA LEU E 230 -74.81 -0.72 5.21
C LEU E 230 -74.93 0.44 6.20
N LEU E 231 -73.83 1.19 6.36
CA LEU E 231 -73.84 2.35 7.26
C LEU E 231 -74.93 3.32 6.78
N ALA E 232 -74.96 3.56 5.47
CA ALA E 232 -75.95 4.46 4.88
C ALA E 232 -77.36 3.98 5.20
N GLU E 233 -77.56 2.67 5.13
CA GLU E 233 -78.87 2.10 5.43
C GLU E 233 -79.24 2.27 6.91
N CYS E 234 -78.23 2.39 7.78
CA CYS E 234 -78.50 2.55 9.21
C CYS E 234 -78.67 4.00 9.66
N LEU E 235 -78.17 4.94 8.87
CA LEU E 235 -78.26 6.35 9.22
C LEU E 235 -79.02 7.19 8.18
N ARG E 236 -79.91 6.55 7.44
CA ARG E 236 -80.67 7.25 6.40
C ARG E 236 -79.74 8.08 5.50
N GLY E 237 -78.67 7.45 5.02
CA GLY E 237 -77.73 8.15 4.16
C GLY E 237 -78.29 8.54 2.80
N ARG E 238 -77.73 9.61 2.22
CA ARG E 238 -78.16 10.12 0.93
C ARG E 238 -77.36 9.53 -0.23
N THR E 239 -78.03 8.86 -1.16
CA THR E 239 -77.37 8.24 -2.30
C THR E 239 -76.97 9.22 -3.41
N GLU E 240 -77.49 10.44 -3.39
CA GLU E 240 -77.12 11.36 -4.47
C GLU E 240 -75.64 11.69 -4.47
N ALA E 241 -74.98 11.56 -3.32
CA ALA E 241 -73.55 11.82 -3.25
C ALA E 241 -72.76 10.76 -4.00
N TRP E 242 -73.39 9.60 -4.21
CA TRP E 242 -72.73 8.50 -4.91
C TRP E 242 -73.16 8.40 -6.38
N ALA E 243 -73.80 9.46 -6.89
CA ALA E 243 -74.27 9.48 -8.27
C ALA E 243 -73.15 9.37 -9.30
N ALA E 244 -73.42 8.62 -10.36
CA ALA E 244 -72.46 8.41 -11.43
C ALA E 244 -72.04 9.74 -12.06
N ALA E 245 -72.97 10.68 -12.12
CA ALA E 245 -72.69 11.99 -12.71
C ALA E 245 -71.49 12.68 -12.05
N LEU E 246 -71.38 12.54 -10.74
CA LEU E 246 -70.26 13.15 -10.01
C LEU E 246 -68.94 12.51 -10.40
N SER E 247 -68.96 11.20 -10.57
CA SER E 247 -67.76 10.46 -10.95
C SER E 247 -67.26 10.93 -12.31
N ASP E 248 -68.17 11.12 -13.25
CA ASP E 248 -67.81 11.56 -14.59
C ASP E 248 -67.14 12.92 -14.57
N LEU E 249 -67.54 13.77 -13.62
CA LEU E 249 -66.97 15.11 -13.51
C LEU E 249 -65.55 15.10 -12.92
N ARG E 250 -65.22 14.04 -12.19
CA ARG E 250 -63.89 13.88 -11.60
C ARG E 250 -63.56 12.41 -11.85
N PRO E 251 -63.30 12.05 -13.12
CA PRO E 251 -62.97 10.72 -13.65
C PRO E 251 -61.82 9.84 -13.15
N HIS E 252 -61.54 9.86 -11.85
CA HIS E 252 -60.50 8.97 -11.33
C HIS E 252 -61.12 7.57 -11.37
N PRO E 253 -60.45 6.61 -12.02
CA PRO E 253 -60.95 5.23 -12.14
C PRO E 253 -61.42 4.63 -10.81
N GLY E 254 -60.61 4.79 -9.77
CA GLY E 254 -60.96 4.24 -8.47
C GLY E 254 -62.24 4.83 -7.88
N GLN E 255 -62.41 6.13 -8.05
CA GLN E 255 -63.58 6.82 -7.53
C GLN E 255 -64.84 6.37 -8.28
N LYS E 256 -64.73 6.29 -9.60
CA LYS E 256 -65.86 5.86 -10.43
C LYS E 256 -66.29 4.47 -10.01
N ASP E 257 -65.31 3.59 -9.81
CA ASP E 257 -65.56 2.21 -9.40
C ASP E 257 -66.17 2.13 -7.99
N ALA E 258 -65.63 2.91 -7.07
CA ALA E 258 -66.13 2.92 -5.69
C ALA E 258 -67.59 3.38 -5.67
N ALA E 259 -67.88 4.46 -6.38
CA ALA E 259 -69.24 4.99 -6.44
C ALA E 259 -70.20 3.96 -7.03
N ALA E 260 -69.77 3.31 -8.12
CA ALA E 260 -70.61 2.31 -8.76
C ALA E 260 -70.90 1.16 -7.81
N ARG E 261 -69.85 0.68 -7.14
CA ARG E 261 -69.98 -0.42 -6.20
C ARG E 261 -70.88 -0.05 -5.01
N LEU E 262 -70.77 1.19 -4.53
CA LEU E 262 -71.59 1.65 -3.42
C LEU E 262 -73.06 1.67 -3.83
N ARG E 263 -73.33 2.17 -5.03
CA ARG E 263 -74.70 2.24 -5.54
C ARG E 263 -75.27 0.83 -5.64
N ALA E 264 -74.48 -0.11 -6.16
CA ALA E 264 -74.92 -1.48 -6.31
C ALA E 264 -75.27 -2.10 -4.96
N ARG E 265 -74.47 -1.83 -3.93
CA ARG E 265 -74.72 -2.37 -2.61
C ARG E 265 -76.07 -1.96 -2.02
N VAL E 266 -76.49 -0.71 -2.22
CA VAL E 266 -77.76 -0.26 -1.67
C VAL E 266 -78.94 -0.37 -2.62
N ASP E 267 -78.73 -0.99 -3.78
CA ASP E 267 -79.81 -1.15 -4.73
C ASP E 267 -80.91 -1.97 -4.06
N GLY E 268 -82.15 -1.49 -4.14
CA GLY E 268 -83.26 -2.20 -3.53
C GLY E 268 -83.53 -1.77 -2.09
N SER E 269 -82.72 -0.86 -1.57
CA SER E 269 -82.90 -0.40 -0.21
C SER E 269 -83.96 0.69 -0.09
N ALA E 270 -84.75 0.61 0.97
CA ALA E 270 -85.80 1.58 1.22
C ALA E 270 -85.39 2.41 2.44
N ARG E 271 -84.20 2.14 2.95
CA ARG E 271 -83.70 2.84 4.14
C ARG E 271 -82.84 4.06 3.82
N VAL E 272 -82.32 4.12 2.59
CA VAL E 272 -81.50 5.25 2.18
C VAL E 272 -82.39 6.34 1.59
N VAL E 273 -81.88 7.57 1.56
CA VAL E 273 -82.62 8.69 0.97
C VAL E 273 -82.11 8.84 -0.46
N ARG E 274 -83.02 8.79 -1.43
CA ARG E 274 -82.63 8.89 -2.83
C ARG E 274 -83.00 10.23 -3.51
N HIS E 275 -83.73 11.07 -2.78
CA HIS E 275 -84.15 12.36 -3.34
C HIS E 275 -83.01 13.35 -3.48
N VAL E 276 -82.86 13.90 -4.68
CA VAL E 276 -81.84 14.90 -4.95
C VAL E 276 -82.41 16.18 -4.34
N ILE E 277 -81.72 16.75 -3.36
CA ILE E 277 -82.22 17.95 -2.67
C ILE E 277 -82.51 19.16 -3.57
N ALA E 278 -81.72 19.34 -4.62
CA ALA E 278 -81.90 20.48 -5.52
C ALA E 278 -83.22 20.47 -6.28
N GLU E 279 -83.89 19.32 -6.31
CA GLU E 279 -85.16 19.21 -7.02
C GLU E 279 -86.23 20.02 -6.30
N ARG E 280 -86.09 20.11 -4.98
CA ARG E 280 -87.03 20.84 -4.15
C ARG E 280 -87.00 22.35 -4.35
N ARG E 281 -88.17 22.94 -4.62
CA ARG E 281 -88.27 24.38 -4.81
C ARG E 281 -88.74 24.94 -3.47
N LEU E 282 -87.96 25.87 -2.91
CA LEU E 282 -88.29 26.45 -1.61
C LEU E 282 -89.20 27.67 -1.70
N ASP E 283 -90.01 27.87 -0.66
CA ASP E 283 -90.91 29.02 -0.59
C ASP E 283 -90.65 29.76 0.72
N ALA E 284 -91.40 30.83 0.94
CA ALA E 284 -91.25 31.65 2.14
C ALA E 284 -91.30 30.84 3.43
N GLY E 285 -92.31 29.98 3.56
CA GLY E 285 -92.46 29.18 4.76
C GLY E 285 -91.37 28.16 5.06
N ASP E 286 -90.35 28.08 4.19
CA ASP E 286 -89.28 27.12 4.40
C ASP E 286 -88.07 27.71 5.12
N ILE E 287 -87.93 29.04 5.08
CA ILE E 287 -86.80 29.69 5.73
C ILE E 287 -86.80 29.43 7.23
N GLY E 288 -85.67 28.96 7.74
CA GLY E 288 -85.55 28.67 9.15
C GLY E 288 -84.50 27.61 9.39
N THR E 289 -84.66 26.85 10.47
CA THR E 289 -83.70 25.79 10.81
C THR E 289 -84.32 24.40 10.65
N GLU E 290 -83.73 23.59 9.79
CA GLU E 290 -84.20 22.24 9.55
C GLU E 290 -83.53 21.30 10.56
N PRO E 291 -84.17 20.16 10.83
CA PRO E 291 -83.63 19.18 11.78
C PRO E 291 -82.25 18.66 11.37
N GLU E 292 -82.06 18.43 10.07
CA GLU E 292 -80.79 17.93 9.56
C GLU E 292 -80.37 18.69 8.29
N ALA E 293 -79.07 18.70 8.02
CA ALA E 293 -78.55 19.37 6.83
C ALA E 293 -78.90 18.56 5.59
N GLY E 294 -78.81 19.19 4.42
CA GLY E 294 -79.13 18.52 3.18
C GLY E 294 -78.08 17.56 2.65
N GLN E 295 -76.94 17.49 3.32
CA GLN E 295 -75.84 16.61 2.90
C GLN E 295 -75.31 15.86 4.13
N ASP E 296 -74.78 14.66 3.91
CA ASP E 296 -74.23 13.86 5.01
C ASP E 296 -72.81 14.30 5.37
N ALA E 297 -72.33 13.83 6.52
CA ALA E 297 -70.98 14.13 6.95
C ALA E 297 -70.06 13.43 5.94
N TYR E 298 -68.77 13.74 5.97
CA TYR E 298 -67.84 13.16 5.00
C TYR E 298 -67.66 11.64 5.03
N SER E 299 -67.82 11.00 6.19
CA SER E 299 -67.63 9.55 6.25
C SER E 299 -68.61 8.79 5.38
N LEU E 300 -69.63 9.49 4.88
CA LEU E 300 -70.60 8.89 3.97
C LEU E 300 -70.56 9.60 2.62
N ARG E 301 -70.67 10.93 2.66
CA ARG E 301 -70.68 11.72 1.44
C ARG E 301 -69.41 11.65 0.60
N CYS E 302 -68.26 11.54 1.25
CA CYS E 302 -66.99 11.49 0.51
C CYS E 302 -66.41 10.09 0.38
N ALA E 303 -67.21 9.08 0.70
CA ALA E 303 -66.75 7.70 0.61
C ALA E 303 -66.16 7.35 -0.76
N PRO E 304 -66.82 7.77 -1.86
CA PRO E 304 -66.28 7.45 -3.18
C PRO E 304 -64.88 8.01 -3.43
N GLN E 305 -64.65 9.24 -2.95
CA GLN E 305 -63.38 9.90 -3.12
C GLN E 305 -62.27 9.29 -2.27
N VAL E 306 -62.57 9.01 -1.01
CA VAL E 306 -61.57 8.41 -0.11
C VAL E 306 -61.27 6.97 -0.53
N LEU E 307 -62.30 6.16 -0.67
CA LEU E 307 -62.11 4.77 -1.08
C LEU E 307 -61.46 4.70 -2.46
N GLY E 308 -61.91 5.58 -3.35
CA GLY E 308 -61.37 5.61 -4.71
C GLY E 308 -59.88 5.88 -4.78
N ALA E 309 -59.39 6.75 -3.91
CA ALA E 309 -57.97 7.08 -3.88
C ALA E 309 -57.19 5.86 -3.42
N GLY E 310 -57.73 5.15 -2.44
CA GLY E 310 -57.08 3.95 -1.96
C GLY E 310 -57.07 2.88 -3.04
N PHE E 311 -58.17 2.79 -3.78
CA PHE E 311 -58.29 1.81 -4.86
C PHE E 311 -57.31 2.11 -5.98
N ASP E 312 -57.12 3.38 -6.29
CA ASP E 312 -56.19 3.75 -7.34
C ASP E 312 -54.75 3.47 -6.89
N THR E 313 -54.50 3.58 -5.59
CA THR E 313 -53.17 3.29 -5.08
C THR E 313 -52.92 1.78 -5.21
N LEU E 314 -53.92 0.98 -4.83
CA LEU E 314 -53.80 -0.47 -4.94
C LEU E 314 -53.61 -0.87 -6.40
N ALA E 315 -54.29 -0.18 -7.31
CA ALA E 315 -54.15 -0.48 -8.74
C ALA E 315 -52.70 -0.25 -9.21
N TRP E 316 -52.07 0.81 -8.71
CA TRP E 316 -50.69 1.12 -9.08
C TRP E 316 -49.79 0.03 -8.52
N HIS E 317 -49.99 -0.27 -7.24
CA HIS E 317 -49.24 -1.30 -6.54
C HIS E 317 -49.29 -2.62 -7.32
N ASP E 318 -50.50 -3.00 -7.73
CA ASP E 318 -50.69 -4.25 -8.46
C ASP E 318 -50.07 -4.23 -9.86
N ARG E 319 -50.05 -3.08 -10.54
CA ARG E 319 -49.44 -3.01 -11.87
C ARG E 319 -47.94 -3.26 -11.75
N VAL E 320 -47.31 -2.56 -10.82
CA VAL E 320 -45.89 -2.69 -10.58
C VAL E 320 -45.54 -4.09 -10.06
N LEU E 321 -46.37 -4.64 -9.18
CA LEU E 321 -46.11 -5.96 -8.63
C LEU E 321 -46.21 -7.03 -9.73
N THR E 322 -47.16 -6.87 -10.64
CA THR E 322 -47.33 -7.85 -11.72
C THR E 322 -46.06 -7.92 -12.55
N ILE E 323 -45.45 -6.76 -12.81
CA ILE E 323 -44.22 -6.72 -13.57
C ILE E 323 -43.09 -7.39 -12.78
N GLU E 324 -42.98 -7.06 -11.49
CA GLU E 324 -41.94 -7.62 -10.65
C GLU E 324 -42.02 -9.14 -10.53
N LEU E 325 -43.22 -9.64 -10.27
CA LEU E 325 -43.46 -11.08 -10.10
C LEU E 325 -43.01 -11.86 -11.33
N ASN E 326 -43.26 -11.30 -12.52
CA ASN E 326 -42.92 -11.95 -13.76
C ASN E 326 -41.61 -11.55 -14.40
N ALA E 327 -40.79 -10.81 -13.65
CA ALA E 327 -39.49 -10.38 -14.11
C ALA E 327 -38.41 -11.32 -13.59
N VAL E 328 -37.22 -11.16 -14.14
CA VAL E 328 -36.07 -11.92 -13.70
C VAL E 328 -35.32 -11.01 -12.74
N THR E 329 -35.36 -11.32 -11.45
CA THR E 329 -34.63 -10.56 -10.44
C THR E 329 -33.56 -11.52 -9.98
N ASP E 330 -32.38 -11.34 -10.55
CA ASP E 330 -31.25 -12.19 -10.26
C ASP E 330 -30.02 -11.46 -10.79
N ASN E 331 -28.86 -11.89 -10.33
CA ASN E 331 -27.60 -11.36 -10.80
C ASN E 331 -26.57 -12.40 -10.46
N PRO E 332 -25.75 -12.79 -11.42
CA PRO E 332 -25.76 -12.27 -12.78
C PRO E 332 -26.91 -12.94 -13.56
N VAL E 333 -27.08 -12.58 -14.83
CA VAL E 333 -28.11 -13.20 -15.61
C VAL E 333 -27.48 -13.73 -16.91
N PHE E 334 -28.09 -14.76 -17.48
CA PHE E 334 -27.59 -15.39 -18.69
C PHE E 334 -28.56 -15.20 -19.83
N PRO E 335 -28.25 -14.26 -20.73
CA PRO E 335 -29.07 -13.92 -21.90
C PRO E 335 -29.41 -15.12 -22.77
N PRO E 336 -30.72 -15.38 -22.95
CA PRO E 336 -31.23 -16.50 -23.75
C PRO E 336 -30.75 -16.42 -25.21
N ASP E 337 -30.54 -15.20 -25.69
CA ASP E 337 -30.10 -14.99 -27.06
C ASP E 337 -28.63 -15.34 -27.30
N GLY E 338 -27.86 -15.48 -26.22
CA GLY E 338 -26.46 -15.82 -26.35
C GLY E 338 -25.53 -14.68 -26.77
N SER E 339 -26.04 -13.46 -26.77
CA SER E 339 -25.27 -12.28 -27.15
C SER E 339 -23.96 -12.21 -26.34
N VAL E 340 -24.09 -12.32 -25.02
CA VAL E 340 -22.93 -12.29 -24.14
C VAL E 340 -23.09 -13.52 -23.23
N PRO E 341 -21.99 -14.02 -22.68
CA PRO E 341 -22.10 -15.19 -21.81
C PRO E 341 -23.00 -14.89 -20.60
N ALA E 342 -22.84 -13.69 -20.05
CA ALA E 342 -23.62 -13.27 -18.88
C ALA E 342 -23.56 -11.75 -18.69
N LEU E 343 -24.51 -11.24 -17.91
CA LEU E 343 -24.60 -9.81 -17.64
C LEU E 343 -24.61 -9.55 -16.12
N HIS E 344 -23.81 -8.60 -15.66
CA HIS E 344 -23.77 -8.24 -14.25
C HIS E 344 -24.46 -6.90 -14.04
N GLY E 345 -25.48 -6.89 -13.18
CA GLY E 345 -26.23 -5.68 -12.92
C GLY E 345 -26.89 -5.66 -11.57
N GLY E 346 -27.98 -4.91 -11.44
CA GLY E 346 -28.64 -4.80 -10.15
C GLY E 346 -30.13 -5.10 -10.14
N ASN E 347 -30.57 -6.11 -10.86
CA ASN E 347 -31.98 -6.45 -10.90
C ASN E 347 -32.55 -7.04 -9.61
N PHE E 348 -31.71 -7.18 -8.59
CA PHE E 348 -32.15 -7.69 -7.30
C PHE E 348 -32.55 -6.51 -6.41
N MET E 349 -32.30 -5.28 -6.89
CA MET E 349 -32.64 -4.08 -6.10
C MET E 349 -34.16 -3.88 -6.07
N GLY E 350 -34.78 -4.19 -4.93
CA GLY E 350 -36.21 -4.07 -4.82
C GLY E 350 -36.81 -2.72 -4.50
N GLN E 351 -36.36 -1.68 -5.20
CA GLN E 351 -36.89 -0.34 -4.94
C GLN E 351 -38.36 -0.17 -5.37
N HIS E 352 -38.75 -0.87 -6.44
CA HIS E 352 -40.13 -0.78 -6.92
C HIS E 352 -41.15 -1.29 -5.91
N VAL E 353 -40.92 -2.48 -5.38
CA VAL E 353 -41.81 -3.05 -4.38
C VAL E 353 -41.75 -2.23 -3.10
N ALA E 354 -40.57 -1.70 -2.79
CA ALA E 354 -40.42 -0.90 -1.58
C ALA E 354 -41.30 0.36 -1.66
N LEU E 355 -41.25 1.06 -2.78
CA LEU E 355 -42.04 2.28 -2.90
C LEU E 355 -43.54 2.02 -2.99
N THR E 356 -43.93 0.98 -3.72
CA THR E 356 -45.36 0.67 -3.83
C THR E 356 -45.90 0.15 -2.50
N SER E 357 -45.08 -0.60 -1.77
CA SER E 357 -45.54 -1.12 -0.47
C SER E 357 -45.75 0.03 0.51
N ASP E 358 -44.85 1.01 0.48
CA ASP E 358 -44.98 2.15 1.38
C ASP E 358 -46.19 2.99 0.99
N ALA E 359 -46.45 3.11 -0.31
CA ALA E 359 -47.58 3.89 -0.78
C ALA E 359 -48.89 3.20 -0.39
N LEU E 360 -48.93 1.88 -0.53
CA LEU E 360 -50.13 1.13 -0.19
C LEU E 360 -50.38 1.19 1.33
N ALA E 361 -49.32 1.13 2.11
CA ALA E 361 -49.45 1.20 3.57
C ALA E 361 -50.13 2.52 3.98
N THR E 362 -49.76 3.61 3.33
CA THR E 362 -50.37 4.89 3.64
C THR E 362 -51.85 4.85 3.29
N ALA E 363 -52.18 4.36 2.10
CA ALA E 363 -53.58 4.26 1.68
C ALA E 363 -54.39 3.41 2.66
N VAL E 364 -53.78 2.31 3.12
CA VAL E 364 -54.44 1.43 4.07
C VAL E 364 -54.73 2.16 5.36
N THR E 365 -53.76 2.95 5.82
CA THR E 365 -53.95 3.69 7.06
C THR E 365 -55.06 4.73 6.88
N VAL E 366 -55.13 5.33 5.70
CA VAL E 366 -56.17 6.32 5.42
C VAL E 366 -57.56 5.68 5.43
N LEU E 367 -57.69 4.54 4.75
CA LEU E 367 -58.98 3.85 4.72
C LEU E 367 -59.38 3.29 6.08
N ALA E 368 -58.42 2.85 6.89
CA ALA E 368 -58.74 2.35 8.21
C ALA E 368 -59.24 3.54 9.03
N GLY E 369 -58.71 4.72 8.73
CA GLY E 369 -59.14 5.91 9.43
C GLY E 369 -60.60 6.21 9.12
N LEU E 370 -60.99 5.99 7.87
CA LEU E 370 -62.38 6.21 7.48
C LEU E 370 -63.27 5.25 8.25
N ALA E 371 -62.90 3.98 8.28
CA ALA E 371 -63.69 2.97 8.99
C ALA E 371 -63.80 3.30 10.48
N GLU E 372 -62.70 3.77 11.06
CA GLU E 372 -62.68 4.11 12.47
C GLU E 372 -63.67 5.24 12.76
N ARG E 373 -63.73 6.23 11.86
CA ARG E 373 -64.65 7.34 12.04
C ARG E 373 -66.10 6.94 11.79
N GLN E 374 -66.32 5.92 10.96
CA GLN E 374 -67.68 5.46 10.69
C GLN E 374 -68.17 4.77 11.96
N ILE E 375 -67.28 4.06 12.65
CA ILE E 375 -67.64 3.41 13.90
C ILE E 375 -67.93 4.48 14.95
N ALA E 376 -67.08 5.50 14.97
CA ALA E 376 -67.21 6.59 15.93
C ALA E 376 -68.55 7.31 15.77
N ARG E 377 -68.99 7.48 14.53
CA ARG E 377 -70.25 8.15 14.25
C ARG E 377 -71.45 7.27 14.57
N LEU E 378 -71.38 6.01 14.17
CA LEU E 378 -72.46 5.06 14.39
C LEU E 378 -72.77 4.80 15.88
N THR E 379 -71.75 4.88 16.73
CA THR E 379 -71.94 4.60 18.15
C THR E 379 -72.20 5.81 19.05
N ASP E 380 -72.11 7.00 18.48
CA ASP E 380 -72.32 8.26 19.22
C ASP E 380 -73.81 8.61 19.18
N GLU E 381 -74.48 8.53 20.34
CA GLU E 381 -75.92 8.82 20.38
C GLU E 381 -76.27 10.22 19.89
N ARG E 382 -75.31 11.12 19.89
CA ARG E 382 -75.56 12.47 19.41
C ARG E 382 -75.43 12.58 17.89
N LEU E 383 -74.80 11.58 17.28
CA LEU E 383 -74.59 11.60 15.83
C LEU E 383 -75.27 10.47 15.07
N ASN E 384 -75.74 9.42 15.76
CA ASN E 384 -76.34 8.29 15.06
C ASN E 384 -77.84 8.35 14.80
N ARG E 385 -78.39 9.56 14.82
CA ARG E 385 -79.80 9.76 14.53
C ARG E 385 -80.83 8.85 15.20
N GLY E 386 -80.80 8.76 16.52
CA GLY E 386 -81.79 7.96 17.21
C GLY E 386 -81.42 6.57 17.67
N LEU E 387 -80.24 6.08 17.27
CA LEU E 387 -79.81 4.76 17.69
C LEU E 387 -79.28 4.81 19.12
N PRO E 388 -79.39 3.70 19.87
CA PRO E 388 -78.92 3.66 21.26
C PRO E 388 -77.43 4.02 21.33
N PRO E 389 -77.00 4.61 22.43
CA PRO E 389 -75.57 4.95 22.55
C PRO E 389 -74.77 3.66 22.53
N PHE E 390 -73.75 3.61 21.67
CA PHE E 390 -72.90 2.42 21.53
C PHE E 390 -73.69 1.17 21.15
N LEU E 391 -74.86 1.41 20.56
CA LEU E 391 -75.74 0.34 20.06
C LEU E 391 -76.06 -0.77 21.07
N HIS E 392 -76.15 -0.41 22.34
CA HIS E 392 -76.45 -1.40 23.38
C HIS E 392 -77.90 -1.85 23.35
N ARG E 393 -78.17 -2.97 24.00
CA ARG E 393 -79.53 -3.48 24.15
C ARG E 393 -79.70 -3.61 25.66
N GLY E 394 -80.95 -3.76 26.12
CA GLY E 394 -81.18 -3.86 27.55
C GLY E 394 -81.12 -2.47 28.15
N PRO E 395 -81.13 -2.33 29.48
CA PRO E 395 -81.09 -1.01 30.14
C PRO E 395 -79.80 -0.21 29.90
N ALA E 396 -79.95 1.05 29.48
CA ALA E 396 -78.80 1.92 29.23
C ALA E 396 -78.07 2.22 30.53
N GLY E 397 -76.74 2.21 30.51
CA GLY E 397 -76.00 2.46 31.73
C GLY E 397 -75.54 1.13 32.28
N LEU E 398 -76.49 0.23 32.56
CA LEU E 398 -76.16 -1.10 33.04
C LEU E 398 -75.44 -1.79 31.90
N ASN E 399 -75.88 -1.50 30.69
CA ASN E 399 -75.29 -2.07 29.47
C ASN E 399 -74.60 -0.95 28.70
N SER E 400 -73.40 -1.25 28.22
CA SER E 400 -72.60 -0.27 27.49
C SER E 400 -72.36 -0.69 26.04
N GLY E 401 -72.92 -1.84 25.66
CA GLY E 401 -72.79 -2.35 24.31
C GLY E 401 -71.38 -2.38 23.74
N PHE E 402 -71.21 -1.71 22.60
CA PHE E 402 -69.93 -1.67 21.94
C PHE E 402 -69.00 -0.57 22.42
N MET E 403 -69.26 -0.01 23.59
CA MET E 403 -68.40 1.07 24.06
C MET E 403 -66.94 0.68 24.15
N GLY E 404 -66.67 -0.55 24.56
CA GLY E 404 -65.29 -0.99 24.66
C GLY E 404 -64.67 -1.17 23.29
N ALA E 405 -65.39 -1.87 22.42
CA ALA E 405 -64.91 -2.13 21.05
C ALA E 405 -64.62 -0.85 20.27
N GLN E 406 -65.38 0.19 20.53
CA GLN E 406 -65.20 1.46 19.83
C GLN E 406 -63.83 2.06 20.17
N VAL E 407 -63.47 2.01 21.46
CA VAL E 407 -62.18 2.54 21.90
C VAL E 407 -61.06 1.66 21.33
N THR E 408 -61.31 0.36 21.26
CA THR E 408 -60.34 -0.57 20.71
C THR E 408 -60.03 -0.23 19.25
N ALA E 409 -61.06 0.14 18.50
CA ALA E 409 -60.88 0.51 17.10
C ALA E 409 -59.94 1.72 17.02
N THR E 410 -60.16 2.70 17.89
CA THR E 410 -59.33 3.89 17.89
C THR E 410 -57.88 3.55 18.23
N ALA E 411 -57.69 2.63 19.18
CA ALA E 411 -56.35 2.20 19.59
C ALA E 411 -55.62 1.51 18.44
N LEU E 412 -56.33 0.68 17.67
CA LEU E 412 -55.71 -0.03 16.57
C LEU E 412 -55.24 0.98 15.50
N LEU E 413 -56.06 1.98 15.23
CA LEU E 413 -55.72 3.01 14.25
C LEU E 413 -54.52 3.83 14.71
N ALA E 414 -54.52 4.23 15.98
CA ALA E 414 -53.44 5.01 16.54
C ALA E 414 -52.12 4.28 16.35
N GLU E 415 -52.13 2.97 16.58
CA GLU E 415 -50.91 2.18 16.42
C GLU E 415 -50.43 2.15 14.96
N MET E 416 -51.36 2.01 14.02
CA MET E 416 -51.01 1.98 12.61
C MET E 416 -50.25 3.25 12.22
N ARG E 417 -50.75 4.38 12.70
CA ARG E 417 -50.15 5.68 12.38
C ARG E 417 -48.73 5.88 12.89
N ALA E 418 -48.35 5.15 13.94
CA ALA E 418 -47.02 5.29 14.53
C ALA E 418 -45.88 4.83 13.62
N THR E 419 -46.20 4.00 12.63
CA THR E 419 -45.18 3.49 11.73
C THR E 419 -45.29 4.11 10.34
N GLY E 420 -44.19 4.63 9.83
CA GLY E 420 -44.19 5.24 8.53
C GLY E 420 -43.50 4.42 7.46
N PRO E 421 -43.16 5.02 6.31
CA PRO E 421 -42.48 4.33 5.21
C PRO E 421 -41.15 3.70 5.63
N ALA E 422 -40.82 2.55 5.06
CA ALA E 422 -39.56 1.89 5.37
C ALA E 422 -38.46 2.34 4.41
N SER E 423 -38.86 2.69 3.19
CA SER E 423 -37.92 3.09 2.14
C SER E 423 -36.96 4.24 2.39
N ILE E 424 -37.33 5.18 3.24
CA ILE E 424 -36.47 6.34 3.49
C ILE E 424 -35.28 6.09 4.43
N HIS E 425 -35.17 4.88 4.95
CA HIS E 425 -34.10 4.57 5.89
C HIS E 425 -32.90 3.80 5.37
N SER E 426 -32.57 3.98 4.10
CA SER E 426 -31.41 3.28 3.55
C SER E 426 -30.15 3.67 4.32
N ILE E 427 -29.31 2.68 4.58
CA ILE E 427 -28.06 2.85 5.30
C ILE E 427 -27.00 2.06 4.52
N SER E 428 -25.88 2.70 4.22
CA SER E 428 -24.79 2.06 3.48
C SER E 428 -24.27 0.89 4.30
N THR E 429 -24.17 -0.28 3.69
CA THR E 429 -23.71 -1.46 4.42
C THR E 429 -22.86 -2.37 3.54
N ASN E 430 -22.50 -3.54 4.05
CA ASN E 430 -21.68 -4.51 3.30
C ASN E 430 -20.36 -3.84 2.90
N ALA E 431 -19.70 -3.25 3.89
CA ALA E 431 -18.42 -2.56 3.68
C ALA E 431 -18.55 -1.52 2.58
N ALA E 432 -19.68 -0.84 2.58
CA ALA E 432 -19.99 0.23 1.61
C ALA E 432 -20.29 -0.23 0.17
N ASN E 433 -20.26 -1.53 -0.08
CA ASN E 433 -20.56 -2.07 -1.41
C ASN E 433 -22.04 -1.87 -1.69
N GLN E 434 -22.86 -2.05 -0.67
CA GLN E 434 -24.30 -1.87 -0.81
C GLN E 434 -24.59 -0.52 -0.20
N ASP E 435 -24.07 0.52 -0.84
CA ASP E 435 -24.24 1.83 -0.27
C ASP E 435 -25.65 2.40 -0.27
N VAL E 436 -26.54 1.78 -1.04
CA VAL E 436 -27.96 2.16 -1.07
C VAL E 436 -28.76 0.85 -1.09
N VAL E 437 -29.78 0.76 -0.26
CA VAL E 437 -30.60 -0.46 -0.20
C VAL E 437 -32.10 -0.12 -0.24
N SER E 438 -32.93 -1.05 -0.73
CA SER E 438 -34.36 -0.74 -0.87
C SER E 438 -35.22 -0.91 0.38
N LEU E 439 -34.86 -1.87 1.22
CA LEU E 439 -35.62 -2.18 2.43
C LEU E 439 -37.04 -2.61 2.01
N GLY E 440 -37.15 -3.13 0.80
CA GLY E 440 -38.44 -3.56 0.29
C GLY E 440 -39.16 -4.60 1.12
N THR E 441 -38.42 -5.55 1.67
CA THR E 441 -39.02 -6.61 2.49
C THR E 441 -39.64 -6.02 3.76
N ILE E 442 -38.94 -5.06 4.36
CA ILE E 442 -39.45 -4.42 5.57
C ILE E 442 -40.69 -3.61 5.19
N ALA E 443 -40.64 -2.94 4.05
CA ALA E 443 -41.79 -2.15 3.58
C ALA E 443 -43.02 -3.01 3.40
N ALA E 444 -42.85 -4.16 2.74
CA ALA E 444 -43.98 -5.06 2.51
C ALA E 444 -44.53 -5.61 3.82
N ARG E 445 -43.64 -5.95 4.75
CA ARG E 445 -44.06 -6.47 6.05
C ARG E 445 -44.79 -5.41 6.87
N LEU E 446 -44.32 -4.17 6.84
CA LEU E 446 -44.98 -3.11 7.59
C LEU E 446 -46.37 -2.87 6.99
N CYS E 447 -46.48 -2.99 5.67
CA CYS E 447 -47.77 -2.82 5.02
C CYS E 447 -48.69 -3.95 5.47
N ARG E 448 -48.16 -5.17 5.59
CA ARG E 448 -48.98 -6.30 6.03
C ARG E 448 -49.55 -6.05 7.43
N GLU E 449 -48.72 -5.54 8.34
CA GLU E 449 -49.18 -5.28 9.69
C GLU E 449 -50.34 -4.28 9.68
N LYS E 450 -50.25 -3.28 8.83
CA LYS E 450 -51.32 -2.29 8.74
C LYS E 450 -52.58 -2.92 8.17
N ILE E 451 -52.42 -3.85 7.22
CA ILE E 451 -53.55 -4.53 6.63
C ILE E 451 -54.27 -5.37 7.70
N ASP E 452 -53.51 -6.01 8.58
CA ASP E 452 -54.11 -6.81 9.64
C ASP E 452 -54.89 -5.93 10.62
N ARG E 453 -54.39 -4.72 10.87
CA ARG E 453 -55.07 -3.80 11.78
C ARG E 453 -56.35 -3.28 11.12
N TRP E 454 -56.28 -3.01 9.83
CA TRP E 454 -57.45 -2.52 9.09
C TRP E 454 -58.55 -3.59 9.15
N ALA E 455 -58.17 -4.85 8.99
CA ALA E 455 -59.16 -5.92 9.04
C ALA E 455 -59.86 -5.98 10.40
N GLU E 456 -59.13 -5.70 11.47
CA GLU E 456 -59.70 -5.73 12.81
C GLU E 456 -60.67 -4.57 13.02
N ILE E 457 -60.32 -3.41 12.49
CA ILE E 457 -61.19 -2.23 12.61
C ILE E 457 -62.45 -2.49 11.79
N LEU E 458 -62.30 -3.07 10.60
CA LEU E 458 -63.44 -3.37 9.75
C LEU E 458 -64.33 -4.41 10.43
N ALA E 459 -63.71 -5.37 11.12
CA ALA E 459 -64.48 -6.40 11.81
C ALA E 459 -65.34 -5.76 12.90
N ILE E 460 -64.80 -4.77 13.59
CA ILE E 460 -65.55 -4.09 14.63
C ILE E 460 -66.71 -3.34 13.99
N LEU E 461 -66.45 -2.66 12.87
CA LEU E 461 -67.50 -1.93 12.18
C LEU E 461 -68.59 -2.88 11.70
N ALA E 462 -68.20 -4.07 11.25
CA ALA E 462 -69.17 -5.06 10.77
C ALA E 462 -70.09 -5.51 11.90
N LEU E 463 -69.49 -5.82 13.05
CA LEU E 463 -70.27 -6.27 14.21
C LEU E 463 -71.21 -5.17 14.68
N CYS E 464 -70.74 -3.92 14.64
CA CYS E 464 -71.56 -2.80 15.04
C CYS E 464 -72.74 -2.63 14.10
N LEU E 465 -72.48 -2.70 12.80
CA LEU E 465 -73.52 -2.53 11.80
C LEU E 465 -74.59 -3.61 11.83
N ALA E 466 -74.19 -4.84 12.14
CA ALA E 466 -75.16 -5.93 12.22
C ALA E 466 -76.13 -5.60 13.35
N GLN E 467 -75.60 -5.09 14.45
CA GLN E 467 -76.42 -4.73 15.59
C GLN E 467 -77.28 -3.51 15.25
N ALA E 468 -76.68 -2.50 14.63
CA ALA E 468 -77.41 -1.28 14.28
C ALA E 468 -78.54 -1.56 13.30
N ALA E 469 -78.31 -2.44 12.35
CA ALA E 469 -79.32 -2.78 11.35
C ALA E 469 -80.56 -3.36 12.01
N GLU E 470 -80.35 -4.27 12.96
CA GLU E 470 -81.45 -4.89 13.67
C GLU E 470 -82.16 -3.91 14.61
N LEU E 471 -81.39 -2.99 15.18
CA LEU E 471 -81.95 -1.98 16.08
C LEU E 471 -82.80 -0.98 15.32
N ARG E 472 -82.35 -0.63 14.12
CA ARG E 472 -83.06 0.33 13.28
C ARG E 472 -84.23 -0.27 12.51
N CYS E 473 -84.01 -1.43 11.90
CA CYS E 473 -85.03 -2.07 11.07
C CYS E 473 -85.71 -3.31 11.65
N GLY E 474 -85.35 -3.71 12.87
CA GLY E 474 -85.95 -4.90 13.46
C GLY E 474 -85.17 -6.14 13.05
N SER E 475 -85.43 -7.26 13.72
CA SER E 475 -84.73 -8.51 13.42
C SER E 475 -84.92 -8.94 11.97
N GLY E 476 -86.07 -8.58 11.39
CA GLY E 476 -86.36 -8.95 10.02
C GLY E 476 -85.70 -8.05 8.99
N LEU E 477 -85.00 -7.02 9.46
CA LEU E 477 -84.30 -6.08 8.60
C LEU E 477 -85.20 -5.46 7.54
N ASP E 478 -86.36 -4.97 7.95
CA ASP E 478 -87.32 -4.35 7.05
C ASP E 478 -86.73 -3.15 6.30
N GLY E 479 -86.84 -3.17 4.97
CA GLY E 479 -86.35 -2.07 4.17
C GLY E 479 -84.88 -2.15 3.79
N VAL E 480 -84.15 -3.09 4.37
CA VAL E 480 -82.74 -3.24 4.06
C VAL E 480 -82.56 -3.88 2.69
N SER E 481 -81.55 -3.42 1.97
CA SER E 481 -81.26 -3.91 0.63
C SER E 481 -80.97 -5.40 0.65
N PRO E 482 -81.17 -6.07 -0.50
CA PRO E 482 -80.92 -7.50 -0.61
C PRO E 482 -79.48 -7.81 -0.20
N ALA E 483 -78.53 -7.00 -0.68
CA ALA E 483 -77.12 -7.19 -0.36
C ALA E 483 -76.86 -7.01 1.13
N GLY E 484 -77.47 -5.99 1.72
CA GLY E 484 -77.30 -5.74 3.15
C GLY E 484 -77.86 -6.87 3.98
N LYS E 485 -79.02 -7.36 3.58
CA LYS E 485 -79.66 -8.46 4.30
C LYS E 485 -78.75 -9.67 4.27
N LYS E 486 -78.28 -10.03 3.08
CA LYS E 486 -77.42 -11.18 2.90
C LYS E 486 -76.16 -11.09 3.77
N LEU E 487 -75.59 -9.90 3.86
CA LEU E 487 -74.38 -9.71 4.66
C LEU E 487 -74.66 -9.94 6.15
N VAL E 488 -75.68 -9.28 6.68
CA VAL E 488 -76.04 -9.41 8.08
C VAL E 488 -76.43 -10.85 8.45
N GLN E 489 -77.15 -11.52 7.57
CA GLN E 489 -77.56 -12.90 7.82
C GLN E 489 -76.34 -13.80 7.91
N ALA E 490 -75.38 -13.59 7.00
CA ALA E 490 -74.16 -14.39 6.98
C ALA E 490 -73.35 -14.18 8.26
N LEU E 491 -73.32 -12.94 8.75
CA LEU E 491 -72.60 -12.64 9.99
C LEU E 491 -73.29 -13.30 11.17
N ARG E 492 -74.61 -13.20 11.22
CA ARG E 492 -75.38 -13.78 12.30
C ARG E 492 -75.30 -15.29 12.36
N GLU E 493 -74.81 -15.92 11.28
CA GLU E 493 -74.65 -17.37 11.27
C GLU E 493 -73.58 -17.74 12.29
N GLN E 494 -72.58 -16.87 12.45
CA GLN E 494 -71.48 -17.14 13.37
C GLN E 494 -71.36 -16.18 14.55
N PHE E 495 -71.90 -14.97 14.41
CA PHE E 495 -71.82 -13.96 15.46
C PHE E 495 -73.19 -13.48 15.92
N PRO E 496 -73.63 -13.95 17.10
CA PRO E 496 -74.92 -13.60 17.69
C PRO E 496 -75.07 -12.13 18.04
N PRO E 497 -76.32 -11.67 18.18
CA PRO E 497 -76.62 -10.27 18.52
C PRO E 497 -76.03 -9.99 19.89
N LEU E 498 -75.82 -8.72 20.19
CA LEU E 498 -75.29 -8.33 21.48
C LEU E 498 -76.48 -7.91 22.32
N GLU E 499 -77.19 -8.90 22.87
CA GLU E 499 -78.37 -8.64 23.69
C GLU E 499 -77.93 -8.12 25.06
N THR E 500 -76.75 -8.52 25.49
CA THR E 500 -76.18 -8.05 26.74
C THR E 500 -74.66 -8.01 26.59
N ASP E 501 -74.00 -7.20 27.40
CA ASP E 501 -72.55 -7.06 27.32
C ASP E 501 -71.75 -8.35 27.46
N ARG E 502 -70.80 -8.55 26.56
CA ARG E 502 -69.93 -9.74 26.57
C ARG E 502 -68.57 -9.43 25.98
N PRO E 503 -67.56 -10.27 26.26
CA PRO E 503 -66.22 -10.05 25.72
C PRO E 503 -66.31 -10.20 24.20
N LEU E 504 -65.76 -9.23 23.47
CA LEU E 504 -65.81 -9.27 22.01
C LEU E 504 -64.46 -9.48 21.36
N GLY E 505 -63.39 -9.49 22.15
CA GLY E 505 -62.05 -9.65 21.61
C GLY E 505 -61.85 -10.87 20.72
N GLN E 506 -62.33 -12.02 21.15
CA GLN E 506 -62.16 -13.24 20.34
C GLN E 506 -62.96 -13.18 19.04
N GLU E 507 -64.19 -12.67 19.09
CA GLU E 507 -65.03 -12.57 17.89
C GLU E 507 -64.43 -11.59 16.89
N ILE E 508 -63.87 -10.50 17.39
CA ILE E 508 -63.24 -9.51 16.52
C ILE E 508 -62.07 -10.16 15.77
N ALA E 509 -61.21 -10.85 16.49
CA ALA E 509 -60.07 -11.51 15.87
C ALA E 509 -60.52 -12.56 14.87
N ALA E 510 -61.55 -13.32 15.22
CA ALA E 510 -62.05 -14.37 14.35
C ALA E 510 -62.66 -13.79 13.07
N LEU E 511 -63.42 -12.71 13.19
CA LEU E 511 -64.03 -12.11 12.02
C LEU E 511 -62.96 -11.49 11.13
N ALA E 512 -61.98 -10.86 11.74
CA ALA E 512 -60.88 -10.22 10.99
C ALA E 512 -60.21 -11.24 10.08
N THR E 513 -59.97 -12.44 10.61
CA THR E 513 -59.34 -13.49 9.82
C THR E 513 -60.19 -13.78 8.58
N HIS E 514 -61.51 -13.78 8.75
CA HIS E 514 -62.43 -14.03 7.65
C HIS E 514 -62.43 -12.90 6.59
N LEU E 515 -62.43 -11.65 7.04
CA LEU E 515 -62.45 -10.52 6.12
C LEU E 515 -61.24 -10.48 5.17
N LEU E 516 -60.10 -10.95 5.65
CA LEU E 516 -58.88 -10.95 4.85
C LEU E 516 -58.89 -12.00 3.74
N GLN E 517 -59.77 -12.98 3.85
CA GLN E 517 -59.81 -14.07 2.88
C GLN E 517 -61.06 -14.19 2.01
N GLN E 518 -62.14 -13.52 2.42
CA GLN E 518 -63.38 -13.59 1.66
C GLN E 518 -64.09 -12.26 1.65
N SER E 519 -64.76 -11.98 0.53
CA SER E 519 -65.50 -10.74 0.36
C SER E 519 -66.97 -11.02 0.62
N PRO E 520 -67.76 -9.96 0.88
CA PRO E 520 -69.20 -10.14 1.14
C PRO E 520 -69.99 -10.23 -0.16
N VAL E 521 -70.34 -11.45 -0.57
CA VAL E 521 -71.10 -11.66 -1.80
C VAL E 521 -72.26 -12.61 -1.58
N LYS F 8 -37.63 -18.14 48.52
CA LYS F 8 -36.89 -17.12 47.73
C LYS F 8 -36.91 -15.75 48.43
N PRO F 9 -36.07 -14.81 47.98
CA PRO F 9 -36.00 -13.46 48.56
C PRO F 9 -37.38 -12.81 48.58
N ALA F 10 -37.64 -12.00 49.60
CA ALA F 10 -38.93 -11.34 49.70
C ALA F 10 -38.89 -9.82 49.63
N VAL F 11 -39.86 -9.26 48.93
CA VAL F 11 -40.01 -7.82 48.78
C VAL F 11 -41.24 -7.47 49.61
N GLU F 12 -41.06 -6.65 50.63
CA GLU F 12 -42.19 -6.26 51.48
C GLU F 12 -42.78 -4.97 50.93
N LEU F 13 -44.08 -5.03 50.63
CA LEU F 13 -44.77 -3.87 50.08
C LEU F 13 -45.48 -3.12 51.19
N ASP F 14 -45.01 -1.92 51.48
CA ASP F 14 -45.65 -1.08 52.47
C ASP F 14 -46.19 0.11 51.70
N ARG F 15 -45.32 1.03 51.33
CA ARG F 15 -45.74 2.20 50.57
C ARG F 15 -44.96 2.40 49.27
N HIS F 16 -43.63 2.29 49.36
CA HIS F 16 -42.77 2.49 48.20
C HIS F 16 -41.97 1.27 47.81
N ILE F 17 -41.89 1.02 46.50
CA ILE F 17 -41.11 -0.08 45.97
C ILE F 17 -40.27 0.57 44.88
N ASP F 18 -39.03 0.13 44.71
CA ASP F 18 -38.21 0.73 43.66
C ASP F 18 -38.27 -0.17 42.42
N LEU F 19 -37.72 0.31 41.32
CA LEU F 19 -37.78 -0.45 40.07
C LEU F 19 -37.11 -1.82 40.11
N ASP F 20 -36.00 -1.96 40.82
CA ASP F 20 -35.32 -3.25 40.90
C ASP F 20 -36.16 -4.25 41.69
N GLN F 21 -36.75 -3.79 42.79
CA GLN F 21 -37.61 -4.65 43.61
C GLN F 21 -38.83 -5.07 42.79
N ALA F 22 -39.38 -4.13 42.03
CA ALA F 22 -40.54 -4.42 41.21
C ALA F 22 -40.24 -5.48 40.16
N HIS F 23 -39.11 -5.35 39.47
CA HIS F 23 -38.77 -6.34 38.47
C HIS F 23 -38.43 -7.69 39.11
N ALA F 24 -37.89 -7.66 40.33
CA ALA F 24 -37.54 -8.89 41.03
C ALA F 24 -38.80 -9.74 41.23
N VAL F 25 -39.90 -9.09 41.59
CA VAL F 25 -41.17 -9.79 41.80
C VAL F 25 -41.81 -10.22 40.49
N ALA F 26 -41.86 -9.31 39.53
CA ALA F 26 -42.47 -9.60 38.24
C ALA F 26 -41.79 -10.77 37.55
N SER F 27 -40.47 -10.87 37.69
CA SER F 27 -39.73 -11.95 37.05
C SER F 27 -39.68 -13.22 37.87
N GLY F 28 -40.33 -13.22 39.03
CA GLY F 28 -40.36 -14.41 39.87
C GLY F 28 -39.10 -14.63 40.69
N GLY F 29 -38.17 -13.69 40.62
CA GLY F 29 -36.93 -13.82 41.38
C GLY F 29 -37.15 -13.61 42.87
N ALA F 30 -38.14 -12.80 43.22
CA ALA F 30 -38.45 -12.55 44.62
C ALA F 30 -39.95 -12.73 44.84
N ARG F 31 -40.32 -13.11 46.06
CA ARG F 31 -41.74 -13.24 46.38
C ARG F 31 -42.14 -11.90 46.97
N ILE F 32 -43.44 -11.69 47.15
CA ILE F 32 -43.90 -10.43 47.70
C ILE F 32 -44.78 -10.64 48.92
N VAL F 33 -44.70 -9.72 49.86
CA VAL F 33 -45.50 -9.79 51.08
C VAL F 33 -46.08 -8.42 51.37
N LEU F 34 -47.34 -8.38 51.75
CA LEU F 34 -48.01 -7.13 52.08
C LEU F 34 -47.71 -6.80 53.53
N ALA F 35 -47.03 -5.68 53.76
CA ALA F 35 -46.69 -5.28 55.12
C ALA F 35 -47.95 -4.94 55.90
N PRO F 36 -47.93 -5.13 57.22
CA PRO F 36 -49.08 -4.84 58.10
C PRO F 36 -49.66 -3.44 57.88
N PRO F 37 -48.80 -2.41 57.79
CA PRO F 37 -49.28 -1.03 57.57
C PRO F 37 -50.08 -0.90 56.28
N ALA F 38 -49.69 -1.65 55.25
CA ALA F 38 -50.38 -1.61 53.97
C ALA F 38 -51.71 -2.32 54.11
N ARG F 39 -51.67 -3.50 54.72
CA ARG F 39 -52.88 -4.29 54.93
C ARG F 39 -53.90 -3.43 55.68
N ASP F 40 -53.42 -2.75 56.73
CA ASP F 40 -54.29 -1.92 57.55
C ASP F 40 -54.85 -0.70 56.85
N ARG F 41 -54.05 -0.02 56.04
CA ARG F 41 -54.58 1.14 55.35
C ARG F 41 -55.59 0.72 54.27
N CYS F 42 -55.39 -0.47 53.70
CA CYS F 42 -56.32 -0.96 52.68
C CYS F 42 -57.64 -1.37 53.36
N ARG F 43 -57.55 -1.98 54.53
CA ARG F 43 -58.76 -2.38 55.26
C ARG F 43 -59.58 -1.13 55.55
N ALA F 44 -58.88 -0.06 55.94
CA ALA F 44 -59.54 1.21 56.23
C ALA F 44 -60.24 1.75 54.99
N SER F 45 -59.60 1.65 53.83
CA SER F 45 -60.21 2.13 52.59
C SER F 45 -61.44 1.27 52.23
N GLU F 46 -61.31 -0.04 52.43
CA GLU F 46 -62.41 -0.98 52.17
C GLU F 46 -63.61 -0.52 53.00
N ALA F 47 -63.34 -0.17 54.26
CA ALA F 47 -64.37 0.30 55.17
C ALA F 47 -65.02 1.60 54.69
N ARG F 48 -64.22 2.46 54.06
CA ARG F 48 -64.75 3.73 53.54
C ARG F 48 -65.66 3.49 52.35
N LEU F 49 -65.24 2.60 51.45
CA LEU F 49 -66.01 2.26 50.27
C LEU F 49 -67.38 1.76 50.76
N GLY F 50 -67.35 0.85 51.74
CA GLY F 50 -68.57 0.31 52.30
C GLY F 50 -69.53 1.40 52.74
N ALA F 51 -69.00 2.41 53.41
CA ALA F 51 -69.81 3.52 53.90
C ALA F 51 -70.34 4.35 52.74
N VAL F 52 -69.50 4.56 51.73
CA VAL F 52 -69.90 5.33 50.55
C VAL F 52 -71.11 4.69 49.87
N ILE F 53 -71.06 3.37 49.71
CA ILE F 53 -72.14 2.63 49.08
C ILE F 53 -73.39 2.66 49.95
N ARG F 54 -73.18 2.39 51.23
CA ARG F 54 -74.23 2.38 52.23
C ARG F 54 -74.99 3.71 52.25
N GLU F 55 -74.27 4.81 52.05
CA GLU F 55 -74.86 6.15 52.06
C GLU F 55 -75.42 6.60 50.71
N ALA F 56 -75.29 5.74 49.70
CA ALA F 56 -75.78 6.04 48.35
C ALA F 56 -75.22 7.33 47.78
N ARG F 57 -73.92 7.54 47.98
CA ARG F 57 -73.22 8.73 47.48
C ARG F 57 -73.17 8.67 45.95
N HIS F 58 -73.21 9.83 45.30
CA HIS F 58 -73.15 9.87 43.83
C HIS F 58 -71.68 9.67 43.48
N VAL F 59 -71.36 8.43 43.10
CA VAL F 59 -69.99 8.07 42.74
C VAL F 59 -69.92 7.26 41.46
N TYR F 60 -69.04 7.69 40.55
CA TYR F 60 -68.85 7.01 39.28
C TYR F 60 -68.63 5.51 39.45
N GLY F 61 -69.37 4.71 38.70
CA GLY F 61 -69.19 3.27 38.80
C GLY F 61 -69.90 2.56 39.92
N LEU F 62 -70.40 3.32 40.90
CA LEU F 62 -71.12 2.74 42.02
C LEU F 62 -72.61 3.10 41.93
N THR F 63 -72.90 4.25 41.30
CA THR F 63 -74.28 4.69 41.13
C THR F 63 -74.48 5.36 39.77
N THR F 64 -73.54 5.15 38.86
CA THR F 64 -73.64 5.73 37.52
C THR F 64 -73.13 4.76 36.47
N GLY F 65 -73.50 5.01 35.22
CA GLY F 65 -73.04 4.20 34.12
C GLY F 65 -71.60 4.63 33.85
N PHE F 66 -71.00 4.10 32.79
CA PHE F 66 -69.62 4.42 32.47
C PHE F 66 -69.43 5.38 31.30
N GLY F 67 -68.29 6.09 31.30
CA GLY F 67 -68.01 7.02 30.22
C GLY F 67 -69.12 8.04 30.04
N PRO F 68 -69.56 8.30 28.79
CA PRO F 68 -70.62 9.27 28.53
C PRO F 68 -71.97 8.78 29.05
N LEU F 69 -72.02 7.53 29.52
CA LEU F 69 -73.25 6.98 30.04
C LEU F 69 -73.38 7.18 31.54
N ALA F 70 -72.44 7.95 32.12
CA ALA F 70 -72.47 8.22 33.56
C ALA F 70 -73.65 9.08 33.99
N ASN F 71 -74.33 9.71 33.03
CA ASN F 71 -75.49 10.53 33.36
C ASN F 71 -76.68 9.63 33.67
N ARG F 72 -76.49 8.33 33.44
CA ARG F 72 -77.51 7.34 33.73
C ARG F 72 -77.18 6.81 35.13
N LEU F 73 -77.98 7.19 36.12
CA LEU F 73 -77.72 6.75 37.48
C LEU F 73 -78.19 5.30 37.65
N ILE F 74 -77.55 4.58 38.56
CA ILE F 74 -77.85 3.17 38.79
C ILE F 74 -78.29 2.87 40.23
N SER F 75 -79.33 2.07 40.37
CA SER F 75 -79.85 1.70 41.68
C SER F 75 -78.94 0.66 42.35
N GLY F 76 -78.83 0.75 43.67
CA GLY F 76 -77.99 -0.15 44.43
C GLY F 76 -78.08 -1.65 44.16
N GLU F 77 -79.28 -2.17 43.94
CA GLU F 77 -79.45 -3.59 43.71
C GLU F 77 -78.87 -4.05 42.37
N ASN F 78 -78.51 -3.10 41.50
CA ASN F 78 -77.98 -3.44 40.19
C ASN F 78 -76.47 -3.23 40.04
N VAL F 79 -75.81 -2.85 41.12
CA VAL F 79 -74.36 -2.60 41.08
C VAL F 79 -73.54 -3.83 40.69
N ARG F 80 -73.91 -4.99 41.21
CA ARG F 80 -73.21 -6.24 40.88
C ARG F 80 -73.21 -6.46 39.39
N THR F 81 -74.39 -6.33 38.80
CA THR F 81 -74.57 -6.50 37.37
C THR F 81 -73.75 -5.45 36.62
N LEU F 82 -73.84 -4.21 37.07
CA LEU F 82 -73.12 -3.12 36.45
C LEU F 82 -71.64 -3.48 36.30
N GLN F 83 -71.01 -3.83 37.42
CA GLN F 83 -69.58 -4.17 37.40
C GLN F 83 -69.25 -5.46 36.68
N ALA F 84 -70.18 -6.41 36.67
CA ALA F 84 -69.94 -7.65 35.95
C ALA F 84 -69.94 -7.31 34.47
N ASN F 85 -70.86 -6.42 34.05
CA ASN F 85 -70.97 -6.03 32.64
C ASN F 85 -69.74 -5.21 32.22
N LEU F 86 -69.23 -4.38 33.15
CA LEU F 86 -68.07 -3.53 32.90
C LEU F 86 -66.89 -4.39 32.39
N VAL F 87 -66.55 -5.46 33.12
CA VAL F 87 -65.46 -6.37 32.78
C VAL F 87 -65.74 -6.99 31.39
N HIS F 88 -67.01 -7.33 31.13
CA HIS F 88 -67.39 -7.94 29.88
C HIS F 88 -67.24 -7.01 28.70
N PHE F 89 -67.84 -5.82 28.75
CA PHE F 89 -67.74 -4.95 27.59
C PHE F 89 -66.35 -4.40 27.30
N LEU F 90 -65.49 -4.37 28.32
CA LEU F 90 -64.13 -3.89 28.14
C LEU F 90 -63.17 -4.93 27.57
N ALA F 91 -63.57 -6.20 27.62
CA ALA F 91 -62.71 -7.28 27.13
C ALA F 91 -62.78 -7.44 25.61
N SER F 92 -62.42 -6.38 24.90
CA SER F 92 -62.43 -6.34 23.45
C SER F 92 -61.02 -6.33 22.87
N GLY F 93 -60.06 -6.78 23.67
CA GLY F 93 -58.68 -6.79 23.23
C GLY F 93 -58.33 -7.83 22.19
N VAL F 94 -57.28 -7.54 21.41
CA VAL F 94 -56.81 -8.44 20.36
C VAL F 94 -55.28 -8.42 20.30
N GLY F 95 -54.71 -9.31 19.50
CA GLY F 95 -53.26 -9.35 19.35
C GLY F 95 -52.54 -10.35 20.24
N PRO F 96 -51.23 -10.51 20.05
CA PRO F 96 -50.44 -11.45 20.86
C PRO F 96 -50.52 -11.07 22.33
N VAL F 97 -50.46 -12.06 23.22
CA VAL F 97 -50.54 -11.75 24.63
C VAL F 97 -49.23 -11.15 25.12
N LEU F 98 -49.32 -10.42 26.23
CA LEU F 98 -48.13 -9.83 26.83
C LEU F 98 -47.30 -11.01 27.35
N ASP F 99 -45.98 -10.87 27.35
CA ASP F 99 -45.10 -11.92 27.84
C ASP F 99 -45.31 -12.14 29.35
N TRP F 100 -44.92 -13.32 29.81
CA TRP F 100 -45.06 -13.71 31.21
C TRP F 100 -44.58 -12.62 32.20
N THR F 101 -43.36 -12.15 32.04
CA THR F 101 -42.83 -11.13 32.95
C THR F 101 -43.63 -9.83 32.89
N THR F 102 -43.97 -9.40 31.68
CA THR F 102 -44.72 -8.16 31.51
C THR F 102 -46.12 -8.23 32.09
N ALA F 103 -46.84 -9.32 31.85
CA ALA F 103 -48.18 -9.47 32.39
C ALA F 103 -48.13 -9.42 33.91
N ARG F 104 -47.10 -10.02 34.51
CA ARG F 104 -46.97 -10.01 35.95
C ARG F 104 -46.63 -8.61 36.46
N ALA F 105 -45.83 -7.87 35.70
CA ALA F 105 -45.46 -6.50 36.07
C ALA F 105 -46.72 -5.64 36.09
N MET F 106 -47.64 -5.94 35.18
CA MET F 106 -48.91 -5.22 35.10
C MET F 106 -49.71 -5.50 36.36
N VAL F 107 -49.76 -6.77 36.77
CA VAL F 107 -50.48 -7.15 37.99
C VAL F 107 -49.85 -6.43 39.19
N LEU F 108 -48.52 -6.44 39.27
CA LEU F 108 -47.82 -5.77 40.36
C LEU F 108 -48.16 -4.28 40.38
N ALA F 109 -48.14 -3.64 39.21
CA ALA F 109 -48.45 -2.22 39.15
C ALA F 109 -49.83 -1.91 39.73
N ARG F 110 -50.84 -2.70 39.39
CA ARG F 110 -52.16 -2.44 39.92
C ARG F 110 -52.16 -2.66 41.44
N LEU F 111 -51.42 -3.66 41.90
CA LEU F 111 -51.34 -3.93 43.34
C LEU F 111 -50.73 -2.75 44.10
N VAL F 112 -49.65 -2.19 43.56
CA VAL F 112 -49.02 -1.08 44.23
C VAL F 112 -49.96 0.14 44.28
N SER F 113 -50.72 0.36 43.21
CA SER F 113 -51.65 1.49 43.18
C SER F 113 -52.71 1.27 44.26
N ILE F 114 -53.19 0.04 44.40
CA ILE F 114 -54.21 -0.27 45.41
C ILE F 114 -53.69 -0.16 46.84
N ALA F 115 -52.46 -0.61 47.04
CA ALA F 115 -51.86 -0.60 48.37
C ALA F 115 -51.74 0.80 48.99
N GLN F 116 -51.94 1.84 48.19
CA GLN F 116 -51.83 3.19 48.73
C GLN F 116 -53.05 3.50 49.62
N GLY F 117 -54.07 2.64 49.54
CA GLY F 117 -55.26 2.81 50.35
C GLY F 117 -56.26 3.89 49.94
N ALA F 118 -56.45 4.08 48.64
CA ALA F 118 -57.38 5.07 48.13
C ALA F 118 -58.32 4.48 47.08
N SER F 119 -58.35 3.16 46.95
CA SER F 119 -59.20 2.51 45.95
C SER F 119 -60.41 1.76 46.49
N GLY F 120 -60.35 1.38 47.76
CA GLY F 120 -61.44 0.64 48.37
C GLY F 120 -61.46 -0.85 48.07
N ALA F 121 -60.39 -1.36 47.47
CA ALA F 121 -60.32 -2.79 47.13
C ALA F 121 -60.46 -3.68 48.36
N SER F 122 -61.19 -4.78 48.24
CA SER F 122 -61.38 -5.66 49.38
C SER F 122 -60.15 -6.51 49.62
N GLU F 123 -60.00 -7.02 50.85
CA GLU F 123 -58.86 -7.88 51.22
C GLU F 123 -58.69 -9.05 50.27
N GLY F 124 -59.81 -9.67 49.89
CA GLY F 124 -59.77 -10.81 49.00
C GLY F 124 -59.20 -10.46 47.63
N THR F 125 -59.63 -9.33 47.07
CA THR F 125 -59.12 -8.94 45.77
C THR F 125 -57.63 -8.66 45.82
N ILE F 126 -57.17 -7.98 46.86
CA ILE F 126 -55.75 -7.68 47.02
C ILE F 126 -55.00 -9.00 47.16
N ALA F 127 -55.61 -9.94 47.87
CA ALA F 127 -54.98 -11.24 48.07
C ALA F 127 -54.80 -12.01 46.76
N ARG F 128 -55.76 -11.86 45.84
CA ARG F 128 -55.67 -12.56 44.56
C ARG F 128 -54.48 -12.05 43.76
N LEU F 129 -54.21 -10.75 43.85
CA LEU F 129 -53.09 -10.17 43.11
C LEU F 129 -51.76 -10.67 43.68
N ILE F 130 -51.64 -10.62 45.00
CA ILE F 130 -50.43 -11.09 45.66
C ILE F 130 -50.19 -12.56 45.34
N ASP F 131 -51.24 -13.39 45.47
CA ASP F 131 -51.09 -14.81 45.17
C ASP F 131 -50.56 -15.05 43.76
N LEU F 132 -51.12 -14.34 42.78
CA LEU F 132 -50.67 -14.48 41.40
C LEU F 132 -49.17 -14.22 41.33
N LEU F 133 -48.75 -13.10 41.93
CA LEU F 133 -47.34 -12.73 41.92
C LEU F 133 -46.45 -13.75 42.62
N ASN F 134 -46.98 -14.42 43.64
CA ASN F 134 -46.17 -15.42 44.34
C ASN F 134 -46.19 -16.77 43.65
N SER F 135 -47.08 -16.93 42.67
CA SER F 135 -47.16 -18.16 41.90
C SER F 135 -46.17 -18.09 40.74
N GLU F 136 -46.12 -19.16 39.95
CA GLU F 136 -45.23 -19.23 38.79
C GLU F 136 -46.00 -18.90 37.52
N LEU F 137 -47.20 -18.35 37.67
CA LEU F 137 -48.03 -18.03 36.52
C LEU F 137 -48.23 -16.55 36.26
N ALA F 138 -48.83 -16.27 35.10
CA ALA F 138 -49.14 -14.91 34.70
C ALA F 138 -50.44 -14.98 33.91
N PRO F 139 -51.25 -13.92 33.97
CA PRO F 139 -52.49 -13.98 33.19
C PRO F 139 -52.12 -13.82 31.71
N ALA F 140 -52.93 -14.40 30.83
CA ALA F 140 -52.72 -14.29 29.38
C ALA F 140 -53.64 -13.18 28.90
N VAL F 141 -53.07 -12.02 28.61
CA VAL F 141 -53.88 -10.88 28.19
C VAL F 141 -53.44 -10.31 26.84
N PRO F 142 -54.40 -9.97 25.96
CA PRO F 142 -54.08 -9.43 24.64
C PRO F 142 -53.33 -8.10 24.78
N SER F 143 -52.39 -7.84 23.89
CA SER F 143 -51.60 -6.63 23.98
C SER F 143 -52.21 -5.37 23.37
N ARG F 144 -53.18 -5.52 22.46
CA ARG F 144 -53.80 -4.36 21.82
C ARG F 144 -55.25 -4.12 22.22
N GLY F 145 -55.67 -2.86 22.16
CA GLY F 145 -57.04 -2.55 22.52
C GLY F 145 -57.25 -1.30 23.36
N THR F 146 -56.21 -0.83 24.05
CA THR F 146 -56.39 0.35 24.89
C THR F 146 -55.69 1.61 24.34
N VAL F 147 -56.28 2.78 24.66
CA VAL F 147 -55.73 4.05 24.26
C VAL F 147 -54.95 4.70 25.39
N GLY F 148 -54.77 3.89 26.44
CA GLY F 148 -54.03 4.32 27.62
C GLY F 148 -54.62 5.47 28.41
N ASP F 150 -55.50 1.87 31.11
CA ASP F 150 -55.41 0.58 30.44
C ASP F 150 -56.58 -0.36 30.70
N LEU F 151 -57.79 0.12 30.46
CA LEU F 151 -58.99 -0.65 30.67
C LEU F 151 -59.04 -2.04 30.04
N THR F 152 -58.74 -2.12 28.74
CA THR F 152 -58.82 -3.40 28.04
C THR F 152 -57.97 -4.52 28.60
N PRO F 153 -56.64 -4.34 28.63
CA PRO F 153 -55.81 -5.41 29.15
C PRO F 153 -56.11 -5.77 30.59
N LEU F 154 -56.50 -4.77 31.38
CA LEU F 154 -56.82 -5.04 32.78
C LEU F 154 -58.13 -5.81 32.92
N ALA F 155 -59.07 -5.59 32.00
CA ALA F 155 -60.33 -6.33 32.06
C ALA F 155 -60.06 -7.82 31.76
N HIS F 156 -59.16 -8.09 30.82
CA HIS F 156 -58.81 -9.47 30.47
C HIS F 156 -58.09 -10.12 31.64
N MET F 157 -57.31 -9.32 32.37
CA MET F 157 -56.60 -9.79 33.56
C MET F 157 -57.64 -10.28 34.57
N VAL F 158 -58.68 -9.47 34.78
CA VAL F 158 -59.73 -9.84 35.71
C VAL F 158 -60.35 -11.16 35.32
N LEU F 159 -60.70 -11.31 34.05
CA LEU F 159 -61.30 -12.55 33.58
C LEU F 159 -60.37 -13.73 33.86
N CYS F 160 -59.09 -13.53 33.61
CA CYS F 160 -58.12 -14.58 33.85
C CYS F 160 -58.11 -14.98 35.32
N LEU F 161 -58.12 -13.99 36.19
CA LEU F 161 -58.10 -14.23 37.63
C LEU F 161 -59.38 -14.87 38.17
N GLN F 162 -60.48 -14.72 37.44
CA GLN F 162 -61.74 -15.35 37.88
C GLN F 162 -61.72 -16.79 37.35
N GLY F 163 -60.71 -17.11 36.57
CA GLY F 163 -60.61 -18.45 36.01
C GLY F 163 -61.37 -18.55 34.69
N ARG F 164 -61.73 -17.39 34.13
CA ARG F 164 -62.48 -17.33 32.88
C ARG F 164 -61.58 -16.86 31.74
N GLY F 165 -60.28 -17.03 31.91
CA GLY F 165 -59.33 -16.63 30.90
C GLY F 165 -58.09 -17.50 31.05
N ASP F 166 -57.23 -17.53 30.03
CA ASP F 166 -56.02 -18.34 30.07
C ASP F 166 -54.90 -17.76 30.93
N PHE F 167 -53.98 -18.63 31.33
CA PHE F 167 -52.83 -18.25 32.12
C PHE F 167 -51.60 -18.65 31.31
N LEU F 168 -50.45 -18.07 31.65
CA LEU F 168 -49.20 -18.40 30.99
C LEU F 168 -48.21 -18.96 32.00
N ASP F 169 -47.50 -20.03 31.63
CA ASP F 169 -46.47 -20.54 32.52
C ASP F 169 -45.25 -19.74 32.09
N ARG F 170 -44.16 -19.87 32.84
CA ARG F 170 -42.94 -19.14 32.52
C ARG F 170 -42.48 -19.23 31.06
N ASP F 171 -42.80 -20.33 30.39
CA ASP F 171 -42.40 -20.53 29.01
C ASP F 171 -43.36 -19.98 27.97
N GLY F 172 -44.43 -19.34 28.41
CA GLY F 172 -45.39 -18.81 27.46
C GLY F 172 -46.47 -19.81 27.11
N THR F 173 -46.40 -21.01 27.70
CA THR F 173 -47.41 -22.04 27.43
C THR F 173 -48.75 -21.61 28.03
N ARG F 174 -49.80 -21.68 27.22
CA ARG F 174 -51.14 -21.29 27.63
C ARG F 174 -51.81 -22.40 28.43
N LEU F 175 -52.49 -22.01 29.51
CA LEU F 175 -53.22 -22.97 30.35
C LEU F 175 -54.63 -22.40 30.42
N ASP F 176 -55.66 -23.24 30.41
CA ASP F 176 -56.99 -22.65 30.49
C ASP F 176 -57.19 -22.12 31.90
N GLY F 177 -58.25 -21.34 32.10
CA GLY F 177 -58.51 -20.75 33.40
C GLY F 177 -58.54 -21.68 34.59
N ALA F 178 -59.32 -22.75 34.51
CA ALA F 178 -59.43 -23.70 35.60
C ALA F 178 -58.09 -24.30 35.95
N GLU F 179 -57.35 -24.71 34.92
CA GLU F 179 -56.04 -25.32 35.09
C GLU F 179 -55.09 -24.34 35.78
N GLY F 180 -55.18 -23.07 35.40
CA GLY F 180 -54.33 -22.07 36.01
C GLY F 180 -54.58 -21.94 37.51
N LEU F 181 -55.84 -21.82 37.90
CA LEU F 181 -56.16 -21.67 39.32
C LEU F 181 -55.64 -22.88 40.08
N ARG F 182 -55.87 -24.06 39.51
CA ARG F 182 -55.44 -25.33 40.11
C ARG F 182 -53.92 -25.36 40.27
N ARG F 183 -53.22 -25.25 39.16
CA ARG F 183 -51.75 -25.31 39.16
C ARG F 183 -51.05 -24.33 40.08
N GLY F 184 -51.49 -23.08 40.12
CA GLY F 184 -50.85 -22.10 40.97
C GLY F 184 -51.44 -21.99 42.37
N ARG F 185 -52.42 -22.85 42.66
CA ARG F 185 -53.11 -22.84 43.94
C ARG F 185 -53.63 -21.44 44.22
N LEU F 186 -54.50 -20.98 43.33
CA LEU F 186 -55.11 -19.66 43.41
C LEU F 186 -56.61 -19.80 43.61
N GLN F 187 -57.20 -18.79 44.23
CA GLN F 187 -58.63 -18.77 44.48
C GLN F 187 -59.22 -17.86 43.43
N PRO F 188 -60.41 -18.20 42.91
CA PRO F 188 -61.02 -17.35 41.89
C PRO F 188 -61.34 -15.99 42.49
N LEU F 189 -61.16 -14.97 41.68
CA LEU F 189 -61.44 -13.60 42.09
C LEU F 189 -62.94 -13.45 42.35
N ASP F 190 -63.30 -12.91 43.51
CA ASP F 190 -64.69 -12.70 43.88
C ASP F 190 -64.87 -11.20 44.10
N LEU F 191 -65.28 -10.50 43.05
CA LEU F 191 -65.42 -9.05 43.11
C LEU F 191 -66.57 -8.54 43.97
N SER F 192 -66.26 -7.51 44.74
CA SER F 192 -67.25 -6.87 45.59
C SER F 192 -67.16 -5.36 45.45
N HIS F 193 -68.28 -4.67 45.67
CA HIS F 193 -68.30 -3.22 45.59
C HIS F 193 -67.66 -2.70 44.29
N ARG F 194 -66.64 -1.85 44.32
CA ARG F 194 -66.05 -1.38 43.06
C ARG F 194 -64.72 -2.03 42.66
N ASP F 195 -64.43 -3.22 43.20
CA ASP F 195 -63.18 -3.91 42.88
C ASP F 195 -62.97 -3.93 41.37
N ALA F 196 -64.04 -4.24 40.64
CA ALA F 196 -63.97 -4.28 39.19
C ALA F 196 -63.39 -2.98 38.64
N LEU F 197 -63.93 -1.85 39.08
CA LEU F 197 -63.41 -0.58 38.57
C LEU F 197 -61.97 -0.32 39.04
N ALA F 198 -61.66 -0.71 40.29
CA ALA F 198 -60.31 -0.52 40.83
C ALA F 198 -59.27 -1.27 39.99
N LEU F 199 -59.56 -2.54 39.76
CA LEU F 199 -58.69 -3.42 39.03
C LEU F 199 -58.50 -2.97 37.61
N VAL F 200 -59.45 -2.18 37.11
CA VAL F 200 -59.41 -1.74 35.72
C VAL F 200 -59.06 -0.28 35.33
N ASN F 201 -59.29 0.67 36.23
CA ASN F 201 -59.08 2.10 35.89
C ASN F 201 -57.73 2.76 36.19
N GLY F 202 -56.64 2.18 35.71
CA GLY F 202 -55.34 2.79 35.96
C GLY F 202 -54.39 2.69 34.78
N THR F 203 -53.11 2.96 35.02
CA THR F 203 -52.10 2.89 33.95
C THR F 203 -51.18 1.69 34.18
N SER F 204 -51.70 0.67 34.85
CA SER F 204 -50.89 -0.50 35.18
C SER F 204 -50.28 -1.31 34.03
N ALA F 205 -50.92 -1.36 32.87
CA ALA F 205 -50.36 -2.11 31.76
C ALA F 205 -49.13 -1.39 31.20
N MET F 206 -49.26 -0.11 30.91
CA MET F 206 -48.11 0.62 30.36
C MET F 206 -46.99 0.72 31.39
N THR F 207 -47.35 0.82 32.67
CA THR F 207 -46.36 0.89 33.74
C THR F 207 -45.60 -0.42 33.83
N GLY F 208 -46.32 -1.54 33.74
CA GLY F 208 -45.67 -2.85 33.79
C GLY F 208 -44.75 -3.06 32.59
N ILE F 209 -45.21 -2.69 31.41
CA ILE F 209 -44.39 -2.83 30.22
C ILE F 209 -43.13 -1.95 30.36
N ALA F 210 -43.33 -0.74 30.86
CA ALA F 210 -42.22 0.20 31.02
C ALA F 210 -41.19 -0.25 32.05
N LEU F 211 -41.62 -0.88 33.13
CA LEU F 211 -40.61 -1.31 34.10
C LEU F 211 -39.79 -2.48 33.55
N VAL F 212 -40.40 -3.29 32.68
CA VAL F 212 -39.66 -4.38 32.07
C VAL F 212 -38.69 -3.73 31.07
N ASN F 213 -39.15 -2.66 30.40
CA ASN F 213 -38.28 -1.94 29.45
C ASN F 213 -37.08 -1.35 30.20
N ALA F 214 -37.34 -0.76 31.36
CA ALA F 214 -36.26 -0.13 32.14
C ALA F 214 -35.17 -1.13 32.52
N HIS F 215 -35.59 -2.31 32.95
CA HIS F 215 -34.65 -3.34 33.36
C HIS F 215 -33.80 -3.82 32.17
N ALA F 216 -34.45 -4.11 31.06
CA ALA F 216 -33.75 -4.57 29.86
C ALA F 216 -32.72 -3.51 29.41
N CYS F 217 -33.12 -2.25 29.42
CA CYS F 217 -32.20 -1.18 29.01
C CYS F 217 -30.97 -1.07 29.88
N ARG F 218 -31.10 -1.35 31.17
CA ARG F 218 -29.96 -1.27 32.04
C ARG F 218 -28.92 -2.30 31.60
N HIS F 219 -29.38 -3.52 31.34
CA HIS F 219 -28.46 -4.57 30.88
C HIS F 219 -27.90 -4.29 29.50
N LEU F 220 -28.75 -3.86 28.57
CA LEU F 220 -28.25 -3.59 27.23
C LEU F 220 -27.24 -2.44 27.28
N GLY F 221 -27.49 -1.48 28.17
CA GLY F 221 -26.56 -0.37 28.31
C GLY F 221 -25.21 -0.86 28.81
N ASN F 222 -25.22 -1.85 29.70
CA ASN F 222 -23.96 -2.39 30.19
C ASN F 222 -23.23 -3.09 29.05
N TRP F 223 -23.98 -3.75 28.17
CA TRP F 223 -23.35 -4.42 27.04
C TRP F 223 -22.83 -3.39 26.04
N ALA F 224 -23.57 -2.30 25.86
CA ALA F 224 -23.13 -1.28 24.92
C ALA F 224 -21.76 -0.75 25.37
N VAL F 225 -21.61 -0.57 26.68
CA VAL F 225 -20.35 -0.09 27.26
C VAL F 225 -19.27 -1.16 27.12
N ALA F 226 -19.58 -2.39 27.53
CA ALA F 226 -18.59 -3.46 27.47
C ALA F 226 -18.11 -3.74 26.04
N LEU F 227 -19.02 -3.67 25.07
CA LEU F 227 -18.65 -3.95 23.69
C LEU F 227 -17.90 -2.78 23.06
N THR F 228 -18.23 -1.55 23.47
CA THR F 228 -17.51 -0.39 22.95
C THR F 228 -16.06 -0.52 23.46
N ALA F 229 -15.92 -0.95 24.71
CA ALA F 229 -14.59 -1.11 25.30
C ALA F 229 -13.80 -2.20 24.59
N LEU F 230 -14.46 -3.31 24.27
CA LEU F 230 -13.77 -4.40 23.59
C LEU F 230 -13.41 -3.97 22.16
N LEU F 231 -14.26 -3.14 21.58
CA LEU F 231 -13.99 -2.64 20.22
C LEU F 231 -12.69 -1.85 20.26
N ALA F 232 -12.49 -1.08 21.32
CA ALA F 232 -11.26 -0.29 21.45
C ALA F 232 -10.06 -1.22 21.51
N GLU F 233 -10.21 -2.34 22.21
CA GLU F 233 -9.14 -3.32 22.33
C GLU F 233 -8.86 -4.05 21.01
N CYS F 234 -9.81 -4.01 20.08
CA CYS F 234 -9.63 -4.67 18.79
C CYS F 234 -9.14 -3.71 17.69
N LEU F 235 -9.36 -2.41 17.89
CA LEU F 235 -8.94 -1.42 16.90
C LEU F 235 -7.93 -0.40 17.39
N ARG F 236 -7.17 -0.75 18.43
CA ARG F 236 -6.17 0.17 18.98
C ARG F 236 -6.80 1.52 19.33
N GLY F 237 -7.96 1.46 19.99
CA GLY F 237 -8.66 2.68 20.37
C GLY F 237 -7.89 3.51 21.37
N ARG F 238 -8.09 4.83 21.31
CA ARG F 238 -7.42 5.75 22.21
C ARG F 238 -8.22 6.07 23.47
N THR F 239 -7.65 5.75 24.62
CA THR F 239 -8.35 6.00 25.89
C THR F 239 -8.39 7.46 26.33
N GLU F 240 -7.55 8.34 25.76
CA GLU F 240 -7.59 9.72 26.23
C GLU F 240 -8.95 10.36 25.98
N ALA F 241 -9.67 9.88 24.97
CA ALA F 241 -11.00 10.43 24.67
C ALA F 241 -11.98 10.09 25.80
N TRP F 242 -11.63 9.11 26.63
CA TRP F 242 -12.49 8.69 27.72
C TRP F 242 -12.02 9.22 29.07
N ALA F 243 -11.09 10.18 29.04
CA ALA F 243 -10.53 10.76 30.27
C ALA F 243 -11.57 11.48 31.10
N ALA F 244 -11.44 11.34 32.41
CA ALA F 244 -12.37 11.97 33.33
C ALA F 244 -12.38 13.49 33.19
N ALA F 245 -11.21 14.08 32.91
CA ALA F 245 -11.13 15.53 32.75
C ALA F 245 -12.14 16.06 31.73
N LEU F 246 -12.35 15.30 30.65
CA LEU F 246 -13.32 15.71 29.63
C LEU F 246 -14.74 15.68 30.16
N SER F 247 -15.07 14.65 30.92
CA SER F 247 -16.40 14.54 31.51
C SER F 247 -16.65 15.74 32.41
N ASP F 248 -15.65 16.09 33.22
CA ASP F 248 -15.80 17.21 34.14
C ASP F 248 -16.08 18.52 33.42
N LEU F 249 -15.56 18.65 32.20
CA LEU F 249 -15.76 19.88 31.43
C LEU F 249 -17.17 19.95 30.84
N ARG F 250 -17.83 18.81 30.73
CA ARG F 250 -19.20 18.74 30.20
C ARG F 250 -19.91 17.74 31.09
N PRO F 251 -20.16 18.13 32.35
CA PRO F 251 -20.79 17.40 33.45
C PRO F 251 -22.16 16.73 33.34
N HIS F 252 -22.51 16.22 32.17
CA HIS F 252 -23.79 15.50 32.07
C HIS F 252 -23.53 14.21 32.87
N PRO F 253 -24.37 13.92 33.88
CA PRO F 253 -24.22 12.71 34.69
C PRO F 253 -23.99 11.44 33.87
N GLY F 254 -24.82 11.26 32.84
CA GLY F 254 -24.71 10.09 32.00
C GLY F 254 -23.40 9.96 31.25
N GLN F 255 -22.86 11.09 30.80
CA GLN F 255 -21.59 11.08 30.08
C GLN F 255 -20.46 10.75 31.04
N LYS F 256 -20.51 11.32 32.23
CA LYS F 256 -19.48 11.08 33.24
C LYS F 256 -19.49 9.60 33.61
N ASP F 257 -20.69 9.05 33.76
CA ASP F 257 -20.85 7.65 34.11
C ASP F 257 -20.35 6.73 32.99
N ALA F 258 -20.76 7.04 31.75
CA ALA F 258 -20.35 6.24 30.61
C ALA F 258 -18.83 6.23 30.45
N ALA F 259 -18.21 7.40 30.54
CA ALA F 259 -16.76 7.49 30.41
C ALA F 259 -16.08 6.68 31.50
N ALA F 260 -16.57 6.80 32.73
CA ALA F 260 -15.99 6.06 33.85
C ALA F 260 -16.10 4.56 33.65
N ARG F 261 -17.25 4.11 33.19
CA ARG F 261 -17.47 2.68 32.97
C ARG F 261 -16.60 2.16 31.83
N LEU F 262 -16.41 2.97 30.80
CA LEU F 262 -15.57 2.58 29.67
C LEU F 262 -14.13 2.42 30.15
N ARG F 263 -13.63 3.39 30.94
CA ARG F 263 -12.27 3.32 31.46
C ARG F 263 -12.09 2.05 32.29
N ALA F 264 -13.09 1.75 33.12
CA ALA F 264 -13.02 0.56 33.96
C ALA F 264 -12.94 -0.71 33.14
N ARG F 265 -13.71 -0.79 32.05
CA ARG F 265 -13.70 -1.98 31.21
C ARG F 265 -12.32 -2.28 30.62
N VAL F 266 -11.59 -1.24 30.19
CA VAL F 266 -10.29 -1.47 29.59
C VAL F 266 -9.10 -1.38 30.55
N ASP F 267 -9.38 -1.28 31.84
CA ASP F 267 -8.30 -1.22 32.81
C ASP F 267 -7.47 -2.49 32.67
N GLY F 268 -6.16 -2.33 32.57
CA GLY F 268 -5.29 -3.49 32.44
C GLY F 268 -5.01 -3.93 31.02
N SER F 269 -5.66 -3.27 30.06
CA SER F 269 -5.47 -3.64 28.66
C SER F 269 -4.14 -3.13 28.13
N ALA F 270 -3.52 -3.91 27.25
CA ALA F 270 -2.26 -3.53 26.62
C ALA F 270 -2.54 -3.33 25.13
N ARG F 271 -3.80 -3.47 24.74
CA ARG F 271 -4.22 -3.32 23.35
C ARG F 271 -4.69 -1.92 22.97
N VAL F 272 -5.10 -1.13 23.95
CA VAL F 272 -5.55 0.23 23.67
C VAL F 272 -4.34 1.16 23.71
N VAL F 273 -4.51 2.35 23.13
CA VAL F 273 -3.45 3.35 23.12
C VAL F 273 -3.74 4.28 24.30
N ARG F 274 -2.77 4.44 25.19
CA ARG F 274 -2.98 5.28 26.36
C ARG F 274 -2.24 6.60 26.36
N HIS F 275 -1.50 6.89 25.32
CA HIS F 275 -0.75 8.15 25.28
C HIS F 275 -1.62 9.33 24.93
N VAL F 276 -1.45 10.43 25.65
CA VAL F 276 -2.16 11.65 25.34
C VAL F 276 -1.29 12.11 24.17
N ILE F 277 -1.88 12.44 23.03
CA ILE F 277 -1.05 12.84 21.89
C ILE F 277 -0.32 14.17 22.05
N ALA F 278 -0.98 15.09 22.75
CA ALA F 278 -0.43 16.43 22.97
C ALA F 278 0.90 16.46 23.73
N GLU F 279 1.25 15.37 24.38
CA GLU F 279 2.51 15.35 25.12
C GLU F 279 3.69 15.35 24.15
N ARG F 280 3.47 14.78 22.97
CA ARG F 280 4.50 14.69 21.96
C ARG F 280 4.88 16.05 21.37
N ARG F 281 6.16 16.40 21.43
CA ARG F 281 6.61 17.66 20.85
C ARG F 281 7.11 17.35 19.44
N LEU F 282 6.60 18.06 18.45
CA LEU F 282 6.97 17.84 17.07
C LEU F 282 8.15 18.71 16.65
N ASP F 283 8.93 18.22 15.68
CA ASP F 283 10.07 18.97 15.16
C ASP F 283 10.01 18.85 13.64
N ALA F 284 10.86 19.61 12.94
CA ALA F 284 10.85 19.61 11.48
C ALA F 284 10.73 18.21 10.87
N GLY F 285 11.49 17.26 11.41
CA GLY F 285 11.46 15.91 10.88
C GLY F 285 10.13 15.19 10.98
N ASP F 286 9.22 15.71 11.80
CA ASP F 286 7.90 15.07 11.98
C ASP F 286 6.83 15.53 11.01
N ILE F 287 7.00 16.71 10.42
CA ILE F 287 6.01 17.24 9.49
C ILE F 287 5.90 16.39 8.23
N GLY F 288 4.73 15.79 8.05
CA GLY F 288 4.47 14.95 6.89
C GLY F 288 3.15 14.24 7.10
N THR F 289 2.91 13.15 6.37
CA THR F 289 1.67 12.42 6.52
C THR F 289 1.90 11.16 7.35
N GLU F 290 1.15 11.03 8.44
CA GLU F 290 1.27 9.87 9.31
C GLU F 290 0.28 8.79 8.88
N PRO F 291 0.55 7.52 9.26
CA PRO F 291 -0.33 6.41 8.91
C PRO F 291 -1.78 6.62 9.36
N GLU F 292 -1.97 7.08 10.58
CA GLU F 292 -3.31 7.30 11.10
C GLU F 292 -3.47 8.63 11.83
N ALA F 293 -4.70 9.12 11.89
CA ALA F 293 -4.99 10.37 12.57
C ALA F 293 -4.76 10.19 14.07
N GLY F 294 -4.51 11.29 14.77
CA GLY F 294 -4.27 11.24 16.20
C GLY F 294 -5.50 11.07 17.06
N GLN F 295 -6.67 10.95 16.43
CA GLN F 295 -7.94 10.77 17.15
C GLN F 295 -8.74 9.69 16.45
N ASP F 296 -9.59 8.98 17.20
CA ASP F 296 -10.40 7.93 16.61
C ASP F 296 -11.65 8.47 15.93
N ALA F 297 -12.30 7.61 15.14
CA ALA F 297 -13.54 7.99 14.49
C ALA F 297 -14.57 8.12 15.63
N TYR F 298 -15.71 8.73 15.34
CA TYR F 298 -16.74 8.96 16.35
C TYR F 298 -17.30 7.74 17.10
N SER F 299 -17.40 6.60 16.42
CA SER F 299 -17.95 5.41 17.09
C SER F 299 -17.15 4.97 18.31
N LEU F 300 -15.95 5.51 18.48
CA LEU F 300 -15.14 5.22 19.65
C LEU F 300 -14.94 6.48 20.49
N ARG F 301 -14.47 7.54 19.83
CA ARG F 301 -14.20 8.81 20.49
C ARG F 301 -15.38 9.49 21.17
N CYS F 302 -16.56 9.43 20.53
CA CYS F 302 -17.75 10.07 21.08
C CYS F 302 -18.68 9.10 21.80
N ALA F 303 -18.15 7.94 22.19
CA ALA F 303 -18.97 6.94 22.89
C ALA F 303 -19.50 7.50 24.22
N PRO F 304 -18.66 8.22 24.99
CA PRO F 304 -19.18 8.75 26.26
C PRO F 304 -20.36 9.69 26.07
N GLN F 305 -20.29 10.50 25.02
CA GLN F 305 -21.34 11.48 24.73
C GLN F 305 -22.63 10.85 24.22
N VAL F 306 -22.51 9.89 23.29
CA VAL F 306 -23.70 9.24 22.74
C VAL F 306 -24.33 8.33 23.79
N LEU F 307 -23.52 7.44 24.37
CA LEU F 307 -24.03 6.54 25.39
C LEU F 307 -24.59 7.35 26.57
N GLY F 308 -23.88 8.42 26.95
CA GLY F 308 -24.32 9.24 28.06
C GLY F 308 -25.67 9.91 27.89
N ALA F 309 -25.98 10.31 26.66
CA ALA F 309 -27.26 10.95 26.39
C ALA F 309 -28.35 9.90 26.55
N GLY F 310 -28.07 8.68 26.09
CA GLY F 310 -29.02 7.61 26.22
C GLY F 310 -29.23 7.27 27.69
N PHE F 311 -28.14 7.27 28.46
CA PHE F 311 -28.23 6.99 29.88
C PHE F 311 -29.02 8.05 30.64
N ASP F 312 -28.86 9.31 30.27
CA ASP F 312 -29.63 10.36 30.93
C ASP F 312 -31.10 10.27 30.55
N THR F 313 -31.39 9.78 29.35
CA THR F 313 -32.78 9.63 28.93
C THR F 313 -33.40 8.52 29.78
N LEU F 314 -32.65 7.44 29.97
CA LEU F 314 -33.14 6.32 30.77
C LEU F 314 -33.34 6.78 32.21
N ALA F 315 -32.43 7.64 32.69
CA ALA F 315 -32.51 8.16 34.05
C ALA F 315 -33.82 8.91 34.25
N TRP F 316 -34.18 9.74 33.27
CA TRP F 316 -35.42 10.51 33.33
C TRP F 316 -36.60 9.55 33.31
N HIS F 317 -36.58 8.64 32.34
CA HIS F 317 -37.62 7.63 32.20
C HIS F 317 -37.86 6.90 33.53
N ASP F 318 -36.77 6.50 34.18
CA ASP F 318 -36.87 5.78 35.45
C ASP F 318 -37.36 6.67 36.60
N ARG F 319 -36.99 7.94 36.61
CA ARG F 319 -37.46 8.83 37.67
C ARG F 319 -38.98 8.97 37.59
N VAL F 320 -39.47 9.18 36.37
CA VAL F 320 -40.90 9.33 36.14
C VAL F 320 -41.65 8.02 36.40
N LEU F 321 -41.07 6.91 35.97
CA LEU F 321 -41.69 5.60 36.15
C LEU F 321 -41.80 5.24 37.64
N THR F 322 -40.78 5.58 38.41
CA THR F 322 -40.81 5.28 39.84
C THR F 322 -42.01 6.00 40.47
N ILE F 323 -42.24 7.24 40.07
CA ILE F 323 -43.36 8.01 40.62
C ILE F 323 -44.67 7.34 40.21
N GLU F 324 -44.79 6.97 38.94
CA GLU F 324 -46.00 6.34 38.43
C GLU F 324 -46.32 5.00 39.12
N LEU F 325 -45.31 4.17 39.29
CA LEU F 325 -45.47 2.86 39.91
C LEU F 325 -46.04 2.98 41.32
N ASN F 326 -45.56 3.97 42.07
CA ASN F 326 -46.01 4.15 43.44
C ASN F 326 -47.14 5.15 43.63
N ALA F 327 -47.79 5.52 42.53
CA ALA F 327 -48.90 6.44 42.59
C ALA F 327 -50.23 5.71 42.51
N VAL F 328 -51.30 6.42 42.84
CA VAL F 328 -52.62 5.86 42.74
C VAL F 328 -53.15 6.34 41.40
N THR F 329 -53.28 5.43 40.44
CA THR F 329 -53.82 5.78 39.14
C THR F 329 -55.14 5.04 39.15
N ASP F 330 -56.17 5.76 39.53
CA ASP F 330 -57.51 5.20 39.64
C ASP F 330 -58.47 6.37 39.60
N ASN F 331 -59.72 6.07 39.31
CA ASN F 331 -60.77 7.06 39.33
C ASN F 331 -62.07 6.30 39.47
N PRO F 332 -62.90 6.69 40.44
CA PRO F 332 -62.59 7.78 41.36
C PRO F 332 -61.61 7.30 42.45
N VAL F 333 -61.29 8.18 43.40
CA VAL F 333 -60.42 7.79 44.49
C VAL F 333 -61.09 8.18 45.81
N PHE F 334 -60.75 7.46 46.87
CA PHE F 334 -61.33 7.70 48.18
C PHE F 334 -60.22 8.14 49.11
N PRO F 335 -60.12 9.46 49.34
CA PRO F 335 -59.13 10.11 50.20
C PRO F 335 -59.00 9.47 51.57
N PRO F 336 -57.82 8.92 51.87
CA PRO F 336 -57.50 8.25 53.15
C PRO F 336 -57.82 9.11 54.37
N ASP F 337 -57.77 10.43 54.21
CA ASP F 337 -58.07 11.34 55.33
C ASP F 337 -59.56 11.52 55.60
N GLY F 338 -60.39 11.07 54.66
CA GLY F 338 -61.83 11.19 54.82
C GLY F 338 -62.39 12.59 54.67
N SER F 339 -61.61 13.49 54.07
CA SER F 339 -62.04 14.87 53.85
C SER F 339 -63.33 14.92 53.02
N VAL F 340 -63.38 14.14 51.94
CA VAL F 340 -64.57 14.04 51.09
C VAL F 340 -64.74 12.55 50.87
N PRO F 341 -65.97 12.11 50.59
CA PRO F 341 -66.23 10.68 50.36
C PRO F 341 -65.46 10.13 49.17
N ALA F 342 -65.25 10.98 48.17
CA ALA F 342 -64.54 10.57 46.96
C ALA F 342 -64.22 11.78 46.09
N LEU F 343 -63.27 11.59 45.19
CA LEU F 343 -62.85 12.62 44.26
C LEU F 343 -62.86 12.06 42.84
N HIS F 344 -63.40 12.83 41.91
CA HIS F 344 -63.45 12.42 40.51
C HIS F 344 -62.47 13.23 39.69
N GLY F 345 -61.57 12.55 39.00
CA GLY F 345 -60.57 13.24 38.20
C GLY F 345 -59.97 12.38 37.08
N GLY F 346 -58.73 12.66 36.73
CA GLY F 346 -58.11 11.92 35.64
C GLY F 346 -56.75 11.28 35.84
N ASN F 347 -56.51 10.70 37.03
CA ASN F 347 -55.23 10.06 37.32
C ASN F 347 -54.94 8.76 36.57
N PHE F 348 -55.84 8.39 35.66
CA PHE F 348 -55.67 7.19 34.84
C PHE F 348 -55.05 7.59 33.50
N MET F 349 -54.88 8.90 33.29
CA MET F 349 -54.31 9.40 32.04
C MET F 349 -52.80 9.16 32.03
N GLY F 350 -52.36 8.18 31.23
CA GLY F 350 -50.96 7.83 31.19
C GLY F 350 -50.05 8.65 30.30
N GLN F 351 -50.21 9.97 30.32
CA GLN F 351 -49.36 10.81 29.49
C GLN F 351 -47.89 10.76 29.87
N HIS F 352 -47.62 10.64 31.17
CA HIS F 352 -46.23 10.61 31.63
C HIS F 352 -45.45 9.42 31.08
N VAL F 353 -46.02 8.23 31.17
CA VAL F 353 -45.35 7.04 30.65
C VAL F 353 -45.32 7.09 29.12
N ALA F 354 -46.34 7.70 28.51
CA ALA F 354 -46.38 7.81 27.06
C ALA F 354 -45.20 8.63 26.56
N LEU F 355 -44.94 9.77 27.21
CA LEU F 355 -43.85 10.64 26.78
C LEU F 355 -42.47 10.07 27.11
N THR F 356 -42.32 9.47 28.28
CA THR F 356 -41.02 8.90 28.62
C THR F 356 -40.72 7.66 27.78
N SER F 357 -41.75 6.88 27.45
CA SER F 357 -41.54 5.71 26.61
C SER F 357 -41.11 6.14 25.21
N ASP F 358 -41.76 7.18 24.67
CA ASP F 358 -41.39 7.66 23.35
C ASP F 358 -39.96 8.21 23.35
N ALA F 359 -39.61 8.91 24.42
CA ALA F 359 -38.26 9.48 24.53
C ALA F 359 -37.22 8.36 24.64
N LEU F 360 -37.52 7.35 25.45
CA LEU F 360 -36.61 6.22 25.60
C LEU F 360 -36.48 5.46 24.28
N ALA F 361 -37.58 5.37 23.54
CA ALA F 361 -37.58 4.66 22.25
C ALA F 361 -36.58 5.31 21.31
N THR F 362 -36.59 6.64 21.27
CA THR F 362 -35.69 7.36 20.41
C THR F 362 -34.25 7.12 20.85
N ALA F 363 -34.02 7.18 22.16
CA ALA F 363 -32.68 6.95 22.69
C ALA F 363 -32.18 5.57 22.33
N VAL F 364 -33.05 4.56 22.40
CA VAL F 364 -32.67 3.19 22.07
C VAL F 364 -32.29 3.08 20.59
N THR F 365 -33.03 3.78 19.73
CA THR F 365 -32.73 3.74 18.30
C THR F 365 -31.37 4.40 18.03
N VAL F 366 -31.05 5.46 18.77
CA VAL F 366 -29.77 6.15 18.59
C VAL F 366 -28.61 5.25 19.04
N LEU F 367 -28.75 4.61 20.19
CA LEU F 367 -27.70 3.71 20.67
C LEU F 367 -27.57 2.46 19.80
N ALA F 368 -28.69 1.97 19.28
CA ALA F 368 -28.65 0.80 18.39
C ALA F 368 -27.90 1.21 17.12
N GLY F 369 -28.04 2.48 16.72
CA GLY F 369 -27.34 2.96 15.53
C GLY F 369 -25.84 2.95 15.76
N LEU F 370 -25.43 3.31 16.97
CA LEU F 370 -24.02 3.33 17.32
C LEU F 370 -23.47 1.91 17.20
N ALA F 371 -24.15 0.95 17.82
CA ALA F 371 -23.68 -0.45 17.76
C ALA F 371 -23.60 -0.90 16.30
N GLU F 372 -24.58 -0.50 15.50
CA GLU F 372 -24.61 -0.90 14.11
C GLU F 372 -23.39 -0.32 13.36
N ARG F 373 -23.04 0.94 13.62
CA ARG F 373 -21.88 1.53 12.97
C ARG F 373 -20.56 0.92 13.49
N GLN F 374 -20.56 0.45 14.73
CA GLN F 374 -19.37 -0.18 15.28
C GLN F 374 -19.17 -1.50 14.53
N ILE F 375 -20.26 -2.21 14.26
CA ILE F 375 -20.19 -3.47 13.53
C ILE F 375 -19.68 -3.20 12.11
N ALA F 376 -20.23 -2.17 11.46
CA ALA F 376 -19.82 -1.83 10.11
C ALA F 376 -18.35 -1.45 10.00
N ARG F 377 -17.81 -0.82 11.05
CA ARG F 377 -16.41 -0.41 11.02
C ARG F 377 -15.50 -1.61 11.26
N LEU F 378 -15.87 -2.41 12.26
CA LEU F 378 -15.10 -3.60 12.63
C LEU F 378 -14.97 -4.61 11.50
N THR F 379 -16.01 -4.74 10.68
CA THR F 379 -16.02 -5.72 9.60
C THR F 379 -15.51 -5.25 8.24
N ASP F 380 -15.22 -3.95 8.12
CA ASP F 380 -14.74 -3.36 6.85
C ASP F 380 -13.21 -3.44 6.79
N GLU F 381 -12.68 -4.23 5.86
CA GLU F 381 -11.22 -4.38 5.76
C GLU F 381 -10.48 -3.07 5.48
N ARG F 382 -11.20 -2.07 5.00
CA ARG F 382 -10.58 -0.77 4.73
C ARG F 382 -10.58 0.11 5.97
N LEU F 383 -11.33 -0.28 6.99
CA LEU F 383 -11.44 0.52 8.20
C LEU F 383 -11.01 -0.17 9.49
N ASN F 384 -10.90 -1.50 9.46
CA ASN F 384 -10.57 -2.24 10.67
C ASN F 384 -9.10 -2.48 11.00
N ARG F 385 -8.23 -1.67 10.41
CA ARG F 385 -6.80 -1.73 10.68
C ARG F 385 -6.10 -3.08 10.64
N GLY F 386 -6.24 -3.80 9.53
CA GLY F 386 -5.55 -5.06 9.39
C GLY F 386 -6.31 -6.35 9.65
N LEU F 387 -7.53 -6.25 10.18
CA LEU F 387 -8.32 -7.45 10.43
C LEU F 387 -8.92 -7.98 9.13
N PRO F 388 -9.17 -9.30 9.05
CA PRO F 388 -9.74 -9.91 7.85
C PRO F 388 -11.09 -9.30 7.49
N PRO F 389 -11.43 -9.25 6.19
CA PRO F 389 -12.73 -8.68 5.83
C PRO F 389 -13.84 -9.51 6.45
N PHE F 390 -14.77 -8.84 7.12
CA PHE F 390 -15.90 -9.50 7.78
C PHE F 390 -15.44 -10.56 8.79
N LEU F 391 -14.20 -10.40 9.26
CA LEU F 391 -13.61 -11.26 10.29
C LEU F 391 -13.65 -12.75 9.99
N HIS F 392 -13.50 -13.11 8.73
CA HIS F 392 -13.54 -14.51 8.33
C HIS F 392 -12.23 -15.23 8.68
N ARG F 393 -12.29 -16.55 8.70
CA ARG F 393 -11.13 -17.40 8.93
C ARG F 393 -11.12 -18.30 7.69
N GLY F 394 -10.01 -18.99 7.43
CA GLY F 394 -9.96 -19.83 6.25
C GLY F 394 -9.71 -18.97 5.02
N PRO F 395 -9.73 -19.53 3.80
CA PRO F 395 -9.51 -18.78 2.55
C PRO F 395 -10.54 -17.67 2.25
N ALA F 396 -10.07 -16.45 2.04
CA ALA F 396 -10.96 -15.32 1.74
C ALA F 396 -11.62 -15.53 0.38
N GLY F 397 -12.88 -15.16 0.27
CA GLY F 397 -13.59 -15.36 -0.97
C GLY F 397 -14.45 -16.60 -0.79
N LEU F 398 -13.80 -17.73 -0.51
CA LEU F 398 -14.53 -18.97 -0.26
C LEU F 398 -15.29 -18.77 1.04
N ASN F 399 -14.64 -18.10 1.99
CA ASN F 399 -15.25 -17.82 3.30
C ASN F 399 -15.60 -16.35 3.39
N SER F 400 -16.80 -16.06 3.88
CA SER F 400 -17.26 -14.68 4.00
C SER F 400 -17.49 -14.25 5.45
N GLY F 401 -17.28 -15.16 6.39
CA GLY F 401 -17.44 -14.85 7.79
C GLY F 401 -18.76 -14.22 8.21
N PHE F 402 -18.68 -13.02 8.79
CA PHE F 402 -19.87 -12.32 9.27
C PHE F 402 -20.50 -11.39 8.24
N MET F 403 -20.17 -11.57 6.97
CA MET F 403 -20.73 -10.68 5.97
C MET F 403 -22.25 -10.65 5.96
N GLY F 404 -22.86 -11.80 6.22
CA GLY F 404 -24.32 -11.86 6.25
C GLY F 404 -24.87 -11.22 7.50
N ALA F 405 -24.24 -11.50 8.64
CA ALA F 405 -24.68 -10.95 9.91
C ALA F 405 -24.59 -9.42 9.92
N GLN F 406 -23.59 -8.88 9.25
CA GLN F 406 -23.42 -7.42 9.21
C GLN F 406 -24.63 -6.78 8.51
N VAL F 407 -25.08 -7.36 7.40
CA VAL F 407 -26.24 -6.82 6.69
C VAL F 407 -27.50 -6.99 7.57
N THR F 408 -27.57 -8.09 8.30
CA THR F 408 -28.73 -8.31 9.17
C THR F 408 -28.83 -7.19 10.22
N ALA F 409 -27.69 -6.79 10.77
CA ALA F 409 -27.65 -5.72 11.77
C ALA F 409 -28.23 -4.43 11.19
N THR F 410 -27.83 -4.11 9.96
CA THR F 410 -28.31 -2.91 9.30
C THR F 410 -29.82 -2.99 9.07
N ALA F 411 -30.31 -4.16 8.69
CA ALA F 411 -31.72 -4.36 8.45
C ALA F 411 -32.55 -4.14 9.72
N LEU F 412 -32.04 -4.64 10.85
CA LEU F 412 -32.73 -4.51 12.12
C LEU F 412 -32.82 -3.04 12.52
N LEU F 413 -31.74 -2.29 12.29
CA LEU F 413 -31.75 -0.87 12.63
C LEU F 413 -32.72 -0.10 11.74
N ALA F 414 -32.71 -0.41 10.44
CA ALA F 414 -33.59 0.27 9.50
C ALA F 414 -35.05 0.07 9.90
N GLU F 415 -35.39 -1.12 10.35
CA GLU F 415 -36.76 -1.40 10.77
C GLU F 415 -37.13 -0.56 11.99
N MET F 416 -36.19 -0.45 12.92
CA MET F 416 -36.40 0.33 14.13
C MET F 416 -36.79 1.77 13.79
N ARG F 417 -36.06 2.35 12.84
CA ARG F 417 -36.29 3.73 12.44
C ARG F 417 -37.64 4.04 11.81
N ALA F 418 -38.29 3.01 11.24
CA ALA F 418 -39.58 3.21 10.58
C ALA F 418 -40.72 3.57 11.54
N THR F 419 -40.54 3.26 12.81
CA THR F 419 -41.58 3.52 13.81
C THR F 419 -41.21 4.71 14.68
N GLY F 420 -42.12 5.67 14.78
CA GLY F 420 -41.86 6.83 15.61
C GLY F 420 -42.68 6.87 16.88
N PRO F 421 -42.73 8.02 17.57
CA PRO F 421 -43.49 8.18 18.82
C PRO F 421 -44.96 7.82 18.63
N ALA F 422 -45.56 7.23 19.66
CA ALA F 422 -46.96 6.87 19.61
C ALA F 422 -47.84 8.00 20.14
N SER F 423 -47.31 8.76 21.09
CA SER F 423 -48.04 9.84 21.76
C SER F 423 -48.68 10.92 20.91
N ILE F 424 -48.10 11.22 19.76
CA ILE F 424 -48.64 12.28 18.92
C ILE F 424 -49.91 11.92 18.16
N HIS F 425 -50.37 10.68 18.26
CA HIS F 425 -51.55 10.26 17.51
C HIS F 425 -52.86 10.19 18.26
N SER F 426 -53.03 11.07 19.25
CA SER F 426 -54.27 11.08 20.01
C SER F 426 -55.45 11.32 19.06
N ILE F 427 -56.52 10.55 19.25
CA ILE F 427 -57.74 10.65 18.45
C ILE F 427 -58.91 10.66 19.44
N SER F 428 -59.83 11.60 19.24
CA SER F 428 -61.01 11.73 20.09
C SER F 428 -61.84 10.45 19.97
N THR F 429 -62.24 9.88 21.10
CA THR F 429 -63.02 8.64 21.06
C THR F 429 -64.02 8.56 22.23
N ASN F 430 -64.74 7.44 22.35
CA ASN F 430 -65.72 7.25 23.42
C ASN F 430 -66.80 8.33 23.30
N ALA F 431 -67.27 8.56 22.08
CA ALA F 431 -68.29 9.57 21.85
C ALA F 431 -67.80 10.96 22.27
N ALA F 432 -66.53 11.23 21.99
CA ALA F 432 -65.89 12.51 22.31
C ALA F 432 -65.65 12.76 23.81
N ASN F 433 -66.03 11.79 24.65
CA ASN F 433 -65.81 11.93 26.09
C ASN F 433 -64.32 11.85 26.36
N GLN F 434 -63.66 10.95 25.64
CA GLN F 434 -62.22 10.81 25.79
C GLN F 434 -61.65 11.56 24.60
N ASP F 435 -61.78 12.89 24.62
CA ASP F 435 -61.32 13.64 23.47
C ASP F 435 -59.80 13.74 23.31
N VAL F 436 -59.06 13.37 24.34
CA VAL F 436 -57.59 13.31 24.28
C VAL F 436 -57.20 12.02 25.02
N VAL F 437 -56.31 11.24 24.42
CA VAL F 437 -55.84 9.99 25.02
C VAL F 437 -54.32 9.93 24.96
N SER F 438 -53.71 9.20 25.88
CA SER F 438 -52.24 9.15 25.95
C SER F 438 -51.52 8.18 25.03
N LEU F 439 -52.16 7.05 24.74
CA LEU F 439 -51.55 6.01 23.91
C LEU F 439 -50.28 5.48 24.58
N GLY F 440 -50.22 5.62 25.90
CA GLY F 440 -49.06 5.18 26.65
C GLY F 440 -48.70 3.71 26.52
N THR F 441 -49.71 2.84 26.48
CA THR F 441 -49.49 1.41 26.35
C THR F 441 -48.82 1.10 25.00
N ILE F 442 -49.30 1.75 23.95
CA ILE F 442 -48.73 1.56 22.61
C ILE F 442 -47.29 2.09 22.63
N ALA F 443 -47.08 3.27 23.22
CA ALA F 443 -45.74 3.84 23.29
C ALA F 443 -44.77 2.87 23.97
N ALA F 444 -45.19 2.30 25.09
CA ALA F 444 -44.32 1.37 25.81
C ALA F 444 -44.04 0.09 25.04
N ARG F 445 -45.04 -0.43 24.34
CA ARG F 445 -44.88 -1.64 23.54
C ARG F 445 -43.94 -1.36 22.37
N LEU F 446 -44.06 -0.17 21.78
CA LEU F 446 -43.21 0.20 20.65
C LEU F 446 -41.76 0.32 21.10
N CYS F 447 -41.56 0.84 22.31
CA CYS F 447 -40.22 0.96 22.88
C CYS F 447 -39.66 -0.45 23.11
N ARG F 448 -40.50 -1.36 23.61
CA ARG F 448 -40.05 -2.73 23.85
C ARG F 448 -39.55 -3.38 22.56
N GLU F 449 -40.27 -3.19 21.47
CA GLU F 449 -39.86 -3.77 20.19
C GLU F 449 -38.47 -3.28 19.79
N LYS F 450 -38.23 -1.98 19.99
CA LYS F 450 -36.95 -1.40 19.65
C LYS F 450 -35.85 -1.95 20.56
N ILE F 451 -36.18 -2.14 21.83
CA ILE F 451 -35.22 -2.69 22.78
C ILE F 451 -34.83 -4.11 22.32
N ASP F 452 -35.81 -4.85 21.81
CA ASP F 452 -35.52 -6.21 21.32
C ASP F 452 -34.61 -6.19 20.10
N ARG F 453 -34.82 -5.21 19.21
CA ARG F 453 -33.97 -5.10 18.02
C ARG F 453 -32.55 -4.71 18.45
N TRP F 454 -32.46 -3.80 19.42
CA TRP F 454 -31.15 -3.36 19.92
C TRP F 454 -30.38 -4.57 20.48
N ALA F 455 -31.09 -5.44 21.19
CA ALA F 455 -30.45 -6.63 21.77
C ALA F 455 -29.86 -7.52 20.68
N GLU F 456 -30.58 -7.64 19.56
CA GLU F 456 -30.10 -8.46 18.46
C GLU F 456 -28.89 -7.84 17.79
N ILE F 457 -28.90 -6.51 17.64
CA ILE F 457 -27.78 -5.80 17.03
C ILE F 457 -26.57 -5.95 17.96
N LEU F 458 -26.78 -5.81 19.26
CA LEU F 458 -25.66 -5.95 20.20
C LEU F 458 -25.10 -7.38 20.17
N ALA F 459 -25.98 -8.37 20.00
CA ALA F 459 -25.53 -9.76 19.96
C ALA F 459 -24.62 -9.98 18.76
N ILE F 460 -24.96 -9.37 17.63
CA ILE F 460 -24.14 -9.52 16.44
C ILE F 460 -22.78 -8.87 16.73
N LEU F 461 -22.80 -7.69 17.35
CA LEU F 461 -21.56 -6.99 17.67
C LEU F 461 -20.70 -7.84 18.61
N ALA F 462 -21.33 -8.49 19.57
CA ALA F 462 -20.60 -9.33 20.54
C ALA F 462 -19.92 -10.52 19.86
N LEU F 463 -20.65 -11.21 18.98
CA LEU F 463 -20.08 -12.35 18.28
C LEU F 463 -18.93 -11.90 17.39
N CYS F 464 -19.11 -10.76 16.72
CA CYS F 464 -18.07 -10.22 15.87
C CYS F 464 -16.83 -9.89 16.68
N LEU F 465 -17.03 -9.29 17.84
CA LEU F 465 -15.90 -8.92 18.70
C LEU F 465 -15.15 -10.12 19.26
N ALA F 466 -15.88 -11.16 19.65
CA ALA F 466 -15.20 -12.34 20.18
C ALA F 466 -14.27 -12.88 19.11
N GLN F 467 -14.74 -12.88 17.87
CA GLN F 467 -13.92 -13.33 16.75
C GLN F 467 -12.75 -12.38 16.52
N ALA F 468 -13.03 -11.08 16.47
CA ALA F 468 -11.99 -10.09 16.23
C ALA F 468 -10.90 -10.12 17.30
N ALA F 469 -11.30 -10.33 18.55
CA ALA F 469 -10.34 -10.37 19.65
C ALA F 469 -9.36 -11.52 19.47
N GLU F 470 -9.85 -12.67 19.02
CA GLU F 470 -8.98 -13.82 18.79
C GLU F 470 -8.11 -13.63 17.55
N LEU F 471 -8.67 -12.98 16.53
CA LEU F 471 -7.92 -12.73 15.30
C LEU F 471 -6.78 -11.73 15.56
N ARG F 472 -7.07 -10.72 16.36
CA ARG F 472 -6.06 -9.69 16.66
C ARG F 472 -5.05 -10.14 17.72
N CYS F 473 -5.53 -10.78 18.77
CA CYS F 473 -4.66 -11.17 19.88
C CYS F 473 -4.36 -12.66 20.07
N GLY F 474 -4.89 -13.50 19.18
CA GLY F 474 -4.65 -14.93 19.30
C GLY F 474 -5.65 -15.54 20.28
N SER F 475 -5.82 -16.86 20.20
CA SER F 475 -6.77 -17.55 21.07
C SER F 475 -6.53 -17.31 22.56
N GLY F 476 -5.31 -16.94 22.92
CA GLY F 476 -4.98 -16.67 24.32
C GLY F 476 -5.34 -15.26 24.74
N LEU F 477 -5.80 -14.47 23.77
CA LEU F 477 -6.20 -13.08 24.02
C LEU F 477 -5.10 -12.26 24.71
N ASP F 478 -3.89 -12.36 24.17
CA ASP F 478 -2.75 -11.66 24.72
C ASP F 478 -2.90 -10.15 24.73
N GLY F 479 -2.74 -9.57 25.90
CA GLY F 479 -2.86 -8.12 26.04
C GLY F 479 -4.26 -7.61 26.27
N VAL F 480 -5.25 -8.48 26.14
CA VAL F 480 -6.63 -8.07 26.35
C VAL F 480 -6.85 -7.86 27.85
N SER F 481 -7.67 -6.87 28.19
CA SER F 481 -7.98 -6.55 29.58
C SER F 481 -8.64 -7.71 30.30
N PRO F 482 -8.53 -7.75 31.63
CA PRO F 482 -9.14 -8.84 32.40
C PRO F 482 -10.65 -8.91 32.12
N ALA F 483 -11.31 -7.76 32.11
CA ALA F 483 -12.75 -7.71 31.85
C ALA F 483 -13.07 -8.22 30.44
N GLY F 484 -12.27 -7.81 29.47
CA GLY F 484 -12.47 -8.25 28.10
C GLY F 484 -12.28 -9.75 27.96
N LYS F 485 -11.23 -10.28 28.59
CA LYS F 485 -10.96 -11.71 28.54
C LYS F 485 -12.14 -12.49 29.12
N LYS F 486 -12.65 -12.00 30.25
CA LYS F 486 -13.77 -12.66 30.92
C LYS F 486 -15.01 -12.67 30.03
N LEU F 487 -15.25 -11.56 29.33
CA LEU F 487 -16.41 -11.47 28.46
C LEU F 487 -16.29 -12.45 27.29
N VAL F 488 -15.14 -12.47 26.63
CA VAL F 488 -14.94 -13.38 25.50
C VAL F 488 -15.00 -14.85 25.94
N GLN F 489 -14.33 -15.16 27.05
CA GLN F 489 -14.34 -16.53 27.56
C GLN F 489 -15.75 -17.02 27.87
N ALA F 490 -16.56 -16.14 28.45
CA ALA F 490 -17.95 -16.48 28.79
C ALA F 490 -18.78 -16.75 27.54
N LEU F 491 -18.59 -15.93 26.51
CA LEU F 491 -19.30 -16.10 25.26
C LEU F 491 -18.89 -17.41 24.60
N ARG F 492 -17.59 -17.70 24.64
CA ARG F 492 -17.06 -18.91 24.05
C ARG F 492 -17.53 -20.19 24.74
N GLU F 493 -18.16 -20.05 25.90
CA GLU F 493 -18.66 -21.23 26.61
C GLU F 493 -19.88 -21.79 25.88
N GLN F 494 -20.57 -20.92 25.13
CA GLN F 494 -21.77 -21.32 24.40
C GLN F 494 -21.75 -21.02 22.90
N PHE F 495 -20.87 -20.12 22.47
CA PHE F 495 -20.76 -19.75 21.06
C PHE F 495 -19.35 -19.95 20.55
N PRO F 496 -19.13 -21.02 19.78
CA PRO F 496 -17.84 -21.38 19.20
C PRO F 496 -17.33 -20.38 18.18
N PRO F 497 -16.00 -20.34 17.99
CA PRO F 497 -15.41 -19.42 17.02
C PRO F 497 -15.92 -19.76 15.63
N LEU F 498 -15.95 -18.78 14.75
CA LEU F 498 -16.41 -19.00 13.39
C LEU F 498 -15.19 -19.41 12.58
N GLU F 499 -14.89 -20.71 12.55
CA GLU F 499 -13.74 -21.21 11.82
C GLU F 499 -14.07 -21.36 10.34
N THR F 500 -15.34 -21.56 10.05
CA THR F 500 -15.81 -21.69 8.69
C THR F 500 -17.25 -21.16 8.68
N ASP F 501 -17.71 -20.70 7.53
CA ASP F 501 -19.07 -20.15 7.43
C ASP F 501 -20.19 -21.08 7.88
N ARG F 502 -21.09 -20.54 8.70
CA ARG F 502 -22.24 -21.29 9.21
C ARG F 502 -23.42 -20.35 9.48
N PRO F 503 -24.64 -20.92 9.57
CA PRO F 503 -25.83 -20.10 9.84
C PRO F 503 -25.70 -19.52 11.24
N LEU F 504 -25.88 -18.20 11.35
CA LEU F 504 -25.74 -17.53 12.64
C LEU F 504 -27.07 -17.04 13.23
N GLY F 505 -28.14 -17.17 12.47
CA GLY F 505 -29.44 -16.70 12.94
C GLY F 505 -29.86 -17.18 14.32
N GLN F 506 -29.78 -18.49 14.56
CA GLN F 506 -30.18 -19.04 15.84
C GLN F 506 -29.30 -18.58 16.99
N GLU F 507 -28.00 -18.46 16.74
CA GLU F 507 -27.06 -18.01 17.76
C GLU F 507 -27.32 -16.54 18.12
N ILE F 508 -27.61 -15.72 17.10
CA ILE F 508 -27.89 -14.31 17.33
C ILE F 508 -29.13 -14.18 18.23
N ALA F 509 -30.18 -14.93 17.90
CA ALA F 509 -31.41 -14.88 18.69
C ALA F 509 -31.19 -15.35 20.13
N ALA F 510 -30.43 -16.42 20.29
CA ALA F 510 -30.16 -16.97 21.62
C ALA F 510 -29.36 -15.99 22.47
N LEU F 511 -28.32 -15.41 21.88
CA LEU F 511 -27.50 -14.47 22.61
C LEU F 511 -28.31 -13.22 22.98
N ALA F 512 -29.15 -12.74 22.06
CA ALA F 512 -29.96 -11.55 22.33
C ALA F 512 -30.82 -11.76 23.58
N THR F 513 -31.40 -12.95 23.70
CA THR F 513 -32.23 -13.26 24.86
C THR F 513 -31.43 -13.09 26.14
N HIS F 514 -30.19 -13.56 26.10
CA HIS F 514 -29.30 -13.46 27.26
C HIS F 514 -28.97 -11.99 27.61
N LEU F 515 -28.61 -11.20 26.60
CA LEU F 515 -28.25 -9.81 26.82
C LEU F 515 -29.34 -8.98 27.53
N LEU F 516 -30.59 -9.30 27.26
CA LEU F 516 -31.73 -8.59 27.84
C LEU F 516 -31.90 -8.88 29.33
N GLN F 517 -31.36 -9.99 29.78
CA GLN F 517 -31.53 -10.40 31.18
C GLN F 517 -30.31 -10.36 32.07
N GLN F 518 -29.11 -10.33 31.48
CA GLN F 518 -27.88 -10.31 32.26
C GLN F 518 -26.81 -9.40 31.67
N SER F 519 -26.00 -8.82 32.54
CA SER F 519 -24.92 -7.94 32.14
C SER F 519 -23.58 -8.67 32.15
N PRO F 520 -22.57 -8.12 31.45
CA PRO F 520 -21.25 -8.75 31.41
C PRO F 520 -20.43 -8.38 32.66
N VAL F 521 -20.41 -9.27 33.64
CA VAL F 521 -19.67 -9.02 34.87
C VAL F 521 -18.85 -10.21 35.30
N LYS G 8 -30.15 49.71 31.41
CA LYS G 8 -30.39 48.29 31.03
C LYS G 8 -29.67 47.34 31.98
N PRO G 9 -30.40 46.35 32.53
CA PRO G 9 -29.81 45.38 33.45
C PRO G 9 -28.56 44.75 32.85
N ALA G 10 -27.71 44.18 33.71
CA ALA G 10 -26.49 43.55 33.23
C ALA G 10 -26.31 42.17 33.84
N VAL G 11 -25.95 41.21 32.99
CA VAL G 11 -25.71 39.86 33.43
C VAL G 11 -24.20 39.73 33.52
N GLU G 12 -23.70 39.38 34.71
CA GLU G 12 -22.27 39.23 34.88
C GLU G 12 -21.94 37.76 34.77
N LEU G 13 -21.15 37.43 33.77
CA LEU G 13 -20.75 36.06 33.51
C LEU G 13 -19.45 35.67 34.20
N ASP G 14 -19.53 34.66 35.05
CA ASP G 14 -18.35 34.15 35.72
C ASP G 14 -18.22 32.71 35.23
N ARG G 15 -18.95 31.81 35.88
CA ARG G 15 -18.92 30.40 35.50
C ARG G 15 -20.27 29.87 35.04
N HIS G 16 -21.31 30.18 35.81
CA HIS G 16 -22.67 29.70 35.54
C HIS G 16 -23.65 30.83 35.24
N ILE G 17 -24.52 30.58 34.26
CA ILE G 17 -25.57 31.52 33.88
C ILE G 17 -26.81 30.64 33.76
N ASP G 18 -27.96 31.09 34.23
CA ASP G 18 -29.15 30.27 34.12
C ASP G 18 -29.91 30.57 32.83
N LEU G 19 -30.89 29.75 32.49
CA LEU G 19 -31.62 29.96 31.23
C LEU G 19 -32.27 31.33 31.08
N ASP G 20 -32.85 31.87 32.15
CA ASP G 20 -33.48 33.18 32.05
C ASP G 20 -32.46 34.28 31.78
N GLN G 21 -31.33 34.25 32.49
CA GLN G 21 -30.29 35.25 32.28
C GLN G 21 -29.80 35.16 30.84
N ALA G 22 -29.65 33.94 30.34
CA ALA G 22 -29.17 33.73 28.99
C ALA G 22 -30.13 34.31 27.95
N HIS G 23 -31.43 34.08 28.13
CA HIS G 23 -32.38 34.62 27.19
C HIS G 23 -32.46 36.15 27.31
N ALA G 24 -32.23 36.67 28.52
CA ALA G 24 -32.26 38.11 28.72
C ALA G 24 -31.19 38.77 27.86
N VAL G 25 -30.02 38.14 27.79
CA VAL G 25 -28.93 38.69 26.99
C VAL G 25 -29.21 38.48 25.50
N ALA G 26 -29.65 37.28 25.14
CA ALA G 26 -29.95 36.96 23.74
C ALA G 26 -31.01 37.89 23.15
N SER G 27 -32.04 38.20 23.94
CA SER G 27 -33.12 39.06 23.46
C SER G 27 -32.79 40.56 23.58
N GLY G 28 -31.61 40.88 24.10
CA GLY G 28 -31.22 42.27 24.24
C GLY G 28 -31.82 42.97 25.45
N GLY G 29 -32.48 42.21 26.31
CA GLY G 29 -33.08 42.78 27.50
C GLY G 29 -32.03 43.09 28.55
N ALA G 30 -30.85 42.49 28.39
CA ALA G 30 -29.77 42.71 29.35
C ALA G 30 -28.40 42.74 28.68
N ARG G 31 -27.49 43.50 29.26
CA ARG G 31 -26.14 43.59 28.75
C ARG G 31 -25.36 42.46 29.41
N ILE G 32 -24.22 42.09 28.83
CA ILE G 32 -23.41 41.03 29.41
C ILE G 32 -22.03 41.58 29.76
N VAL G 33 -21.53 41.16 30.92
CA VAL G 33 -20.22 41.59 31.39
C VAL G 33 -19.44 40.37 31.86
N LEU G 34 -18.17 40.29 31.50
CA LEU G 34 -17.35 39.17 31.93
C LEU G 34 -16.77 39.50 33.31
N ALA G 35 -17.07 38.65 34.29
CA ALA G 35 -16.59 38.84 35.66
C ALA G 35 -15.06 38.80 35.69
N PRO G 36 -14.46 39.51 36.66
CA PRO G 36 -12.99 39.54 36.80
C PRO G 36 -12.37 38.14 36.80
N PRO G 37 -12.94 37.20 37.58
CA PRO G 37 -12.36 35.86 37.59
C PRO G 37 -12.43 35.11 36.24
N ALA G 38 -13.48 35.37 35.46
CA ALA G 38 -13.62 34.72 34.17
C ALA G 38 -12.60 35.29 33.20
N ARG G 39 -12.43 36.61 33.24
CA ARG G 39 -11.47 37.29 32.39
C ARG G 39 -10.09 36.70 32.65
N ASP G 40 -9.75 36.52 33.92
CA ASP G 40 -8.46 35.98 34.29
C ASP G 40 -8.29 34.52 33.85
N ARG G 41 -9.33 33.71 34.02
CA ARG G 41 -9.23 32.31 33.61
C ARG G 41 -8.96 32.22 32.11
N CYS G 42 -9.60 33.09 31.32
CA CYS G 42 -9.42 33.08 29.89
C CYS G 42 -8.02 33.54 29.49
N ARG G 43 -7.50 34.57 30.17
CA ARG G 43 -6.15 35.06 29.87
C ARG G 43 -5.16 33.93 30.14
N ALA G 44 -5.40 33.17 31.21
CA ALA G 44 -4.54 32.05 31.57
C ALA G 44 -4.61 30.96 30.50
N SER G 45 -5.80 30.72 29.98
CA SER G 45 -5.98 29.71 28.94
C SER G 45 -5.25 30.18 27.67
N GLU G 46 -5.43 31.46 27.33
CA GLU G 46 -4.79 32.05 26.17
C GLU G 46 -3.29 31.84 26.27
N ALA G 47 -2.73 32.02 27.47
CA ALA G 47 -1.31 31.84 27.70
C ALA G 47 -0.93 30.38 27.47
N ARG G 48 -1.80 29.46 27.88
CA ARG G 48 -1.54 28.04 27.68
C ARG G 48 -1.55 27.65 26.22
N LEU G 49 -2.46 28.25 25.44
CA LEU G 49 -2.53 27.96 23.99
C LEU G 49 -1.18 28.39 23.39
N GLY G 50 -0.70 29.56 23.78
CA GLY G 50 0.56 30.06 23.27
C GLY G 50 1.71 29.12 23.56
N ALA G 51 1.73 28.56 24.77
CA ALA G 51 2.77 27.62 25.17
C ALA G 51 2.68 26.31 24.40
N VAL G 52 1.45 25.90 24.09
CA VAL G 52 1.23 24.68 23.32
C VAL G 52 1.85 24.85 21.92
N ILE G 53 1.62 26.01 21.34
CA ILE G 53 2.13 26.36 20.02
C ILE G 53 3.65 26.51 20.05
N ARG G 54 4.12 27.23 21.07
CA ARG G 54 5.54 27.49 21.29
C ARG G 54 6.31 26.18 21.42
N GLU G 55 5.71 25.21 22.11
CA GLU G 55 6.32 23.90 22.32
C GLU G 55 6.12 22.89 21.19
N ALA G 56 5.35 23.27 20.18
CA ALA G 56 5.09 22.40 19.03
C ALA G 56 4.47 21.06 19.42
N ARG G 57 3.51 21.10 20.33
CA ARG G 57 2.81 19.90 20.78
C ARG G 57 1.93 19.37 19.65
N HIS G 58 1.75 18.05 19.58
CA HIS G 58 0.90 17.47 18.55
C HIS G 58 -0.54 17.71 18.99
N VAL G 59 -1.15 18.75 18.44
CA VAL G 59 -2.52 19.11 18.77
C VAL G 59 -3.37 19.33 17.51
N TYR G 60 -4.59 18.79 17.53
CA TYR G 60 -5.50 18.92 16.40
C TYR G 60 -5.75 20.38 16.06
N GLY G 61 -5.73 20.70 14.78
CA GLY G 61 -5.99 22.07 14.36
C GLY G 61 -4.85 23.07 14.50
N LEU G 62 -3.81 22.69 15.25
CA LEU G 62 -2.66 23.58 15.42
C LEU G 62 -1.44 22.99 14.72
N THR G 63 -1.40 21.66 14.58
CA THR G 63 -0.31 20.98 13.91
C THR G 63 -0.81 19.85 13.01
N THR G 64 -2.12 19.83 12.76
CA THR G 64 -2.70 18.78 11.91
C THR G 64 -3.81 19.32 11.03
N GLY G 65 -4.16 18.54 10.02
CA GLY G 65 -5.26 18.92 9.14
C GLY G 65 -6.52 18.62 9.92
N PHE G 66 -7.68 18.77 9.28
CA PHE G 66 -8.95 18.54 9.96
C PHE G 66 -9.65 17.23 9.58
N GLY G 67 -10.54 16.77 10.45
CA GLY G 67 -11.26 15.54 10.18
C GLY G 67 -10.34 14.38 9.82
N PRO G 68 -10.65 13.60 8.77
CA PRO G 68 -9.83 12.47 8.34
C PRO G 68 -8.46 12.90 7.83
N LEU G 69 -8.29 14.19 7.61
CA LEU G 69 -7.02 14.71 7.11
C LEU G 69 -6.05 15.08 8.25
N ALA G 70 -6.46 14.81 9.48
CA ALA G 70 -5.63 15.10 10.64
C ALA G 70 -4.31 14.31 10.62
N ASN G 71 -4.23 13.27 9.79
CA ASN G 71 -3.01 12.48 9.70
C ASN G 71 -1.93 13.26 8.96
N ARG G 72 -2.32 14.39 8.39
CA ARG G 72 -1.38 15.27 7.69
C ARG G 72 -0.92 16.31 8.69
N LEU G 73 0.34 16.23 9.12
CA LEU G 73 0.84 17.20 10.07
C LEU G 73 1.21 18.50 9.37
N ILE G 74 0.96 19.62 10.05
CA ILE G 74 1.19 20.96 9.52
C ILE G 74 2.29 21.72 10.27
N SER G 75 3.13 22.43 9.53
CA SER G 75 4.22 23.20 10.13
C SER G 75 3.67 24.52 10.67
N GLY G 76 4.26 25.02 11.75
CA GLY G 76 3.80 26.26 12.36
C GLY G 76 3.63 27.46 11.45
N GLU G 77 4.48 27.56 10.43
CA GLU G 77 4.43 28.68 9.49
C GLU G 77 3.12 28.73 8.69
N ASN G 78 2.43 27.60 8.58
CA ASN G 78 1.19 27.53 7.81
C ASN G 78 -0.10 27.43 8.64
N VAL G 79 -0.02 27.70 9.94
CA VAL G 79 -1.20 27.61 10.80
C VAL G 79 -2.24 28.69 10.53
N ARG G 80 -1.78 29.90 10.19
CA ARG G 80 -2.69 31.02 9.89
C ARG G 80 -3.57 30.61 8.73
N THR G 81 -2.91 30.14 7.68
CA THR G 81 -3.59 29.71 6.47
C THR G 81 -4.53 28.54 6.77
N LEU G 82 -4.02 27.59 7.55
CA LEU G 82 -4.80 26.42 7.94
C LEU G 82 -6.15 26.82 8.51
N GLN G 83 -6.13 27.71 9.50
CA GLN G 83 -7.34 28.17 10.17
C GLN G 83 -8.19 29.11 9.35
N ALA G 84 -7.57 29.84 8.43
CA ALA G 84 -8.32 30.74 7.58
C ALA G 84 -9.11 29.89 6.61
N ASN G 85 -8.52 28.77 6.16
CA ASN G 85 -9.19 27.88 5.23
C ASN G 85 -10.31 27.11 5.94
N LEU G 86 -10.07 26.75 7.20
CA LEU G 86 -11.03 26.02 7.99
C LEU G 86 -12.40 26.76 7.93
N VAL G 87 -12.39 28.07 8.20
CA VAL G 87 -13.59 28.91 8.18
C VAL G 87 -14.20 28.89 6.77
N HIS G 88 -13.34 28.91 5.74
CA HIS G 88 -13.82 28.92 4.38
C HIS G 88 -14.49 27.62 3.98
N PHE G 89 -13.81 26.48 4.10
CA PHE G 89 -14.46 25.26 3.65
C PHE G 89 -15.71 24.84 4.44
N LEU G 90 -15.82 25.30 5.68
CA LEU G 90 -16.98 24.98 6.52
C LEU G 90 -18.21 25.84 6.23
N ALA G 91 -18.01 26.95 5.52
CA ALA G 91 -19.13 27.85 5.23
C ALA G 91 -19.96 27.41 4.02
N SER G 92 -20.52 26.22 4.12
CA SER G 92 -21.35 25.62 3.07
C SER G 92 -22.83 25.56 3.45
N GLY G 93 -23.22 26.39 4.41
CA GLY G 93 -24.61 26.40 4.85
C GLY G 93 -25.59 27.01 3.88
N VAL G 94 -26.84 26.55 3.96
CA VAL G 94 -27.91 27.04 3.10
C VAL G 94 -29.20 27.16 3.91
N GLY G 95 -30.24 27.72 3.30
CA GLY G 95 -31.51 27.87 3.98
C GLY G 95 -31.73 29.23 4.63
N PRO G 96 -32.95 29.48 5.13
CA PRO G 96 -33.23 30.76 5.77
C PRO G 96 -32.34 30.97 6.99
N VAL G 97 -31.97 32.22 7.26
CA VAL G 97 -31.11 32.51 8.40
C VAL G 97 -31.84 32.33 9.73
N LEU G 98 -31.07 32.01 10.78
CA LEU G 98 -31.65 31.85 12.10
C LEU G 98 -32.18 33.24 12.46
N ASP G 99 -33.21 33.30 13.30
CA ASP G 99 -33.74 34.61 13.66
C ASP G 99 -32.81 35.36 14.61
N TRP G 100 -33.05 36.66 14.72
CA TRP G 100 -32.24 37.55 15.55
C TRP G 100 -31.93 37.02 16.96
N THR G 101 -32.96 36.69 17.73
CA THR G 101 -32.78 36.20 19.08
C THR G 101 -32.00 34.89 19.11
N THR G 102 -32.36 33.97 18.23
CA THR G 102 -31.68 32.68 18.19
C THR G 102 -30.23 32.78 17.77
N ALA G 103 -29.93 33.60 16.76
CA ALA G 103 -28.56 33.76 16.31
C ALA G 103 -27.73 34.34 17.44
N ARG G 104 -28.30 35.28 18.20
CA ARG G 104 -27.59 35.86 19.32
C ARG G 104 -27.40 34.84 20.44
N ALA G 105 -28.39 33.96 20.62
CA ALA G 105 -28.30 32.92 21.65
C ALA G 105 -27.13 31.99 21.32
N MET G 106 -26.91 31.80 20.02
CA MET G 106 -25.81 30.96 19.54
C MET G 106 -24.47 31.60 19.93
N VAL G 107 -24.35 32.90 19.67
CA VAL G 107 -23.13 33.62 20.01
C VAL G 107 -22.90 33.54 21.53
N LEU G 108 -23.95 33.73 22.31
CA LEU G 108 -23.84 33.66 23.76
C LEU G 108 -23.37 32.28 24.22
N ALA G 109 -23.96 31.22 23.66
CA ALA G 109 -23.56 29.87 24.05
C ALA G 109 -22.09 29.62 23.76
N ARG G 110 -21.59 30.12 22.64
CA ARG G 110 -20.17 29.91 22.34
C ARG G 110 -19.35 30.69 23.39
N LEU G 111 -19.79 31.90 23.72
CA LEU G 111 -19.07 32.70 24.71
C LEU G 111 -19.00 32.01 26.08
N VAL G 112 -20.11 31.47 26.54
CA VAL G 112 -20.12 30.81 27.85
C VAL G 112 -19.15 29.62 27.88
N SER G 113 -19.12 28.86 26.79
CA SER G 113 -18.23 27.70 26.71
C SER G 113 -16.79 28.20 26.80
N ILE G 114 -16.48 29.25 26.05
CA ILE G 114 -15.13 29.83 26.08
C ILE G 114 -14.76 30.39 27.46
N ALA G 115 -15.72 31.05 28.09
CA ALA G 115 -15.50 31.65 29.42
C ALA G 115 -15.06 30.65 30.47
N GLN G 116 -15.28 29.35 30.23
CA GLN G 116 -14.87 28.35 31.20
C GLN G 116 -13.33 28.27 31.31
N GLY G 117 -12.65 28.84 30.31
CA GLY G 117 -11.20 28.86 30.32
C GLY G 117 -10.44 27.60 29.93
N ALA G 118 -10.97 26.85 28.97
CA ALA G 118 -10.32 25.63 28.50
C ALA G 118 -10.22 25.60 26.99
N SER G 119 -10.47 26.74 26.33
CA SER G 119 -10.42 26.83 24.87
C SER G 119 -9.20 27.53 24.28
N GLY G 120 -8.60 28.44 25.05
CA GLY G 120 -7.44 29.15 24.57
C GLY G 120 -7.73 30.40 23.75
N ALA G 121 -8.99 30.83 23.75
CA ALA G 121 -9.40 32.02 23.00
C ALA G 121 -8.73 33.31 23.46
N SER G 122 -8.32 34.13 22.51
CA SER G 122 -7.67 35.40 22.82
C SER G 122 -8.67 36.43 23.35
N GLU G 123 -8.19 37.40 24.14
CA GLU G 123 -9.05 38.44 24.71
C GLU G 123 -9.86 39.14 23.64
N GLY G 124 -9.19 39.50 22.54
CA GLY G 124 -9.87 40.18 21.44
C GLY G 124 -11.06 39.41 20.89
N THR G 125 -10.87 38.10 20.68
CA THR G 125 -11.94 37.26 20.15
C THR G 125 -13.11 37.22 21.13
N ILE G 126 -12.80 37.10 22.41
CA ILE G 126 -13.83 37.08 23.45
C ILE G 126 -14.55 38.43 23.42
N ALA G 127 -13.79 39.51 23.28
CA ALA G 127 -14.36 40.84 23.24
C ALA G 127 -15.33 41.04 22.08
N ARG G 128 -15.04 40.44 20.93
CA ARG G 128 -15.91 40.59 19.78
C ARG G 128 -17.26 39.92 20.06
N LEU G 129 -17.23 38.81 20.78
CA LEU G 129 -18.47 38.10 21.10
C LEU G 129 -19.32 38.94 22.06
N ILE G 130 -18.67 39.52 23.06
CA ILE G 130 -19.34 40.36 24.05
C ILE G 130 -19.92 41.60 23.38
N ASP G 131 -19.13 42.23 22.51
CA ASP G 131 -19.60 43.43 21.82
C ASP G 131 -20.84 43.16 20.98
N LEU G 132 -20.83 42.04 20.26
CA LEU G 132 -21.99 41.68 19.44
C LEU G 132 -23.22 41.58 20.32
N LEU G 133 -23.09 40.90 21.46
CA LEU G 133 -24.21 40.72 22.37
C LEU G 133 -24.69 42.03 23.00
N ASN G 134 -23.77 42.98 23.19
CA ASN G 134 -24.16 44.27 23.77
C ASN G 134 -24.65 45.25 22.71
N SER G 135 -24.65 44.82 21.45
CA SER G 135 -25.13 45.63 20.34
C SER G 135 -26.58 45.24 20.03
N GLU G 136 -27.18 45.89 19.04
CA GLU G 136 -28.57 45.62 18.65
C GLU G 136 -28.61 44.65 17.47
N LEU G 137 -27.46 44.09 17.11
CA LEU G 137 -27.38 43.19 15.96
C LEU G 137 -27.19 41.71 16.27
N ALA G 138 -27.32 40.91 15.21
CA ALA G 138 -27.12 39.48 15.28
C ALA G 138 -26.51 39.07 13.95
N PRO G 139 -25.62 38.06 13.97
CA PRO G 139 -25.05 37.66 12.68
C PRO G 139 -26.13 36.94 11.89
N ALA G 140 -26.08 37.02 10.56
CA ALA G 140 -27.06 36.34 9.72
C ALA G 140 -26.41 35.04 9.26
N VAL G 141 -26.85 33.91 9.81
CA VAL G 141 -26.26 32.63 9.42
C VAL G 141 -27.32 31.65 8.92
N PRO G 142 -26.97 30.88 7.86
CA PRO G 142 -27.91 29.91 7.31
C PRO G 142 -28.27 28.85 8.33
N SER G 143 -29.55 28.46 8.35
CA SER G 143 -30.02 27.48 9.31
C SER G 143 -29.70 26.02 9.02
N ARG G 144 -29.38 25.66 7.78
CA ARG G 144 -29.09 24.26 7.46
C ARG G 144 -27.64 24.02 7.07
N GLY G 145 -27.19 22.78 7.20
CA GLY G 145 -25.82 22.47 6.81
C GLY G 145 -25.00 21.68 7.81
N THR G 146 -25.46 21.62 9.05
CA THR G 146 -24.71 20.90 10.06
C THR G 146 -25.39 19.61 10.55
N VAL G 147 -24.56 18.64 10.95
CA VAL G 147 -25.06 17.36 11.47
C VAL G 147 -25.04 17.33 12.97
N GLY G 148 -24.69 18.48 13.55
CA GLY G 148 -24.65 18.59 15.01
C GLY G 148 -23.56 17.79 15.68
N ASP G 150 -21.73 22.08 15.76
CA ASP G 150 -22.34 22.99 14.80
C ASP G 150 -21.33 23.81 13.98
N LEU G 151 -20.43 23.10 13.31
CA LEU G 151 -19.40 23.74 12.51
C LEU G 151 -19.91 24.78 11.51
N THR G 152 -20.88 24.39 10.68
CA THR G 152 -21.39 25.27 9.63
C THR G 152 -21.97 26.62 10.06
N PRO G 153 -23.04 26.63 10.89
CA PRO G 153 -23.57 27.93 11.27
C PRO G 153 -22.54 28.76 12.01
N LEU G 154 -21.65 28.11 12.79
CA LEU G 154 -20.64 28.84 13.52
C LEU G 154 -19.56 29.42 12.59
N ALA G 155 -19.26 28.72 11.50
CA ALA G 155 -18.28 29.22 10.54
C ALA G 155 -18.86 30.48 9.90
N HIS G 156 -20.15 30.44 9.58
CA HIS G 156 -20.81 31.60 8.98
C HIS G 156 -20.80 32.76 9.98
N MET G 157 -20.94 32.44 11.26
CA MET G 157 -20.92 33.45 12.33
C MET G 157 -19.56 34.15 12.32
N VAL G 158 -18.50 33.37 12.14
CA VAL G 158 -17.15 33.93 12.11
C VAL G 158 -16.97 34.89 10.96
N LEU G 159 -17.46 34.49 9.77
CA LEU G 159 -17.35 35.35 8.60
C LEU G 159 -18.10 36.65 8.87
N CYS G 160 -19.28 36.51 9.47
CA CYS G 160 -20.09 37.66 9.79
C CYS G 160 -19.31 38.63 10.70
N LEU G 161 -18.71 38.09 11.75
CA LEU G 161 -17.97 38.91 12.70
C LEU G 161 -16.68 39.51 12.14
N GLN G 162 -16.23 39.02 10.99
CA GLN G 162 -15.03 39.60 10.37
C GLN G 162 -15.50 40.70 9.43
N GLY G 163 -16.81 40.83 9.29
CA GLY G 163 -17.36 41.82 8.38
C GLY G 163 -17.47 41.25 6.97
N ARG G 164 -17.42 39.93 6.87
CA ARG G 164 -17.51 39.22 5.59
C ARG G 164 -18.81 38.43 5.47
N GLY G 165 -19.78 38.75 6.31
CA GLY G 165 -21.06 38.07 6.28
C GLY G 165 -22.12 39.08 6.71
N ASP G 166 -23.38 38.84 6.36
CA ASP G 166 -24.47 39.75 6.71
C ASP G 166 -24.82 39.76 8.20
N PHE G 167 -25.56 40.79 8.59
CA PHE G 167 -26.04 40.94 9.97
C PHE G 167 -27.54 41.18 9.91
N LEU G 168 -28.22 40.95 11.02
CA LEU G 168 -29.66 41.16 11.11
C LEU G 168 -29.92 42.17 12.22
N ASP G 169 -30.87 43.07 11.99
CA ASP G 169 -31.25 44.02 13.02
C ASP G 169 -32.44 43.32 13.68
N ARG G 170 -32.91 43.85 14.79
CA ARG G 170 -34.03 43.24 15.51
C ARG G 170 -35.26 42.92 14.66
N ASP G 171 -35.47 43.67 13.57
CA ASP G 171 -36.62 43.44 12.70
C ASP G 171 -36.38 42.41 11.61
N GLY G 172 -35.18 41.86 11.55
CA GLY G 172 -34.88 40.87 10.53
C GLY G 172 -34.30 41.50 9.29
N THR G 173 -34.12 42.82 9.32
CA THR G 173 -33.56 43.52 8.16
C THR G 173 -32.10 43.13 8.02
N ARG G 174 -31.72 42.71 6.82
CA ARG G 174 -30.34 42.29 6.53
C ARG G 174 -29.44 43.49 6.22
N LEU G 175 -28.21 43.43 6.73
CA LEU G 175 -27.20 44.46 6.50
C LEU G 175 -25.96 43.73 6.00
N ASP G 176 -25.20 44.30 5.08
CA ASP G 176 -24.00 43.60 4.65
C ASP G 176 -22.96 43.70 5.77
N GLY G 177 -21.88 42.94 5.64
CA GLY G 177 -20.84 42.92 6.66
C GLY G 177 -20.28 44.25 7.10
N ALA G 178 -19.85 45.06 6.13
CA ALA G 178 -19.28 46.36 6.45
C ALA G 178 -20.25 47.24 7.21
N GLU G 179 -21.50 47.28 6.76
CA GLU G 179 -22.51 48.10 7.40
C GLU G 179 -22.85 47.58 8.78
N GLY G 180 -22.80 46.26 8.94
CA GLY G 180 -23.09 45.68 10.24
C GLY G 180 -22.06 46.14 11.26
N LEU G 181 -20.77 46.06 10.89
CA LEU G 181 -19.71 46.48 11.78
C LEU G 181 -19.85 47.94 12.17
N ARG G 182 -20.24 48.79 11.22
CA ARG G 182 -20.41 50.21 11.50
C ARG G 182 -21.62 50.42 12.42
N ARG G 183 -22.76 49.89 11.98
CA ARG G 183 -24.03 49.98 12.71
C ARG G 183 -23.95 49.52 14.16
N GLY G 184 -23.26 48.41 14.39
CA GLY G 184 -23.16 47.92 15.75
C GLY G 184 -21.94 48.40 16.50
N ARG G 185 -21.12 49.24 15.85
CA ARG G 185 -19.90 49.76 16.45
C ARG G 185 -19.07 48.57 16.95
N LEU G 186 -18.77 47.68 16.01
CA LEU G 186 -18.01 46.47 16.29
C LEU G 186 -16.67 46.53 15.57
N GLN G 187 -15.70 45.81 16.12
CA GLN G 187 -14.38 45.75 15.52
C GLN G 187 -14.34 44.43 14.78
N PRO G 188 -13.69 44.38 13.61
CA PRO G 188 -13.62 43.11 12.88
C PRO G 188 -12.86 42.07 13.70
N LEU G 189 -13.30 40.83 13.59
CA LEU G 189 -12.68 39.73 14.31
C LEU G 189 -11.27 39.53 13.75
N ASP G 190 -10.30 39.36 14.64
CA ASP G 190 -8.90 39.15 14.26
C ASP G 190 -8.47 37.85 14.91
N LEU G 191 -8.60 36.75 14.17
CA LEU G 191 -8.27 35.44 14.70
C LEU G 191 -6.82 35.13 14.92
N SER G 192 -6.53 34.59 16.10
CA SER G 192 -5.18 34.22 16.48
C SER G 192 -5.13 32.77 16.94
N HIS G 193 -3.98 32.14 16.79
CA HIS G 193 -3.80 30.76 17.22
C HIS G 193 -4.97 29.86 16.80
N ARG G 194 -5.70 29.23 17.73
CA ARG G 194 -6.82 28.37 17.32
C ARG G 194 -8.23 28.96 17.49
N ASP G 195 -8.34 30.29 17.55
CA ASP G 195 -9.64 30.93 17.73
C ASP G 195 -10.65 30.39 16.72
N ALA G 196 -10.19 30.19 15.49
CA ALA G 196 -11.06 29.66 14.45
C ALA G 196 -11.72 28.39 14.94
N LEU G 197 -10.91 27.40 15.31
CA LEU G 197 -11.46 26.12 15.77
C LEU G 197 -12.34 26.27 17.02
N ALA G 198 -11.87 27.07 17.99
CA ALA G 198 -12.61 27.30 19.22
C ALA G 198 -14.01 27.84 18.94
N LEU G 199 -14.08 28.84 18.06
CA LEU G 199 -15.34 29.47 17.71
C LEU G 199 -16.26 28.55 16.92
N VAL G 200 -15.70 27.49 16.36
CA VAL G 200 -16.47 26.59 15.52
C VAL G 200 -16.79 25.15 16.00
N ASN G 201 -15.99 24.60 16.92
CA ASN G 201 -16.17 23.22 17.34
C ASN G 201 -16.99 22.92 18.60
N GLY G 202 -18.24 23.38 18.61
CA GLY G 202 -19.10 23.13 19.75
C GLY G 202 -20.56 22.94 19.35
N THR G 203 -21.44 22.87 20.35
CA THR G 203 -22.88 22.68 20.13
C THR G 203 -23.62 24.00 20.37
N SER G 204 -22.95 25.11 20.11
CA SER G 204 -23.55 26.42 20.36
C SER G 204 -24.80 26.81 19.56
N ALA G 205 -24.93 26.33 18.33
CA ALA G 205 -26.11 26.66 17.54
C ALA G 205 -27.35 25.94 18.08
N MET G 206 -27.23 24.63 18.28
CA MET G 206 -28.36 23.87 18.79
C MET G 206 -28.71 24.33 20.20
N THR G 207 -27.69 24.69 20.98
CA THR G 207 -27.94 25.15 22.35
C THR G 207 -28.71 26.48 22.30
N GLY G 208 -28.28 27.37 21.41
CA GLY G 208 -28.95 28.65 21.29
C GLY G 208 -30.40 28.49 20.86
N ILE G 209 -30.64 27.63 19.89
CA ILE G 209 -32.00 27.37 19.41
C ILE G 209 -32.82 26.80 20.56
N ALA G 210 -32.24 25.84 21.29
CA ALA G 210 -32.94 25.20 22.40
C ALA G 210 -33.27 26.15 23.55
N LEU G 211 -32.38 27.10 23.84
CA LEU G 211 -32.69 28.02 24.93
C LEU G 211 -33.84 28.96 24.55
N VAL G 212 -33.97 29.27 23.27
CA VAL G 212 -35.07 30.13 22.83
C VAL G 212 -36.34 29.25 22.90
N ASN G 213 -36.21 27.97 22.56
CA ASN G 213 -37.37 27.06 22.64
C ASN G 213 -37.84 26.96 24.10
N ALA G 214 -36.88 26.86 25.02
CA ALA G 214 -37.21 26.75 26.44
C ALA G 214 -38.00 27.95 26.93
N HIS G 215 -37.58 29.14 26.53
CA HIS G 215 -38.26 30.36 26.95
C HIS G 215 -39.66 30.46 26.36
N ALA G 216 -39.81 30.14 25.08
CA ALA G 216 -41.11 30.20 24.42
C ALA G 216 -42.06 29.16 25.05
N CYS G 217 -41.55 27.96 25.32
CA CYS G 217 -42.41 26.95 25.90
C CYS G 217 -42.94 27.34 27.28
N ARG G 218 -42.14 28.07 28.05
CA ARG G 218 -42.58 28.49 29.36
C ARG G 218 -43.80 29.40 29.21
N HIS G 219 -43.71 30.35 28.27
CA HIS G 219 -44.83 31.27 28.04
C HIS G 219 -46.06 30.55 27.48
N LEU G 220 -45.86 29.70 26.48
CA LEU G 220 -46.99 28.99 25.91
C LEU G 220 -47.63 28.06 26.95
N GLY G 221 -46.81 27.51 27.84
CA GLY G 221 -47.34 26.65 28.87
C GLY G 221 -48.25 27.44 29.80
N ASN G 222 -47.86 28.69 30.08
CA ASN G 222 -48.66 29.54 30.94
C ASN G 222 -49.98 29.87 30.26
N TRP G 223 -49.95 29.98 28.92
CA TRP G 223 -51.17 30.26 28.18
C TRP G 223 -52.06 29.01 28.11
N ALA G 224 -51.43 27.84 28.03
CA ALA G 224 -52.19 26.60 27.96
C ALA G 224 -53.01 26.45 29.23
N VAL G 225 -52.41 26.83 30.35
CA VAL G 225 -53.06 26.77 31.64
C VAL G 225 -54.14 27.84 31.77
N ALA G 226 -53.80 29.06 31.39
CA ALA G 226 -54.74 30.19 31.45
C ALA G 226 -55.96 29.96 30.60
N LEU G 227 -55.77 29.39 29.41
CA LEU G 227 -56.88 29.14 28.51
C LEU G 227 -57.70 27.93 28.94
N THR G 228 -57.04 26.91 29.49
CA THR G 228 -57.77 25.74 29.97
C THR G 228 -58.66 26.24 31.11
N ALA G 229 -58.13 27.14 31.94
CA ALA G 229 -58.88 27.69 33.05
C ALA G 229 -60.08 28.50 32.55
N LEU G 230 -59.87 29.32 31.54
CA LEU G 230 -60.95 30.14 30.99
C LEU G 230 -62.00 29.25 30.30
N LEU G 231 -61.55 28.15 29.72
CA LEU G 231 -62.47 27.22 29.06
C LEU G 231 -63.43 26.65 30.10
N ALA G 232 -62.91 26.36 31.29
CA ALA G 232 -63.73 25.84 32.37
C ALA G 232 -64.78 26.89 32.78
N GLU G 233 -64.42 28.17 32.69
CA GLU G 233 -65.36 29.21 33.04
C GLU G 233 -66.44 29.38 31.97
N CYS G 234 -66.14 29.00 30.74
CA CYS G 234 -67.09 29.11 29.64
C CYS G 234 -67.98 27.89 29.48
N LEU G 235 -67.55 26.76 30.04
CA LEU G 235 -68.32 25.53 29.91
C LEU G 235 -68.76 24.93 31.26
N ARG G 236 -68.75 25.75 32.32
CA ARG G 236 -69.14 25.28 33.65
C ARG G 236 -68.34 24.04 34.07
N GLY G 237 -67.03 24.08 33.87
CA GLY G 237 -66.17 22.97 34.22
C GLY G 237 -66.08 22.71 35.71
N ARG G 238 -65.81 21.46 36.08
CA ARG G 238 -65.72 21.05 37.47
C ARG G 238 -64.30 21.16 38.03
N THR G 239 -64.15 21.95 39.09
CA THR G 239 -62.83 22.13 39.69
C THR G 239 -62.38 20.97 40.59
N GLU G 240 -63.28 20.06 40.97
CA GLU G 240 -62.83 18.97 41.81
C GLU G 240 -61.77 18.11 41.12
N ALA G 241 -61.81 18.05 39.79
CA ALA G 241 -60.80 17.28 39.04
C ALA G 241 -59.41 17.90 39.20
N TRP G 242 -59.36 19.17 39.61
CA TRP G 242 -58.08 19.85 39.77
C TRP G 242 -57.66 19.95 41.23
N ALA G 243 -58.37 19.25 42.10
CA ALA G 243 -58.07 19.25 43.54
C ALA G 243 -56.63 18.85 43.86
N ALA G 244 -56.03 19.51 44.84
CA ALA G 244 -54.66 19.20 45.25
C ALA G 244 -54.54 17.76 45.73
N ALA G 245 -55.60 17.23 46.34
CA ALA G 245 -55.56 15.87 46.84
C ALA G 245 -55.23 14.85 45.74
N LEU G 246 -55.77 15.07 44.54
CA LEU G 246 -55.52 14.18 43.42
C LEU G 246 -54.05 14.21 43.03
N SER G 247 -53.44 15.40 43.09
CA SER G 247 -52.03 15.57 42.76
C SER G 247 -51.18 14.81 43.75
N ASP G 248 -51.52 14.92 45.04
CA ASP G 248 -50.78 14.25 46.09
C ASP G 248 -50.74 12.75 45.90
N LEU G 249 -51.83 12.20 45.35
CA LEU G 249 -51.93 10.76 45.12
C LEU G 249 -51.10 10.29 43.93
N ARG G 250 -50.81 11.21 43.01
CA ARG G 250 -49.99 10.92 41.85
C ARG G 250 -49.04 12.10 41.72
N PRO G 251 -48.08 12.21 42.66
CA PRO G 251 -47.07 13.25 42.79
C PRO G 251 -46.05 13.58 41.70
N HIS G 252 -46.46 13.58 40.45
CA HIS G 252 -45.54 13.99 39.39
C HIS G 252 -45.44 15.51 39.59
N PRO G 253 -44.21 16.04 39.72
CA PRO G 253 -44.07 17.49 39.93
C PRO G 253 -44.86 18.36 38.95
N GLY G 254 -44.77 18.01 37.66
CA GLY G 254 -45.47 18.78 36.64
C GLY G 254 -46.97 18.80 36.80
N GLN G 255 -47.53 17.69 37.25
CA GLN G 255 -48.97 17.58 37.43
C GLN G 255 -49.42 18.41 38.63
N LYS G 256 -48.68 18.29 39.73
CA LYS G 256 -49.00 19.05 40.94
C LYS G 256 -49.00 20.54 40.63
N ASP G 257 -48.00 20.97 39.86
CA ASP G 257 -47.85 22.37 39.48
C ASP G 257 -48.97 22.82 38.53
N ALA G 258 -49.28 22.00 37.54
CA ALA G 258 -50.36 22.34 36.60
C ALA G 258 -51.70 22.50 37.32
N ALA G 259 -52.03 21.54 38.18
CA ALA G 259 -53.29 21.59 38.92
C ALA G 259 -53.36 22.83 39.80
N ALA G 260 -52.26 23.13 40.50
CA ALA G 260 -52.21 24.28 41.38
C ALA G 260 -52.40 25.59 40.60
N ARG G 261 -51.76 25.66 39.42
CA ARG G 261 -51.85 26.85 38.59
C ARG G 261 -53.26 26.98 38.01
N LEU G 262 -53.89 25.84 37.72
CA LEU G 262 -55.25 25.85 37.19
C LEU G 262 -56.22 26.35 38.26
N ARG G 263 -56.03 25.87 39.50
CA ARG G 263 -56.88 26.29 40.59
C ARG G 263 -56.73 27.79 40.80
N ALA G 264 -55.50 28.28 40.73
CA ALA G 264 -55.23 29.70 40.94
C ALA G 264 -55.89 30.58 39.87
N ARG G 265 -55.90 30.11 38.62
CA ARG G 265 -56.51 30.88 37.54
C ARG G 265 -58.02 31.08 37.72
N VAL G 266 -58.70 30.08 38.27
CA VAL G 266 -60.14 30.20 38.46
C VAL G 266 -60.58 30.67 39.85
N ASP G 267 -59.62 31.02 40.70
CA ASP G 267 -59.96 31.49 42.04
C ASP G 267 -60.85 32.73 41.90
N GLY G 268 -61.96 32.73 42.63
CA GLY G 268 -62.87 33.87 42.57
C GLY G 268 -63.92 33.78 41.48
N SER G 269 -63.85 32.72 40.68
CA SER G 269 -64.81 32.53 39.60
C SER G 269 -66.14 32.04 40.17
N ALA G 270 -67.23 32.47 39.57
CA ALA G 270 -68.56 32.04 39.99
C ALA G 270 -69.14 31.22 38.85
N ARG G 271 -68.35 31.02 37.81
CA ARG G 271 -68.77 30.27 36.62
C ARG G 271 -68.35 28.80 36.58
N VAL G 272 -67.49 28.39 37.50
CA VAL G 272 -67.06 26.99 37.54
C VAL G 272 -67.83 26.26 38.62
N VAL G 273 -67.94 24.94 38.48
CA VAL G 273 -68.65 24.12 39.45
C VAL G 273 -67.63 23.69 40.48
N ARG G 274 -67.89 23.99 41.75
CA ARG G 274 -66.95 23.63 42.81
C ARG G 274 -67.39 22.48 43.70
N HIS G 275 -68.65 22.08 43.56
CA HIS G 275 -69.18 20.98 44.36
C HIS G 275 -68.51 19.65 44.07
N VAL G 276 -68.24 18.89 45.11
CA VAL G 276 -67.68 17.56 44.94
C VAL G 276 -68.97 16.75 44.75
N ILE G 277 -69.09 16.00 43.66
CA ILE G 277 -70.32 15.25 43.42
C ILE G 277 -70.65 14.17 44.43
N ALA G 278 -69.62 13.58 45.02
CA ALA G 278 -69.81 12.50 45.99
C ALA G 278 -70.47 12.94 47.30
N GLU G 279 -70.53 14.24 47.53
CA GLU G 279 -71.16 14.74 48.74
C GLU G 279 -72.68 14.51 48.68
N ARG G 280 -73.20 14.43 47.46
CA ARG G 280 -74.62 14.22 47.24
C ARG G 280 -75.05 12.77 47.54
N ARG G 281 -76.13 12.62 48.29
CA ARG G 281 -76.66 11.29 48.61
C ARG G 281 -77.89 11.08 47.73
N LEU G 282 -77.92 9.99 46.97
CA LEU G 282 -79.03 9.71 46.06
C LEU G 282 -80.19 8.97 46.70
N ASP G 283 -81.40 9.32 46.27
CA ASP G 283 -82.61 8.66 46.76
C ASP G 283 -83.22 7.91 45.57
N ALA G 284 -84.06 6.92 45.84
CA ALA G 284 -84.68 6.15 44.76
C ALA G 284 -85.27 7.05 43.67
N GLY G 285 -85.94 8.12 44.08
CA GLY G 285 -86.54 9.02 43.12
C GLY G 285 -85.56 9.67 42.17
N ASP G 286 -84.30 9.76 42.56
CA ASP G 286 -83.28 10.38 41.72
C ASP G 286 -82.80 9.49 40.57
N ILE G 287 -82.97 8.18 40.72
CA ILE G 287 -82.51 7.22 39.72
C ILE G 287 -83.16 7.37 38.34
N GLY G 288 -82.30 7.62 37.35
CA GLY G 288 -82.75 7.78 35.98
C GLY G 288 -81.66 8.50 35.20
N THR G 289 -82.03 9.12 34.09
CA THR G 289 -81.05 9.83 33.27
C THR G 289 -81.02 11.32 33.59
N GLU G 290 -79.87 11.80 34.05
CA GLU G 290 -79.72 13.21 34.39
C GLU G 290 -79.25 13.99 33.16
N PRO G 291 -79.46 15.32 33.16
CA PRO G 291 -79.05 16.20 32.06
C PRO G 291 -77.58 16.13 31.70
N GLU G 292 -76.70 16.11 32.70
CA GLU G 292 -75.26 16.05 32.45
C GLU G 292 -74.59 15.00 33.34
N ALA G 293 -73.45 14.50 32.89
CA ALA G 293 -72.70 13.52 33.66
C ALA G 293 -71.99 14.24 34.81
N GLY G 294 -71.65 13.50 35.85
CA GLY G 294 -70.99 14.07 37.00
C GLY G 294 -69.53 14.45 36.81
N GLN G 295 -68.97 14.17 35.63
CA GLN G 295 -67.57 14.49 35.33
C GLN G 295 -67.45 15.11 33.94
N ASP G 296 -66.43 15.94 33.74
CA ASP G 296 -66.22 16.56 32.43
C ASP G 296 -65.46 15.63 31.51
N ALA G 297 -65.43 15.98 30.22
CA ALA G 297 -64.68 15.22 29.23
C ALA G 297 -63.21 15.45 29.58
N TYR G 298 -62.32 14.65 28.97
CA TYR G 298 -60.90 14.72 29.26
C TYR G 298 -60.18 16.04 29.00
N SER G 299 -60.60 16.79 27.99
CA SER G 299 -59.93 18.06 27.67
C SER G 299 -59.96 19.06 28.82
N LEU G 300 -60.78 18.78 29.84
CA LEU G 300 -60.84 19.62 31.02
C LEU G 300 -60.42 18.81 32.24
N ARG G 301 -61.06 17.66 32.45
CA ARG G 301 -60.77 16.81 33.59
C ARG G 301 -59.34 16.28 33.67
N CYS G 302 -58.75 15.96 32.53
CA CYS G 302 -57.39 15.42 32.50
C CYS G 302 -56.30 16.44 32.17
N ALA G 303 -56.63 17.72 32.25
CA ALA G 303 -55.66 18.78 31.97
C ALA G 303 -54.41 18.72 32.83
N PRO G 304 -54.57 18.50 34.15
CA PRO G 304 -53.40 18.44 35.04
C PRO G 304 -52.41 17.35 34.61
N GLN G 305 -52.93 16.19 34.23
CA GLN G 305 -52.13 15.06 33.81
C GLN G 305 -51.44 15.28 32.46
N VAL G 306 -52.17 15.82 31.49
CA VAL G 306 -51.59 16.08 30.17
C VAL G 306 -50.62 17.25 30.21
N LEU G 307 -51.07 18.39 30.73
CA LEU G 307 -50.18 19.55 30.84
C LEU G 307 -48.98 19.20 31.72
N GLY G 308 -49.25 18.48 32.82
CA GLY G 308 -48.21 18.09 33.73
C GLY G 308 -47.10 17.26 33.11
N ALA G 309 -47.46 16.34 32.22
CA ALA G 309 -46.48 15.50 31.54
C ALA G 309 -45.62 16.37 30.62
N GLY G 310 -46.26 17.34 29.99
CA GLY G 310 -45.52 18.24 29.11
C GLY G 310 -44.56 19.09 29.91
N PHE G 311 -45.01 19.56 31.08
CA PHE G 311 -44.15 20.39 31.93
C PHE G 311 -42.97 19.59 32.47
N ASP G 312 -43.18 18.31 32.77
CA ASP G 312 -42.07 17.51 33.25
C ASP G 312 -41.06 17.25 32.13
N THR G 313 -41.53 17.22 30.89
CA THR G 313 -40.60 17.01 29.77
C THR G 313 -39.78 18.29 29.64
N LEU G 314 -40.44 19.44 29.76
CA LEU G 314 -39.74 20.72 29.67
C LEU G 314 -38.71 20.85 30.80
N ALA G 315 -39.07 20.38 32.00
CA ALA G 315 -38.15 20.47 33.13
C ALA G 315 -36.88 19.67 32.84
N TRP G 316 -37.04 18.50 32.22
CA TRP G 316 -35.90 17.66 31.89
C TRP G 316 -35.07 18.34 30.81
N HIS G 317 -35.74 18.83 29.77
CA HIS G 317 -35.09 19.54 28.68
C HIS G 317 -34.26 20.69 29.27
N ASP G 318 -34.86 21.46 30.18
CA ASP G 318 -34.16 22.58 30.80
C ASP G 318 -32.99 22.19 31.72
N ARG G 319 -33.11 21.06 32.42
CA ARG G 319 -32.03 20.59 33.29
C ARG G 319 -30.83 20.24 32.42
N VAL G 320 -31.10 19.51 31.33
CA VAL G 320 -30.03 19.11 30.42
C VAL G 320 -29.44 20.32 29.70
N LEU G 321 -30.30 21.24 29.28
CA LEU G 321 -29.82 22.44 28.56
C LEU G 321 -28.97 23.33 29.46
N THR G 322 -29.34 23.45 30.73
CA THR G 322 -28.57 24.29 31.65
C THR G 322 -27.14 23.74 31.78
N ILE G 323 -27.01 22.42 31.83
CA ILE G 323 -25.68 21.82 31.92
C ILE G 323 -24.92 22.10 30.61
N GLU G 324 -25.57 21.86 29.47
CA GLU G 324 -24.93 22.06 28.16
C GLU G 324 -24.48 23.50 27.92
N LEU G 325 -25.33 24.45 28.28
CA LEU G 325 -25.02 25.86 28.10
C LEU G 325 -23.75 26.27 28.85
N ASN G 326 -23.58 25.72 30.05
CA ASN G 326 -22.45 26.04 30.90
C ASN G 326 -21.26 25.09 30.82
N ALA G 327 -21.27 24.20 29.85
CA ALA G 327 -20.20 23.24 29.65
C ALA G 327 -19.24 23.70 28.55
N VAL G 328 -18.10 23.04 28.49
CA VAL G 328 -17.13 23.32 27.46
C VAL G 328 -17.42 22.32 26.35
N THR G 329 -17.94 22.81 25.22
CA THR G 329 -18.22 21.92 24.09
C THR G 329 -17.22 22.39 23.05
N ASP G 330 -16.05 21.78 23.07
CA ASP G 330 -14.96 22.12 22.18
C ASP G 330 -14.04 20.93 22.10
N ASN G 331 -13.21 20.92 21.06
CA ASN G 331 -12.20 19.89 20.91
C ASN G 331 -11.11 20.47 20.00
N PRO G 332 -9.85 20.37 20.42
CA PRO G 332 -9.44 19.77 21.67
C PRO G 332 -9.69 20.76 22.83
N VAL G 333 -9.37 20.37 24.06
CA VAL G 333 -9.54 21.28 25.15
C VAL G 333 -8.21 21.38 25.91
N PHE G 334 -8.00 22.48 26.62
CA PHE G 334 -6.76 22.72 27.35
C PHE G 334 -7.09 22.83 28.83
N PRO G 335 -6.87 21.74 29.58
CA PRO G 335 -7.11 21.60 31.01
C PRO G 335 -6.52 22.73 31.84
N PRO G 336 -7.39 23.51 32.50
CA PRO G 336 -6.97 24.64 33.34
C PRO G 336 -5.96 24.26 34.42
N ASP G 337 -6.02 23.02 34.90
CA ASP G 337 -5.10 22.55 35.94
C ASP G 337 -3.71 22.24 35.41
N GLY G 338 -3.53 22.35 34.10
CA GLY G 338 -2.24 22.10 33.50
C GLY G 338 -1.74 20.67 33.58
N SER G 339 -2.63 19.72 33.85
CA SER G 339 -2.26 18.32 33.95
C SER G 339 -1.61 17.80 32.67
N VAL G 340 -2.22 18.10 31.53
CA VAL G 340 -1.70 17.71 30.22
C VAL G 340 -1.83 18.95 29.35
N PRO G 341 -1.05 19.04 28.26
CA PRO G 341 -1.13 20.21 27.39
C PRO G 341 -2.50 20.35 26.73
N ALA G 342 -3.09 19.20 26.39
CA ALA G 342 -4.41 19.18 25.76
C ALA G 342 -5.02 17.79 25.78
N LEU G 343 -6.32 17.74 25.57
CA LEU G 343 -7.09 16.49 25.52
C LEU G 343 -7.91 16.49 24.24
N HIS G 344 -7.95 15.35 23.55
CA HIS G 344 -8.73 15.20 22.33
C HIS G 344 -9.87 14.24 22.61
N GLY G 345 -11.10 14.70 22.39
CA GLY G 345 -12.26 13.87 22.65
C GLY G 345 -13.44 14.25 21.78
N GLY G 346 -14.65 14.13 22.30
CA GLY G 346 -15.82 14.45 21.51
C GLY G 346 -16.88 15.28 22.20
N ASN G 347 -16.48 16.31 22.95
CA ASN G 347 -17.45 17.15 23.65
C ASN G 347 -18.30 18.02 22.74
N PHE G 348 -18.08 17.93 21.42
CA PHE G 348 -18.84 18.70 20.44
C PHE G 348 -20.05 17.87 19.97
N MET G 349 -20.12 16.61 20.40
CA MET G 349 -21.22 15.73 20.00
C MET G 349 -22.51 16.14 20.74
N GLY G 350 -23.43 16.76 20.01
CA GLY G 350 -24.66 17.24 20.62
C GLY G 350 -25.80 16.25 20.81
N GLN G 351 -25.49 15.04 21.27
CA GLN G 351 -26.54 14.05 21.47
C GLN G 351 -27.55 14.41 22.56
N HIS G 352 -27.08 15.11 23.60
CA HIS G 352 -27.98 15.50 24.69
C HIS G 352 -29.07 16.47 24.25
N VAL G 353 -28.70 17.52 23.52
CA VAL G 353 -29.68 18.49 23.05
C VAL G 353 -30.55 17.85 21.96
N ALA G 354 -30.00 16.91 21.21
CA ALA G 354 -30.76 16.26 20.17
C ALA G 354 -31.90 15.44 20.79
N LEU G 355 -31.59 14.66 21.82
CA LEU G 355 -32.61 13.84 22.46
C LEU G 355 -33.63 14.66 23.26
N THR G 356 -33.17 15.70 23.94
CA THR G 356 -34.13 16.50 24.72
C THR G 356 -34.99 17.34 23.79
N SER G 357 -34.43 17.77 22.66
CA SER G 357 -35.21 18.56 21.70
C SER G 357 -36.29 17.68 21.10
N ASP G 358 -35.93 16.45 20.73
CA ASP G 358 -36.90 15.53 20.15
C ASP G 358 -38.01 15.21 21.16
N ALA G 359 -37.65 15.06 22.43
CA ALA G 359 -38.65 14.75 23.46
C ALA G 359 -39.59 15.95 23.66
N LEU G 360 -39.02 17.15 23.69
CA LEU G 360 -39.84 18.34 23.86
C LEU G 360 -40.78 18.53 22.66
N ALA G 361 -40.31 18.19 21.46
CA ALA G 361 -41.12 18.35 20.26
C ALA G 361 -42.38 17.49 20.39
N THR G 362 -42.20 16.27 20.87
CA THR G 362 -43.33 15.36 21.06
C THR G 362 -44.31 15.93 22.10
N ALA G 363 -43.79 16.44 23.22
CA ALA G 363 -44.62 17.02 24.26
C ALA G 363 -45.44 18.20 23.71
N VAL G 364 -44.79 19.05 22.91
CA VAL G 364 -45.46 20.21 22.31
C VAL G 364 -46.62 19.76 21.41
N THR G 365 -46.36 18.74 20.61
CA THR G 365 -47.38 18.23 19.71
C THR G 365 -48.55 17.67 20.50
N VAL G 366 -48.25 17.07 21.66
CA VAL G 366 -49.30 16.54 22.51
C VAL G 366 -50.12 17.68 23.13
N LEU G 367 -49.43 18.69 23.65
CA LEU G 367 -50.15 19.83 24.24
C LEU G 367 -50.92 20.63 23.19
N ALA G 368 -50.40 20.70 21.96
CA ALA G 368 -51.10 21.41 20.90
C ALA G 368 -52.36 20.62 20.57
N GLY G 369 -52.25 19.30 20.67
CA GLY G 369 -53.38 18.44 20.41
C GLY G 369 -54.48 18.71 21.41
N LEU G 370 -54.09 18.96 22.66
CA LEU G 370 -55.07 19.25 23.71
C LEU G 370 -55.80 20.57 23.39
N ALA G 371 -55.04 21.59 22.97
CA ALA G 371 -55.66 22.88 22.65
C ALA G 371 -56.60 22.75 21.45
N GLU G 372 -56.19 21.96 20.46
CA GLU G 372 -57.01 21.78 19.27
C GLU G 372 -58.34 21.12 19.63
N ARG G 373 -58.31 20.15 20.54
CA ARG G 373 -59.55 19.48 20.95
C ARG G 373 -60.40 20.41 21.82
N GLN G 374 -59.76 21.33 22.53
CA GLN G 374 -60.50 22.27 23.38
C GLN G 374 -61.24 23.23 22.47
N ILE G 375 -60.62 23.60 21.35
CA ILE G 375 -61.27 24.49 20.39
C ILE G 375 -62.42 23.74 19.74
N ALA G 376 -62.18 22.47 19.38
CA ALA G 376 -63.20 21.65 18.74
C ALA G 376 -64.41 21.46 19.64
N ARG G 377 -64.19 21.42 20.95
CA ARG G 377 -65.30 21.24 21.88
C ARG G 377 -66.05 22.55 22.10
N LEU G 378 -65.31 23.63 22.27
CA LEU G 378 -65.91 24.94 22.50
C LEU G 378 -66.79 25.43 21.35
N THR G 379 -66.40 25.09 20.13
CA THR G 379 -67.12 25.55 18.94
C THR G 379 -68.23 24.62 18.44
N ASP G 380 -68.39 23.47 19.08
CA ASP G 380 -69.40 22.50 18.69
C ASP G 380 -70.70 22.74 19.48
N GLU G 381 -71.73 23.22 18.80
CA GLU G 381 -72.99 23.51 19.46
C GLU G 381 -73.59 22.28 20.17
N ARG G 382 -73.14 21.09 19.79
CA ARG G 382 -73.64 19.88 20.44
C ARG G 382 -72.86 19.57 21.72
N LEU G 383 -71.68 20.16 21.84
CA LEU G 383 -70.84 19.92 23.00
C LEU G 383 -70.59 21.14 23.89
N ASN G 384 -70.82 22.35 23.37
CA ASN G 384 -70.55 23.56 24.14
C ASN G 384 -71.61 24.07 25.12
N ARG G 385 -72.54 23.20 25.48
CA ARG G 385 -73.57 23.55 26.44
C ARG G 385 -74.34 24.87 26.27
N GLY G 386 -74.96 25.06 25.11
CA GLY G 386 -75.74 26.27 24.92
C GLY G 386 -75.13 27.44 24.19
N LEU G 387 -73.84 27.40 23.91
CA LEU G 387 -73.21 28.50 23.18
C LEU G 387 -73.54 28.38 21.70
N PRO G 388 -73.49 29.50 20.97
CA PRO G 388 -73.79 29.50 19.54
C PRO G 388 -72.80 28.62 18.79
N PRO G 389 -73.24 28.03 17.67
CA PRO G 389 -72.33 27.17 16.89
C PRO G 389 -71.17 28.02 16.37
N PHE G 390 -69.95 27.58 16.69
CA PHE G 390 -68.75 28.30 16.27
C PHE G 390 -68.67 29.71 16.85
N LEU G 391 -69.39 29.92 17.95
CA LEU G 391 -69.39 31.19 18.66
C LEU G 391 -69.66 32.41 17.78
N HIS G 392 -70.56 32.27 16.81
CA HIS G 392 -70.86 33.39 15.93
C HIS G 392 -71.82 34.39 16.58
N ARG G 393 -71.85 35.59 16.03
CA ARG G 393 -72.78 36.63 16.50
C ARG G 393 -73.56 37.05 15.26
N GLY G 394 -74.74 37.62 15.46
CA GLY G 394 -75.56 38.01 14.31
C GLY G 394 -76.38 36.80 13.87
N PRO G 395 -77.06 36.88 12.72
CA PRO G 395 -77.88 35.75 12.24
C PRO G 395 -77.09 34.49 11.87
N ALA G 396 -77.52 33.35 12.40
CA ALA G 396 -76.87 32.07 12.12
C ALA G 396 -77.03 31.74 10.64
N GLY G 397 -76.04 31.04 10.08
CA GLY G 397 -76.09 30.71 8.66
C GLY G 397 -75.42 31.81 7.88
N LEU G 398 -75.94 33.03 8.01
CA LEU G 398 -75.34 34.18 7.33
C LEU G 398 -73.97 34.39 7.93
N ASN G 399 -73.86 34.10 9.23
CA ASN G 399 -72.59 34.23 9.95
C ASN G 399 -72.15 32.86 10.44
N SER G 400 -70.86 32.59 10.29
CA SER G 400 -70.31 31.30 10.69
C SER G 400 -69.27 31.43 11.80
N GLY G 401 -69.05 32.66 12.25
CA GLY G 401 -68.10 32.91 13.31
C GLY G 401 -66.70 32.34 13.12
N PHE G 402 -66.26 31.53 14.08
CA PHE G 402 -64.94 30.94 14.05
C PHE G 402 -64.88 29.60 13.30
N MET G 403 -65.90 29.28 12.50
CA MET G 403 -65.89 28.01 11.78
C MET G 403 -64.65 27.80 10.92
N GLY G 404 -64.12 28.87 10.34
CA GLY G 404 -62.93 28.75 9.52
C GLY G 404 -61.69 28.59 10.39
N ALA G 405 -61.60 29.36 11.45
CA ALA G 405 -60.46 29.30 12.36
C ALA G 405 -60.32 27.90 12.97
N GLN G 406 -61.44 27.29 13.32
CA GLN G 406 -61.44 25.96 13.94
C GLN G 406 -60.79 24.92 13.01
N VAL G 407 -61.06 25.03 11.72
CA VAL G 407 -60.50 24.10 10.75
C VAL G 407 -59.00 24.41 10.59
N THR G 408 -58.65 25.69 10.65
CA THR G 408 -57.25 26.06 10.54
C THR G 408 -56.47 25.48 11.72
N ALA G 409 -57.06 25.48 12.90
CA ALA G 409 -56.39 24.91 14.08
C ALA G 409 -56.07 23.44 13.82
N THR G 410 -57.05 22.71 13.29
CA THR G 410 -56.88 21.29 12.99
C THR G 410 -55.77 21.10 11.96
N ALA G 411 -55.75 21.96 10.94
CA ALA G 411 -54.72 21.85 9.91
C ALA G 411 -53.31 22.07 10.45
N LEU G 412 -53.15 23.04 11.35
CA LEU G 412 -51.84 23.31 11.92
C LEU G 412 -51.35 22.11 12.74
N LEU G 413 -52.26 21.50 13.49
CA LEU G 413 -51.91 20.33 14.31
C LEU G 413 -51.53 19.15 13.41
N ALA G 414 -52.31 18.93 12.36
CA ALA G 414 -52.04 17.81 11.45
C ALA G 414 -50.64 17.95 10.88
N GLU G 415 -50.26 19.17 10.51
CA GLU G 415 -48.93 19.40 9.96
C GLU G 415 -47.85 19.09 11.00
N MET G 416 -48.10 19.49 12.25
CA MET G 416 -47.15 19.23 13.33
C MET G 416 -46.82 17.74 13.43
N ARG G 417 -47.87 16.92 13.39
CA ARG G 417 -47.71 15.47 13.51
C ARG G 417 -46.95 14.81 12.36
N ALA G 418 -46.83 15.49 11.22
CA ALA G 418 -46.13 14.92 10.07
C ALA G 418 -44.62 14.79 10.27
N THR G 419 -44.06 15.57 11.18
CA THR G 419 -42.63 15.54 11.44
C THR G 419 -42.30 14.83 12.75
N GLY G 420 -41.33 13.93 12.70
CA GLY G 420 -40.93 13.19 13.88
C GLY G 420 -39.55 13.56 14.38
N PRO G 421 -38.97 12.76 15.30
CA PRO G 421 -37.65 12.98 15.88
C PRO G 421 -36.57 13.09 14.80
N ALA G 422 -35.60 13.96 15.03
CA ALA G 422 -34.51 14.13 14.09
C ALA G 422 -33.36 13.17 14.40
N SER G 423 -33.16 12.90 15.70
CA SER G 423 -32.07 12.05 16.18
C SER G 423 -31.89 10.66 15.60
N ILE G 424 -32.98 10.05 15.18
CA ILE G 424 -32.88 8.69 14.66
C ILE G 424 -32.32 8.57 13.25
N HIS G 425 -31.99 9.70 12.63
CA HIS G 425 -31.50 9.65 11.25
C HIS G 425 -30.02 9.83 11.03
N SER G 426 -29.22 9.39 11.99
CA SER G 426 -27.78 9.50 11.86
C SER G 426 -27.33 8.75 10.63
N ILE G 427 -26.41 9.36 9.88
CA ILE G 427 -25.84 8.78 8.67
C ILE G 427 -24.33 9.02 8.73
N SER G 428 -23.54 7.95 8.51
CA SER G 428 -22.08 8.05 8.54
C SER G 428 -21.64 9.03 7.45
N THR G 429 -20.75 9.96 7.82
CA THR G 429 -20.31 10.96 6.85
C THR G 429 -18.86 11.39 7.13
N ASN G 430 -18.34 12.35 6.36
CA ASN G 430 -16.97 12.83 6.53
C ASN G 430 -16.01 11.66 6.31
N ALA G 431 -16.22 10.92 5.22
CA ALA G 431 -15.38 9.77 4.89
C ALA G 431 -15.38 8.76 6.04
N ALA G 432 -16.55 8.56 6.62
CA ALA G 432 -16.78 7.63 7.72
C ALA G 432 -16.11 8.06 9.04
N ASN G 433 -15.42 9.19 9.03
CA ASN G 433 -14.78 9.67 10.26
C ASN G 433 -15.89 10.02 11.24
N GLN G 434 -16.96 10.63 10.73
CA GLN G 434 -18.07 11.00 11.58
C GLN G 434 -19.12 9.92 11.35
N ASP G 435 -18.81 8.69 11.79
CA ASP G 435 -19.73 7.59 11.54
C ASP G 435 -21.03 7.62 12.33
N VAL G 436 -21.11 8.48 13.33
CA VAL G 436 -22.36 8.67 14.08
C VAL G 436 -22.47 10.18 14.34
N VAL G 437 -23.65 10.75 14.11
CA VAL G 437 -23.88 12.18 14.30
C VAL G 437 -25.18 12.42 15.06
N SER G 438 -25.27 13.53 15.78
CA SER G 438 -26.46 13.80 16.60
C SER G 438 -27.68 14.41 15.93
N LEU G 439 -27.46 15.28 14.94
CA LEU G 439 -28.53 15.98 14.25
C LEU G 439 -29.26 16.88 15.27
N GLY G 440 -28.54 17.29 16.30
CA GLY G 440 -29.11 18.13 17.34
C GLY G 440 -29.65 19.47 16.87
N THR G 441 -28.97 20.09 15.91
CA THR G 441 -29.41 21.39 15.39
C THR G 441 -30.74 21.22 14.66
N ILE G 442 -30.85 20.16 13.87
CA ILE G 442 -32.07 19.88 13.13
C ILE G 442 -33.17 19.57 14.15
N ALA G 443 -32.82 18.82 15.19
CA ALA G 443 -33.81 18.49 16.23
C ALA G 443 -34.37 19.74 16.92
N ALA G 444 -33.47 20.66 17.28
CA ALA G 444 -33.89 21.89 17.95
C ALA G 444 -34.73 22.75 16.99
N ARG G 445 -34.34 22.78 15.72
CA ARG G 445 -35.11 23.57 14.74
C ARG G 445 -36.50 22.98 14.48
N LEU G 446 -36.60 21.65 14.47
CA LEU G 446 -37.90 21.03 14.24
C LEU G 446 -38.80 21.29 15.43
N CYS G 447 -38.20 21.29 16.62
CA CYS G 447 -38.97 21.56 17.82
C CYS G 447 -39.50 23.00 17.75
N ARG G 448 -38.66 23.93 17.29
CA ARG G 448 -39.06 25.33 17.18
C ARG G 448 -40.27 25.49 16.28
N GLU G 449 -40.27 24.80 15.14
CA GLU G 449 -41.39 24.90 14.22
C GLU G 449 -42.69 24.42 14.88
N LYS G 450 -42.60 23.37 15.70
CA LYS G 450 -43.78 22.87 16.38
C LYS G 450 -44.26 23.87 17.42
N ILE G 451 -43.32 24.53 18.09
CA ILE G 451 -43.67 25.54 19.10
C ILE G 451 -44.41 26.69 18.41
N ASP G 452 -43.96 27.05 17.21
CA ASP G 452 -44.62 28.13 16.46
C ASP G 452 -46.04 27.75 16.07
N ARG G 453 -46.25 26.48 15.70
CA ARG G 453 -47.59 26.00 15.35
C ARG G 453 -48.48 25.98 16.61
N TRP G 454 -47.90 25.58 17.74
CA TRP G 454 -48.64 25.53 19.00
C TRP G 454 -49.12 26.95 19.37
N ALA G 455 -48.24 27.93 19.23
CA ALA G 455 -48.61 29.31 19.55
C ALA G 455 -49.81 29.77 18.71
N GLU G 456 -49.86 29.32 17.46
CA GLU G 456 -50.95 29.69 16.57
C GLU G 456 -52.26 29.01 16.95
N ILE G 457 -52.17 27.77 17.42
CA ILE G 457 -53.36 27.03 17.83
C ILE G 457 -53.90 27.67 19.11
N LEU G 458 -52.99 28.02 20.02
CA LEU G 458 -53.38 28.66 21.27
C LEU G 458 -53.99 30.03 21.01
N ALA G 459 -53.46 30.74 20.01
CA ALA G 459 -53.99 32.06 19.65
C ALA G 459 -55.43 31.91 19.20
N ILE G 460 -55.71 30.90 18.38
CA ILE G 460 -57.07 30.65 17.91
C ILE G 460 -57.95 30.37 19.13
N LEU G 461 -57.49 29.49 20.02
CA LEU G 461 -58.26 29.16 21.21
C LEU G 461 -58.53 30.41 22.06
N ALA G 462 -57.52 31.28 22.20
CA ALA G 462 -57.68 32.50 23.00
C ALA G 462 -58.76 33.38 22.41
N LEU G 463 -58.74 33.56 21.10
CA LEU G 463 -59.74 34.40 20.45
C LEU G 463 -61.13 33.79 20.61
N CYS G 464 -61.22 32.47 20.50
CA CYS G 464 -62.49 31.80 20.66
C CYS G 464 -63.03 31.99 22.08
N LEU G 465 -62.14 31.87 23.06
CA LEU G 465 -62.53 32.00 24.45
C LEU G 465 -62.95 33.42 24.84
N ALA G 466 -62.33 34.43 24.22
CA ALA G 466 -62.69 35.81 24.52
C ALA G 466 -64.14 36.02 24.07
N GLN G 467 -64.47 35.48 22.90
CA GLN G 467 -65.83 35.61 22.36
C GLN G 467 -66.80 34.79 23.20
N ALA G 468 -66.40 33.57 23.54
CA ALA G 468 -67.26 32.68 24.32
C ALA G 468 -67.57 33.26 25.69
N ALA G 469 -66.57 33.87 26.31
CA ALA G 469 -66.73 34.46 27.64
C ALA G 469 -67.77 35.57 27.64
N GLU G 470 -67.77 36.37 26.58
CA GLU G 470 -68.71 37.47 26.46
C GLU G 470 -70.10 36.96 26.08
N LEU G 471 -70.15 35.88 25.31
CA LEU G 471 -71.42 35.28 24.93
C LEU G 471 -72.08 34.59 26.11
N ARG G 472 -71.26 34.00 26.97
CA ARG G 472 -71.77 33.29 28.14
C ARG G 472 -72.06 34.20 29.32
N CYS G 473 -71.17 35.16 29.56
CA CYS G 473 -71.31 36.03 30.72
C CYS G 473 -71.62 37.51 30.45
N GLY G 474 -71.80 37.86 29.18
CA GLY G 474 -72.09 39.25 28.84
C GLY G 474 -70.80 40.06 28.72
N SER G 475 -70.87 41.23 28.09
CA SER G 475 -69.70 42.07 27.90
C SER G 475 -69.02 42.42 29.22
N GLY G 476 -69.79 42.44 30.31
CA GLY G 476 -69.25 42.75 31.62
C GLY G 476 -68.58 41.57 32.29
N LEU G 477 -68.65 40.41 31.64
CA LEU G 477 -68.04 39.18 32.15
C LEU G 477 -68.44 38.87 33.59
N ASP G 478 -69.74 38.87 33.85
CA ASP G 478 -70.26 38.59 35.19
C ASP G 478 -69.92 37.18 35.67
N GLY G 479 -69.39 37.08 36.88
CA GLY G 479 -69.04 35.78 37.44
C GLY G 479 -67.67 35.26 37.03
N VAL G 480 -67.03 35.90 36.05
CA VAL G 480 -65.71 35.46 35.60
C VAL G 480 -64.64 35.83 36.63
N SER G 481 -63.71 34.92 36.87
CA SER G 481 -62.64 35.15 37.84
C SER G 481 -61.83 36.40 37.49
N PRO G 482 -61.16 36.99 38.49
CA PRO G 482 -60.34 38.19 38.28
C PRO G 482 -59.30 37.94 37.20
N ALA G 483 -58.64 36.79 37.27
CA ALA G 483 -57.61 36.43 36.31
C ALA G 483 -58.20 36.34 34.89
N GLY G 484 -59.37 35.72 34.78
CA GLY G 484 -60.01 35.58 33.49
C GLY G 484 -60.41 36.90 32.89
N LYS G 485 -60.97 37.79 33.72
CA LYS G 485 -61.39 39.12 33.27
C LYS G 485 -60.20 39.88 32.74
N LYS G 486 -59.10 39.83 33.49
CA LYS G 486 -57.87 40.53 33.12
C LYS G 486 -57.34 40.05 31.77
N LEU G 487 -57.43 38.75 31.53
CA LEU G 487 -56.95 38.17 30.28
C LEU G 487 -57.83 38.62 29.11
N VAL G 488 -59.14 38.51 29.27
CA VAL G 488 -60.05 38.92 28.21
C VAL G 488 -59.94 40.41 27.91
N GLN G 489 -59.89 41.24 28.95
CA GLN G 489 -59.80 42.69 28.75
C GLN G 489 -58.50 43.06 28.04
N ALA G 490 -57.43 42.36 28.35
CA ALA G 490 -56.13 42.61 27.75
C ALA G 490 -56.15 42.27 26.26
N LEU G 491 -56.83 41.18 25.91
CA LEU G 491 -56.94 40.76 24.51
C LEU G 491 -57.77 41.76 23.73
N ARG G 492 -58.88 42.17 24.33
CA ARG G 492 -59.80 43.12 23.72
C ARG G 492 -59.18 44.49 23.47
N GLU G 493 -58.02 44.75 24.06
CA GLU G 493 -57.34 46.02 23.85
C GLU G 493 -56.80 46.06 22.43
N GLN G 494 -56.50 44.89 21.88
CA GLN G 494 -55.94 44.79 20.54
C GLN G 494 -56.79 43.98 19.56
N PHE G 495 -57.65 43.12 20.09
CA PHE G 495 -58.50 42.26 19.25
C PHE G 495 -59.97 42.41 19.60
N PRO G 496 -60.72 43.13 18.74
CA PRO G 496 -62.15 43.36 18.93
C PRO G 496 -63.02 42.10 18.84
N PRO G 497 -64.23 42.15 19.40
CA PRO G 497 -65.13 41.00 19.35
C PRO G 497 -65.55 40.69 17.93
N LEU G 498 -65.99 39.45 17.69
CA LEU G 498 -66.42 39.05 16.35
C LEU G 498 -67.93 39.24 16.25
N GLU G 499 -68.35 40.48 15.98
CA GLU G 499 -69.76 40.80 15.86
C GLU G 499 -70.31 40.38 14.50
N THR G 500 -69.40 40.19 13.54
CA THR G 500 -69.76 39.77 12.20
C THR G 500 -68.51 39.15 11.57
N ASP G 501 -68.71 38.17 10.69
CA ASP G 501 -67.60 37.47 10.05
C ASP G 501 -66.54 38.37 9.40
N ARG G 502 -65.27 38.10 9.71
CA ARG G 502 -64.15 38.87 9.16
C ARG G 502 -62.87 38.01 9.07
N PRO G 503 -61.93 38.41 8.20
CA PRO G 503 -60.67 37.67 8.05
C PRO G 503 -59.92 37.67 9.38
N LEU G 504 -59.57 36.49 9.87
CA LEU G 504 -58.88 36.35 11.15
C LEU G 504 -57.41 35.96 11.04
N GLY G 505 -56.98 35.58 9.83
CA GLY G 505 -55.59 35.18 9.64
C GLY G 505 -54.52 36.08 10.25
N GLN G 506 -54.53 37.35 9.89
CA GLN G 506 -53.55 38.29 10.41
C GLN G 506 -53.61 38.46 11.93
N GLU G 507 -54.82 38.45 12.48
CA GLU G 507 -54.99 38.58 13.92
C GLU G 507 -54.41 37.36 14.62
N ILE G 508 -54.64 36.19 14.05
CA ILE G 508 -54.12 34.94 14.61
C ILE G 508 -52.60 34.99 14.64
N ALA G 509 -52.00 35.37 13.52
CA ALA G 509 -50.54 35.47 13.43
C ALA G 509 -49.98 36.48 14.43
N ALA G 510 -50.63 37.64 14.54
CA ALA G 510 -50.14 38.66 15.46
C ALA G 510 -50.22 38.24 16.92
N LEU G 511 -51.31 37.57 17.30
CA LEU G 511 -51.48 37.13 18.68
C LEU G 511 -50.46 36.04 18.98
N ALA G 512 -50.26 35.14 18.03
CA ALA G 512 -49.29 34.05 18.20
C ALA G 512 -47.93 34.62 18.56
N THR G 513 -47.55 35.70 17.87
CA THR G 513 -46.27 36.34 18.12
C THR G 513 -46.18 36.80 19.58
N HIS G 514 -47.28 37.33 20.09
CA HIS G 514 -47.36 37.82 21.48
C HIS G 514 -47.27 36.68 22.50
N LEU G 515 -48.02 35.61 22.25
CA LEU G 515 -48.03 34.46 23.16
C LEU G 515 -46.65 33.87 23.38
N LEU G 516 -45.83 33.89 22.33
CA LEU G 516 -44.48 33.34 22.42
C LEU G 516 -43.54 34.15 23.30
N GLN G 517 -43.85 35.42 23.53
CA GLN G 517 -42.96 36.28 24.31
C GLN G 517 -43.45 36.77 25.67
N GLN G 518 -44.75 36.62 25.94
CA GLN G 518 -45.31 37.08 27.21
C GLN G 518 -46.40 36.15 27.70
N SER G 519 -46.54 36.07 29.02
CA SER G 519 -47.56 35.24 29.65
C SER G 519 -48.74 36.10 30.08
N PRO G 520 -49.89 35.47 30.35
CA PRO G 520 -51.07 36.22 30.80
C PRO G 520 -50.97 36.53 32.29
N VAL G 521 -50.67 37.78 32.61
CA VAL G 521 -50.56 38.21 34.00
C VAL G 521 -51.17 39.59 34.17
N LYS H 8 -45.64 36.19 -27.15
CA LYS H 8 -45.63 35.18 -26.05
C LYS H 8 -46.54 34.00 -26.38
N PRO H 9 -46.03 32.76 -26.23
CA PRO H 9 -46.80 31.54 -26.51
C PRO H 9 -48.20 31.63 -25.91
N ALA H 10 -49.18 31.06 -26.59
CA ALA H 10 -50.56 31.10 -26.10
C ALA H 10 -51.16 29.71 -25.94
N VAL H 11 -51.71 29.45 -24.76
CA VAL H 11 -52.35 28.17 -24.47
C VAL H 11 -53.87 28.33 -24.57
N GLU H 12 -54.48 27.65 -25.52
CA GLU H 12 -55.93 27.74 -25.69
C GLU H 12 -56.62 26.64 -24.90
N LEU H 13 -57.33 27.04 -23.86
CA LEU H 13 -58.04 26.10 -23.01
C LEU H 13 -59.47 25.82 -23.47
N ASP H 14 -59.75 24.53 -23.65
CA ASP H 14 -61.08 24.10 -24.06
C ASP H 14 -61.55 23.10 -22.99
N ARG H 15 -61.09 21.86 -23.10
CA ARG H 15 -61.45 20.83 -22.13
C ARG H 15 -60.26 20.27 -21.38
N HIS H 16 -59.20 19.97 -22.12
CA HIS H 16 -58.00 19.39 -21.54
C HIS H 16 -56.75 20.24 -21.72
N ILE H 17 -55.88 20.19 -20.72
CA ILE H 17 -54.60 20.89 -20.74
C ILE H 17 -53.63 19.92 -20.04
N ASP H 18 -52.48 19.69 -20.65
CA ASP H 18 -51.51 18.79 -20.03
C ASP H 18 -50.69 19.54 -19.00
N LEU H 19 -49.85 18.82 -18.28
CA LEU H 19 -49.03 19.42 -17.23
C LEU H 19 -48.02 20.45 -17.70
N ASP H 20 -47.43 20.26 -18.88
CA ASP H 20 -46.45 21.22 -19.37
C ASP H 20 -47.13 22.53 -19.77
N GLN H 21 -48.31 22.44 -20.35
CA GLN H 21 -49.03 23.66 -20.73
C GLN H 21 -49.43 24.39 -19.45
N ALA H 22 -49.89 23.63 -18.47
CA ALA H 22 -50.29 24.22 -17.20
C ALA H 22 -49.13 24.98 -16.56
N HIS H 23 -47.95 24.37 -16.54
CA HIS H 23 -46.80 25.04 -15.93
C HIS H 23 -46.33 26.22 -16.78
N ALA H 24 -46.48 26.11 -18.09
CA ALA H 24 -46.07 27.20 -18.98
C ALA H 24 -46.89 28.46 -18.66
N VAL H 25 -48.17 28.28 -18.37
CA VAL H 25 -49.03 29.40 -18.03
C VAL H 25 -48.74 29.90 -16.61
N ALA H 26 -48.64 28.98 -15.66
CA ALA H 26 -48.37 29.36 -14.28
C ALA H 26 -47.05 30.12 -14.13
N SER H 27 -46.03 29.66 -14.84
CA SER H 27 -44.71 30.30 -14.78
C SER H 27 -44.64 31.56 -15.63
N GLY H 28 -45.74 31.91 -16.28
CA GLY H 28 -45.76 33.10 -17.10
C GLY H 28 -45.06 32.96 -18.44
N GLY H 29 -44.76 31.73 -18.83
CA GLY H 29 -44.10 31.49 -20.10
C GLY H 29 -45.07 31.55 -21.26
N ALA H 30 -46.36 31.45 -20.95
CA ALA H 30 -47.38 31.48 -21.98
C ALA H 30 -48.65 32.16 -21.49
N ARG H 31 -49.43 32.68 -22.43
CA ARG H 31 -50.68 33.34 -22.11
C ARG H 31 -51.78 32.30 -22.15
N ILE H 32 -52.90 32.58 -21.50
CA ILE H 32 -54.02 31.65 -21.48
C ILE H 32 -55.21 32.30 -22.19
N VAL H 33 -55.87 31.51 -23.02
CA VAL H 33 -57.03 31.97 -23.76
C VAL H 33 -58.12 30.91 -23.69
N LEU H 34 -59.35 31.34 -23.44
CA LEU H 34 -60.47 30.41 -23.35
C LEU H 34 -61.02 30.14 -24.76
N ALA H 35 -61.01 28.88 -25.18
CA ALA H 35 -61.50 28.53 -26.50
C ALA H 35 -62.99 28.84 -26.62
N PRO H 36 -63.45 29.12 -27.85
CA PRO H 36 -64.86 29.43 -28.10
C PRO H 36 -65.84 28.42 -27.51
N PRO H 37 -65.63 27.13 -27.76
CA PRO H 37 -66.55 26.12 -27.21
C PRO H 37 -66.60 26.15 -25.69
N ALA H 38 -65.46 26.44 -25.06
CA ALA H 38 -65.38 26.49 -23.61
C ALA H 38 -66.20 27.67 -23.12
N ARG H 39 -66.01 28.83 -23.75
CA ARG H 39 -66.75 30.03 -23.39
C ARG H 39 -68.24 29.78 -23.45
N ASP H 40 -68.67 29.07 -24.49
CA ASP H 40 -70.09 28.77 -24.66
C ASP H 40 -70.61 27.85 -23.56
N ARG H 41 -69.84 26.82 -23.21
CA ARG H 41 -70.24 25.89 -22.16
C ARG H 41 -70.41 26.63 -20.83
N CYS H 42 -69.51 27.56 -20.55
CA CYS H 42 -69.58 28.33 -19.32
C CYS H 42 -70.78 29.28 -19.31
N ARG H 43 -71.02 29.96 -20.43
CA ARG H 43 -72.15 30.88 -20.51
C ARG H 43 -73.42 30.07 -20.22
N ALA H 44 -73.47 28.85 -20.75
CA ALA H 44 -74.62 27.97 -20.56
C ALA H 44 -74.77 27.58 -19.10
N SER H 45 -73.63 27.42 -18.42
CA SER H 45 -73.65 27.05 -17.00
C SER H 45 -74.09 28.26 -16.20
N GLU H 46 -73.57 29.44 -16.57
CA GLU H 46 -73.93 30.68 -15.90
C GLU H 46 -75.45 30.84 -15.96
N ALA H 47 -76.02 30.44 -17.09
CA ALA H 47 -77.47 30.51 -17.30
C ALA H 47 -78.21 29.52 -16.42
N ARG H 48 -77.61 28.35 -16.20
CA ARG H 48 -78.24 27.34 -15.35
C ARG H 48 -78.25 27.80 -13.91
N LEU H 49 -77.16 28.44 -13.48
CA LEU H 49 -77.06 28.94 -12.12
C LEU H 49 -78.16 29.97 -11.90
N GLY H 50 -78.32 30.88 -12.86
CA GLY H 50 -79.34 31.90 -12.77
C GLY H 50 -80.72 31.32 -12.62
N ALA H 51 -80.98 30.22 -13.33
CA ALA H 51 -82.28 29.55 -13.27
C ALA H 51 -82.49 28.88 -11.92
N VAL H 52 -81.43 28.26 -11.40
CA VAL H 52 -81.51 27.59 -10.10
C VAL H 52 -81.95 28.57 -9.03
N ILE H 53 -81.32 29.73 -9.00
CA ILE H 53 -81.64 30.76 -8.03
C ILE H 53 -83.05 31.29 -8.30
N ARG H 54 -83.34 31.50 -9.58
CA ARG H 54 -84.65 31.99 -10.00
C ARG H 54 -85.75 31.03 -9.53
N GLU H 55 -85.50 29.73 -9.66
CA GLU H 55 -86.45 28.71 -9.27
C GLU H 55 -86.47 28.40 -7.77
N ALA H 56 -85.59 29.07 -7.02
CA ALA H 56 -85.50 28.87 -5.57
C ALA H 56 -85.21 27.42 -5.20
N ARG H 57 -84.27 26.80 -5.91
CA ARG H 57 -83.88 25.42 -5.65
C ARG H 57 -83.11 25.32 -4.33
N HIS H 58 -83.29 24.20 -3.62
CA HIS H 58 -82.58 23.99 -2.36
C HIS H 58 -81.14 23.60 -2.73
N VAL H 59 -80.24 24.59 -2.69
CA VAL H 59 -78.85 24.37 -3.05
C VAL H 59 -77.90 24.92 -2.00
N TYR H 60 -76.83 24.18 -1.73
CA TYR H 60 -75.81 24.56 -0.76
C TYR H 60 -75.14 25.87 -1.18
N GLY H 61 -75.08 26.83 -0.25
CA GLY H 61 -74.42 28.09 -0.55
C GLY H 61 -75.28 29.11 -1.28
N LEU H 62 -76.41 28.67 -1.81
CA LEU H 62 -77.31 29.57 -2.53
C LEU H 62 -78.55 29.83 -1.67
N THR H 63 -78.92 28.86 -0.86
CA THR H 63 -80.08 28.99 0.02
C THR H 63 -79.87 28.29 1.35
N THR H 64 -78.60 28.05 1.70
CA THR H 64 -78.28 27.39 2.96
C THR H 64 -77.02 27.94 3.59
N GLY H 65 -76.82 27.61 4.86
CA GLY H 65 -75.63 28.02 5.56
C GLY H 65 -74.51 27.12 5.10
N PHE H 66 -73.34 27.23 5.71
CA PHE H 66 -72.21 26.40 5.32
C PHE H 66 -71.85 25.35 6.37
N GLY H 67 -71.19 24.28 5.95
CA GLY H 67 -70.81 23.23 6.88
C GLY H 67 -71.99 22.70 7.67
N PRO H 68 -71.85 22.54 8.99
CA PRO H 68 -72.93 22.03 9.84
C PRO H 68 -74.09 23.02 9.96
N LEU H 69 -73.88 24.24 9.46
CA LEU H 69 -74.92 25.27 9.52
C LEU H 69 -75.80 25.24 8.27
N ALA H 70 -75.61 24.23 7.44
CA ALA H 70 -76.37 24.08 6.21
C ALA H 70 -77.85 23.81 6.49
N ASN H 71 -78.16 23.37 7.71
CA ASN H 71 -79.53 23.09 8.08
C ASN H 71 -80.31 24.39 8.25
N ARG H 72 -79.60 25.51 8.18
CA ARG H 72 -80.22 26.82 8.29
C ARG H 72 -80.47 27.33 6.86
N LEU H 73 -81.73 27.35 6.45
CA LEU H 73 -82.06 27.82 5.11
C LEU H 73 -82.02 29.34 5.03
N ILE H 74 -81.52 29.87 3.93
CA ILE H 74 -81.39 31.31 3.74
C ILE H 74 -82.31 31.84 2.64
N SER H 75 -82.82 33.05 2.85
CA SER H 75 -83.70 33.69 1.87
C SER H 75 -82.83 34.29 0.77
N GLY H 76 -83.42 34.49 -0.41
CA GLY H 76 -82.67 35.06 -1.51
C GLY H 76 -82.20 36.48 -1.28
N GLU H 77 -82.91 37.20 -0.42
CA GLU H 77 -82.58 38.59 -0.11
C GLU H 77 -81.29 38.73 0.72
N ASN H 78 -80.66 37.61 1.06
CA ASN H 78 -79.45 37.66 1.86
C ASN H 78 -78.29 36.85 1.30
N VAL H 79 -78.41 36.39 0.07
CA VAL H 79 -77.37 35.59 -0.56
C VAL H 79 -76.05 36.35 -0.75
N ARG H 80 -76.15 37.63 -1.11
CA ARG H 80 -74.95 38.45 -1.31
C ARG H 80 -74.15 38.47 -0.01
N THR H 81 -74.86 38.77 1.08
CA THR H 81 -74.25 38.82 2.40
C THR H 81 -73.69 37.45 2.75
N LEU H 82 -74.49 36.41 2.52
CA LEU H 82 -74.08 35.03 2.80
C LEU H 82 -72.70 34.72 2.22
N GLN H 83 -72.56 34.91 0.91
CA GLN H 83 -71.30 34.61 0.22
C GLN H 83 -70.19 35.59 0.55
N ALA H 84 -70.56 36.80 0.95
CA ALA H 84 -69.56 37.78 1.31
C ALA H 84 -68.94 37.33 2.64
N ASN H 85 -69.78 36.81 3.53
CA ASN H 85 -69.27 36.35 4.82
C ASN H 85 -68.48 35.05 4.66
N LEU H 86 -68.87 34.22 3.68
CA LEU H 86 -68.22 32.95 3.42
C LEU H 86 -66.72 33.22 3.19
N VAL H 87 -66.42 34.18 2.32
CA VAL H 87 -65.05 34.57 1.99
C VAL H 87 -64.34 35.10 3.26
N HIS H 88 -65.07 35.88 4.06
CA HIS H 88 -64.51 36.46 5.27
C HIS H 88 -64.16 35.44 6.34
N PHE H 89 -65.10 34.60 6.75
CA PHE H 89 -64.80 33.65 7.81
C PHE H 89 -63.77 32.56 7.43
N LEU H 90 -63.60 32.32 6.14
CA LEU H 90 -62.64 31.32 5.68
C LEU H 90 -61.21 31.86 5.59
N ALA H 91 -61.09 33.18 5.58
CA ALA H 91 -59.77 33.82 5.45
C ALA H 91 -58.99 33.80 6.77
N SER H 92 -58.80 32.61 7.33
CA SER H 92 -58.07 32.46 8.58
C SER H 92 -56.71 31.80 8.39
N GLY H 93 -56.18 31.88 7.17
CA GLY H 93 -54.89 31.28 6.89
C GLY H 93 -53.70 32.01 7.49
N VAL H 94 -52.63 31.27 7.74
CA VAL H 94 -51.40 31.83 8.30
C VAL H 94 -50.19 31.19 7.62
N GLY H 95 -49.00 31.70 7.94
CA GLY H 95 -47.79 31.12 7.37
C GLY H 95 -47.24 31.87 6.17
N PRO H 96 -46.06 31.48 5.68
CA PRO H 96 -45.46 32.14 4.52
C PRO H 96 -46.36 31.96 3.30
N VAL H 97 -46.37 32.98 2.43
CA VAL H 97 -47.23 32.90 1.26
C VAL H 97 -46.69 31.93 0.23
N LEU H 98 -47.59 31.37 -0.59
CA LEU H 98 -47.18 30.44 -1.64
C LEU H 98 -46.34 31.28 -2.59
N ASP H 99 -45.37 30.66 -3.25
CA ASP H 99 -44.54 31.42 -4.17
C ASP H 99 -45.31 31.77 -5.44
N TRP H 100 -44.81 32.78 -6.13
CA TRP H 100 -45.40 33.31 -7.36
C TRP H 100 -45.93 32.24 -8.33
N THR H 101 -45.07 31.32 -8.76
CA THR H 101 -45.48 30.29 -9.70
C THR H 101 -46.57 29.38 -9.14
N THR H 102 -46.41 28.98 -7.89
CA THR H 102 -47.39 28.11 -7.24
C THR H 102 -48.75 28.78 -7.08
N ALA H 103 -48.75 29.99 -6.56
CA ALA H 103 -50.01 30.73 -6.37
C ALA H 103 -50.75 30.86 -7.69
N ARG H 104 -50.02 31.09 -8.77
CA ARG H 104 -50.64 31.21 -10.08
C ARG H 104 -51.12 29.86 -10.57
N ALA H 105 -50.44 28.78 -10.17
CA ALA H 105 -50.83 27.43 -10.57
C ALA H 105 -52.19 27.12 -9.95
N MET H 106 -52.38 27.61 -8.73
CA MET H 106 -53.63 27.44 -7.98
C MET H 106 -54.76 28.17 -8.72
N VAL H 107 -54.49 29.40 -9.14
CA VAL H 107 -55.49 30.17 -9.87
C VAL H 107 -55.86 29.41 -11.15
N LEU H 108 -54.85 28.91 -11.85
CA LEU H 108 -55.07 28.17 -13.09
C LEU H 108 -55.90 26.92 -12.83
N ALA H 109 -55.60 26.19 -11.75
CA ALA H 109 -56.35 24.98 -11.44
C ALA H 109 -57.84 25.26 -11.26
N ARG H 110 -58.16 26.35 -10.56
CA ARG H 110 -59.56 26.70 -10.34
C ARG H 110 -60.22 27.08 -11.66
N LEU H 111 -59.47 27.72 -12.54
CA LEU H 111 -60.00 28.12 -13.85
C LEU H 111 -60.33 26.90 -14.71
N VAL H 112 -59.41 25.95 -14.77
CA VAL H 112 -59.63 24.74 -15.57
C VAL H 112 -60.88 24.01 -15.09
N SER H 113 -61.06 23.95 -13.78
CA SER H 113 -62.24 23.28 -13.23
C SER H 113 -63.51 23.98 -13.71
N ILE H 114 -63.49 25.31 -13.67
CA ILE H 114 -64.62 26.11 -14.11
C ILE H 114 -64.87 25.99 -15.61
N ALA H 115 -63.80 25.98 -16.39
CA ALA H 115 -63.90 25.87 -17.84
C ALA H 115 -64.67 24.64 -18.30
N GLN H 116 -64.86 23.67 -17.40
CA GLN H 116 -65.60 22.46 -17.76
C GLN H 116 -67.09 22.77 -17.91
N GLY H 117 -67.51 23.91 -17.38
CA GLY H 117 -68.90 24.32 -17.50
C GLY H 117 -69.92 23.68 -16.58
N ALA H 118 -69.56 23.50 -15.31
CA ALA H 118 -70.48 22.90 -14.35
C ALA H 118 -70.43 23.66 -13.03
N SER H 119 -69.76 24.80 -13.03
CA SER H 119 -69.62 25.59 -11.81
C SER H 119 -70.57 26.78 -11.71
N GLY H 120 -71.06 27.26 -12.85
CA GLY H 120 -71.97 28.39 -12.85
C GLY H 120 -71.28 29.75 -12.75
N ALA H 121 -69.97 29.75 -12.94
CA ALA H 121 -69.20 30.99 -12.87
C ALA H 121 -69.56 31.94 -14.00
N SER H 122 -69.68 33.22 -13.68
CA SER H 122 -70.03 34.25 -14.66
C SER H 122 -68.81 34.60 -15.51
N GLU H 123 -69.05 35.23 -16.65
CA GLU H 123 -67.97 35.64 -17.56
C GLU H 123 -66.99 36.55 -16.84
N GLY H 124 -67.53 37.46 -16.02
CA GLY H 124 -66.68 38.38 -15.29
C GLY H 124 -65.73 37.66 -14.37
N THR H 125 -66.24 36.69 -13.62
CA THR H 125 -65.40 35.94 -12.69
C THR H 125 -64.32 35.19 -13.46
N ILE H 126 -64.69 34.54 -14.55
CA ILE H 126 -63.74 33.80 -15.37
C ILE H 126 -62.66 34.72 -15.94
N ALA H 127 -63.08 35.92 -16.35
CA ALA H 127 -62.16 36.90 -16.91
C ALA H 127 -61.14 37.41 -15.90
N ARG H 128 -61.56 37.50 -14.63
CA ARG H 128 -60.66 37.95 -13.58
C ARG H 128 -59.53 36.94 -13.43
N LEU H 129 -59.87 35.66 -13.52
CA LEU H 129 -58.88 34.59 -13.38
C LEU H 129 -57.94 34.62 -14.57
N ILE H 130 -58.50 34.76 -15.76
CA ILE H 130 -57.70 34.81 -16.98
C ILE H 130 -56.76 36.01 -16.97
N ASP H 131 -57.29 37.19 -16.63
CA ASP H 131 -56.47 38.39 -16.58
C ASP H 131 -55.28 38.23 -15.63
N LEU H 132 -55.55 37.65 -14.46
CA LEU H 132 -54.49 37.43 -13.48
C LEU H 132 -53.38 36.59 -14.08
N LEU H 133 -53.75 35.50 -14.76
CA LEU H 133 -52.77 34.60 -15.38
C LEU H 133 -52.00 35.25 -16.51
N ASN H 134 -52.62 36.23 -17.16
CA ASN H 134 -51.96 36.92 -18.26
C ASN H 134 -51.13 38.11 -17.78
N SER H 135 -51.23 38.42 -16.49
CA SER H 135 -50.46 39.52 -15.89
C SER H 135 -49.13 38.96 -15.40
N GLU H 136 -48.31 39.81 -14.80
CA GLU H 136 -47.01 39.41 -14.25
C GLU H 136 -47.12 39.20 -12.75
N LEU H 137 -48.35 39.22 -12.25
CA LEU H 137 -48.59 39.07 -10.81
C LEU H 137 -49.17 37.72 -10.38
N ALA H 138 -49.23 37.55 -9.07
CA ALA H 138 -49.80 36.36 -8.44
C ALA H 138 -50.39 36.83 -7.11
N PRO H 139 -51.50 36.22 -6.67
CA PRO H 139 -52.07 36.66 -5.40
C PRO H 139 -51.15 36.19 -4.28
N ALA H 140 -51.11 36.94 -3.17
CA ALA H 140 -50.29 36.55 -2.03
C ALA H 140 -51.20 35.85 -1.03
N VAL H 141 -51.13 34.52 -0.99
CA VAL H 141 -51.99 33.76 -0.08
C VAL H 141 -51.17 32.92 0.91
N PRO H 142 -51.61 32.88 2.18
CA PRO H 142 -50.90 32.10 3.20
C PRO H 142 -50.93 30.62 2.86
N SER H 143 -49.82 29.92 3.15
CA SER H 143 -49.71 28.51 2.83
C SER H 143 -50.43 27.55 3.78
N ARG H 144 -50.62 27.96 5.04
CA ARG H 144 -51.27 27.09 6.01
C ARG H 144 -52.71 27.46 6.38
N GLY H 145 -53.47 26.46 6.78
CA GLY H 145 -54.85 26.72 7.17
C GLY H 145 -55.91 25.77 6.69
N THR H 146 -55.64 25.04 5.60
CA THR H 146 -56.64 24.12 5.07
C THR H 146 -56.32 22.65 5.35
N VAL H 147 -57.38 21.85 5.41
CA VAL H 147 -57.28 20.41 5.64
C VAL H 147 -57.44 19.66 4.33
N GLY H 148 -57.48 20.42 3.24
CA GLY H 148 -57.64 19.83 1.92
C GLY H 148 -58.95 19.10 1.68
N ASP H 150 -59.57 23.07 -0.56
CA ASP H 150 -58.67 24.16 -0.18
C ASP H 150 -59.37 25.48 0.03
N LEU H 151 -60.39 25.48 0.88
CA LEU H 151 -61.14 26.68 1.17
C LEU H 151 -60.31 27.91 1.57
N THR H 152 -59.47 27.76 2.57
CA THR H 152 -58.67 28.87 3.09
C THR H 152 -57.80 29.62 2.08
N PRO H 153 -56.82 28.94 1.46
CA PRO H 153 -55.99 29.65 0.50
C PRO H 153 -56.79 30.27 -0.64
N LEU H 154 -57.88 29.61 -1.05
CA LEU H 154 -58.69 30.14 -2.15
C LEU H 154 -59.51 31.35 -1.70
N ALA H 155 -59.90 31.36 -0.43
CA ALA H 155 -60.65 32.48 0.10
C ALA H 155 -59.75 33.71 0.11
N HIS H 156 -58.47 33.51 0.46
CA HIS H 156 -57.52 34.62 0.48
C HIS H 156 -57.28 35.07 -0.96
N MET H 157 -57.33 34.12 -1.89
CA MET H 157 -57.16 34.42 -3.31
C MET H 157 -58.27 35.38 -3.75
N VAL H 158 -59.50 35.09 -3.32
CA VAL H 158 -60.64 35.93 -3.67
C VAL H 158 -60.43 37.35 -3.17
N LEU H 159 -60.02 37.49 -1.92
CA LEU H 159 -59.79 38.81 -1.34
C LEU H 159 -58.73 39.55 -2.16
N CYS H 160 -57.70 38.83 -2.56
CA CYS H 160 -56.64 39.44 -3.36
C CYS H 160 -57.20 40.00 -4.64
N LEU H 161 -58.04 39.21 -5.29
CA LEU H 161 -58.66 39.60 -6.55
C LEU H 161 -59.65 40.75 -6.44
N GLN H 162 -60.13 41.04 -5.23
CA GLN H 162 -61.05 42.14 -5.03
C GLN H 162 -60.26 43.37 -4.61
N GLY H 163 -58.94 43.21 -4.57
CA GLY H 163 -58.07 44.31 -4.18
C GLY H 163 -57.97 44.45 -2.67
N ARG H 164 -58.51 43.47 -1.95
CA ARG H 164 -58.49 43.48 -0.49
C ARG H 164 -57.41 42.55 0.06
N GLY H 165 -56.41 42.28 -0.76
CA GLY H 165 -55.31 41.41 -0.35
C GLY H 165 -54.07 41.74 -1.15
N ASP H 166 -52.91 41.30 -0.68
CA ASP H 166 -51.64 41.57 -1.36
C ASP H 166 -51.40 40.72 -2.60
N PHE H 167 -50.49 41.21 -3.44
CA PHE H 167 -50.10 40.52 -4.67
C PHE H 167 -48.59 40.34 -4.62
N LEU H 168 -48.07 39.47 -5.49
CA LEU H 168 -46.64 39.23 -5.54
C LEU H 168 -46.13 39.44 -6.96
N ASP H 169 -45.00 40.11 -7.11
CA ASP H 169 -44.43 40.27 -8.43
C ASP H 169 -43.57 39.02 -8.60
N ARG H 170 -42.99 38.82 -9.77
CA ARG H 170 -42.17 37.64 -9.99
C ARG H 170 -41.06 37.37 -8.96
N ASP H 171 -40.59 38.42 -8.30
CA ASP H 171 -39.52 38.28 -7.31
C ASP H 171 -39.98 38.05 -5.87
N GLY H 172 -41.27 37.91 -5.66
CA GLY H 172 -41.77 37.68 -4.31
C GLY H 172 -42.06 38.98 -3.57
N THR H 173 -41.77 40.10 -4.20
CA THR H 173 -42.02 41.41 -3.57
C THR H 173 -43.53 41.61 -3.48
N ARG H 174 -44.00 41.94 -2.28
CA ARG H 174 -45.42 42.14 -2.05
C ARG H 174 -45.91 43.54 -2.39
N LEU H 175 -47.12 43.60 -2.93
CA LEU H 175 -47.77 44.84 -3.32
C LEU H 175 -49.12 44.82 -2.62
N ASP H 176 -49.65 45.98 -2.23
CA ASP H 176 -50.95 45.96 -1.59
C ASP H 176 -52.00 45.73 -2.67
N GLY H 177 -53.24 45.49 -2.27
CA GLY H 177 -54.30 45.23 -3.22
C GLY H 177 -54.46 46.27 -4.31
N ALA H 178 -54.61 47.53 -3.90
CA ALA H 178 -54.78 48.63 -4.84
C ALA H 178 -53.65 48.65 -5.88
N GLU H 179 -52.42 48.58 -5.40
CA GLU H 179 -51.25 48.60 -6.28
C GLU H 179 -51.21 47.40 -7.22
N GLY H 180 -51.70 46.26 -6.74
CA GLY H 180 -51.72 45.07 -7.57
C GLY H 180 -52.68 45.23 -8.74
N LEU H 181 -53.90 45.68 -8.46
CA LEU H 181 -54.89 45.87 -9.50
C LEU H 181 -54.39 46.92 -10.48
N ARG H 182 -53.71 47.93 -9.96
CA ARG H 182 -53.19 49.02 -10.78
C ARG H 182 -52.06 48.52 -11.68
N ARG H 183 -50.97 48.05 -11.06
CA ARG H 183 -49.82 47.57 -11.81
C ARG H 183 -50.17 46.46 -12.79
N GLY H 184 -51.07 45.57 -12.40
CA GLY H 184 -51.45 44.49 -13.28
C GLY H 184 -52.59 44.83 -14.21
N ARG H 185 -53.15 46.04 -14.05
CA ARG H 185 -54.27 46.50 -14.86
C ARG H 185 -55.39 45.47 -14.77
N LEU H 186 -55.79 45.17 -13.54
CA LEU H 186 -56.84 44.20 -13.29
C LEU H 186 -58.09 44.89 -12.75
N GLN H 187 -59.24 44.31 -13.06
CA GLN H 187 -60.51 44.86 -12.59
C GLN H 187 -60.84 44.16 -11.28
N PRO H 188 -61.38 44.89 -10.29
CA PRO H 188 -61.71 44.24 -9.02
C PRO H 188 -62.73 43.13 -9.26
N LEU H 189 -62.56 42.03 -8.57
CA LEU H 189 -63.47 40.89 -8.70
C LEU H 189 -64.84 41.26 -8.19
N ASP H 190 -65.86 41.06 -9.03
CA ASP H 190 -67.25 41.36 -8.68
C ASP H 190 -67.99 40.05 -8.65
N LEU H 191 -68.24 39.52 -7.45
CA LEU H 191 -68.92 38.24 -7.30
C LEU H 191 -70.43 38.24 -7.44
N SER H 192 -70.92 37.29 -8.22
CA SER H 192 -72.35 37.14 -8.45
C SER H 192 -72.81 35.71 -8.16
N HIS H 193 -74.06 35.57 -7.75
CA HIS H 193 -74.61 34.26 -7.47
C HIS H 193 -73.66 33.44 -6.60
N ARG H 194 -73.20 32.27 -7.05
CA ARG H 194 -72.31 31.45 -6.21
C ARG H 194 -70.82 31.48 -6.55
N ASP H 195 -70.38 32.48 -7.29
CA ASP H 195 -68.98 32.57 -7.65
C ASP H 195 -68.09 32.41 -6.42
N ALA H 196 -68.56 32.93 -5.29
CA ALA H 196 -67.80 32.83 -4.06
C ALA H 196 -67.47 31.39 -3.70
N LEU H 197 -68.49 30.55 -3.64
CA LEU H 197 -68.29 29.13 -3.32
C LEU H 197 -67.59 28.37 -4.43
N ALA H 198 -67.89 28.72 -5.68
CA ALA H 198 -67.27 28.09 -6.83
C ALA H 198 -65.75 28.31 -6.81
N LEU H 199 -65.35 29.53 -6.49
CA LEU H 199 -63.94 29.88 -6.44
C LEU H 199 -63.21 29.34 -5.22
N VAL H 200 -63.96 28.79 -4.28
CA VAL H 200 -63.36 28.32 -3.03
C VAL H 200 -63.51 26.84 -2.66
N ASN H 201 -64.50 26.14 -3.21
CA ASN H 201 -64.74 24.75 -2.84
C ASN H 201 -64.12 23.65 -3.72
N GLY H 202 -62.81 23.71 -3.95
CA GLY H 202 -62.16 22.69 -4.76
C GLY H 202 -60.79 22.29 -4.24
N THR H 203 -60.03 21.55 -5.05
CA THR H 203 -58.68 21.09 -4.68
C THR H 203 -57.61 21.87 -5.43
N SER H 204 -57.96 23.08 -5.86
CA SER H 204 -57.07 23.93 -6.65
C SER H 204 -55.69 24.25 -6.08
N ALA H 205 -55.59 24.48 -4.77
CA ALA H 205 -54.29 24.80 -4.21
C ALA H 205 -53.36 23.59 -4.23
N MET H 206 -53.81 22.45 -3.69
CA MET H 206 -52.93 21.28 -3.67
C MET H 206 -52.60 20.87 -5.11
N THR H 207 -53.54 21.08 -6.02
CA THR H 207 -53.30 20.73 -7.42
C THR H 207 -52.21 21.64 -8.01
N GLY H 208 -52.27 22.93 -7.66
CA GLY H 208 -51.26 23.87 -8.15
C GLY H 208 -49.89 23.55 -7.61
N ILE H 209 -49.81 23.25 -6.32
CA ILE H 209 -48.54 22.91 -5.68
C ILE H 209 -47.98 21.64 -6.32
N ALA H 210 -48.86 20.67 -6.55
CA ALA H 210 -48.46 19.39 -7.15
C ALA H 210 -47.94 19.53 -8.58
N LEU H 211 -48.54 20.41 -9.37
CA LEU H 211 -48.09 20.55 -10.75
C LEU H 211 -46.71 21.19 -10.80
N VAL H 212 -46.43 22.08 -9.85
CA VAL H 212 -45.12 22.71 -9.79
C VAL H 212 -44.15 21.62 -9.35
N ASN H 213 -44.58 20.79 -8.40
CA ASN H 213 -43.75 19.68 -7.93
C ASN H 213 -43.40 18.76 -9.09
N ALA H 214 -44.39 18.46 -9.93
CA ALA H 214 -44.19 17.56 -11.06
C ALA H 214 -43.14 18.08 -12.04
N HIS H 215 -43.21 19.37 -12.33
CA HIS H 215 -42.26 20.00 -13.24
C HIS H 215 -40.84 19.92 -12.68
N ALA H 216 -40.69 20.35 -11.43
CA ALA H 216 -39.38 20.36 -10.77
C ALA H 216 -38.77 18.97 -10.73
N CYS H 217 -39.58 17.96 -10.42
CA CYS H 217 -39.10 16.58 -10.36
C CYS H 217 -38.60 16.07 -11.70
N ARG H 218 -39.20 16.55 -12.78
CA ARG H 218 -38.74 16.13 -14.10
C ARG H 218 -37.32 16.62 -14.31
N HIS H 219 -37.06 17.88 -13.98
CA HIS H 219 -35.73 18.45 -14.16
C HIS H 219 -34.72 17.80 -13.23
N LEU H 220 -35.07 17.64 -11.95
CA LEU H 220 -34.13 17.03 -11.02
C LEU H 220 -33.84 15.59 -11.45
N GLY H 221 -34.86 14.91 -11.95
CA GLY H 221 -34.66 13.54 -12.41
C GLY H 221 -33.63 13.54 -13.53
N ASN H 222 -33.69 14.56 -14.39
CA ASN H 222 -32.74 14.64 -15.49
C ASN H 222 -31.33 14.91 -14.96
N TRP H 223 -31.24 15.67 -13.89
CA TRP H 223 -29.94 15.95 -13.29
C TRP H 223 -29.40 14.71 -12.58
N ALA H 224 -30.30 13.95 -11.95
CA ALA H 224 -29.89 12.74 -11.24
C ALA H 224 -29.24 11.75 -12.21
N VAL H 225 -29.80 11.67 -13.42
CA VAL H 225 -29.27 10.79 -14.45
C VAL H 225 -27.94 11.31 -14.98
N ALA H 226 -27.90 12.60 -15.32
CA ALA H 226 -26.69 13.22 -15.86
C ALA H 226 -25.52 13.15 -14.90
N LEU H 227 -25.78 13.38 -13.62
CA LEU H 227 -24.72 13.33 -12.64
C LEU H 227 -24.28 11.90 -12.34
N THR H 228 -25.21 10.96 -12.35
CA THR H 228 -24.84 9.56 -12.12
C THR H 228 -23.92 9.15 -13.28
N ALA H 229 -24.22 9.64 -14.48
CA ALA H 229 -23.41 9.32 -15.64
C ALA H 229 -22.02 9.93 -15.51
N LEU H 230 -21.96 11.17 -15.06
CA LEU H 230 -20.68 11.83 -14.89
C LEU H 230 -19.88 11.14 -13.78
N LEU H 231 -20.58 10.61 -12.77
CA LEU H 231 -19.92 9.92 -11.67
C LEU H 231 -19.18 8.70 -12.24
N ALA H 232 -19.81 8.01 -13.18
CA ALA H 232 -19.23 6.83 -13.82
C ALA H 232 -17.96 7.21 -14.58
N GLU H 233 -17.97 8.39 -15.20
CA GLU H 233 -16.79 8.84 -15.94
C GLU H 233 -15.67 9.23 -14.97
N CYS H 234 -16.03 9.60 -13.74
CA CYS H 234 -15.02 9.99 -12.76
C CYS H 234 -14.48 8.83 -11.94
N LEU H 235 -15.24 7.73 -11.89
CA LEU H 235 -14.83 6.56 -11.11
C LEU H 235 -14.69 5.27 -11.92
N ARG H 236 -14.41 5.40 -13.22
CA ARG H 236 -14.25 4.24 -14.09
C ARG H 236 -15.41 3.27 -13.91
N GLY H 237 -16.64 3.79 -13.94
CA GLY H 237 -17.81 2.94 -13.77
C GLY H 237 -18.04 1.99 -14.93
N ARG H 238 -18.66 0.86 -14.64
CA ARG H 238 -18.95 -0.15 -15.67
C ARG H 238 -20.31 0.06 -16.32
N THR H 239 -20.32 0.27 -17.63
CA THR H 239 -21.58 0.49 -18.34
C THR H 239 -22.41 -0.77 -18.55
N GLU H 240 -21.81 -1.95 -18.42
CA GLU H 240 -22.60 -3.16 -18.65
C GLU H 240 -23.80 -3.26 -17.71
N ALA H 241 -23.71 -2.63 -16.54
CA ALA H 241 -24.81 -2.68 -15.59
C ALA H 241 -26.01 -1.91 -16.13
N TRP H 242 -25.77 -1.04 -17.11
CA TRP H 242 -26.83 -0.24 -17.69
C TRP H 242 -27.29 -0.77 -19.04
N ALA H 243 -26.88 -1.99 -19.36
CA ALA H 243 -27.25 -2.63 -20.62
C ALA H 243 -28.76 -2.77 -20.79
N ALA H 244 -29.23 -2.59 -22.01
CA ALA H 244 -30.66 -2.67 -22.29
C ALA H 244 -31.20 -4.08 -22.04
N ALA H 245 -30.36 -5.09 -22.20
CA ALA H 245 -30.79 -6.48 -21.99
C ALA H 245 -31.28 -6.69 -20.56
N LEU H 246 -30.65 -6.01 -19.60
CA LEU H 246 -31.05 -6.12 -18.20
C LEU H 246 -32.41 -5.51 -17.97
N SER H 247 -32.67 -4.40 -18.64
CA SER H 247 -33.95 -3.72 -18.53
C SER H 247 -35.05 -4.64 -19.04
N ASP H 248 -34.79 -5.23 -20.21
CA ASP H 248 -35.76 -6.12 -20.83
C ASP H 248 -36.17 -7.25 -19.90
N LEU H 249 -35.24 -7.74 -19.09
CA LEU H 249 -35.53 -8.84 -18.18
C LEU H 249 -36.40 -8.43 -16.99
N ARG H 250 -36.35 -7.15 -16.63
CA ARG H 250 -37.15 -6.60 -15.53
C ARG H 250 -37.74 -5.31 -16.09
N PRO H 251 -38.70 -5.45 -17.02
CA PRO H 251 -39.41 -4.38 -17.74
C PRO H 251 -40.21 -3.27 -17.07
N HIS H 252 -39.72 -2.73 -15.96
CA HIS H 252 -40.40 -1.60 -15.34
C HIS H 252 -40.10 -0.44 -16.30
N PRO H 253 -41.12 0.29 -16.75
CA PRO H 253 -40.89 1.41 -17.67
C PRO H 253 -39.81 2.37 -17.19
N GLY H 254 -39.93 2.79 -15.93
CA GLY H 254 -38.97 3.72 -15.35
C GLY H 254 -37.54 3.21 -15.37
N GLN H 255 -37.36 1.92 -15.12
CA GLN H 255 -36.03 1.33 -15.13
C GLN H 255 -35.45 1.29 -16.54
N LYS H 256 -36.29 0.91 -17.50
CA LYS H 256 -35.84 0.84 -18.89
C LYS H 256 -35.46 2.22 -19.39
N ASP H 257 -36.28 3.22 -19.04
CA ASP H 257 -36.03 4.60 -19.43
C ASP H 257 -34.75 5.11 -18.77
N ALA H 258 -34.61 4.86 -17.47
CA ALA H 258 -33.43 5.30 -16.74
C ALA H 258 -32.14 4.76 -17.36
N ALA H 259 -32.09 3.44 -17.58
CA ALA H 259 -30.91 2.81 -18.15
C ALA H 259 -30.58 3.41 -19.52
N ALA H 260 -31.61 3.58 -20.35
CA ALA H 260 -31.43 4.14 -21.69
C ALA H 260 -30.84 5.54 -21.64
N ARG H 261 -31.33 6.35 -20.71
CA ARG H 261 -30.84 7.72 -20.57
C ARG H 261 -29.42 7.75 -20.05
N LEU H 262 -29.10 6.82 -19.16
CA LEU H 262 -27.74 6.74 -18.61
C LEU H 262 -26.76 6.37 -19.73
N ARG H 263 -27.14 5.40 -20.55
CA ARG H 263 -26.28 4.99 -21.66
C ARG H 263 -26.03 6.14 -22.63
N ALA H 264 -27.06 6.93 -22.87
CA ALA H 264 -26.94 8.06 -23.79
C ALA H 264 -25.98 9.13 -23.25
N ARG H 265 -26.03 9.35 -21.93
CA ARG H 265 -25.16 10.35 -21.31
C ARG H 265 -23.68 10.02 -21.46
N VAL H 266 -23.32 8.75 -21.35
CA VAL H 266 -21.90 8.37 -21.45
C VAL H 266 -21.47 7.95 -22.84
N ASP H 267 -22.36 8.07 -23.81
CA ASP H 267 -22.01 7.70 -25.17
C ASP H 267 -20.80 8.56 -25.59
N GLY H 268 -19.76 7.89 -26.09
CA GLY H 268 -18.57 8.61 -26.51
C GLY H 268 -17.49 8.75 -25.46
N SER H 269 -17.80 8.33 -24.24
CA SER H 269 -16.84 8.42 -23.13
C SER H 269 -15.74 7.36 -23.25
N ALA H 270 -14.51 7.76 -22.92
CA ALA H 270 -13.38 6.84 -22.95
C ALA H 270 -12.92 6.69 -21.50
N ARG H 271 -13.75 7.17 -20.58
CA ARG H 271 -13.45 7.12 -19.15
C ARG H 271 -14.19 6.01 -18.41
N VAL H 272 -15.25 5.48 -19.02
CA VAL H 272 -16.01 4.39 -18.40
C VAL H 272 -15.49 3.05 -18.93
N VAL H 273 -15.79 1.99 -18.20
CA VAL H 273 -15.38 0.65 -18.59
C VAL H 273 -16.55 0.04 -19.36
N ARG H 274 -16.31 -0.35 -20.61
CA ARG H 274 -17.36 -0.91 -21.45
C ARG H 274 -17.25 -2.41 -21.70
N HIS H 275 -16.28 -3.07 -21.08
CA HIS H 275 -16.13 -4.49 -21.31
C HIS H 275 -17.02 -5.36 -20.42
N VAL H 276 -17.78 -6.24 -21.03
CA VAL H 276 -18.61 -7.16 -20.27
C VAL H 276 -17.55 -8.08 -19.66
N ILE H 277 -17.54 -8.24 -18.35
CA ILE H 277 -16.51 -9.08 -17.72
C ILE H 277 -16.58 -10.56 -18.09
N ALA H 278 -17.78 -11.06 -18.35
CA ALA H 278 -17.96 -12.47 -18.68
C ALA H 278 -17.31 -12.91 -19.98
N GLU H 279 -16.85 -11.95 -20.78
CA GLU H 279 -16.22 -12.29 -22.04
C GLU H 279 -14.82 -12.81 -21.74
N ARG H 280 -14.29 -12.41 -20.59
CA ARG H 280 -12.96 -12.83 -20.18
C ARG H 280 -12.92 -14.27 -19.72
N ARG H 281 -12.01 -15.05 -20.30
CA ARG H 281 -11.86 -16.45 -19.94
C ARG H 281 -10.68 -16.53 -18.99
N LEU H 282 -10.90 -17.11 -17.81
CA LEU H 282 -9.86 -17.23 -16.81
C LEU H 282 -9.08 -18.53 -16.94
N ASP H 283 -7.82 -18.50 -16.52
CA ASP H 283 -6.98 -19.68 -16.53
C ASP H 283 -6.30 -19.74 -15.16
N ALA H 284 -5.57 -20.81 -14.88
CA ALA H 284 -4.92 -20.97 -13.59
C ALA H 284 -4.15 -19.75 -13.11
N GLY H 285 -3.46 -19.06 -14.02
CA GLY H 285 -2.69 -17.89 -13.65
C GLY H 285 -3.50 -16.69 -13.20
N ASP H 286 -4.81 -16.72 -13.41
CA ASP H 286 -5.69 -15.62 -13.03
C ASP H 286 -6.23 -15.73 -11.62
N ILE H 287 -6.21 -16.94 -11.06
CA ILE H 287 -6.73 -17.16 -9.72
C ILE H 287 -5.90 -16.44 -8.67
N GLY H 288 -6.51 -15.47 -8.01
CA GLY H 288 -5.84 -14.71 -6.99
C GLY H 288 -6.69 -13.50 -6.65
N THR H 289 -6.10 -12.52 -5.97
CA THR H 289 -6.84 -11.32 -5.60
C THR H 289 -6.54 -10.16 -6.54
N GLU H 290 -7.58 -9.65 -7.19
CA GLU H 290 -7.43 -8.53 -8.11
C GLU H 290 -7.66 -7.23 -7.33
N PRO H 291 -7.13 -6.12 -7.85
CA PRO H 291 -7.28 -4.80 -7.22
C PRO H 291 -8.72 -4.39 -6.95
N GLU H 292 -9.60 -4.71 -7.89
CA GLU H 292 -11.01 -4.34 -7.75
C GLU H 292 -11.97 -5.42 -8.21
N ALA H 293 -13.17 -5.39 -7.66
CA ALA H 293 -14.21 -6.35 -8.02
C ALA H 293 -14.67 -6.10 -9.45
N GLY H 294 -15.26 -7.12 -10.06
CA GLY H 294 -15.74 -7.03 -11.42
C GLY H 294 -17.04 -6.25 -11.60
N GLN H 295 -17.65 -5.81 -10.50
CA GLN H 295 -18.89 -5.03 -10.54
C GLN H 295 -18.74 -3.82 -9.62
N ASP H 296 -19.45 -2.74 -9.93
CA ASP H 296 -19.38 -1.52 -9.11
C ASP H 296 -20.30 -1.63 -7.91
N ALA H 297 -20.11 -0.71 -6.97
CA ALA H 297 -20.96 -0.63 -5.79
C ALA H 297 -22.36 -0.22 -6.29
N TYR H 298 -23.36 -0.35 -5.43
CA TYR H 298 -24.74 -0.04 -5.81
C TYR H 298 -25.06 1.37 -6.30
N SER H 299 -24.39 2.39 -5.76
CA SER H 299 -24.67 3.76 -6.18
C SER H 299 -24.47 3.99 -7.68
N LEU H 300 -23.77 3.05 -8.34
CA LEU H 300 -23.58 3.11 -9.78
C LEU H 300 -24.32 1.95 -10.44
N ARG H 301 -24.01 0.72 -10.02
CA ARG H 301 -24.64 -0.47 -10.61
C ARG H 301 -26.16 -0.54 -10.50
N CYS H 302 -26.74 -0.06 -9.41
CA CYS H 302 -28.19 -0.14 -9.25
C CYS H 302 -28.94 1.17 -9.56
N ALA H 303 -28.25 2.10 -10.22
CA ALA H 303 -28.86 3.37 -10.56
C ALA H 303 -30.14 3.22 -11.40
N PRO H 304 -30.12 2.32 -12.40
CA PRO H 304 -31.35 2.16 -13.21
C PRO H 304 -32.55 1.73 -12.37
N GLN H 305 -32.32 0.83 -11.43
CA GLN H 305 -33.38 0.31 -10.58
C GLN H 305 -33.88 1.33 -9.56
N VAL H 306 -32.96 2.08 -8.96
CA VAL H 306 -33.36 3.08 -7.98
C VAL H 306 -34.05 4.26 -8.64
N LEU H 307 -33.38 4.85 -9.64
CA LEU H 307 -33.95 5.98 -10.35
C LEU H 307 -35.26 5.58 -11.01
N GLY H 308 -35.28 4.38 -11.60
CA GLY H 308 -36.46 3.87 -12.27
C GLY H 308 -37.68 3.80 -11.38
N ALA H 309 -37.47 3.38 -10.13
CA ALA H 309 -38.57 3.28 -9.17
C ALA H 309 -39.09 4.69 -8.92
N GLY H 310 -38.16 5.64 -8.82
CA GLY H 310 -38.54 7.02 -8.60
C GLY H 310 -39.34 7.53 -9.79
N PHE H 311 -38.86 7.22 -11.00
CA PHE H 311 -39.53 7.66 -12.23
C PHE H 311 -40.92 7.06 -12.35
N ASP H 312 -41.10 5.80 -11.94
CA ASP H 312 -42.42 5.19 -12.03
C ASP H 312 -43.38 5.82 -11.03
N THR H 313 -42.84 6.28 -9.90
CA THR H 313 -43.68 6.93 -8.90
C THR H 313 -44.14 8.27 -9.47
N LEU H 314 -43.21 8.99 -10.10
CA LEU H 314 -43.54 10.28 -10.70
C LEU H 314 -44.58 10.11 -11.81
N ALA H 315 -44.45 9.04 -12.59
CA ALA H 315 -45.38 8.77 -13.67
C ALA H 315 -46.81 8.58 -13.13
N TRP H 316 -46.94 7.86 -12.02
CA TRP H 316 -48.24 7.63 -11.41
C TRP H 316 -48.80 8.96 -10.92
N HIS H 317 -47.95 9.71 -10.24
CA HIS H 317 -48.30 11.01 -9.70
C HIS H 317 -48.86 11.92 -10.80
N ASP H 318 -48.17 11.95 -11.93
CA ASP H 318 -48.59 12.78 -13.05
C ASP H 318 -49.89 12.29 -13.70
N ARG H 319 -50.08 10.98 -13.76
CA ARG H 319 -51.30 10.42 -14.33
C ARG H 319 -52.50 10.87 -13.50
N VAL H 320 -52.36 10.73 -12.19
CA VAL H 320 -53.42 11.12 -11.28
C VAL H 320 -53.62 12.65 -11.25
N LEU H 321 -52.51 13.39 -11.29
CA LEU H 321 -52.60 14.85 -11.27
C LEU H 321 -53.28 15.36 -12.53
N THR H 322 -52.97 14.74 -13.67
CA THR H 322 -53.58 15.15 -14.95
C THR H 322 -55.10 15.03 -14.88
N ILE H 323 -55.60 13.96 -14.26
CA ILE H 323 -57.05 13.77 -14.13
C ILE H 323 -57.61 14.82 -13.18
N GLU H 324 -56.91 15.04 -12.07
CA GLU H 324 -57.36 16.01 -11.09
C GLU H 324 -57.40 17.45 -11.63
N LEU H 325 -56.38 17.84 -12.37
CA LEU H 325 -56.29 19.18 -12.94
C LEU H 325 -57.47 19.45 -13.87
N ASN H 326 -57.82 18.48 -14.69
CA ASN H 326 -58.90 18.63 -15.64
C ASN H 326 -60.27 18.20 -15.16
N ALA H 327 -60.38 17.91 -13.88
CA ALA H 327 -61.65 17.52 -13.31
C ALA H 327 -62.37 18.69 -12.65
N VAL H 328 -63.65 18.46 -12.36
CA VAL H 328 -64.46 19.45 -11.70
C VAL H 328 -64.45 19.11 -10.21
N THR H 329 -63.69 19.89 -9.44
CA THR H 329 -63.63 19.67 -8.00
C THR H 329 -64.35 20.84 -7.38
N ASP H 330 -65.65 20.66 -7.17
CA ASP H 330 -66.48 21.70 -6.60
C ASP H 330 -67.73 21.05 -6.04
N ASN H 331 -68.41 21.77 -5.16
CA ASN H 331 -69.66 21.31 -4.60
C ASN H 331 -70.48 22.50 -4.14
N PRO H 332 -71.75 22.56 -4.56
CA PRO H 332 -72.33 21.58 -5.47
C PRO H 332 -71.91 21.79 -6.93
N VAL H 333 -72.47 20.99 -7.84
CA VAL H 333 -72.14 21.14 -9.25
C VAL H 333 -73.47 21.15 -10.04
N PHE H 334 -73.46 21.79 -11.21
CA PHE H 334 -74.63 21.93 -12.06
C PHE H 334 -74.45 21.15 -13.34
N PRO H 335 -75.01 19.94 -13.40
CA PRO H 335 -74.93 19.04 -14.56
C PRO H 335 -75.23 19.75 -15.88
N PRO H 336 -74.27 19.72 -16.82
CA PRO H 336 -74.45 20.36 -18.13
C PRO H 336 -75.59 19.76 -18.94
N ASP H 337 -75.90 18.49 -18.70
CA ASP H 337 -76.99 17.84 -19.43
C ASP H 337 -78.36 18.33 -18.96
N GLY H 338 -78.38 19.01 -17.81
CA GLY H 338 -79.63 19.52 -17.29
C GLY H 338 -80.50 18.46 -16.64
N SER H 339 -79.94 17.27 -16.43
CA SER H 339 -80.68 16.17 -15.81
C SER H 339 -81.34 16.61 -14.50
N VAL H 340 -80.54 17.22 -13.62
CA VAL H 340 -81.03 17.73 -12.34
C VAL H 340 -80.53 19.15 -12.17
N PRO H 341 -81.18 19.95 -11.33
CA PRO H 341 -80.75 21.33 -11.13
C PRO H 341 -79.30 21.40 -10.61
N ALA H 342 -78.97 20.50 -9.69
CA ALA H 342 -77.64 20.46 -9.11
C ALA H 342 -77.41 19.17 -8.34
N LEU H 343 -76.13 18.84 -8.15
CA LEU H 343 -75.73 17.63 -7.43
C LEU H 343 -74.87 17.97 -6.24
N HIS H 344 -75.13 17.33 -5.11
CA HIS H 344 -74.37 17.56 -3.89
C HIS H 344 -73.55 16.31 -3.54
N GLY H 345 -72.23 16.47 -3.50
CA GLY H 345 -71.35 15.37 -3.20
C GLY H 345 -70.03 15.81 -2.55
N GLY H 346 -68.96 15.07 -2.78
CA GLY H 346 -67.69 15.42 -2.17
C GLY H 346 -66.48 15.47 -3.10
N ASN H 347 -66.66 16.00 -4.31
CA ASN H 347 -65.56 16.07 -5.26
C ASN H 347 -64.46 17.06 -4.87
N PHE H 348 -64.58 17.65 -3.68
CA PHE H 348 -63.58 18.59 -3.17
C PHE H 348 -62.59 17.85 -2.28
N MET H 349 -62.87 16.57 -2.02
CA MET H 349 -62.00 15.75 -1.17
C MET H 349 -60.73 15.40 -1.92
N GLY H 350 -59.64 16.06 -1.54
CA GLY H 350 -58.37 15.83 -2.22
C GLY H 350 -57.55 14.64 -1.77
N GLN H 351 -58.17 13.48 -1.63
CA GLN H 351 -57.43 12.29 -1.20
C GLN H 351 -56.43 11.80 -2.26
N HIS H 352 -56.76 11.96 -3.54
CA HIS H 352 -55.87 11.54 -4.60
C HIS H 352 -54.54 12.26 -4.63
N VAL H 353 -54.59 13.58 -4.52
CA VAL H 353 -53.37 14.36 -4.54
C VAL H 353 -52.61 14.15 -3.22
N ALA H 354 -53.34 13.89 -2.15
CA ALA H 354 -52.69 13.65 -0.85
C ALA H 354 -51.86 12.37 -0.93
N LEU H 355 -52.45 11.30 -1.43
CA LEU H 355 -51.73 10.03 -1.52
C LEU H 355 -50.59 10.05 -2.54
N THR H 356 -50.80 10.65 -3.71
CA THR H 356 -49.73 10.71 -4.70
C THR H 356 -48.60 11.64 -4.24
N SER H 357 -48.93 12.71 -3.53
CA SER H 357 -47.90 13.62 -3.03
C SER H 357 -47.02 12.92 -1.99
N ASP H 358 -47.65 12.16 -1.10
CA ASP H 358 -46.90 11.44 -0.08
C ASP H 358 -45.99 10.39 -0.73
N ALA H 359 -46.50 9.72 -1.77
CA ALA H 359 -45.71 8.71 -2.46
C ALA H 359 -44.52 9.36 -3.18
N LEU H 360 -44.77 10.49 -3.83
CA LEU H 360 -43.70 11.19 -4.53
C LEU H 360 -42.66 11.67 -3.53
N ALA H 361 -43.12 12.16 -2.38
CA ALA H 361 -42.21 12.66 -1.35
C ALA H 361 -41.27 11.53 -0.92
N THR H 362 -41.80 10.33 -0.75
CA THR H 362 -40.96 9.20 -0.36
C THR H 362 -39.94 8.89 -1.46
N ALA H 363 -40.39 8.86 -2.72
CA ALA H 363 -39.48 8.60 -3.82
C ALA H 363 -38.39 9.66 -3.90
N VAL H 364 -38.75 10.91 -3.64
CA VAL H 364 -37.78 12.01 -3.67
C VAL H 364 -36.73 11.80 -2.58
N THR H 365 -37.15 11.38 -1.40
CA THR H 365 -36.22 11.16 -0.30
C THR H 365 -35.26 10.00 -0.65
N VAL H 366 -35.79 8.97 -1.32
CA VAL H 366 -34.97 7.83 -1.73
C VAL H 366 -33.92 8.26 -2.76
N LEU H 367 -34.34 9.03 -3.76
CA LEU H 367 -33.39 9.49 -4.77
C LEU H 367 -32.35 10.48 -4.23
N ALA H 368 -32.72 11.27 -3.22
CA ALA H 368 -31.77 12.20 -2.64
C ALA H 368 -30.74 11.40 -1.87
N GLY H 369 -31.19 10.29 -1.27
CA GLY H 369 -30.28 9.44 -0.53
C GLY H 369 -29.23 8.88 -1.46
N LEU H 370 -29.65 8.58 -2.68
CA LEU H 370 -28.75 8.05 -3.70
C LEU H 370 -27.67 9.09 -4.01
N ALA H 371 -28.10 10.32 -4.26
CA ALA H 371 -27.14 11.39 -4.58
C ALA H 371 -26.20 11.64 -3.40
N GLU H 372 -26.74 11.58 -2.19
CA GLU H 372 -25.94 11.82 -0.98
C GLU H 372 -24.87 10.76 -0.86
N ARG H 373 -25.21 9.50 -1.13
CA ARG H 373 -24.23 8.42 -1.06
C ARG H 373 -23.22 8.54 -2.22
N GLN H 374 -23.66 9.07 -3.35
CA GLN H 374 -22.75 9.24 -4.49
C GLN H 374 -21.68 10.29 -4.12
N ILE H 375 -22.09 11.32 -3.39
CA ILE H 375 -21.15 12.35 -2.94
C ILE H 375 -20.19 11.73 -1.91
N ALA H 376 -20.74 10.95 -0.99
CA ALA H 376 -19.94 10.31 0.06
C ALA H 376 -18.88 9.39 -0.53
N ARG H 377 -19.21 8.73 -1.63
CA ARG H 377 -18.26 7.82 -2.28
C ARG H 377 -17.19 8.61 -3.03
N LEU H 378 -17.63 9.58 -3.83
CA LEU H 378 -16.74 10.41 -4.64
C LEU H 378 -15.68 11.18 -3.83
N THR H 379 -16.04 11.63 -2.63
CA THR H 379 -15.14 12.41 -1.80
C THR H 379 -14.27 11.64 -0.81
N ASP H 380 -14.47 10.33 -0.73
CA ASP H 380 -13.72 9.47 0.20
C ASP H 380 -12.48 8.91 -0.49
N GLU H 381 -11.29 9.36 -0.09
CA GLU H 381 -10.06 8.90 -0.71
C GLU H 381 -9.87 7.39 -0.67
N ARG H 382 -10.58 6.71 0.22
CA ARG H 382 -10.47 5.26 0.31
C ARG H 382 -11.38 4.56 -0.70
N LEU H 383 -12.34 5.31 -1.24
CA LEU H 383 -13.31 4.72 -2.18
C LEU H 383 -13.33 5.35 -3.56
N ASN H 384 -12.73 6.53 -3.72
CA ASN H 384 -12.77 7.23 -5.00
C ASN H 384 -11.68 6.93 -6.02
N ARG H 385 -11.03 5.78 -5.87
CA ARG H 385 -10.01 5.33 -6.80
C ARG H 385 -8.95 6.31 -7.28
N GLY H 386 -8.18 6.86 -6.34
CA GLY H 386 -7.10 7.75 -6.73
C GLY H 386 -7.32 9.25 -6.65
N LEU H 387 -8.57 9.67 -6.51
CA LEU H 387 -8.86 11.10 -6.42
C LEU H 387 -8.46 11.66 -5.04
N PRO H 388 -8.13 12.96 -4.98
CA PRO H 388 -7.73 13.59 -3.71
C PRO H 388 -8.86 13.55 -2.69
N PRO H 389 -8.51 13.44 -1.39
CA PRO H 389 -9.57 13.41 -0.39
C PRO H 389 -10.41 14.68 -0.46
N PHE H 390 -11.73 14.49 -0.58
CA PHE H 390 -12.66 15.61 -0.67
C PHE H 390 -12.38 16.52 -1.87
N LEU H 391 -11.76 15.93 -2.89
CA LEU H 391 -11.44 16.60 -4.15
C LEU H 391 -10.74 17.95 -4.00
N HIS H 392 -9.90 18.08 -3.00
CA HIS H 392 -9.21 19.34 -2.80
C HIS H 392 -8.08 19.54 -3.80
N ARG H 393 -7.68 20.80 -3.93
CA ARG H 393 -6.55 21.16 -4.76
C ARG H 393 -5.60 21.85 -3.78
N GLY H 394 -4.35 22.05 -4.18
CA GLY H 394 -3.39 22.66 -3.27
C GLY H 394 -2.87 21.63 -2.28
N PRO H 395 -2.12 22.05 -1.25
CA PRO H 395 -1.59 21.11 -0.26
C PRO H 395 -2.69 20.47 0.59
N ALA H 396 -2.60 19.15 0.80
CA ALA H 396 -3.59 18.44 1.60
C ALA H 396 -3.38 18.75 3.08
N GLY H 397 -4.46 18.90 3.82
CA GLY H 397 -4.35 19.24 5.23
C GLY H 397 -4.64 20.72 5.31
N LEU H 398 -3.82 21.52 4.64
CA LEU H 398 -4.02 22.96 4.61
C LEU H 398 -5.34 23.21 3.88
N ASN H 399 -5.58 22.42 2.83
CA ASN H 399 -6.80 22.52 2.04
C ASN H 399 -7.66 21.29 2.30
N SER H 400 -8.96 21.52 2.47
CA SER H 400 -9.90 20.43 2.75
C SER H 400 -10.95 20.28 1.63
N GLY H 401 -10.88 21.14 0.63
CA GLY H 401 -11.81 21.08 -0.48
C GLY H 401 -13.29 21.07 -0.13
N PHE H 402 -14.00 20.04 -0.59
CA PHE H 402 -15.43 19.89 -0.36
C PHE H 402 -15.80 19.18 0.94
N MET H 403 -14.87 19.11 1.89
CA MET H 403 -15.17 18.42 3.14
C MET H 403 -16.39 18.97 3.86
N GLY H 404 -16.54 20.29 3.85
CA GLY H 404 -17.69 20.90 4.51
C GLY H 404 -18.98 20.65 3.74
N ALA H 405 -18.92 20.81 2.43
CA ALA H 405 -20.09 20.60 1.59
C ALA H 405 -20.61 19.18 1.66
N GLN H 406 -19.70 18.20 1.77
CA GLN H 406 -20.11 16.80 1.86
C GLN H 406 -20.95 16.56 3.11
N VAL H 407 -20.57 17.18 4.22
CA VAL H 407 -21.32 17.02 5.47
C VAL H 407 -22.66 17.75 5.35
N THR H 408 -22.68 18.86 4.61
CA THR H 408 -23.92 19.60 4.42
C THR H 408 -24.93 18.73 3.65
N ALA H 409 -24.46 17.99 2.65
CA ALA H 409 -25.35 17.11 1.90
C ALA H 409 -26.00 16.11 2.87
N THR H 410 -25.21 15.54 3.76
CA THR H 410 -25.74 14.57 4.72
C THR H 410 -26.80 15.21 5.61
N ALA H 411 -26.55 16.43 6.05
CA ALA H 411 -27.48 17.15 6.93
C ALA H 411 -28.81 17.43 6.23
N LEU H 412 -28.75 17.77 4.95
CA LEU H 412 -29.96 18.06 4.18
C LEU H 412 -30.80 16.79 4.06
N LEU H 413 -30.16 15.67 3.77
CA LEU H 413 -30.86 14.40 3.64
C LEU H 413 -31.47 13.96 4.98
N ALA H 414 -30.71 14.07 6.07
CA ALA H 414 -31.21 13.67 7.39
C ALA H 414 -32.47 14.47 7.71
N GLU H 415 -32.45 15.76 7.42
CA GLU H 415 -33.62 16.59 7.70
C GLU H 415 -34.82 16.13 6.89
N MET H 416 -34.60 15.79 5.62
CA MET H 416 -35.68 15.30 4.76
C MET H 416 -36.38 14.09 5.38
N ARG H 417 -35.57 13.17 5.91
CA ARG H 417 -36.11 11.94 6.50
C ARG H 417 -36.96 12.13 7.74
N ALA H 418 -36.81 13.26 8.42
CA ALA H 418 -37.57 13.49 9.65
C ALA H 418 -39.07 13.71 9.41
N THR H 419 -39.43 14.05 8.18
CA THR H 419 -40.83 14.30 7.84
C THR H 419 -41.42 13.17 7.02
N GLY H 420 -42.56 12.65 7.49
CA GLY H 420 -43.23 11.56 6.80
C GLY H 420 -44.50 11.98 6.09
N PRO H 421 -45.35 11.03 5.68
CA PRO H 421 -46.62 11.28 4.98
C PRO H 421 -47.61 12.13 5.77
N ALA H 422 -48.25 13.06 5.07
CA ALA H 422 -49.24 13.95 5.70
C ALA H 422 -50.61 13.29 5.79
N SER H 423 -50.93 12.45 4.80
CA SER H 423 -52.23 11.78 4.70
C SER H 423 -52.75 11.00 5.89
N ILE H 424 -51.86 10.38 6.64
CA ILE H 424 -52.28 9.56 7.76
C ILE H 424 -52.74 10.32 9.00
N HIS H 425 -52.73 11.65 8.93
CA HIS H 425 -53.10 12.43 10.10
C HIS H 425 -54.47 13.08 10.09
N SER H 426 -55.43 12.44 9.44
CA SER H 426 -56.78 12.99 9.40
C SER H 426 -57.33 13.11 10.83
N ILE H 427 -57.98 14.24 11.10
CA ILE H 427 -58.58 14.51 12.38
C ILE H 427 -59.98 15.07 12.12
N SER H 428 -60.98 14.53 12.81
CA SER H 428 -62.37 14.96 12.67
C SER H 428 -62.47 16.43 13.09
N THR H 429 -63.06 17.25 12.23
CA THR H 429 -63.15 18.67 12.54
C THR H 429 -64.47 19.26 12.01
N ASN H 430 -64.66 20.57 12.19
CA ASN H 430 -65.88 21.23 11.74
C ASN H 430 -67.11 20.61 12.42
N ALA H 431 -67.04 20.49 13.75
CA ALA H 431 -68.12 19.91 14.54
C ALA H 431 -68.45 18.49 14.08
N ALA H 432 -67.41 17.77 13.65
CA ALA H 432 -67.52 16.38 13.17
C ALA H 432 -68.20 16.22 11.80
N ASN H 433 -68.48 17.33 11.13
CA ASN H 433 -69.11 17.26 9.81
C ASN H 433 -68.02 16.80 8.83
N GLN H 434 -66.81 17.29 9.05
CA GLN H 434 -65.68 16.91 8.22
C GLN H 434 -64.93 15.86 9.05
N ASP H 435 -65.59 14.71 9.28
CA ASP H 435 -64.95 13.71 10.12
C ASP H 435 -63.74 13.03 9.53
N VAL H 436 -63.53 13.17 8.22
CA VAL H 436 -62.32 12.64 7.55
C VAL H 436 -61.83 13.70 6.59
N VAL H 437 -60.55 14.01 6.63
CA VAL H 437 -59.98 15.02 5.74
C VAL H 437 -58.72 14.49 5.05
N SER H 438 -58.44 15.00 3.85
CA SER H 438 -57.30 14.51 3.07
C SER H 438 -55.91 15.07 3.43
N LEU H 439 -55.86 16.32 3.85
CA LEU H 439 -54.59 16.99 4.18
C LEU H 439 -53.71 17.01 2.92
N GLY H 440 -54.35 17.02 1.75
CA GLY H 440 -53.62 17.03 0.48
C GLY H 440 -52.71 18.21 0.26
N THR H 441 -53.13 19.38 0.71
CA THR H 441 -52.35 20.61 0.56
C THR H 441 -51.07 20.48 1.38
N ILE H 442 -51.22 20.01 2.62
CA ILE H 442 -50.06 19.82 3.48
C ILE H 442 -49.13 18.79 2.83
N ALA H 443 -49.68 17.71 2.29
CA ALA H 443 -48.87 16.68 1.66
C ALA H 443 -48.06 17.22 0.47
N ALA H 444 -48.70 18.03 -0.36
CA ALA H 444 -48.02 18.61 -1.52
C ALA H 444 -46.94 19.58 -1.09
N ARG H 445 -47.20 20.33 -0.02
CA ARG H 445 -46.21 21.28 0.48
C ARG H 445 -45.01 20.56 1.09
N LEU H 446 -45.25 19.46 1.79
CA LEU H 446 -44.15 18.69 2.39
C LEU H 446 -43.31 18.08 1.27
N CYS H 447 -43.96 17.66 0.20
CA CYS H 447 -43.23 17.09 -0.93
C CYS H 447 -42.36 18.20 -1.57
N ARG H 448 -42.92 19.40 -1.67
CA ARG H 448 -42.17 20.53 -2.24
C ARG H 448 -40.88 20.77 -1.45
N GLU H 449 -40.97 20.73 -0.12
CA GLU H 449 -39.80 20.97 0.71
C GLU H 449 -38.72 19.91 0.46
N LYS H 450 -39.14 18.67 0.30
CA LYS H 450 -38.19 17.61 0.03
C LYS H 450 -37.55 17.80 -1.35
N ILE H 451 -38.35 18.28 -2.30
CA ILE H 451 -37.83 18.53 -3.64
C ILE H 451 -36.74 19.61 -3.57
N ASP H 452 -36.94 20.64 -2.76
CA ASP H 452 -35.94 21.71 -2.65
C ASP H 452 -34.66 21.18 -2.01
N ARG H 453 -34.79 20.27 -1.05
CA ARG H 453 -33.61 19.71 -0.38
C ARG H 453 -32.84 18.82 -1.38
N TRP H 454 -33.58 18.07 -2.19
CA TRP H 454 -32.97 17.21 -3.20
C TRP H 454 -32.18 18.04 -4.21
N ALA H 455 -32.73 19.19 -4.60
CA ALA H 455 -32.04 20.07 -5.55
C ALA H 455 -30.71 20.57 -4.97
N GLU H 456 -30.70 20.83 -3.67
CA GLU H 456 -29.46 21.30 -3.04
C GLU H 456 -28.44 20.18 -2.97
N ILE H 457 -28.90 18.96 -2.69
CA ILE H 457 -27.98 17.83 -2.62
C ILE H 457 -27.39 17.59 -4.01
N LEU H 458 -28.22 17.68 -5.04
CA LEU H 458 -27.75 17.48 -6.42
C LEU H 458 -26.78 18.58 -6.81
N ALA H 459 -27.02 19.79 -6.32
CA ALA H 459 -26.16 20.92 -6.62
C ALA H 459 -24.75 20.65 -6.06
N ILE H 460 -24.69 20.08 -4.86
CA ILE H 460 -23.42 19.76 -4.24
C ILE H 460 -22.71 18.67 -5.06
N LEU H 461 -23.46 17.65 -5.46
CA LEU H 461 -22.90 16.56 -6.26
C LEU H 461 -22.36 17.14 -7.56
N ALA H 462 -23.12 18.03 -8.18
CA ALA H 462 -22.73 18.65 -9.43
C ALA H 462 -21.41 19.41 -9.32
N LEU H 463 -21.24 20.15 -8.22
CA LEU H 463 -20.00 20.92 -8.04
C LEU H 463 -18.84 19.99 -7.77
N CYS H 464 -19.10 18.94 -7.01
CA CYS H 464 -18.04 17.97 -6.71
C CYS H 464 -17.59 17.30 -7.99
N LEU H 465 -18.55 16.96 -8.84
CA LEU H 465 -18.25 16.28 -10.09
C LEU H 465 -17.48 17.14 -11.07
N ALA H 466 -17.80 18.43 -11.14
CA ALA H 466 -17.09 19.32 -12.05
C ALA H 466 -15.61 19.32 -11.66
N GLN H 467 -15.37 19.39 -10.35
CA GLN H 467 -14.01 19.38 -9.82
C GLN H 467 -13.35 18.02 -10.06
N ALA H 468 -14.06 16.95 -9.71
CA ALA H 468 -13.54 15.60 -9.88
C ALA H 468 -13.14 15.32 -11.33
N ALA H 469 -14.00 15.72 -12.26
CA ALA H 469 -13.74 15.50 -13.67
C ALA H 469 -12.43 16.17 -14.10
N GLU H 470 -12.18 17.36 -13.60
CA GLU H 470 -10.95 18.06 -13.95
C GLU H 470 -9.75 17.42 -13.27
N LEU H 471 -9.92 16.95 -12.04
CA LEU H 471 -8.84 16.32 -11.31
C LEU H 471 -8.45 15.02 -12.00
N ARG H 472 -9.46 14.29 -12.46
CA ARG H 472 -9.25 13.02 -13.12
C ARG H 472 -8.75 13.12 -14.56
N CYS H 473 -9.38 13.99 -15.34
CA CYS H 473 -9.05 14.12 -16.75
C CYS H 473 -8.33 15.39 -17.19
N GLY H 474 -8.00 16.27 -16.25
CA GLY H 474 -7.33 17.51 -16.62
C GLY H 474 -8.33 18.55 -17.04
N SER H 475 -7.90 19.82 -17.06
CA SER H 475 -8.79 20.92 -17.44
C SER H 475 -9.43 20.74 -18.81
N GLY H 476 -8.79 19.96 -19.67
CA GLY H 476 -9.32 19.72 -21.00
C GLY H 476 -10.36 18.61 -21.03
N LEU H 477 -10.56 17.94 -19.90
CA LEU H 477 -11.53 16.87 -19.80
C LEU H 477 -11.28 15.80 -20.86
N ASP H 478 -10.04 15.35 -20.96
CA ASP H 478 -9.67 14.35 -21.95
C ASP H 478 -10.35 13.01 -21.68
N GLY H 479 -11.08 12.53 -22.68
CA GLY H 479 -11.76 11.25 -22.54
C GLY H 479 -13.18 11.34 -22.04
N VAL H 480 -13.58 12.51 -21.55
CA VAL H 480 -14.94 12.67 -21.07
C VAL H 480 -15.90 12.73 -22.25
N SER H 481 -17.09 12.16 -22.07
CA SER H 481 -18.11 12.12 -23.10
C SER H 481 -18.53 13.53 -23.51
N PRO H 482 -19.10 13.67 -24.72
CA PRO H 482 -19.56 14.97 -25.18
C PRO H 482 -20.58 15.58 -24.23
N ALA H 483 -21.57 14.79 -23.82
CA ALA H 483 -22.58 15.27 -22.90
C ALA H 483 -21.95 15.69 -21.57
N GLY H 484 -20.97 14.92 -21.12
CA GLY H 484 -20.29 15.24 -19.88
C GLY H 484 -19.48 16.52 -19.99
N LYS H 485 -18.79 16.69 -21.12
CA LYS H 485 -18.00 17.90 -21.35
C LYS H 485 -18.90 19.12 -21.34
N LYS H 486 -20.02 19.03 -22.06
CA LYS H 486 -20.96 20.12 -22.15
C LYS H 486 -21.51 20.51 -20.78
N LEU H 487 -21.79 19.51 -19.94
CA LEU H 487 -22.33 19.78 -18.61
C LEU H 487 -21.33 20.51 -17.72
N VAL H 488 -20.09 20.04 -17.69
CA VAL H 488 -19.07 20.67 -16.88
C VAL H 488 -18.76 22.07 -17.40
N GLN H 489 -18.66 22.21 -18.72
CA GLN H 489 -18.37 23.52 -19.32
C GLN H 489 -19.45 24.52 -18.96
N ALA H 490 -20.71 24.10 -19.05
CA ALA H 490 -21.83 24.97 -18.72
C ALA H 490 -21.77 25.39 -17.25
N LEU H 491 -21.41 24.45 -16.38
CA LEU H 491 -21.32 24.76 -14.95
C LEU H 491 -20.21 25.76 -14.70
N ARG H 492 -19.07 25.54 -15.33
CA ARG H 492 -17.91 26.41 -15.16
C ARG H 492 -18.13 27.85 -15.64
N GLU H 493 -19.18 28.08 -16.42
CA GLU H 493 -19.45 29.43 -16.89
C GLU H 493 -19.85 30.31 -15.72
N GLN H 494 -20.41 29.69 -14.68
CA GLN H 494 -20.87 30.43 -13.50
C GLN H 494 -20.20 29.99 -12.19
N PHE H 495 -19.68 28.78 -12.16
CA PHE H 495 -19.04 28.25 -10.96
C PHE H 495 -17.60 27.85 -11.21
N PRO H 496 -16.66 28.68 -10.74
CA PRO H 496 -15.22 28.46 -10.90
C PRO H 496 -14.73 27.23 -10.16
N PRO H 497 -13.61 26.65 -10.61
CA PRO H 497 -13.07 25.47 -9.95
C PRO H 497 -12.66 25.86 -8.53
N LEU H 498 -12.49 24.87 -7.66
CA LEU H 498 -12.09 25.11 -6.29
C LEU H 498 -10.58 24.94 -6.18
N GLU H 499 -9.84 25.99 -6.49
CA GLU H 499 -8.38 25.92 -6.43
C GLU H 499 -7.91 26.06 -4.99
N THR H 500 -8.71 26.73 -4.18
CA THR H 500 -8.40 26.89 -2.77
C THR H 500 -9.72 26.97 -2.02
N ASP H 501 -9.72 26.58 -0.75
CA ASP H 501 -10.95 26.59 0.05
C ASP H 501 -11.67 27.93 0.07
N ARG H 502 -13.00 27.89 -0.13
CA ARG H 502 -13.84 29.08 -0.11
C ARG H 502 -15.27 28.71 0.31
N PRO H 503 -16.04 29.70 0.79
CA PRO H 503 -17.42 29.44 1.21
C PRO H 503 -18.20 28.98 -0.03
N LEU H 504 -18.93 27.89 0.09
CA LEU H 504 -19.69 27.35 -1.02
C LEU H 504 -21.21 27.48 -0.85
N GLY H 505 -21.65 27.87 0.34
CA GLY H 505 -23.07 27.99 0.61
C GLY H 505 -23.91 28.75 -0.41
N GLN H 506 -23.48 29.96 -0.76
CA GLN H 506 -24.22 30.75 -1.73
C GLN H 506 -24.21 30.12 -3.13
N GLU H 507 -23.11 29.47 -3.50
CA GLU H 507 -23.02 28.82 -4.80
C GLU H 507 -23.95 27.60 -4.85
N ILE H 508 -24.02 26.86 -3.76
CA ILE H 508 -24.90 25.68 -3.71
C ILE H 508 -26.35 26.13 -3.87
N ALA H 509 -26.73 27.20 -3.18
CA ALA H 509 -28.09 27.72 -3.24
C ALA H 509 -28.43 28.23 -4.63
N ALA H 510 -27.48 28.91 -5.27
CA ALA H 510 -27.72 29.44 -6.61
C ALA H 510 -27.88 28.30 -7.61
N LEU H 511 -26.98 27.32 -7.54
CA LEU H 511 -27.05 26.20 -8.46
C LEU H 511 -28.36 25.43 -8.26
N ALA H 512 -28.77 25.27 -7.00
CA ALA H 512 -30.00 24.54 -6.70
C ALA H 512 -31.21 25.18 -7.39
N THR H 513 -31.27 26.50 -7.35
CA THR H 513 -32.36 27.23 -7.97
C THR H 513 -32.41 26.92 -9.47
N HIS H 514 -31.24 26.78 -10.07
CA HIS H 514 -31.12 26.48 -11.49
C HIS H 514 -31.60 25.07 -11.81
N LEU H 515 -31.14 24.10 -11.02
CA LEU H 515 -31.51 22.70 -11.24
C LEU H 515 -33.01 22.48 -11.26
N LEU H 516 -33.74 23.24 -10.43
CA LEU H 516 -35.19 23.11 -10.34
C LEU H 516 -35.97 23.59 -11.56
N GLN H 517 -35.35 24.45 -12.36
CA GLN H 517 -36.04 25.00 -13.52
C GLN H 517 -35.49 24.57 -14.89
N GLN H 518 -34.26 24.07 -14.92
CA GLN H 518 -33.66 23.68 -16.18
C GLN H 518 -32.87 22.37 -16.11
N SER H 519 -32.95 21.58 -17.17
CA SER H 519 -32.24 20.30 -17.26
C SER H 519 -30.92 20.48 -17.99
N PRO H 520 -30.00 19.50 -17.86
CA PRO H 520 -28.70 19.58 -18.55
C PRO H 520 -28.82 19.12 -19.99
N VAL H 521 -28.50 20.00 -20.93
CA VAL H 521 -28.59 19.66 -22.35
C VAL H 521 -27.60 20.46 -23.19
#